data_4MZU
#
_entry.id   4MZU
#
_cell.length_a   85.314
_cell.length_b   109.443
_cell.length_c   127.847
_cell.angle_alpha   79.23
_cell.angle_beta   79.98
_cell.angle_gamma   84.89
#
_symmetry.space_group_name_H-M   'P 1'
#
loop_
_entity.id
_entity.type
_entity.pdbx_description
1 polymer 'WxcM-like protein'
2 non-polymer 'COENZYME A'
3 non-polymer "THYMIDINE-5'-DIPHOSPHATE"
4 non-polymer THYMINE
5 non-polymer 'MAGNESIUM ION'
6 water water
#
_entity_poly.entity_id   1
_entity_poly.type   'polypeptide(L)'
_entity_poly.pdbx_seq_one_letter_code
;MIHKLADVQSQNIGDNTKVWQFCVILAGAVIGRNCNICANSLIENDVVIGDNVTIKSGVQIWDGIHIQDDVFIGPNVTFT
NDKQPRSKIYPDEYLKTIVKKGASIGANSTILPGILIGENAMVGAGAVITKNVPDNAIVIGNPGRITGYVEANTGVIMPS
NNFELKLQMSKVKGVSLHKFHLVNDLRGNLSVGEFEKDIPFTPKRYFTVFGVPNKEVRGEHAHKECKQFLICVSGNCSVL
VDDGENREEYVLDSIDKGIYLPPMTWGVQYKYSKDAVLLVFASHYYDSDDYIRDYSTFKQMRQNLEHHHHHH
;
_entity_poly.pdbx_strand_id   A,B,C,D,E,F,G,H,I,J,K,L
#
loop_
_chem_comp.id
_chem_comp.type
_chem_comp.name
_chem_comp.formula
COA non-polymer 'COENZYME A' 'C21 H36 N7 O16 P3 S'
MG non-polymer 'MAGNESIUM ION' 'Mg 2'
TDR non-polymer THYMINE 'C5 H6 N2 O2'
TYD non-polymer THYMIDINE-5'-DIPHOSPHATE 'C10 H16 N2 O11 P2'
#
# COMPACT_ATOMS: atom_id res chain seq x y z
N MET A 1 -17.78 -1.22 46.21
CA MET A 1 -18.27 -2.55 46.61
C MET A 1 -17.02 -3.25 47.11
N ILE A 2 -16.94 -3.39 48.43
CA ILE A 2 -16.03 -4.29 49.13
C ILE A 2 -16.73 -5.61 49.45
N HIS A 3 -16.26 -6.72 48.88
CA HIS A 3 -16.96 -7.97 49.08
C HIS A 3 -16.77 -8.42 50.52
N LYS A 4 -17.80 -9.06 51.09
CA LYS A 4 -17.77 -9.51 52.49
C LYS A 4 -16.64 -10.49 52.69
N LEU A 5 -16.29 -11.25 51.64
CA LEU A 5 -15.22 -12.24 51.74
C LEU A 5 -13.82 -11.69 51.48
N ALA A 6 -13.66 -10.39 51.25
CA ALA A 6 -12.35 -9.70 51.17
C ALA A 6 -11.91 -9.17 52.57
N ASP A 7 -10.62 -8.98 52.79
CA ASP A 7 -10.12 -8.29 53.99
C ASP A 7 -9.45 -6.94 53.70
N VAL A 8 -10.24 -5.87 53.67
CA VAL A 8 -9.72 -4.57 53.30
C VAL A 8 -9.52 -3.68 54.51
N GLN A 9 -8.33 -3.20 54.76
CA GLN A 9 -8.11 -2.33 55.89
C GLN A 9 -8.02 -0.84 55.56
N SER A 10 -7.80 -0.49 54.29
CA SER A 10 -7.57 0.89 53.88
C SER A 10 -8.87 1.66 53.78
N GLN A 11 -8.81 2.94 54.12
CA GLN A 11 -10.06 3.71 54.10
C GLN A 11 -10.13 4.41 52.76
N ASN A 12 -9.07 4.24 51.97
CA ASN A 12 -8.84 5.19 50.92
C ASN A 12 -8.98 4.63 49.53
N ILE A 13 -10.20 4.15 49.28
CA ILE A 13 -10.56 3.54 48.03
C ILE A 13 -11.59 4.48 47.41
N GLY A 14 -11.39 4.89 46.16
CA GLY A 14 -12.33 5.83 45.54
C GLY A 14 -13.60 5.20 45.00
N ASP A 15 -14.50 6.06 44.57
CA ASP A 15 -15.88 5.66 44.28
C ASP A 15 -15.97 4.64 43.13
N ASN A 16 -16.82 3.63 43.30
CA ASN A 16 -17.03 2.65 42.25
C ASN A 16 -15.83 1.74 42.06
N THR A 17 -14.95 1.69 43.05
CA THR A 17 -13.98 0.61 43.02
C THR A 17 -14.61 -0.70 43.56
N LYS A 18 -14.40 -1.80 42.84
CA LYS A 18 -14.81 -3.10 43.38
C LYS A 18 -13.61 -3.91 43.84
N VAL A 19 -13.71 -4.41 45.06
CA VAL A 19 -12.78 -5.37 45.60
C VAL A 19 -13.53 -6.70 45.84
N TRP A 20 -13.06 -7.77 45.22
CA TRP A 20 -13.77 -9.05 45.23
C TRP A 20 -13.23 -9.96 46.31
N GLN A 21 -13.60 -11.23 46.23
CA GLN A 21 -13.25 -12.03 47.38
C GLN A 21 -11.82 -12.51 47.59
N PHE A 22 -11.45 -12.71 48.85
CA PHE A 22 -10.12 -13.23 49.20
C PHE A 22 -9.06 -12.21 48.78
N CYS A 23 -9.46 -10.95 48.74
CA CYS A 23 -8.42 -9.93 48.55
C CYS A 23 -8.02 -9.36 49.89
N VAL A 24 -6.72 -9.10 50.04
CA VAL A 24 -6.19 -8.48 51.25
C VAL A 24 -5.71 -7.10 50.84
N ILE A 25 -6.18 -6.04 51.49
CA ILE A 25 -5.68 -4.71 51.18
C ILE A 25 -5.32 -3.96 52.47
N LEU A 26 -4.05 -3.63 52.61
CA LEU A 26 -3.52 -3.08 53.85
C LEU A 26 -3.86 -1.61 54.00
N ALA A 27 -3.79 -1.14 55.24
CA ALA A 27 -4.33 0.16 55.67
C ALA A 27 -3.74 1.37 54.91
N GLY A 28 -2.46 1.34 54.56
CA GLY A 28 -1.82 2.52 53.95
C GLY A 28 -2.09 2.71 52.45
N ALA A 29 -2.72 1.72 51.81
CA ALA A 29 -2.90 1.72 50.36
C ALA A 29 -3.85 2.83 49.94
N VAL A 30 -3.60 3.41 48.78
CA VAL A 30 -4.57 4.32 48.19
C VAL A 30 -4.95 3.84 46.78
N ILE A 31 -6.25 3.82 46.47
CA ILE A 31 -6.73 3.23 45.22
C ILE A 31 -7.71 4.29 44.76
N GLY A 32 -7.71 4.66 43.49
CA GLY A 32 -8.61 5.67 42.92
C GLY A 32 -9.94 5.13 42.43
N ARG A 33 -10.62 5.88 41.58
CA ARG A 33 -12.01 5.56 41.26
C ARG A 33 -12.11 4.51 40.18
N ASN A 34 -13.15 3.71 40.25
CA ASN A 34 -13.48 2.88 39.11
C ASN A 34 -12.51 1.73 38.81
N CYS A 35 -11.83 1.22 39.81
CA CYS A 35 -10.95 0.08 39.66
C CYS A 35 -11.63 -1.28 39.90
N ASN A 36 -11.06 -2.35 39.35
CA ASN A 36 -11.56 -3.67 39.63
C ASN A 36 -10.40 -4.46 40.15
N ILE A 37 -10.50 -4.87 41.40
CA ILE A 37 -9.47 -5.67 41.98
C ILE A 37 -10.04 -7.05 42.15
N CYS A 38 -9.62 -7.94 41.29
CA CYS A 38 -10.20 -9.26 41.26
C CYS A 38 -9.70 -10.12 42.41
N ALA A 39 -10.46 -11.18 42.65
CA ALA A 39 -10.30 -12.10 43.74
C ALA A 39 -8.91 -12.71 43.88
N ASN A 40 -8.49 -12.96 45.11
CA ASN A 40 -7.25 -13.67 45.36
C ASN A 40 -6.10 -12.75 44.91
N SER A 41 -6.30 -11.45 45.11
CA SER A 41 -5.21 -10.49 44.99
C SER A 41 -4.82 -9.75 46.28
N LEU A 42 -3.57 -9.31 46.37
CA LEU A 42 -3.04 -8.67 47.57
C LEU A 42 -2.43 -7.29 47.29
N ILE A 43 -2.71 -6.32 48.15
CA ILE A 43 -2.17 -4.98 48.02
C ILE A 43 -1.63 -4.49 49.36
N GLU A 44 -0.35 -4.07 49.36
CA GLU A 44 0.30 -3.61 50.56
C GLU A 44 0.13 -2.11 50.85
N ASN A 45 0.85 -1.65 51.86
CA ASN A 45 0.68 -0.33 52.44
C ASN A 45 1.17 0.80 51.57
N ASP A 46 2.43 0.78 51.17
CA ASP A 46 2.77 1.90 50.31
C ASP A 46 2.62 1.63 48.81
N VAL A 47 1.37 1.80 48.42
CA VAL A 47 0.92 1.48 47.09
C VAL A 47 -0.05 2.60 46.77
N VAL A 48 0.07 3.12 45.55
CA VAL A 48 -0.91 4.03 45.06
C VAL A 48 -1.46 3.45 43.75
N ILE A 49 -2.78 3.46 43.58
CA ILE A 49 -3.32 2.91 42.36
C ILE A 49 -4.21 3.99 41.84
N GLY A 50 -4.09 4.39 40.57
CA GLY A 50 -4.93 5.44 40.01
C GLY A 50 -6.37 5.07 39.73
N ASP A 51 -6.99 5.82 38.83
CA ASP A 51 -8.32 5.52 38.30
C ASP A 51 -8.37 4.48 37.18
N ASN A 52 -9.45 3.71 37.13
CA ASN A 52 -9.77 2.82 36.04
C ASN A 52 -8.69 1.77 35.85
N VAL A 53 -8.16 1.24 36.94
CA VAL A 53 -7.18 0.18 36.84
C VAL A 53 -7.90 -1.14 37.01
N THR A 54 -7.56 -2.11 36.19
CA THR A 54 -7.94 -3.50 36.44
C THR A 54 -6.73 -4.29 36.94
N ILE A 55 -6.92 -5.01 38.03
CA ILE A 55 -5.95 -5.91 38.54
C ILE A 55 -6.72 -7.21 38.57
N LYS A 56 -6.35 -8.09 37.65
CA LYS A 56 -6.92 -9.43 37.56
C LYS A 56 -6.39 -10.31 38.73
N SER A 57 -6.92 -11.51 38.96
CA SER A 57 -6.59 -12.32 40.14
C SER A 57 -5.14 -12.84 40.16
N GLY A 58 -4.70 -13.29 41.31
CA GLY A 58 -3.35 -13.85 41.47
C GLY A 58 -2.19 -12.89 41.52
N VAL A 59 -2.48 -11.59 41.60
CA VAL A 59 -1.48 -10.50 41.65
C VAL A 59 -1.17 -9.93 43.05
N GLN A 60 0.12 -9.77 43.34
CA GLN A 60 0.40 -8.97 44.52
C GLN A 60 1.14 -7.64 44.30
N ILE A 61 0.53 -6.56 44.76
CA ILE A 61 1.14 -5.25 44.63
C ILE A 61 1.85 -4.84 45.94
N TRP A 62 3.17 -5.03 45.96
CA TRP A 62 4.00 -4.82 47.13
C TRP A 62 4.27 -3.36 47.40
N ASP A 63 4.83 -3.10 48.58
CA ASP A 63 5.20 -1.73 48.94
C ASP A 63 6.16 -1.21 47.87
N GLY A 64 5.98 0.05 47.50
CA GLY A 64 6.87 0.70 46.55
C GLY A 64 6.37 0.58 45.10
N ILE A 65 5.10 0.26 44.91
CA ILE A 65 4.64 0.04 43.53
C ILE A 65 3.58 1.09 43.28
N HIS A 66 3.71 1.82 42.18
CA HIS A 66 2.74 2.86 41.89
C HIS A 66 2.14 2.42 40.56
N ILE A 67 0.83 2.40 40.48
CA ILE A 67 0.21 2.05 39.22
C ILE A 67 -0.71 3.20 38.84
N GLN A 68 -0.44 3.83 37.70
CA GLN A 68 -1.16 5.00 37.22
C GLN A 68 -2.50 4.67 36.54
N ASP A 69 -3.16 5.69 36.00
CA ASP A 69 -4.49 5.52 35.42
C ASP A 69 -4.50 4.53 34.24
N ASP A 70 -5.63 3.83 34.07
CA ASP A 70 -5.93 3.09 32.84
C ASP A 70 -5.01 1.88 32.65
N VAL A 71 -4.28 1.48 33.68
CA VAL A 71 -3.38 0.34 33.52
C VAL A 71 -4.13 -1.00 33.57
N PHE A 72 -3.72 -1.98 32.79
CA PHE A 72 -4.31 -3.32 32.86
C PHE A 72 -3.22 -4.25 33.40
N ILE A 73 -3.46 -4.86 34.55
CA ILE A 73 -2.58 -5.85 35.11
C ILE A 73 -3.21 -7.24 34.98
N GLY A 74 -2.57 -8.13 34.24
CA GLY A 74 -3.21 -9.40 33.84
C GLY A 74 -3.24 -10.41 34.97
N PRO A 75 -3.87 -11.56 34.73
CA PRO A 75 -3.88 -12.52 35.81
C PRO A 75 -2.47 -13.04 36.12
N ASN A 76 -2.15 -13.13 37.40
CA ASN A 76 -0.98 -13.88 37.86
C ASN A 76 0.28 -13.11 37.54
N VAL A 77 0.12 -11.81 37.32
CA VAL A 77 1.31 -10.98 37.09
C VAL A 77 2.05 -10.97 38.43
N THR A 78 3.38 -11.03 38.44
CA THR A 78 4.03 -10.92 39.76
C THR A 78 4.96 -9.74 39.80
N PHE A 79 4.93 -8.94 40.85
CA PHE A 79 5.89 -7.88 41.07
C PHE A 79 6.87 -8.29 42.18
N THR A 80 7.92 -7.49 42.35
CA THR A 80 8.98 -7.72 43.35
C THR A 80 9.50 -6.40 43.93
N ASN A 81 10.29 -6.53 44.99
CA ASN A 81 10.77 -5.45 45.85
C ASN A 81 12.25 -5.34 46.12
N ASP A 82 12.97 -6.43 45.86
CA ASP A 82 14.30 -6.68 46.42
C ASP A 82 15.04 -7.66 45.47
N LYS A 83 16.11 -7.15 44.85
CA LYS A 83 16.94 -7.86 43.85
C LYS A 83 17.63 -9.15 44.30
N LEU A 95 13.07 -1.61 45.50
CA LEU A 95 12.96 -0.20 45.07
C LEU A 95 11.56 0.24 44.65
N LYS A 96 11.47 1.25 43.77
CA LYS A 96 10.18 1.79 43.35
C LYS A 96 9.74 1.40 41.93
N THR A 97 8.69 0.58 41.79
CA THR A 97 8.14 0.26 40.49
C THR A 97 7.06 1.28 40.10
N ILE A 98 7.07 1.75 38.84
CA ILE A 98 6.01 2.61 38.35
C ILE A 98 5.50 2.00 37.04
N VAL A 99 4.20 1.77 36.93
CA VAL A 99 3.65 1.24 35.68
C VAL A 99 2.85 2.44 35.20
N LYS A 100 3.21 2.98 34.04
CA LYS A 100 2.64 4.27 33.65
C LYS A 100 1.37 4.10 32.86
N LYS A 101 0.74 5.23 32.64
CA LYS A 101 -0.64 5.31 32.26
C LYS A 101 -0.89 4.54 30.95
N GLY A 102 -1.98 3.77 30.95
CA GLY A 102 -2.36 2.98 29.79
C GLY A 102 -1.55 1.72 29.56
N ALA A 103 -0.54 1.47 30.38
CA ALA A 103 0.31 0.30 30.08
C ALA A 103 -0.47 -1.00 30.26
N SER A 104 -0.01 -2.11 29.73
CA SER A 104 -0.72 -3.29 30.13
C SER A 104 0.23 -4.46 30.32
N ILE A 105 0.10 -5.14 31.45
CA ILE A 105 1.03 -6.20 31.79
C ILE A 105 0.36 -7.55 31.56
N GLY A 106 0.92 -8.38 30.71
CA GLY A 106 0.28 -9.64 30.33
C GLY A 106 0.37 -10.68 31.42
N ALA A 107 -0.55 -11.63 31.33
CA ALA A 107 -0.72 -12.79 32.16
C ALA A 107 0.60 -13.45 32.57
N ASN A 108 0.86 -13.53 33.89
CA ASN A 108 1.88 -14.40 34.46
C ASN A 108 3.30 -13.91 34.12
N SER A 109 3.40 -12.62 33.89
CA SER A 109 4.64 -11.92 33.64
C SER A 109 5.31 -11.78 34.96
N THR A 110 6.58 -11.36 34.92
CA THR A 110 7.32 -11.14 36.15
C THR A 110 8.15 -9.85 36.03
N ILE A 111 7.99 -8.97 37.00
CA ILE A 111 8.55 -7.64 36.94
C ILE A 111 9.58 -7.53 38.07
N LEU A 112 10.83 -7.30 37.72
CA LEU A 112 11.95 -7.22 38.66
C LEU A 112 11.81 -5.87 39.35
N PRO A 113 12.58 -5.62 40.41
CA PRO A 113 12.26 -4.44 41.25
C PRO A 113 12.77 -3.17 40.62
N GLY A 114 12.14 -2.05 40.90
CA GLY A 114 12.74 -0.79 40.54
C GLY A 114 12.56 -0.48 39.06
N ILE A 115 11.44 -0.94 38.50
CA ILE A 115 11.33 -0.87 37.08
C ILE A 115 10.25 0.11 36.63
N LEU A 116 10.52 0.84 35.55
CA LEU A 116 9.55 1.75 34.93
C LEU A 116 8.92 1.06 33.72
N ILE A 117 7.59 1.03 33.65
CA ILE A 117 6.91 0.53 32.47
C ILE A 117 6.25 1.75 31.83
N GLY A 118 6.61 2.03 30.57
CA GLY A 118 6.25 3.27 29.89
C GLY A 118 4.81 3.27 29.48
N GLU A 119 4.32 4.45 29.13
CA GLU A 119 2.89 4.61 28.88
C GLU A 119 2.52 3.77 27.66
N ASN A 120 1.30 3.25 27.68
CA ASN A 120 0.82 2.38 26.64
C ASN A 120 1.71 1.24 26.23
N ALA A 121 2.65 0.85 27.07
CA ALA A 121 3.45 -0.32 26.74
C ALA A 121 2.61 -1.56 26.75
N MET A 122 3.12 -2.64 26.17
CA MET A 122 2.40 -3.92 26.22
C MET A 122 3.42 -4.99 26.60
N VAL A 123 3.36 -5.41 27.86
CA VAL A 123 4.17 -6.52 28.31
C VAL A 123 3.50 -7.83 27.95
N GLY A 124 4.23 -8.69 27.26
CA GLY A 124 3.60 -9.93 26.78
C GLY A 124 3.40 -10.88 27.92
N ALA A 125 2.47 -11.81 27.74
CA ALA A 125 2.20 -12.87 28.69
C ALA A 125 3.50 -13.62 28.99
N GLY A 126 3.72 -13.95 30.27
CA GLY A 126 4.88 -14.76 30.66
C GLY A 126 6.25 -14.09 30.56
N ALA A 127 6.28 -12.83 30.14
CA ALA A 127 7.56 -12.15 29.99
C ALA A 127 8.29 -11.86 31.31
N VAL A 128 9.61 -11.81 31.30
CA VAL A 128 10.38 -11.45 32.50
C VAL A 128 11.08 -10.13 32.28
N ILE A 129 10.52 -9.09 32.89
CA ILE A 129 10.93 -7.73 32.62
C ILE A 129 12.05 -7.33 33.58
N THR A 130 13.25 -7.34 33.03
CA THR A 130 14.44 -7.05 33.81
C THR A 130 15.02 -5.65 33.64
N LYS A 131 14.38 -4.78 32.88
CA LYS A 131 14.89 -3.45 32.50
C LYS A 131 13.70 -2.57 32.17
N ASN A 132 13.88 -1.24 32.24
CA ASN A 132 12.86 -0.28 31.84
C ASN A 132 12.22 -0.52 30.46
N VAL A 133 10.89 -0.44 30.38
CA VAL A 133 10.17 -0.61 29.15
C VAL A 133 9.72 0.77 28.64
N PRO A 134 10.19 1.18 27.45
CA PRO A 134 9.83 2.53 26.92
C PRO A 134 8.36 2.66 26.51
N ASP A 135 7.84 3.88 26.44
CA ASP A 135 6.44 4.14 26.04
C ASP A 135 6.19 3.36 24.74
N ASN A 136 5.05 2.71 24.64
CA ASN A 136 4.63 2.02 23.41
C ASN A 136 5.40 0.77 23.06
N ALA A 137 6.38 0.37 23.87
CA ALA A 137 7.14 -0.85 23.52
C ALA A 137 6.34 -2.12 23.75
N ILE A 138 6.44 -3.08 22.85
CA ILE A 138 5.95 -4.39 23.14
C ILE A 138 7.16 -5.23 23.59
N VAL A 139 7.09 -5.83 24.77
CA VAL A 139 8.23 -6.60 25.31
C VAL A 139 7.83 -8.04 25.57
N ILE A 140 8.60 -8.98 25.06
CA ILE A 140 8.25 -10.39 25.36
C ILE A 140 9.51 -11.24 25.67
N GLY A 141 9.29 -12.44 26.25
CA GLY A 141 10.35 -13.45 26.39
C GLY A 141 11.00 -13.46 27.77
N ASN A 142 12.02 -14.31 27.94
CA ASN A 142 12.81 -14.39 29.15
C ASN A 142 14.24 -14.47 28.64
N PRO A 143 15.02 -13.41 28.86
CA PRO A 143 14.58 -12.13 29.43
C PRO A 143 13.70 -11.31 28.48
N GLY A 144 12.83 -10.45 28.99
CA GLY A 144 12.06 -9.67 28.04
C GLY A 144 12.94 -8.86 27.10
N ARG A 145 12.60 -8.90 25.80
CA ARG A 145 13.20 -7.99 24.81
C ARG A 145 12.08 -7.22 24.09
N ILE A 146 12.36 -5.97 23.74
CA ILE A 146 11.45 -5.20 22.89
C ILE A 146 11.45 -5.87 21.51
N THR A 147 10.30 -6.30 21.03
CA THR A 147 10.26 -6.96 19.74
C THR A 147 9.40 -6.13 18.80
N GLY A 148 8.84 -5.05 19.30
CA GLY A 148 8.00 -4.24 18.41
C GLY A 148 7.37 -3.09 19.17
N TYR A 149 6.63 -2.22 18.48
CA TYR A 149 5.95 -1.11 19.12
C TYR A 149 4.50 -1.09 18.75
N VAL A 150 3.69 -0.66 19.71
CA VAL A 150 2.22 -0.72 19.66
C VAL A 150 1.71 0.05 18.43
N GLU A 151 0.87 -0.61 17.66
CA GLU A 151 0.39 -0.14 16.36
C GLU A 151 1.45 0.30 15.33
N ALA A 152 2.61 -0.35 15.29
CA ALA A 152 3.58 -0.08 14.23
C ALA A 152 3.51 -1.11 13.09
N ASN A 161 6.26 -4.95 1.13
CA ASN A 161 7.22 -4.53 0.09
C ASN A 161 7.69 -3.07 0.16
N ASN A 162 8.20 -2.67 1.32
CA ASN A 162 8.85 -1.36 1.40
C ASN A 162 10.12 -1.30 0.52
N PHE A 163 10.50 -0.07 0.17
CA PHE A 163 11.65 0.18 -0.65
C PHE A 163 11.58 -0.33 -2.12
N GLU A 164 10.42 -0.77 -2.60
CA GLU A 164 10.27 -1.10 -4.04
C GLU A 164 10.47 0.07 -5.03
N LEU A 165 10.14 1.29 -4.61
CA LEU A 165 10.14 2.40 -5.54
C LEU A 165 11.35 3.20 -5.17
N LYS A 166 11.82 4.02 -6.10
CA LYS A 166 12.94 4.93 -5.83
C LYS A 166 12.67 5.82 -4.63
N LEU A 167 11.40 6.20 -4.47
CA LEU A 167 11.00 7.14 -3.42
C LEU A 167 9.56 6.80 -3.01
N GLN A 168 9.31 6.82 -1.71
CA GLN A 168 8.01 6.56 -1.20
C GLN A 168 7.89 7.26 0.12
N MET A 169 6.68 7.63 0.51
CA MET A 169 6.44 8.39 1.73
C MET A 169 5.73 7.51 2.72
N SER A 170 6.00 7.77 4.00
CA SER A 170 5.43 6.95 5.09
C SER A 170 4.23 7.65 5.71
N LYS A 171 3.28 6.91 6.27
CA LYS A 171 2.28 7.51 7.13
C LYS A 171 2.91 8.37 8.20
N VAL A 172 4.14 8.07 8.61
CA VAL A 172 4.82 8.86 9.63
C VAL A 172 5.32 10.14 8.97
N LYS A 173 5.08 11.25 9.68
CA LYS A 173 5.01 12.55 9.03
C LYS A 173 6.29 12.99 8.36
N GLY A 174 6.29 12.98 7.03
CA GLY A 174 7.46 13.49 6.32
C GLY A 174 8.56 12.47 6.21
N VAL A 175 8.32 11.24 6.65
CA VAL A 175 9.35 10.24 6.56
C VAL A 175 9.30 9.75 5.13
N SER A 176 10.45 9.69 4.48
CA SER A 176 10.51 8.96 3.22
C SER A 176 11.51 7.81 3.15
N LEU A 177 11.17 6.84 2.28
CA LEU A 177 11.91 5.64 1.99
C LEU A 177 12.49 5.72 0.59
N HIS A 178 13.81 5.51 0.54
CA HIS A 178 14.62 5.60 -0.66
C HIS A 178 15.17 4.22 -1.07
N LYS A 179 15.15 3.94 -2.38
CA LYS A 179 16.03 2.93 -3.01
C LYS A 179 17.07 3.62 -3.89
N PHE A 180 18.36 3.46 -3.62
CA PHE A 180 19.36 4.21 -4.39
C PHE A 180 19.79 3.45 -5.63
N HIS A 181 20.42 4.19 -6.55
CA HIS A 181 20.95 3.56 -7.76
C HIS A 181 22.00 2.47 -7.46
N LEU A 182 21.74 1.27 -7.97
CA LEU A 182 22.60 0.12 -7.71
C LEU A 182 23.15 -0.54 -8.98
N VAL A 183 24.48 -0.61 -9.08
CA VAL A 183 25.13 -1.25 -10.24
C VAL A 183 25.79 -2.56 -9.79
N ASN A 184 25.39 -3.72 -10.31
CA ASN A 184 26.17 -4.93 -10.05
C ASN A 184 26.76 -5.65 -11.26
N ASP A 185 28.07 -5.76 -11.30
CA ASP A 185 28.68 -6.54 -12.37
C ASP A 185 29.83 -7.38 -11.86
N LEU A 186 30.62 -7.85 -12.81
CA LEU A 186 31.78 -8.69 -12.52
C LEU A 186 32.80 -8.06 -11.58
N ARG A 187 33.10 -6.78 -11.79
CA ARG A 187 34.09 -6.05 -11.00
C ARG A 187 33.64 -5.64 -9.61
N GLY A 188 32.42 -5.93 -9.22
CA GLY A 188 31.91 -5.43 -7.94
C GLY A 188 30.51 -4.87 -8.01
N ASN A 189 30.17 -4.10 -6.98
CA ASN A 189 28.94 -3.34 -6.86
C ASN A 189 29.19 -1.90 -6.35
N LEU A 190 28.24 -1.02 -6.63
CA LEU A 190 28.38 0.41 -6.44
C LEU A 190 26.94 0.89 -6.29
N SER A 191 26.75 1.73 -5.29
CA SER A 191 25.49 2.35 -5.00
C SER A 191 25.85 3.78 -4.68
N VAL A 192 24.96 4.72 -5.00
CA VAL A 192 25.26 6.15 -5.02
C VAL A 192 23.99 6.96 -4.80
N GLY A 193 24.16 8.14 -4.20
CA GLY A 193 23.04 9.00 -3.88
C GLY A 193 23.55 10.42 -3.75
N GLU A 194 22.72 11.39 -4.13
CA GLU A 194 23.21 12.78 -4.19
C GLU A 194 22.45 13.64 -3.21
N PHE A 195 23.16 14.50 -2.49
CA PHE A 195 22.48 15.43 -1.59
C PHE A 195 21.68 16.52 -2.33
N GLU A 196 20.55 16.86 -1.72
CA GLU A 196 19.48 17.71 -2.26
C GLU A 196 19.01 17.28 -3.63
N LYS A 197 18.48 16.07 -3.71
CA LYS A 197 18.16 15.41 -4.95
C LYS A 197 17.60 14.08 -4.45
N ASP A 198 18.40 13.04 -4.21
CA ASP A 198 17.86 11.82 -3.56
C ASP A 198 17.69 12.08 -2.06
N ILE A 199 18.70 12.67 -1.42
CA ILE A 199 18.63 12.86 0.00
C ILE A 199 18.35 14.36 0.17
N PRO A 200 17.27 14.72 0.89
CA PRO A 200 16.75 16.07 0.67
C PRO A 200 17.41 17.11 1.51
N PHE A 201 18.67 16.93 1.90
CA PHE A 201 19.42 17.96 2.65
C PHE A 201 20.90 17.78 2.40
N THR A 202 21.67 18.80 2.75
CA THR A 202 23.11 18.74 2.64
C THR A 202 23.76 18.52 4.00
N PRO A 203 24.57 17.46 4.15
CA PRO A 203 25.14 17.03 5.42
C PRO A 203 26.20 17.96 6.00
N LYS A 204 26.18 18.15 7.32
CA LYS A 204 27.29 18.78 8.04
C LYS A 204 28.10 17.77 8.84
N ARG A 205 27.51 16.59 9.08
CA ARG A 205 28.18 15.57 9.89
C ARG A 205 27.75 14.22 9.35
N TYR A 206 28.62 13.23 9.51
CA TYR A 206 28.20 11.83 9.33
C TYR A 206 28.70 11.16 10.60
N PHE A 207 28.03 10.07 10.96
CA PHE A 207 28.55 9.22 12.02
C PHE A 207 28.11 7.79 11.72
N THR A 208 28.81 6.86 12.34
CA THR A 208 28.57 5.46 12.10
C THR A 208 28.45 4.70 13.41
N VAL A 209 27.52 3.75 13.43
CA VAL A 209 27.20 2.93 14.56
C VAL A 209 27.44 1.47 14.16
N PHE A 210 28.18 0.72 14.99
CA PHE A 210 28.49 -0.68 14.72
C PHE A 210 28.92 -1.45 15.98
N GLY A 211 29.12 -2.74 15.77
CA GLY A 211 29.27 -3.73 16.82
C GLY A 211 28.23 -3.54 17.91
N VAL A 212 26.94 -3.49 17.59
CA VAL A 212 25.88 -3.34 18.58
C VAL A 212 25.30 -4.72 18.91
N PRO A 213 25.18 -5.06 20.21
CA PRO A 213 24.66 -6.38 20.52
C PRO A 213 23.22 -6.41 20.12
N ASN A 214 22.76 -7.56 19.66
CA ASN A 214 21.40 -7.70 19.18
C ASN A 214 20.26 -7.30 20.13
N LYS A 215 20.54 -7.20 21.42
CA LYS A 215 19.52 -6.85 22.40
C LYS A 215 19.49 -5.37 22.67
N GLU A 216 20.50 -4.64 22.19
CA GLU A 216 20.50 -3.19 22.42
C GLU A 216 19.41 -2.46 21.63
N VAL A 217 18.86 -1.42 22.25
CA VAL A 217 17.96 -0.53 21.58
C VAL A 217 18.67 0.79 21.57
N ARG A 218 18.87 1.40 20.40
CA ARG A 218 19.65 2.62 20.36
C ARG A 218 18.74 3.75 19.93
N GLY A 219 19.22 4.97 20.12
CA GLY A 219 18.46 6.16 19.75
C GLY A 219 17.48 6.51 20.83
N GLU A 220 16.19 6.39 20.54
CA GLU A 220 15.14 6.66 21.53
C GLU A 220 15.33 8.14 21.83
N HIS A 221 15.19 8.95 20.79
CA HIS A 221 15.10 10.38 20.97
C HIS A 221 14.54 11.04 19.72
N ALA A 222 14.22 12.32 19.83
CA ALA A 222 14.01 13.15 18.68
C ALA A 222 14.97 14.36 18.65
N HIS A 223 15.12 14.98 17.48
CA HIS A 223 15.95 16.18 17.38
C HIS A 223 15.12 17.44 17.16
N LYS A 224 15.50 18.53 17.80
CA LYS A 224 14.76 19.77 17.58
C LYS A 224 14.99 20.24 16.14
N GLU A 225 16.26 20.24 15.70
CA GLU A 225 16.66 20.89 14.43
C GLU A 225 17.27 19.96 13.38
N CYS A 226 18.22 19.14 13.82
CA CYS A 226 18.87 18.18 12.95
C CYS A 226 17.95 17.29 12.11
N LYS A 227 18.18 17.31 10.81
CA LYS A 227 17.58 16.35 9.90
C LYS A 227 18.54 15.16 9.88
N GLN A 228 18.06 13.95 9.67
CA GLN A 228 18.94 12.79 9.57
C GLN A 228 18.62 11.83 8.43
N PHE A 229 19.63 11.11 7.98
CA PHE A 229 19.33 10.13 6.96
C PHE A 229 20.10 8.85 7.26
N LEU A 230 19.42 7.72 7.24
CA LEU A 230 20.04 6.48 7.70
C LEU A 230 20.18 5.43 6.57
N ILE A 231 21.38 4.87 6.46
CA ILE A 231 21.64 3.73 5.62
C ILE A 231 22.44 2.69 6.42
N CYS A 232 21.95 1.46 6.36
CA CYS A 232 22.66 0.35 6.94
C CYS A 232 23.58 -0.23 5.87
N VAL A 233 24.84 0.20 5.89
CA VAL A 233 25.76 -0.17 4.84
C VAL A 233 26.33 -1.56 4.97
N SER A 234 26.03 -2.24 6.08
CA SER A 234 26.37 -3.63 6.10
C SER A 234 25.54 -4.27 7.20
N GLY A 235 25.06 -5.48 6.92
CA GLY A 235 24.21 -6.18 7.86
C GLY A 235 22.77 -5.76 7.79
N ASN A 236 22.07 -5.91 8.91
CA ASN A 236 20.68 -5.47 8.97
C ASN A 236 20.48 -4.76 10.29
N CYS A 237 19.42 -3.97 10.29
CA CYS A 237 19.14 -3.02 11.30
C CYS A 237 17.62 -2.71 11.22
N SER A 238 16.89 -2.56 12.33
CA SER A 238 15.49 -2.12 12.23
C SER A 238 15.35 -0.75 12.84
N VAL A 239 14.48 0.08 12.25
CA VAL A 239 14.38 1.48 12.63
C VAL A 239 12.92 1.75 12.90
N LEU A 240 12.61 2.24 14.09
CA LEU A 240 11.27 2.76 14.34
C LEU A 240 11.32 4.27 14.12
N VAL A 241 10.29 4.80 13.45
CA VAL A 241 9.99 6.26 13.33
C VAL A 241 8.58 6.55 13.83
N ASP A 242 8.46 7.66 14.52
CA ASP A 242 7.31 7.99 15.34
C ASP A 242 7.12 9.53 15.30
N ASP A 243 5.96 10.00 14.86
CA ASP A 243 5.73 11.48 14.76
C ASP A 243 4.85 12.06 15.91
N GLY A 244 4.65 11.25 16.96
CA GLY A 244 3.98 11.69 18.18
C GLY A 244 2.60 11.10 18.11
N GLU A 245 2.22 10.62 16.93
CA GLU A 245 0.94 9.97 16.75
C GLU A 245 0.98 8.70 15.92
N ASN A 246 1.70 8.69 14.80
CA ASN A 246 1.82 7.45 14.03
C ASN A 246 3.27 6.97 14.15
N ARG A 247 3.44 5.66 14.02
CA ARG A 247 4.77 5.11 14.12
C ARG A 247 4.87 3.92 13.20
N GLU A 248 6.04 3.68 12.66
CA GLU A 248 6.21 2.46 11.87
C GLU A 248 7.64 1.98 11.97
N GLU A 249 7.80 0.68 11.70
CA GLU A 249 9.11 0.03 11.82
C GLU A 249 9.53 -0.51 10.45
N TYR A 250 10.76 -0.24 10.09
CA TYR A 250 11.30 -0.61 8.78
C TYR A 250 12.60 -1.41 8.99
N VAL A 251 12.85 -2.38 8.12
CA VAL A 251 14.13 -3.07 8.12
C VAL A 251 15.07 -2.44 7.10
N LEU A 252 16.21 -1.96 7.57
CA LEU A 252 17.28 -1.53 6.65
C LEU A 252 18.23 -2.68 6.40
N ASP A 253 18.07 -3.46 5.33
CA ASP A 253 18.93 -4.61 5.14
C ASP A 253 19.74 -4.72 3.82
N SER A 254 19.92 -3.65 3.06
CA SER A 254 20.99 -3.52 2.07
C SER A 254 21.39 -2.05 1.90
N ILE A 255 22.57 -1.81 1.32
CA ILE A 255 23.19 -0.47 1.31
C ILE A 255 22.34 0.44 0.41
N ASP A 256 21.50 -0.11 -0.45
CA ASP A 256 20.72 0.78 -1.31
C ASP A 256 19.38 1.22 -0.68
N LYS A 257 19.09 0.88 0.57
CA LYS A 257 17.87 1.42 1.21
C LYS A 257 18.24 2.54 2.17
N GLY A 258 17.41 3.56 2.32
CA GLY A 258 17.76 4.74 3.13
C GLY A 258 16.44 5.26 3.68
N ILE A 259 16.49 5.96 4.80
CA ILE A 259 15.30 6.51 5.46
C ILE A 259 15.66 7.90 5.94
N TYR A 260 14.81 8.85 5.55
CA TYR A 260 14.94 10.22 5.98
C TYR A 260 14.12 10.48 7.24
N LEU A 261 14.77 11.05 8.26
CA LEU A 261 14.06 11.47 9.45
C LEU A 261 14.10 12.98 9.59
N PRO A 262 13.02 13.65 9.17
CA PRO A 262 12.94 15.09 9.43
C PRO A 262 13.01 15.42 10.91
N PRO A 263 13.36 16.68 11.25
CA PRO A 263 13.50 17.09 12.65
C PRO A 263 12.19 16.84 13.37
N MET A 264 12.21 16.74 14.70
CA MET A 264 11.01 16.28 15.42
C MET A 264 10.47 14.90 14.99
N THR A 265 11.37 13.96 14.69
CA THR A 265 10.98 12.57 14.47
C THR A 265 11.65 11.71 15.52
N TRP A 266 10.84 11.08 16.35
CA TRP A 266 11.37 10.17 17.38
C TRP A 266 11.86 8.96 16.58
N GLY A 267 13.09 8.55 16.80
CA GLY A 267 13.57 7.38 16.09
C GLY A 267 14.23 6.42 17.04
N VAL A 268 14.18 5.13 16.68
CA VAL A 268 14.79 4.06 17.44
C VAL A 268 15.51 3.16 16.45
N GLN A 269 16.71 2.72 16.81
CA GLN A 269 17.22 1.61 16.08
C GLN A 269 17.67 0.47 16.96
N TYR A 270 17.33 -0.72 16.49
CA TYR A 270 17.50 -1.92 17.30
C TYR A 270 17.48 -3.12 16.38
N LYS A 271 17.46 -4.31 16.95
CA LYS A 271 17.57 -5.53 16.16
C LYS A 271 18.78 -5.50 15.21
N TYR A 272 19.92 -5.04 15.73
CA TYR A 272 21.10 -4.95 14.87
C TYR A 272 21.64 -6.36 14.79
N SER A 273 22.08 -6.72 13.60
CA SER A 273 22.84 -7.91 13.43
C SER A 273 24.32 -7.62 13.72
N LYS A 274 25.06 -8.73 13.80
CA LYS A 274 26.40 -8.77 14.40
C LYS A 274 27.38 -7.94 13.56
N ASP A 275 27.39 -8.16 12.26
CA ASP A 275 28.09 -7.29 11.31
C ASP A 275 27.41 -5.92 10.98
N ALA A 276 26.33 -5.52 11.66
CA ALA A 276 25.62 -4.34 11.19
C ALA A 276 26.49 -3.07 11.35
N VAL A 277 26.50 -2.23 10.32
CA VAL A 277 27.05 -0.89 10.37
C VAL A 277 25.96 0.08 9.87
N LEU A 278 25.62 1.03 10.74
CA LEU A 278 24.63 2.05 10.48
C LEU A 278 25.35 3.35 10.15
N LEU A 279 25.08 3.84 8.96
CA LEU A 279 25.61 5.15 8.54
C LEU A 279 24.47 6.18 8.62
N VAL A 280 24.81 7.30 9.23
CA VAL A 280 23.83 8.35 9.44
C VAL A 280 24.45 9.66 8.95
N PHE A 281 23.72 10.38 8.08
CA PHE A 281 24.08 11.73 7.68
C PHE A 281 23.22 12.71 8.50
N ALA A 282 23.85 13.72 9.10
CA ALA A 282 23.11 14.70 9.92
C ALA A 282 23.25 16.10 9.33
N SER A 283 22.17 16.86 9.26
CA SER A 283 22.29 18.25 8.76
C SER A 283 23.02 19.26 9.67
N HIS A 284 23.08 19.03 10.98
CA HIS A 284 23.84 19.91 11.86
C HIS A 284 24.99 19.20 12.53
N TYR A 285 25.94 20.00 12.99
CA TYR A 285 27.01 19.49 13.86
C TYR A 285 26.41 19.01 15.16
N TYR A 286 27.11 18.07 15.79
CA TYR A 286 26.72 17.49 17.07
C TYR A 286 26.46 18.59 18.08
N ASP A 287 25.29 18.50 18.71
CA ASP A 287 24.90 19.42 19.78
C ASP A 287 23.96 18.74 20.79
N SER A 288 24.46 18.53 21.99
CA SER A 288 23.74 17.75 23.01
C SER A 288 22.33 18.27 23.26
N ASP A 289 22.17 19.57 23.06
CA ASP A 289 20.96 20.24 23.51
C ASP A 289 19.80 20.14 22.55
N ASP A 290 20.03 19.48 21.43
CA ASP A 290 19.05 19.41 20.35
C ASP A 290 18.26 18.09 20.51
N TYR A 291 18.58 17.33 21.54
CA TYR A 291 17.93 16.06 21.85
C TYR A 291 16.68 16.28 22.68
N ILE A 292 15.65 15.48 22.43
CA ILE A 292 14.49 15.38 23.30
C ILE A 292 14.35 13.88 23.60
N ARG A 293 14.63 13.51 24.85
CA ARG A 293 14.80 12.10 25.24
C ARG A 293 13.64 11.51 25.98
N ASP A 294 12.63 12.34 26.23
CA ASP A 294 11.44 11.92 26.96
C ASP A 294 10.28 11.92 25.99
N TYR A 295 9.57 10.81 25.86
CA TYR A 295 8.64 10.71 24.76
C TYR A 295 7.39 11.54 25.02
N SER A 296 7.03 11.64 26.29
CA SER A 296 5.88 12.44 26.66
C SER A 296 6.18 13.92 26.37
N THR A 297 7.41 14.33 26.64
CA THR A 297 7.89 15.67 26.34
C THR A 297 7.97 15.94 24.85
N PHE A 298 8.29 14.93 24.06
CA PHE A 298 8.26 15.03 22.61
C PHE A 298 6.84 15.24 22.10
N LYS A 299 5.88 14.44 22.58
CA LYS A 299 4.48 14.54 22.16
C LYS A 299 3.85 15.91 22.41
N GLN A 300 4.19 16.52 23.55
CA GLN A 300 3.75 17.88 23.93
C GLN A 300 4.37 18.96 23.04
N MET A 301 5.70 18.99 22.95
CA MET A 301 6.37 19.83 21.98
C MET A 301 5.73 19.72 20.59
N ARG A 302 5.30 18.52 20.23
CA ARG A 302 4.76 18.19 18.92
C ARG A 302 3.34 18.74 18.67
N GLN A 303 2.72 19.33 19.68
CA GLN A 303 1.37 19.84 19.51
C GLN A 303 1.40 21.35 19.57
N ASN A 304 2.50 21.90 19.07
CA ASN A 304 2.75 23.33 18.98
C ASN A 304 3.26 23.60 17.56
N MET B 1 -18.89 -32.17 47.19
CA MET B 1 -18.42 -31.48 48.43
C MET B 1 -17.97 -30.06 48.06
N ILE B 2 -18.66 -29.05 48.57
CA ILE B 2 -18.22 -27.70 48.39
C ILE B 2 -17.80 -27.07 49.74
N HIS B 3 -16.52 -26.76 49.88
CA HIS B 3 -16.03 -26.24 51.15
C HIS B 3 -16.79 -25.02 51.65
N LYS B 4 -16.97 -24.97 52.96
CA LYS B 4 -17.58 -23.75 53.50
C LYS B 4 -16.76 -22.49 53.20
N LEU B 5 -15.45 -22.62 52.96
CA LEU B 5 -14.63 -21.39 52.77
C LEU B 5 -14.58 -21.01 51.27
N ALA B 6 -15.21 -21.85 50.46
CA ALA B 6 -15.47 -21.57 49.05
C ALA B 6 -16.69 -20.67 48.83
N ASP B 7 -16.66 -19.85 47.79
CA ASP B 7 -17.82 -19.07 47.30
C ASP B 7 -18.30 -19.53 45.91
N VAL B 8 -19.24 -20.47 45.87
CA VAL B 8 -19.58 -21.16 44.64
C VAL B 8 -21.01 -20.78 44.23
N GLN B 9 -21.24 -20.21 43.07
CA GLN B 9 -22.59 -19.75 42.71
C GLN B 9 -23.28 -20.58 41.63
N SER B 10 -22.58 -21.53 41.02
CA SER B 10 -23.18 -22.40 40.02
C SER B 10 -23.91 -23.55 40.72
N GLN B 11 -25.09 -23.91 40.20
CA GLN B 11 -25.83 -25.08 40.67
C GLN B 11 -25.52 -26.22 39.72
N ASN B 12 -24.64 -25.98 38.75
CA ASN B 12 -24.29 -26.99 37.75
C ASN B 12 -22.96 -27.70 37.92
N ILE B 13 -22.77 -28.29 39.08
CA ILE B 13 -21.53 -28.97 39.40
C ILE B 13 -21.86 -30.44 39.58
N GLY B 14 -21.35 -31.31 38.72
CA GLY B 14 -21.69 -32.76 38.73
C GLY B 14 -21.28 -33.41 40.04
N ASP B 15 -21.68 -34.65 40.28
CA ASP B 15 -21.47 -35.33 41.57
C ASP B 15 -20.03 -35.78 41.85
N ASN B 16 -19.70 -35.87 43.13
CA ASN B 16 -18.37 -36.25 43.58
C ASN B 16 -17.27 -35.28 43.08
N THR B 17 -17.69 -34.07 42.70
CA THR B 17 -16.74 -33.00 42.52
C THR B 17 -16.50 -32.24 43.82
N LYS B 18 -15.23 -32.08 44.19
CA LYS B 18 -14.83 -31.32 45.38
C LYS B 18 -14.26 -29.92 45.03
N VAL B 19 -14.75 -28.91 45.74
CA VAL B 19 -14.32 -27.55 45.56
C VAL B 19 -13.70 -27.10 46.90
N TRP B 20 -12.41 -26.84 46.90
CA TRP B 20 -11.75 -26.51 48.13
C TRP B 20 -11.85 -25.05 48.55
N GLN B 21 -11.10 -24.71 49.58
CA GLN B 21 -11.23 -23.40 50.17
C GLN B 21 -10.86 -22.25 49.26
N PHE B 22 -11.51 -21.11 49.46
CA PHE B 22 -11.11 -19.88 48.75
C PHE B 22 -11.16 -19.99 47.21
N CYS B 23 -11.92 -20.96 46.72
CA CYS B 23 -12.33 -20.90 45.32
C CYS B 23 -13.56 -19.99 45.14
N VAL B 24 -13.69 -19.44 43.92
CA VAL B 24 -14.81 -18.62 43.48
C VAL B 24 -15.26 -19.34 42.19
N ILE B 25 -16.55 -19.67 42.13
CA ILE B 25 -17.11 -20.24 40.92
C ILE B 25 -18.38 -19.43 40.62
N LEU B 26 -18.45 -18.79 39.46
CA LEU B 26 -19.59 -17.92 39.14
C LEU B 26 -20.82 -18.72 38.65
N ALA B 27 -22.00 -18.09 38.68
CA ALA B 27 -23.27 -18.82 38.50
C ALA B 27 -23.33 -19.56 37.17
N GLY B 28 -22.71 -19.04 36.11
CA GLY B 28 -22.78 -19.63 34.78
C GLY B 28 -21.99 -20.90 34.57
N ALA B 29 -21.02 -21.18 35.46
CA ALA B 29 -20.04 -22.23 35.16
C ALA B 29 -20.72 -23.59 35.11
N VAL B 30 -20.27 -24.47 34.23
CA VAL B 30 -20.71 -25.87 34.25
C VAL B 30 -19.51 -26.76 34.50
N ILE B 31 -19.62 -27.68 35.46
CA ILE B 31 -18.52 -28.53 35.85
C ILE B 31 -19.03 -29.98 35.92
N GLY B 32 -18.32 -30.96 35.38
CA GLY B 32 -18.71 -32.35 35.45
C GLY B 32 -18.45 -33.11 36.73
N ARG B 33 -18.43 -34.43 36.60
CA ARG B 33 -18.34 -35.33 37.76
C ARG B 33 -16.88 -35.57 38.07
N ASN B 34 -16.62 -35.94 39.33
CA ASN B 34 -15.32 -36.43 39.82
C ASN B 34 -14.14 -35.45 39.65
N CYS B 35 -14.42 -34.16 39.64
CA CYS B 35 -13.36 -33.16 39.46
C CYS B 35 -12.77 -32.81 40.82
N ASN B 36 -11.58 -32.21 40.83
CA ASN B 36 -11.00 -31.60 42.00
C ASN B 36 -10.61 -30.17 41.68
N ILE B 37 -11.30 -29.23 42.28
CA ILE B 37 -10.96 -27.85 42.04
C ILE B 37 -10.26 -27.44 43.32
N CYS B 38 -8.94 -27.32 43.27
CA CYS B 38 -8.17 -27.05 44.48
C CYS B 38 -8.25 -25.62 44.87
N ALA B 39 -7.76 -25.34 46.08
CA ALA B 39 -7.95 -24.10 46.76
C ALA B 39 -7.32 -22.95 45.98
N ASN B 40 -7.92 -21.75 46.07
CA ASN B 40 -7.46 -20.48 45.52
C ASN B 40 -7.50 -20.59 43.99
N SER B 41 -8.64 -21.05 43.47
CA SER B 41 -8.75 -21.00 42.04
C SER B 41 -10.09 -20.35 41.63
N LEU B 42 -10.16 -19.78 40.44
CA LEU B 42 -11.34 -19.02 40.07
C LEU B 42 -11.93 -19.58 38.79
N ILE B 43 -13.27 -19.68 38.74
CA ILE B 43 -13.95 -20.07 37.53
C ILE B 43 -15.09 -19.09 37.17
N GLU B 44 -15.05 -18.54 35.97
CA GLU B 44 -16.05 -17.58 35.54
C GLU B 44 -17.30 -18.24 34.96
N ASN B 45 -18.12 -17.43 34.29
CA ASN B 45 -19.45 -17.80 33.82
C ASN B 45 -19.46 -18.69 32.59
N ASP B 46 -18.79 -18.28 31.51
CA ASP B 46 -18.95 -19.04 30.27
C ASP B 46 -17.88 -20.10 30.14
N VAL B 47 -18.05 -21.17 30.89
CA VAL B 47 -16.99 -22.14 31.11
C VAL B 47 -17.66 -23.51 31.11
N VAL B 48 -17.11 -24.44 30.35
CA VAL B 48 -17.54 -25.82 30.54
C VAL B 48 -16.30 -26.62 30.92
N ILE B 49 -16.36 -27.30 32.06
CA ILE B 49 -15.29 -28.17 32.47
C ILE B 49 -15.88 -29.60 32.47
N GLY B 50 -15.21 -30.56 31.82
CA GLY B 50 -15.65 -31.96 31.76
C GLY B 50 -15.53 -32.77 33.04
N ASP B 51 -15.45 -34.08 32.89
CA ASP B 51 -15.40 -35.01 34.02
C ASP B 51 -13.98 -35.44 34.39
N ASN B 52 -13.73 -35.67 35.68
CA ASN B 52 -12.41 -36.14 36.14
C ASN B 52 -11.31 -35.11 35.82
N VAL B 53 -11.63 -33.83 35.88
CA VAL B 53 -10.60 -32.80 35.58
C VAL B 53 -10.00 -32.45 36.93
N THR B 54 -8.67 -32.34 37.00
CA THR B 54 -8.01 -31.76 38.14
C THR B 54 -7.54 -30.34 37.83
N ILE B 55 -7.92 -29.41 38.66
CA ILE B 55 -7.43 -28.07 38.51
C ILE B 55 -6.70 -27.76 39.81
N LYS B 56 -5.37 -27.76 39.81
CA LYS B 56 -4.57 -27.36 40.99
C LYS B 56 -4.75 -25.88 41.38
N SER B 57 -4.24 -25.45 42.53
CA SER B 57 -4.41 -24.09 43.07
C SER B 57 -3.89 -22.98 42.17
N GLY B 58 -4.38 -21.76 42.36
CA GLY B 58 -3.86 -20.60 41.61
C GLY B 58 -4.11 -20.52 40.12
N VAL B 59 -5.14 -21.22 39.63
CA VAL B 59 -5.57 -21.17 38.25
C VAL B 59 -6.86 -20.38 38.12
N GLN B 60 -7.03 -19.63 37.03
CA GLN B 60 -8.34 -19.06 36.73
C GLN B 60 -8.85 -19.57 35.39
N ILE B 61 -10.08 -20.08 35.35
CA ILE B 61 -10.68 -20.51 34.12
C ILE B 61 -11.65 -19.41 33.67
N TRP B 62 -11.17 -18.57 32.75
CA TRP B 62 -11.90 -17.41 32.26
C TRP B 62 -13.03 -17.80 31.33
N ASP B 63 -13.99 -16.87 31.16
CA ASP B 63 -14.97 -16.89 30.07
C ASP B 63 -14.32 -17.35 28.78
N GLY B 64 -14.96 -18.25 28.04
CA GLY B 64 -14.49 -18.77 26.75
C GLY B 64 -13.60 -20.00 26.83
N ILE B 65 -13.32 -20.52 28.03
CA ILE B 65 -12.37 -21.63 28.16
C ILE B 65 -13.08 -22.94 28.40
N HIS B 66 -12.84 -23.96 27.56
CA HIS B 66 -13.48 -25.29 27.62
C HIS B 66 -12.34 -26.29 27.93
N ILE B 67 -12.46 -26.94 29.09
CA ILE B 67 -11.57 -28.01 29.53
C ILE B 67 -12.35 -29.33 29.35
N GLN B 68 -11.86 -30.28 28.54
CA GLN B 68 -12.61 -31.51 28.33
C GLN B 68 -12.19 -32.50 29.40
N ASP B 69 -12.54 -33.77 29.18
CA ASP B 69 -12.49 -34.74 30.26
C ASP B 69 -11.02 -35.10 30.48
N ASP B 70 -10.75 -35.57 31.69
CA ASP B 70 -9.47 -36.13 32.11
C ASP B 70 -8.28 -35.17 32.01
N VAL B 71 -8.54 -33.87 31.88
CA VAL B 71 -7.45 -32.92 31.72
C VAL B 71 -6.79 -32.72 33.07
N PHE B 72 -5.49 -32.48 33.09
CA PHE B 72 -4.85 -32.08 34.33
C PHE B 72 -4.24 -30.67 34.16
N ILE B 73 -4.72 -29.72 34.94
CA ILE B 73 -4.15 -28.41 34.99
C ILE B 73 -3.38 -28.19 36.30
N GLY B 74 -2.07 -28.03 36.14
CA GLY B 74 -1.15 -27.94 37.22
C GLY B 74 -1.24 -26.61 37.91
N PRO B 75 -0.55 -26.48 39.04
CA PRO B 75 -0.71 -25.28 39.85
C PRO B 75 -0.21 -24.04 39.14
N ASN B 76 -0.99 -22.98 39.27
CA ASN B 76 -0.53 -21.65 38.89
C ASN B 76 -0.46 -21.55 37.35
N VAL B 77 -1.05 -22.48 36.63
CA VAL B 77 -1.26 -22.25 35.19
C VAL B 77 -2.13 -21.01 34.96
N THR B 78 -1.84 -20.24 33.91
CA THR B 78 -2.61 -19.05 33.65
C THR B 78 -3.17 -19.14 32.22
N PHE B 79 -4.45 -18.91 32.09
CA PHE B 79 -5.17 -18.78 30.82
C PHE B 79 -5.48 -17.33 30.53
N THR B 80 -5.80 -17.04 29.27
CA THR B 80 -6.11 -15.67 28.82
C THR B 80 -7.26 -15.71 27.80
N ASN B 81 -7.94 -14.57 27.63
CA ASN B 81 -9.00 -14.53 26.63
C ASN B 81 -8.99 -13.24 25.82
N ASP B 82 -8.07 -12.31 26.12
CA ASP B 82 -7.93 -11.11 25.31
C ASP B 82 -6.45 -10.92 24.89
N LYS B 83 -6.25 -10.78 23.58
CA LYS B 83 -4.91 -10.81 22.99
C LYS B 83 -4.14 -9.48 23.14
N GLN B 84 -4.84 -8.36 23.30
CA GLN B 84 -4.14 -7.08 23.51
C GLN B 84 -4.96 -6.21 24.44
N PRO B 85 -5.01 -6.59 25.72
CA PRO B 85 -6.03 -6.03 26.58
C PRO B 85 -5.66 -4.62 27.02
N ARG B 86 -6.70 -3.81 27.19
CA ARG B 86 -6.60 -2.44 27.65
C ARG B 86 -7.73 -2.23 28.64
N SER B 87 -7.40 -1.61 29.78
CA SER B 87 -8.35 -1.32 30.85
C SER B 87 -9.19 -0.10 30.49
N LEU B 95 -12.90 -14.87 21.70
CA LEU B 95 -11.74 -15.79 21.67
C LEU B 95 -11.71 -16.94 22.69
N LYS B 96 -11.74 -18.14 22.14
CA LYS B 96 -12.04 -19.30 22.95
C LYS B 96 -10.81 -20.20 23.09
N THR B 97 -10.57 -20.79 24.26
CA THR B 97 -9.45 -21.71 24.46
C THR B 97 -10.08 -23.08 24.69
N ILE B 98 -9.58 -24.15 24.05
CA ILE B 98 -10.09 -25.48 24.35
C ILE B 98 -8.98 -26.41 24.82
N VAL B 99 -9.07 -27.03 26.01
CA VAL B 99 -8.01 -27.99 26.37
C VAL B 99 -8.63 -29.38 26.19
N LYS B 100 -8.08 -30.14 25.24
CA LYS B 100 -8.75 -31.37 24.84
C LYS B 100 -8.38 -32.51 25.78
N LYS B 101 -9.16 -33.58 25.61
CA LYS B 101 -9.17 -34.77 26.45
C LYS B 101 -7.79 -35.31 26.79
N GLY B 102 -7.61 -35.59 28.06
CA GLY B 102 -6.35 -36.17 28.54
C GLY B 102 -5.09 -35.28 28.51
N ALA B 103 -5.16 -34.05 28.01
CA ALA B 103 -3.96 -33.20 27.95
C ALA B 103 -3.51 -32.83 29.37
N SER B 104 -2.23 -32.47 29.53
CA SER B 104 -1.73 -31.97 30.81
C SER B 104 -1.00 -30.66 30.67
N ILE B 105 -1.23 -29.76 31.60
CA ILE B 105 -0.66 -28.44 31.46
C ILE B 105 0.22 -28.30 32.70
N GLY B 106 1.51 -28.23 32.43
CA GLY B 106 2.51 -28.16 33.51
C GLY B 106 2.39 -26.87 34.26
N ALA B 107 2.82 -26.93 35.50
CA ALA B 107 2.73 -25.84 36.41
C ALA B 107 3.31 -24.50 35.90
N ASN B 108 2.52 -23.44 36.08
CA ASN B 108 2.94 -22.04 35.90
C ASN B 108 3.20 -21.69 34.45
N SER B 109 2.66 -22.52 33.56
CA SER B 109 2.59 -22.28 32.13
C SER B 109 1.60 -21.15 31.90
N THR B 110 1.58 -20.63 30.67
CA THR B 110 0.83 -19.42 30.32
C THR B 110 0.32 -19.76 28.94
N ILE B 111 -1.00 -19.85 28.85
CA ILE B 111 -1.66 -20.16 27.60
C ILE B 111 -2.23 -18.86 27.01
N LEU B 112 -1.81 -18.48 25.81
CA LEU B 112 -2.39 -17.34 25.05
C LEU B 112 -3.86 -17.54 24.62
N PRO B 113 -4.59 -16.46 24.26
CA PRO B 113 -6.02 -16.60 23.98
C PRO B 113 -6.30 -17.36 22.69
N GLY B 114 -7.44 -18.02 22.55
CA GLY B 114 -7.81 -18.56 21.24
C GLY B 114 -7.00 -19.77 20.88
N ILE B 115 -6.57 -20.50 21.89
CA ILE B 115 -5.61 -21.54 21.63
C ILE B 115 -6.24 -22.91 21.82
N LEU B 116 -5.76 -23.85 21.04
CA LEU B 116 -6.26 -25.19 21.15
C LEU B 116 -5.19 -26.12 21.69
N ILE B 117 -5.48 -26.90 22.73
CA ILE B 117 -4.47 -27.83 23.17
C ILE B 117 -4.93 -29.27 22.89
N GLY B 118 -4.20 -29.99 22.04
CA GLY B 118 -4.74 -31.30 21.54
C GLY B 118 -4.84 -32.41 22.58
N GLU B 119 -5.55 -33.47 22.27
CA GLU B 119 -5.68 -34.59 23.20
C GLU B 119 -4.35 -35.21 23.55
N ASN B 120 -4.20 -35.49 24.84
CA ASN B 120 -3.02 -36.15 25.41
C ASN B 120 -1.72 -35.34 25.21
N ALA B 121 -1.83 -34.07 24.92
CA ALA B 121 -0.61 -33.27 24.80
C ALA B 121 -0.08 -33.00 26.20
N MET B 122 1.19 -32.59 26.23
CA MET B 122 1.89 -32.23 27.44
C MET B 122 2.53 -30.86 27.29
N VAL B 123 2.06 -29.88 28.04
CA VAL B 123 2.63 -28.55 28.05
C VAL B 123 3.61 -28.58 29.22
N GLY B 124 4.91 -28.39 28.96
CA GLY B 124 5.87 -28.48 30.06
C GLY B 124 5.68 -27.33 31.06
N ALA B 125 6.09 -27.54 32.31
CA ALA B 125 6.03 -26.48 33.28
C ALA B 125 6.67 -25.17 32.77
N GLY B 126 6.02 -24.04 33.04
CA GLY B 126 6.61 -22.73 32.72
C GLY B 126 6.54 -22.33 31.27
N ALA B 127 5.94 -23.14 30.40
CA ALA B 127 5.97 -22.85 28.98
C ALA B 127 4.98 -21.71 28.60
N VAL B 128 5.22 -20.95 27.54
CA VAL B 128 4.36 -19.85 27.10
C VAL B 128 3.86 -20.34 25.77
N ILE B 129 2.60 -20.75 25.72
CA ILE B 129 2.06 -21.42 24.55
C ILE B 129 1.28 -20.42 23.73
N THR B 130 1.89 -20.14 22.59
CA THR B 130 1.47 -19.08 21.67
C THR B 130 0.79 -19.59 20.43
N LYS B 131 0.63 -20.91 20.27
CA LYS B 131 0.14 -21.52 19.02
C LYS B 131 -0.49 -22.84 19.42
N ASN B 132 -1.45 -23.30 18.61
CA ASN B 132 -2.12 -24.56 18.84
C ASN B 132 -1.13 -25.68 19.16
N VAL B 133 -1.50 -26.54 20.11
CA VAL B 133 -0.61 -27.62 20.39
C VAL B 133 -1.29 -28.88 19.83
N PRO B 134 -0.62 -29.64 18.95
CA PRO B 134 -1.23 -30.87 18.38
C PRO B 134 -1.36 -32.01 19.39
N ASP B 135 -2.19 -33.00 19.05
CA ASP B 135 -2.36 -34.17 19.89
C ASP B 135 -0.99 -34.79 20.10
N ASN B 136 -0.81 -35.26 21.34
CA ASN B 136 0.35 -36.01 21.76
C ASN B 136 1.64 -35.21 21.78
N ALA B 137 1.60 -33.90 21.53
CA ALA B 137 2.84 -33.14 21.49
C ALA B 137 3.34 -32.76 22.86
N ILE B 138 4.66 -32.66 23.01
CA ILE B 138 5.32 -32.17 24.20
C ILE B 138 5.87 -30.76 23.93
N VAL B 139 5.44 -29.75 24.68
CA VAL B 139 5.77 -28.37 24.32
C VAL B 139 6.45 -27.72 25.51
N ILE B 140 7.61 -27.11 25.26
CA ILE B 140 8.35 -26.46 26.33
C ILE B 140 8.92 -25.13 25.84
N GLY B 141 9.28 -24.26 26.79
CA GLY B 141 10.04 -23.09 26.39
C GLY B 141 9.19 -21.84 26.45
N ASN B 142 9.88 -20.72 26.32
CA ASN B 142 9.27 -19.43 26.05
C ASN B 142 9.99 -18.83 24.83
N PRO B 143 9.38 -18.83 23.63
CA PRO B 143 8.03 -19.27 23.31
C PRO B 143 7.94 -20.80 23.32
N GLY B 144 6.78 -21.40 23.56
CA GLY B 144 6.77 -22.87 23.64
C GLY B 144 7.10 -23.43 22.26
N ARG B 145 7.91 -24.49 22.21
CA ARG B 145 8.23 -25.24 20.98
C ARG B 145 7.89 -26.71 21.21
N ILE B 146 7.42 -27.38 20.17
CA ILE B 146 7.28 -28.82 20.22
C ILE B 146 8.68 -29.40 20.19
N THR B 147 9.07 -30.11 21.25
CA THR B 147 10.35 -30.77 21.29
C THR B 147 10.22 -32.30 21.34
N GLY B 148 9.00 -32.80 21.22
CA GLY B 148 8.87 -34.25 21.10
C GLY B 148 7.41 -34.62 21.21
N TYR B 149 7.13 -35.91 21.10
CA TYR B 149 5.78 -36.47 21.26
C TYR B 149 5.72 -37.51 22.35
N VAL B 150 4.59 -37.58 23.06
CA VAL B 150 4.45 -38.52 24.16
C VAL B 150 4.58 -39.97 23.63
N GLU B 151 5.35 -40.80 24.34
CA GLU B 151 5.52 -42.25 24.12
C GLU B 151 6.36 -42.54 22.87
N ALA B 152 7.02 -41.51 22.34
CA ALA B 152 8.00 -41.65 21.25
C ALA B 152 9.41 -41.73 21.83
N ASN B 162 18.61 -46.42 14.53
CA ASN B 162 20.09 -46.36 14.54
C ASN B 162 20.76 -46.49 13.16
N PHE B 163 20.00 -46.79 12.11
CA PHE B 163 20.53 -46.85 10.75
C PHE B 163 21.94 -47.52 10.59
N GLU B 164 22.05 -48.71 11.18
CA GLU B 164 23.21 -49.62 11.11
C GLU B 164 23.10 -50.57 9.90
N LEU B 165 22.05 -51.39 9.87
CA LEU B 165 21.85 -52.34 8.78
C LEU B 165 21.25 -51.70 7.52
N LYS B 166 21.43 -52.39 6.40
CA LYS B 166 20.82 -52.04 5.13
C LYS B 166 19.29 -51.94 5.20
N LEU B 167 18.69 -52.86 5.95
CA LEU B 167 17.23 -52.93 6.13
C LEU B 167 16.83 -53.27 7.56
N GLN B 168 15.76 -52.60 8.01
CA GLN B 168 15.47 -52.54 9.43
C GLN B 168 14.06 -52.04 9.67
N MET B 169 13.28 -52.88 10.35
CA MET B 169 11.89 -52.58 10.57
C MET B 169 11.69 -51.67 11.77
N SER B 170 10.60 -50.90 11.70
CA SER B 170 10.22 -50.07 12.81
C SER B 170 9.14 -50.76 13.65
N LYS B 171 9.11 -50.37 14.93
CA LYS B 171 7.92 -50.51 15.80
C LYS B 171 6.66 -50.02 15.10
N VAL B 172 6.78 -48.99 14.26
CA VAL B 172 5.64 -48.36 13.62
C VAL B 172 5.30 -49.15 12.37
N LYS B 173 4.04 -49.52 12.20
CA LYS B 173 3.72 -50.56 11.22
C LYS B 173 4.08 -50.27 9.76
N GLY B 174 4.98 -51.11 9.24
CA GLY B 174 5.39 -50.99 7.83
C GLY B 174 6.57 -50.06 7.62
N VAL B 175 6.92 -49.25 8.64
CA VAL B 175 8.02 -48.32 8.52
C VAL B 175 9.38 -49.05 8.48
N SER B 176 10.16 -48.75 7.43
CA SER B 176 11.55 -49.22 7.33
C SER B 176 12.64 -48.15 7.34
N LEU B 177 13.68 -48.41 8.11
CA LEU B 177 14.86 -47.59 8.04
C LEU B 177 15.87 -48.25 7.11
N HIS B 178 16.50 -47.44 6.26
CA HIS B 178 17.53 -47.92 5.33
C HIS B 178 18.87 -47.19 5.41
N LYS B 179 19.95 -47.98 5.40
CA LYS B 179 21.32 -47.50 5.22
C LYS B 179 21.68 -47.80 3.77
N PHE B 180 22.05 -46.75 3.02
CA PHE B 180 22.36 -46.86 1.60
C PHE B 180 23.86 -47.07 1.35
N HIS B 181 24.18 -47.74 0.25
CA HIS B 181 25.58 -47.91 -0.20
C HIS B 181 26.28 -46.55 -0.36
N LEU B 182 27.34 -46.33 0.41
CA LEU B 182 28.18 -45.13 0.37
C LEU B 182 29.55 -45.48 -0.24
N VAL B 183 30.23 -44.52 -0.87
CA VAL B 183 31.63 -44.68 -1.35
C VAL B 183 32.35 -43.35 -1.07
N ASN B 184 33.35 -43.37 -0.18
CA ASN B 184 34.15 -42.18 0.07
C ASN B 184 35.57 -42.30 -0.50
N ASP B 185 36.02 -41.30 -1.27
CA ASP B 185 37.46 -41.19 -1.60
C ASP B 185 37.99 -39.77 -1.90
N LEU B 186 39.22 -39.70 -2.40
CA LEU B 186 39.90 -38.43 -2.79
C LEU B 186 39.12 -37.65 -3.87
N ARG B 187 38.55 -38.34 -4.84
CA ARG B 187 37.66 -37.77 -5.84
C ARG B 187 36.31 -37.22 -5.30
N GLY B 188 35.92 -37.47 -4.05
CA GLY B 188 34.54 -37.17 -3.64
C GLY B 188 33.74 -38.31 -3.02
N ASN B 189 32.42 -38.15 -2.87
CA ASN B 189 31.59 -39.20 -2.24
C ASN B 189 30.39 -39.57 -3.10
N LEU B 190 29.91 -40.82 -3.02
CA LEU B 190 28.74 -41.20 -3.81
C LEU B 190 27.78 -42.14 -3.04
N SER B 191 26.46 -41.90 -2.98
CA SER B 191 25.53 -42.94 -2.51
C SER B 191 24.51 -43.25 -3.57
N VAL B 192 23.95 -44.44 -3.50
CA VAL B 192 23.13 -44.93 -4.60
C VAL B 192 22.00 -45.77 -3.98
N GLY B 193 20.77 -45.60 -4.46
CA GLY B 193 19.73 -46.49 -4.03
C GLY B 193 18.93 -46.81 -5.26
N GLU B 194 18.45 -48.06 -5.30
CA GLU B 194 17.62 -48.49 -6.44
C GLU B 194 16.15 -48.66 -6.05
N PHE B 195 15.25 -48.25 -6.93
CA PHE B 195 13.82 -48.42 -6.69
C PHE B 195 13.38 -49.87 -6.96
N GLU B 196 12.31 -50.26 -6.28
CA GLU B 196 11.90 -51.65 -6.03
C GLU B 196 12.97 -52.62 -5.61
N LYS B 197 13.96 -52.19 -4.84
CA LYS B 197 15.05 -53.08 -4.52
C LYS B 197 15.65 -52.61 -3.19
N ASP B 198 15.84 -51.30 -3.06
CA ASP B 198 16.26 -50.67 -1.81
C ASP B 198 15.06 -49.89 -1.27
N ILE B 199 14.42 -49.16 -2.18
CA ILE B 199 13.23 -48.40 -1.87
C ILE B 199 12.09 -49.19 -2.48
N PRO B 200 11.01 -49.45 -1.72
CA PRO B 200 10.06 -50.51 -2.11
C PRO B 200 9.01 -50.08 -3.10
N PHE B 201 9.18 -48.93 -3.73
CA PHE B 201 8.26 -48.59 -4.81
C PHE B 201 8.94 -47.77 -5.89
N THR B 202 8.18 -47.50 -6.94
CA THR B 202 8.69 -46.66 -8.01
C THR B 202 8.01 -45.32 -8.00
N PRO B 203 8.79 -44.24 -7.96
CA PRO B 203 8.19 -42.93 -7.78
C PRO B 203 7.57 -42.42 -9.06
N LYS B 204 6.58 -41.55 -8.89
CA LYS B 204 6.05 -40.76 -9.99
C LYS B 204 6.43 -39.33 -9.75
N ARG B 205 6.93 -39.05 -8.55
CA ARG B 205 7.19 -37.66 -8.16
C ARG B 205 8.35 -37.55 -7.22
N TYR B 206 9.02 -36.40 -7.21
CA TYR B 206 9.93 -36.13 -6.09
C TYR B 206 9.68 -34.70 -5.68
N PHE B 207 9.91 -34.37 -4.41
CA PHE B 207 9.90 -32.95 -3.99
C PHE B 207 10.98 -32.71 -2.97
N THR B 208 11.39 -31.46 -2.87
CA THR B 208 12.45 -31.10 -1.95
C THR B 208 11.96 -29.98 -1.05
N VAL B 209 12.31 -30.07 0.23
CA VAL B 209 11.96 -29.11 1.30
C VAL B 209 13.26 -28.52 1.86
N PHE B 210 13.35 -27.20 1.97
CA PHE B 210 14.57 -26.53 2.37
C PHE B 210 14.32 -25.13 2.91
N GLY B 211 15.35 -24.51 3.48
CA GLY B 211 15.15 -23.20 4.14
C GLY B 211 14.05 -23.17 5.20
N VAL B 212 13.80 -24.30 5.87
CA VAL B 212 12.82 -24.39 6.96
C VAL B 212 13.37 -23.78 8.24
N PRO B 213 12.67 -22.81 8.84
CA PRO B 213 13.18 -22.25 10.10
C PRO B 213 13.12 -23.35 11.15
N ASN B 214 13.97 -23.23 12.17
CA ASN B 214 14.15 -24.31 13.12
C ASN B 214 12.91 -24.57 13.99
N LYS B 215 12.03 -23.57 14.06
CA LYS B 215 10.82 -23.69 14.85
C LYS B 215 9.64 -24.29 14.08
N GLU B 216 9.81 -24.47 12.77
CA GLU B 216 8.69 -24.93 11.99
C GLU B 216 8.48 -26.39 12.26
N VAL B 217 7.21 -26.77 12.32
CA VAL B 217 6.79 -28.15 12.33
C VAL B 217 6.07 -28.36 10.99
N ARG B 218 6.47 -29.34 10.19
CA ARG B 218 5.87 -29.56 8.87
C ARG B 218 5.26 -30.94 8.81
N GLY B 219 4.46 -31.27 7.81
CA GLY B 219 3.82 -32.58 7.73
C GLY B 219 2.54 -32.52 8.52
N GLU B 220 2.42 -33.34 9.55
CA GLU B 220 1.23 -33.42 10.43
C GLU B 220 0.07 -33.85 9.53
N HIS B 221 0.16 -35.05 8.98
CA HIS B 221 -0.88 -35.57 8.12
C HIS B 221 -0.46 -36.98 7.80
N ALA B 222 -1.35 -37.72 7.13
CA ALA B 222 -1.02 -39.07 6.67
C ALA B 222 -1.66 -39.16 5.28
N HIS B 223 -1.20 -40.04 4.38
CA HIS B 223 -1.79 -40.12 3.02
C HIS B 223 -2.60 -41.43 2.91
N LYS B 224 -3.66 -41.42 2.12
CA LYS B 224 -4.54 -42.61 2.06
C LYS B 224 -3.94 -43.66 1.16
N GLU B 225 -3.26 -43.21 0.10
CA GLU B 225 -2.60 -44.11 -0.84
C GLU B 225 -1.12 -43.85 -1.13
N CYS B 226 -0.68 -42.58 -1.13
CA CYS B 226 0.73 -42.21 -1.44
C CYS B 226 1.77 -42.84 -0.50
N LYS B 227 2.77 -43.50 -1.07
CA LYS B 227 3.94 -43.97 -0.31
C LYS B 227 4.94 -42.81 -0.38
N GLN B 228 5.87 -42.74 0.54
CA GLN B 228 6.73 -41.58 0.55
C GLN B 228 8.02 -42.23 1.00
N PHE B 229 9.16 -41.65 0.60
CA PHE B 229 10.45 -42.17 1.07
C PHE B 229 11.29 -40.95 1.40
N LEU B 230 11.86 -40.85 2.58
CA LEU B 230 12.50 -39.58 2.95
C LEU B 230 13.99 -39.77 3.07
N ILE B 231 14.75 -38.87 2.46
CA ILE B 231 16.23 -38.81 2.64
C ILE B 231 16.67 -37.39 2.98
N CYS B 232 17.35 -37.16 4.09
CA CYS B 232 17.81 -35.82 4.33
C CYS B 232 19.21 -35.65 3.73
N VAL B 233 19.24 -34.91 2.63
CA VAL B 233 20.32 -34.89 1.62
C VAL B 233 21.40 -33.86 2.03
N SER B 234 21.04 -32.92 2.89
CA SER B 234 21.99 -31.96 3.44
C SER B 234 21.45 -31.50 4.81
N GLY B 235 22.34 -31.43 5.80
CA GLY B 235 21.96 -31.04 7.15
C GLY B 235 21.23 -32.15 7.88
N ASN B 236 20.36 -31.79 8.84
CA ASN B 236 19.57 -32.77 9.55
C ASN B 236 18.14 -32.30 9.78
N CYS B 237 17.20 -33.24 9.83
CA CYS B 237 15.88 -32.97 10.42
C CYS B 237 15.37 -34.18 11.18
N SER B 238 14.25 -34.05 11.90
CA SER B 238 13.66 -35.16 12.63
C SER B 238 12.32 -35.53 12.02
N VAL B 239 12.05 -36.82 12.05
CA VAL B 239 10.86 -37.34 11.41
C VAL B 239 10.10 -38.16 12.45
N LEU B 240 8.87 -37.74 12.77
CA LEU B 240 8.01 -38.60 13.59
C LEU B 240 7.15 -39.46 12.70
N VAL B 241 7.17 -40.77 12.93
CA VAL B 241 6.18 -41.64 12.27
C VAL B 241 5.14 -42.24 13.22
N ASP B 242 3.88 -42.23 12.80
CA ASP B 242 2.79 -42.63 13.69
C ASP B 242 1.76 -43.48 12.95
N ASP B 243 1.47 -44.64 13.51
CA ASP B 243 0.49 -45.55 12.89
C ASP B 243 -0.84 -45.66 13.64
N GLY B 244 -1.12 -44.70 14.52
CA GLY B 244 -2.36 -44.69 15.29
C GLY B 244 -2.24 -45.26 16.69
N GLU B 245 -1.34 -46.21 16.89
CA GLU B 245 -1.03 -46.78 18.21
C GLU B 245 0.41 -46.53 18.68
N ASN B 246 1.38 -46.83 17.80
CA ASN B 246 2.79 -46.58 18.10
C ASN B 246 3.38 -45.40 17.34
N ARG B 247 4.31 -44.69 17.94
CA ARG B 247 4.94 -43.60 17.23
C ARG B 247 6.38 -43.62 17.62
N GLU B 248 7.26 -43.25 16.69
CA GLU B 248 8.70 -43.09 16.95
C GLU B 248 9.27 -41.88 16.21
N GLU B 249 10.32 -41.27 16.75
CA GLU B 249 11.01 -40.16 16.10
C GLU B 249 12.42 -40.55 15.67
N TYR B 250 12.81 -40.28 14.41
CA TYR B 250 14.16 -40.60 13.93
C TYR B 250 14.90 -39.34 13.48
N VAL B 251 16.23 -39.34 13.66
CA VAL B 251 17.03 -38.24 13.12
C VAL B 251 17.56 -38.60 11.74
N LEU B 252 17.22 -37.80 10.74
CA LEU B 252 17.81 -37.94 9.41
C LEU B 252 19.03 -37.03 9.30
N ASP B 253 20.25 -37.56 9.43
CA ASP B 253 21.43 -36.67 9.45
C ASP B 253 22.55 -37.04 8.47
N SER B 254 22.27 -37.93 7.51
CA SER B 254 23.20 -38.11 6.42
C SER B 254 22.52 -38.69 5.20
N ILE B 255 23.12 -38.37 4.06
CA ILE B 255 22.54 -38.60 2.75
C ILE B 255 22.31 -40.09 2.51
N ASP B 256 22.95 -40.91 3.32
CA ASP B 256 22.86 -42.36 3.08
C ASP B 256 21.85 -43.04 3.99
N LYS B 257 21.06 -42.27 4.74
CA LYS B 257 20.04 -42.85 5.62
C LYS B 257 18.73 -42.41 5.03
N GLY B 258 17.81 -43.34 4.83
CA GLY B 258 16.46 -43.04 4.44
C GLY B 258 15.38 -43.77 5.25
N ILE B 259 14.13 -43.36 5.07
CA ILE B 259 13.00 -43.92 5.84
C ILE B 259 11.74 -44.01 4.97
N TYR B 260 11.13 -45.18 4.97
CA TYR B 260 9.97 -45.48 4.13
C TYR B 260 8.67 -45.22 4.90
N LEU B 261 7.79 -44.36 4.39
CA LEU B 261 6.51 -44.14 5.05
C LEU B 261 5.39 -44.76 4.24
N PRO B 262 4.88 -45.95 4.65
CA PRO B 262 3.75 -46.55 3.91
C PRO B 262 2.55 -45.64 3.93
N PRO B 263 1.58 -45.90 3.05
CA PRO B 263 0.35 -45.10 3.14
C PRO B 263 -0.32 -45.35 4.50
N MET B 264 -1.07 -44.35 4.98
CA MET B 264 -1.74 -44.39 6.28
C MET B 264 -0.73 -44.43 7.38
N THR B 265 0.36 -43.68 7.17
CA THR B 265 1.29 -43.40 8.27
C THR B 265 1.28 -41.91 8.60
N TRP B 266 0.98 -41.57 9.85
CA TRP B 266 1.04 -40.16 10.25
C TRP B 266 2.50 -39.73 10.36
N GLY B 267 2.82 -38.63 9.67
CA GLY B 267 4.20 -38.11 9.52
C GLY B 267 4.37 -36.67 9.94
N VAL B 268 5.48 -36.39 10.62
CA VAL B 268 5.82 -34.98 10.92
C VAL B 268 7.32 -34.85 10.67
N GLN B 269 7.75 -33.75 10.08
CA GLN B 269 9.16 -33.50 9.91
C GLN B 269 9.39 -32.14 10.60
N TYR B 270 10.31 -32.10 11.56
CA TYR B 270 10.55 -30.85 12.30
C TYR B 270 11.99 -30.76 12.77
N LYS B 271 12.36 -29.76 13.56
CA LYS B 271 13.75 -29.61 14.00
C LYS B 271 14.73 -29.63 12.85
N TYR B 272 14.33 -29.05 11.73
CA TYR B 272 15.25 -28.86 10.64
C TYR B 272 16.38 -27.95 11.04
N SER B 273 17.57 -28.31 10.58
CA SER B 273 18.72 -27.45 10.62
C SER B 273 18.67 -26.47 9.45
N LYS B 274 19.39 -25.36 9.60
CA LYS B 274 19.50 -24.34 8.55
C LYS B 274 19.86 -24.80 7.14
N ASP B 275 20.79 -25.74 7.06
CA ASP B 275 21.28 -26.28 5.79
C ASP B 275 20.43 -27.45 5.31
N ALA B 276 19.42 -27.84 6.08
CA ALA B 276 18.70 -29.07 5.83
C ALA B 276 17.97 -28.99 4.50
N VAL B 277 18.06 -30.05 3.71
CA VAL B 277 17.32 -30.17 2.48
C VAL B 277 16.74 -31.60 2.58
N LEU B 278 15.42 -31.75 2.57
CA LEU B 278 14.79 -33.04 2.70
C LEU B 278 14.36 -33.46 1.31
N LEU B 279 14.71 -34.68 0.93
CA LEU B 279 14.23 -35.14 -0.38
C LEU B 279 13.19 -36.26 -0.17
N VAL B 280 12.14 -36.16 -0.96
CA VAL B 280 11.05 -37.10 -0.82
C VAL B 280 10.74 -37.70 -2.17
N PHE B 281 10.78 -39.04 -2.26
CA PHE B 281 10.19 -39.76 -3.38
C PHE B 281 8.74 -40.11 -3.08
N ALA B 282 7.89 -39.98 -4.08
CA ALA B 282 6.48 -40.24 -3.87
C ALA B 282 5.92 -41.20 -4.93
N SER B 283 5.06 -42.13 -4.53
CA SER B 283 4.50 -43.12 -5.48
C SER B 283 3.44 -42.59 -6.45
N HIS B 284 2.87 -41.43 -6.10
CA HIS B 284 1.71 -40.89 -6.80
C HIS B 284 1.96 -39.44 -7.15
N TYR B 285 1.26 -38.97 -8.18
CA TYR B 285 1.25 -37.53 -8.46
C TYR B 285 0.56 -36.78 -7.34
N TYR B 286 1.04 -35.56 -7.12
CA TYR B 286 0.41 -34.64 -6.19
C TYR B 286 -1.10 -34.63 -6.37
N ASP B 287 -1.81 -34.73 -5.25
CA ASP B 287 -3.26 -34.90 -5.15
C ASP B 287 -3.70 -34.42 -3.74
N SER B 288 -4.30 -33.22 -3.66
CA SER B 288 -4.69 -32.69 -2.35
C SER B 288 -5.77 -33.45 -1.54
N ASP B 289 -6.60 -34.26 -2.19
CA ASP B 289 -7.63 -35.05 -1.49
C ASP B 289 -7.12 -36.39 -0.92
N ASP B 290 -5.83 -36.63 -1.12
CA ASP B 290 -5.18 -37.77 -0.50
C ASP B 290 -4.75 -37.55 0.95
N TYR B 291 -4.82 -36.32 1.46
CA TYR B 291 -4.45 -36.00 2.86
C TYR B 291 -5.54 -36.31 3.91
N ILE B 292 -5.11 -36.74 5.09
CA ILE B 292 -5.91 -36.78 6.29
C ILE B 292 -5.16 -35.90 7.27
N ARG B 293 -5.78 -34.78 7.63
CA ARG B 293 -5.17 -33.79 8.49
C ARG B 293 -5.67 -33.76 9.93
N ASP B 294 -6.54 -34.67 10.33
CA ASP B 294 -7.01 -34.69 11.71
C ASP B 294 -6.59 -35.99 12.37
N TYR B 295 -5.88 -35.93 13.48
CA TYR B 295 -5.31 -37.12 14.07
C TYR B 295 -6.36 -38.15 14.55
N SER B 296 -7.44 -37.70 15.19
CA SER B 296 -8.53 -38.58 15.64
C SER B 296 -9.18 -39.31 14.47
N THR B 297 -9.44 -38.57 13.41
CA THR B 297 -9.98 -39.17 12.20
C THR B 297 -9.05 -40.26 11.69
N PHE B 298 -7.76 -39.92 11.59
CA PHE B 298 -6.76 -40.83 11.05
C PHE B 298 -6.71 -42.10 11.88
N LYS B 299 -6.81 -41.91 13.19
CA LYS B 299 -6.71 -43.03 14.10
C LYS B 299 -7.85 -44.06 13.95
N GLN B 300 -9.06 -43.55 13.75
CA GLN B 300 -10.29 -44.32 13.60
C GLN B 300 -10.15 -45.10 12.30
N MET B 301 -9.91 -44.38 11.19
CA MET B 301 -9.46 -44.99 9.93
C MET B 301 -8.40 -46.11 10.06
N ARG B 302 -7.26 -45.83 10.66
CA ARG B 302 -6.28 -46.89 10.92
C ARG B 302 -6.73 -47.81 12.06
N GLN B 303 -8.02 -48.12 12.15
CA GLN B 303 -8.54 -49.09 13.12
C GLN B 303 -9.60 -49.87 12.39
N ASN B 304 -10.35 -49.12 11.59
CA ASN B 304 -11.40 -49.64 10.72
C ASN B 304 -10.86 -50.44 9.55
N LEU B 305 -9.63 -50.14 9.12
CA LEU B 305 -8.96 -51.08 8.23
C LEU B 305 -8.56 -52.35 9.00
N GLU B 306 -7.88 -52.26 10.13
CA GLU B 306 -7.54 -53.49 10.86
C GLU B 306 -8.75 -54.18 11.48
N MET C 1 1.01 -16.78 65.44
CA MET C 1 -0.19 -15.94 65.13
C MET C 1 -0.83 -16.56 63.89
N ILE C 2 -1.98 -17.20 64.07
CA ILE C 2 -2.70 -17.85 62.99
C ILE C 2 -3.95 -17.06 62.70
N HIS C 3 -3.95 -16.35 61.58
CA HIS C 3 -4.97 -15.38 61.29
C HIS C 3 -6.28 -16.14 61.19
N LYS C 4 -7.31 -15.46 61.68
CA LYS C 4 -8.72 -15.84 61.60
C LYS C 4 -9.06 -16.36 60.19
N LEU C 5 -8.52 -15.72 59.15
CA LEU C 5 -8.94 -16.03 57.77
C LEU C 5 -8.18 -17.17 57.07
N ALA C 6 -7.23 -17.78 57.77
CA ALA C 6 -6.51 -18.95 57.28
C ALA C 6 -7.19 -20.22 57.77
N ASP C 7 -6.94 -21.35 57.13
CA ASP C 7 -7.52 -22.61 57.52
C ASP C 7 -6.34 -23.50 57.83
N VAL C 8 -5.85 -23.39 59.06
CA VAL C 8 -4.69 -24.16 59.49
C VAL C 8 -5.10 -25.36 60.35
N GLN C 9 -4.80 -26.56 59.88
CA GLN C 9 -5.06 -27.81 60.59
C GLN C 9 -3.83 -28.44 61.25
N SER C 10 -2.68 -27.76 61.24
CA SER C 10 -1.46 -28.32 61.80
C SER C 10 -1.18 -27.66 63.14
N GLN C 11 -0.87 -28.46 64.15
CA GLN C 11 -0.42 -27.88 65.40
C GLN C 11 1.11 -27.84 65.45
N ASN C 12 1.76 -28.45 64.45
CA ASN C 12 3.21 -28.55 64.48
C ASN C 12 3.83 -27.33 63.83
N ILE C 13 3.58 -26.19 64.45
CA ILE C 13 4.04 -24.93 63.93
C ILE C 13 4.80 -24.22 65.04
N GLY C 14 6.13 -24.14 64.90
CA GLY C 14 7.03 -23.43 65.84
C GLY C 14 6.64 -22.02 66.23
N ASP C 15 7.23 -21.51 67.30
CA ASP C 15 6.84 -20.23 67.91
C ASP C 15 7.18 -19.02 67.05
N ASN C 16 6.36 -18.00 67.17
CA ASN C 16 6.57 -16.76 66.43
C ASN C 16 6.43 -16.91 64.91
N THR C 17 6.00 -18.07 64.42
CA THR C 17 5.68 -18.18 62.99
C THR C 17 4.34 -17.46 62.74
N LYS C 18 4.23 -16.63 61.70
CA LYS C 18 2.97 -16.00 61.31
C LYS C 18 2.33 -16.67 60.06
N VAL C 19 1.03 -16.95 60.11
CA VAL C 19 0.34 -17.59 59.01
C VAL C 19 -0.81 -16.67 58.68
N TRP C 20 -0.78 -16.06 57.50
CA TRP C 20 -1.67 -14.96 57.24
C TRP C 20 -2.95 -15.43 56.51
N GLN C 21 -3.71 -14.47 56.01
CA GLN C 21 -5.00 -14.85 55.51
C GLN C 21 -5.08 -15.75 54.29
N PHE C 22 -6.06 -16.63 54.33
CA PHE C 22 -6.41 -17.37 53.12
C PHE C 22 -5.33 -18.38 52.81
N CYS C 23 -4.55 -18.76 53.81
CA CYS C 23 -3.72 -19.93 53.67
C CYS C 23 -4.42 -21.21 54.03
N VAL C 24 -4.00 -22.30 53.40
CA VAL C 24 -4.46 -23.64 53.75
C VAL C 24 -3.24 -24.44 54.19
N ILE C 25 -3.27 -25.01 55.39
CA ILE C 25 -2.16 -25.81 55.86
C ILE C 25 -2.66 -27.15 56.38
N LEU C 26 -2.37 -28.25 55.68
CA LEU C 26 -2.85 -29.56 56.10
C LEU C 26 -2.17 -30.06 57.37
N ALA C 27 -2.69 -31.14 57.98
CA ALA C 27 -2.31 -31.46 59.35
C ALA C 27 -0.95 -32.14 59.46
N GLY C 28 -0.57 -32.90 58.42
CA GLY C 28 0.76 -33.55 58.39
C GLY C 28 1.93 -32.58 58.42
N ALA C 29 1.66 -31.28 58.23
CA ALA C 29 2.70 -30.28 57.95
C ALA C 29 3.54 -30.07 59.20
N VAL C 30 4.86 -29.88 59.02
CA VAL C 30 5.71 -29.39 60.08
C VAL C 30 6.42 -28.13 59.62
N ILE C 31 6.33 -27.12 60.47
CA ILE C 31 6.83 -25.81 60.15
C ILE C 31 7.65 -25.33 61.36
N GLY C 32 8.92 -25.01 61.16
CA GLY C 32 9.79 -24.59 62.27
C GLY C 32 9.38 -23.23 62.78
N ARG C 33 10.25 -22.58 63.55
CA ARG C 33 9.87 -21.35 64.25
C ARG C 33 10.17 -20.12 63.44
N ASN C 34 9.51 -19.03 63.82
CA ASN C 34 9.89 -17.72 63.30
C ASN C 34 9.69 -17.48 61.79
N CYS C 35 8.87 -18.35 61.18
CA CYS C 35 8.62 -18.23 59.73
C CYS C 35 7.58 -17.13 59.47
N ASN C 36 7.46 -16.74 58.20
CA ASN C 36 6.37 -15.89 57.74
C ASN C 36 5.74 -16.53 56.51
N ILE C 37 4.49 -16.95 56.65
CA ILE C 37 3.80 -17.60 55.54
C ILE C 37 2.64 -16.71 55.16
N CYS C 38 2.85 -15.98 54.07
CA CYS C 38 2.01 -14.88 53.65
C CYS C 38 0.72 -15.34 52.99
N ALA C 39 -0.19 -14.38 52.82
CA ALA C 39 -1.51 -14.62 52.33
C ALA C 39 -1.58 -15.48 51.05
N ASN C 40 -2.64 -16.28 50.95
CA ASN C 40 -2.94 -17.12 49.79
C ASN C 40 -1.77 -18.00 49.47
N SER C 41 -1.23 -18.66 50.50
CA SER C 41 -0.38 -19.81 50.19
C SER C 41 -0.94 -21.13 50.73
N LEU C 42 -0.36 -22.24 50.30
CA LEU C 42 -0.91 -23.51 50.69
C LEU C 42 0.24 -24.46 51.02
N ILE C 43 0.09 -25.21 52.11
CA ILE C 43 1.04 -26.24 52.51
C ILE C 43 0.45 -27.67 52.68
N GLU C 44 0.92 -28.67 51.95
CA GLU C 44 0.34 -30.01 52.12
C GLU C 44 0.89 -30.82 53.32
N ASN C 45 0.58 -32.10 53.36
CA ASN C 45 0.91 -33.02 54.48
C ASN C 45 2.39 -33.44 54.66
N ASP C 46 3.04 -34.10 53.69
CA ASP C 46 4.48 -34.30 53.91
C ASP C 46 5.39 -33.23 53.39
N VAL C 47 5.60 -32.32 54.33
CA VAL C 47 6.23 -31.07 54.13
C VAL C 47 6.86 -30.81 55.48
N VAL C 48 8.15 -30.51 55.43
CA VAL C 48 8.91 -30.07 56.57
C VAL C 48 9.53 -28.76 56.13
N ILE C 49 9.24 -27.70 56.87
CA ILE C 49 9.82 -26.40 56.67
C ILE C 49 10.56 -25.98 57.96
N GLY C 50 11.86 -25.73 57.83
CA GLY C 50 12.73 -25.39 58.93
C GLY C 50 12.41 -24.03 59.50
N ASP C 51 13.40 -23.40 60.10
CA ASP C 51 13.22 -22.17 60.88
C ASP C 51 13.61 -20.98 60.04
N ASN C 52 13.15 -19.79 60.41
CA ASN C 52 13.31 -18.54 59.67
C ASN C 52 13.08 -18.56 58.17
N VAL C 53 12.22 -19.46 57.70
CA VAL C 53 11.72 -19.43 56.32
C VAL C 53 10.70 -18.32 55.97
N THR C 54 10.89 -17.60 54.87
CA THR C 54 9.82 -16.74 54.37
C THR C 54 9.16 -17.39 53.13
N ILE C 55 7.85 -17.58 53.19
CA ILE C 55 7.09 -18.01 52.03
C ILE C 55 6.12 -16.88 51.64
N LYS C 56 6.39 -16.20 50.52
CA LYS C 56 5.53 -15.11 50.06
C LYS C 56 4.23 -15.71 49.46
N SER C 57 3.29 -14.85 49.12
CA SER C 57 1.99 -15.21 48.61
C SER C 57 2.05 -15.99 47.30
N GLY C 58 1.04 -16.80 47.04
CA GLY C 58 0.76 -17.42 45.76
C GLY C 58 1.64 -18.62 45.53
N VAL C 59 2.08 -19.24 46.63
CA VAL C 59 3.03 -20.37 46.60
C VAL C 59 2.39 -21.67 47.14
N GLN C 60 2.58 -22.82 46.54
CA GLN C 60 2.09 -24.06 47.13
C GLN C 60 3.28 -24.97 47.45
N ILE C 61 3.43 -25.32 48.72
CA ILE C 61 4.43 -26.32 49.05
C ILE C 61 3.77 -27.69 49.10
N TRP C 62 3.85 -28.47 48.02
CA TRP C 62 3.23 -29.81 47.93
C TRP C 62 3.92 -30.88 48.76
N ASP C 63 3.24 -32.02 48.82
CA ASP C 63 3.83 -33.23 49.37
C ASP C 63 5.16 -33.57 48.71
N GLY C 64 6.16 -33.74 49.56
CA GLY C 64 7.49 -34.20 49.16
C GLY C 64 8.45 -33.05 49.01
N ILE C 65 8.08 -31.87 49.49
CA ILE C 65 8.94 -30.70 49.42
C ILE C 65 9.45 -30.39 50.83
N HIS C 66 10.77 -30.47 51.02
CA HIS C 66 11.38 -30.05 52.28
C HIS C 66 12.06 -28.71 52.05
N ILE C 67 11.84 -27.76 52.94
CA ILE C 67 12.56 -26.52 52.84
C ILE C 67 13.39 -26.40 54.12
N GLN C 68 14.69 -26.14 54.00
CA GLN C 68 15.54 -25.98 55.19
C GLN C 68 15.49 -24.59 55.72
N ASP C 69 16.34 -24.26 56.71
CA ASP C 69 16.32 -23.01 57.43
C ASP C 69 16.76 -21.84 56.56
N ASP C 70 16.27 -20.64 56.87
CA ASP C 70 16.65 -19.39 56.24
C ASP C 70 16.39 -19.27 54.73
N VAL C 71 15.62 -20.19 54.16
CA VAL C 71 15.16 -20.07 52.79
C VAL C 71 14.19 -18.89 52.60
N PHE C 72 14.41 -18.15 51.52
CA PHE C 72 13.41 -17.20 51.07
C PHE C 72 12.72 -17.63 49.74
N ILE C 73 11.39 -17.69 49.74
CA ILE C 73 10.68 -18.22 48.60
C ILE C 73 9.83 -17.06 48.15
N GLY C 74 10.09 -16.56 46.95
CA GLY C 74 9.48 -15.28 46.55
C GLY C 74 8.03 -15.50 46.19
N PRO C 75 7.35 -14.42 45.85
CA PRO C 75 5.98 -14.55 45.42
C PRO C 75 5.77 -15.44 44.19
N ASN C 76 4.69 -16.23 44.21
CA ASN C 76 4.19 -16.94 43.05
C ASN C 76 5.16 -17.97 42.52
N VAL C 77 6.18 -18.31 43.30
CA VAL C 77 7.02 -19.47 43.03
C VAL C 77 6.13 -20.72 42.96
N THR C 78 6.45 -21.67 42.09
CA THR C 78 5.60 -22.85 41.90
C THR C 78 6.45 -24.14 41.96
N PHE C 79 6.05 -25.11 42.78
CA PHE C 79 6.72 -26.39 42.97
C PHE C 79 5.88 -27.45 42.30
N THR C 80 6.43 -28.63 42.10
CA THR C 80 5.68 -29.71 41.48
C THR C 80 6.11 -31.05 42.08
N ASN C 81 5.39 -32.10 41.71
CA ASN C 81 5.49 -33.47 42.22
C ASN C 81 5.66 -34.50 41.12
N LEU C 95 7.97 -37.64 43.90
CA LEU C 95 9.41 -37.35 43.88
C LEU C 95 9.70 -36.21 44.86
N LYS C 96 10.94 -36.14 45.36
CA LYS C 96 11.22 -35.22 46.45
C LYS C 96 12.04 -33.98 46.09
N THR C 97 11.64 -32.79 46.58
CA THR C 97 12.39 -31.57 46.34
C THR C 97 12.92 -31.05 47.67
N ILE C 98 14.18 -30.62 47.65
CA ILE C 98 14.84 -30.05 48.84
C ILE C 98 15.43 -28.71 48.49
N VAL C 99 15.08 -27.70 49.28
CA VAL C 99 15.60 -26.38 49.07
C VAL C 99 16.49 -26.12 50.29
N LYS C 100 17.80 -26.02 50.04
CA LYS C 100 18.79 -26.04 51.10
C LYS C 100 19.04 -24.73 51.79
N LYS C 101 19.65 -24.85 52.97
CA LYS C 101 19.73 -23.73 53.89
C LYS C 101 20.14 -22.47 53.15
N GLY C 102 19.47 -21.35 53.43
CA GLY C 102 19.90 -20.04 52.88
C GLY C 102 19.59 -19.77 51.40
N ALA C 103 19.04 -20.74 50.65
CA ALA C 103 18.66 -20.53 49.23
C ALA C 103 17.57 -19.48 49.09
N SER C 104 17.53 -18.84 47.91
CA SER C 104 16.44 -17.90 47.73
C SER C 104 15.87 -18.07 46.33
N ILE C 105 14.55 -18.19 46.27
CA ILE C 105 13.86 -18.55 45.03
C ILE C 105 13.11 -17.33 44.52
N GLY C 106 13.51 -16.84 43.37
CA GLY C 106 12.94 -15.59 42.87
C GLY C 106 11.50 -15.78 42.41
N ALA C 107 10.79 -14.66 42.45
CA ALA C 107 9.40 -14.44 42.17
C ALA C 107 8.98 -15.17 40.88
N ASN C 108 7.95 -16.04 40.95
CA ASN C 108 7.33 -16.62 39.74
C ASN C 108 8.21 -17.60 38.98
N SER C 109 9.19 -18.14 39.69
CA SER C 109 10.00 -19.24 39.23
C SER C 109 9.21 -20.52 39.22
N THR C 110 9.69 -21.52 38.51
CA THR C 110 8.97 -22.76 38.46
C THR C 110 9.99 -23.85 38.74
N ILE C 111 9.75 -24.67 39.76
CA ILE C 111 10.71 -25.71 40.11
C ILE C 111 10.17 -27.09 39.69
N LEU C 112 10.86 -27.83 38.84
CA LEU C 112 10.37 -29.15 38.49
C LEU C 112 10.52 -30.17 39.62
N PRO C 113 10.04 -31.39 39.42
CA PRO C 113 9.96 -32.33 40.54
C PRO C 113 11.32 -32.94 40.87
N GLY C 114 11.57 -33.17 42.14
CA GLY C 114 12.72 -34.00 42.52
C GLY C 114 14.03 -33.27 42.34
N ILE C 115 14.04 -31.98 42.69
CA ILE C 115 15.13 -31.09 42.41
C ILE C 115 15.80 -30.72 43.72
N LEU C 116 17.11 -30.69 43.67
CA LEU C 116 17.88 -30.08 44.74
C LEU C 116 18.26 -28.64 44.43
N ILE C 117 18.00 -27.73 45.37
CA ILE C 117 18.44 -26.36 45.31
C ILE C 117 19.51 -26.07 46.39
N GLY C 118 20.74 -25.79 45.96
CA GLY C 118 21.87 -25.84 46.86
C GLY C 118 21.82 -24.74 47.88
N GLU C 119 22.66 -24.84 48.91
CA GLU C 119 22.69 -23.83 49.95
C GLU C 119 23.15 -22.54 49.34
N ASN C 120 22.56 -21.45 49.83
CA ASN C 120 22.75 -20.10 49.36
C ASN C 120 22.63 -19.85 47.86
N ALA C 121 22.01 -20.80 47.15
CA ALA C 121 21.73 -20.57 45.73
C ALA C 121 20.75 -19.43 45.56
N MET C 122 20.84 -18.76 44.43
CA MET C 122 19.92 -17.67 44.10
C MET C 122 19.22 -18.08 42.81
N VAL C 123 17.94 -18.44 42.89
CA VAL C 123 17.16 -18.72 41.70
C VAL C 123 16.48 -17.43 41.20
N GLY C 124 16.82 -17.04 39.98
CA GLY C 124 16.35 -15.75 39.47
C GLY C 124 14.87 -15.75 39.24
N ALA C 125 14.25 -14.59 39.30
CA ALA C 125 12.82 -14.43 39.09
C ALA C 125 12.46 -14.98 37.72
N GLY C 126 11.43 -15.81 37.69
CA GLY C 126 10.84 -16.29 36.43
C GLY C 126 11.57 -17.49 35.91
N ALA C 127 12.64 -17.92 36.59
CA ALA C 127 13.44 -19.01 36.08
C ALA C 127 12.64 -20.31 36.02
N VAL C 128 12.96 -21.17 35.07
CA VAL C 128 12.33 -22.47 35.10
C VAL C 128 13.44 -23.46 35.41
N ILE C 129 13.43 -24.00 36.62
CA ILE C 129 14.50 -24.87 37.10
C ILE C 129 14.24 -26.37 36.90
N THR C 130 15.00 -26.97 35.98
CA THR C 130 14.77 -28.32 35.46
C THR C 130 15.91 -29.27 35.88
N LYS C 131 16.89 -28.85 36.67
CA LYS C 131 18.14 -29.57 36.96
C LYS C 131 18.53 -29.08 38.37
N ASN C 132 19.29 -29.91 39.12
CA ASN C 132 19.76 -29.51 40.44
C ASN C 132 20.53 -28.22 40.33
N VAL C 133 20.37 -27.32 41.30
CA VAL C 133 21.11 -26.08 41.38
C VAL C 133 22.27 -26.20 42.39
N PRO C 134 23.53 -26.03 41.97
CA PRO C 134 24.60 -26.20 42.99
C PRO C 134 24.58 -25.10 44.05
N ASP C 135 25.27 -25.33 45.18
CA ASP C 135 25.38 -24.36 46.29
C ASP C 135 25.98 -23.09 45.69
N ASN C 136 25.51 -21.94 46.14
CA ASN C 136 26.00 -20.65 45.70
C ASN C 136 25.71 -20.19 44.26
N ALA C 137 25.12 -21.08 43.46
CA ALA C 137 24.88 -20.71 42.08
C ALA C 137 23.75 -19.64 41.90
N ILE C 138 23.92 -18.80 40.90
CA ILE C 138 22.86 -17.93 40.41
C ILE C 138 22.32 -18.55 39.11
N VAL C 139 21.00 -18.82 39.05
CA VAL C 139 20.39 -19.53 37.95
C VAL C 139 19.21 -18.73 37.39
N ILE C 140 19.23 -18.47 36.09
CA ILE C 140 18.14 -17.71 35.47
C ILE C 140 17.78 -18.26 34.12
N GLY C 141 16.62 -17.83 33.60
CA GLY C 141 16.20 -18.19 32.27
C GLY C 141 15.23 -19.37 32.20
N ASN C 142 14.83 -19.68 30.97
CA ASN C 142 14.01 -20.83 30.63
C ASN C 142 14.65 -21.52 29.40
N PRO C 143 15.32 -22.67 29.62
CA PRO C 143 15.54 -23.33 30.89
C PRO C 143 16.56 -22.62 31.78
N GLY C 144 16.52 -22.89 33.07
CA GLY C 144 17.39 -22.17 34.00
C GLY C 144 18.82 -22.59 33.70
N ARG C 145 19.74 -21.61 33.67
CA ARG C 145 21.16 -21.90 33.44
C ARG C 145 21.92 -21.17 34.53
N ILE C 146 23.09 -21.70 34.85
CA ILE C 146 23.98 -21.06 35.81
C ILE C 146 24.69 -20.02 34.98
N THR C 147 24.63 -18.78 35.45
CA THR C 147 25.26 -17.64 34.81
C THR C 147 26.28 -16.96 35.72
N GLY C 148 26.33 -17.35 36.98
CA GLY C 148 27.25 -16.79 37.98
C GLY C 148 27.15 -17.51 39.34
N TYR C 149 28.00 -17.09 40.27
CA TYR C 149 27.93 -17.61 41.61
C TYR C 149 27.84 -16.49 42.59
N VAL C 150 27.13 -16.75 43.68
CA VAL C 150 26.99 -15.75 44.75
C VAL C 150 28.35 -15.26 45.24
N GLU C 151 28.47 -13.93 45.31
CA GLU C 151 29.66 -13.21 45.75
C GLU C 151 30.94 -13.40 44.96
N ALA C 152 30.86 -13.98 43.76
CA ALA C 152 32.00 -14.02 42.82
C ALA C 152 32.20 -12.66 42.13
N PHE C 163 44.45 -10.20 34.13
CA PHE C 163 45.57 -11.08 33.83
C PHE C 163 46.76 -10.35 33.22
N GLU C 164 47.13 -9.20 33.78
CA GLU C 164 48.15 -8.33 33.17
C GLU C 164 49.59 -8.59 33.61
N LEU C 165 49.79 -8.93 34.88
CA LEU C 165 51.15 -9.12 35.37
C LEU C 165 51.61 -10.53 34.99
N LYS C 166 52.90 -10.83 35.12
CA LYS C 166 53.35 -12.22 34.97
C LYS C 166 52.60 -13.13 35.94
N LEU C 167 52.32 -12.60 37.12
CA LEU C 167 51.79 -13.37 38.24
C LEU C 167 50.98 -12.49 39.16
N GLN C 168 49.74 -12.91 39.41
CA GLN C 168 48.82 -12.19 40.29
C GLN C 168 48.29 -13.22 41.29
N MET C 169 48.17 -12.79 42.54
CA MET C 169 47.58 -13.64 43.57
C MET C 169 46.07 -13.37 43.69
N SER C 170 45.29 -14.44 43.76
CA SER C 170 43.85 -14.35 43.95
C SER C 170 43.50 -14.06 45.41
N LYS C 171 42.28 -13.53 45.63
CA LYS C 171 41.62 -13.54 46.96
C LYS C 171 41.41 -14.97 47.46
N VAL C 172 41.22 -15.87 46.49
CA VAL C 172 40.94 -17.27 46.73
C VAL C 172 42.29 -17.89 47.12
N LYS C 173 42.38 -18.35 48.37
CA LYS C 173 43.62 -18.83 48.96
C LYS C 173 44.45 -19.72 48.05
N GLY C 174 45.65 -19.24 47.76
CA GLY C 174 46.66 -20.01 47.00
C GLY C 174 46.46 -20.04 45.49
N VAL C 175 45.40 -19.42 44.98
CA VAL C 175 45.13 -19.42 43.54
C VAL C 175 46.01 -18.38 42.86
N SER C 176 46.65 -18.76 41.75
CA SER C 176 47.41 -17.79 40.96
C SER C 176 46.99 -17.64 39.50
N LEU C 177 47.08 -16.40 39.03
CA LEU C 177 46.85 -16.01 37.64
C LEU C 177 48.19 -15.66 37.02
N HIS C 178 48.37 -16.15 35.79
CA HIS C 178 49.66 -16.17 35.11
C HIS C 178 49.54 -15.59 33.70
N LYS C 179 50.48 -14.73 33.34
CA LYS C 179 50.62 -14.30 31.93
C LYS C 179 51.94 -14.84 31.39
N PHE C 180 51.83 -15.64 30.35
CA PHE C 180 52.99 -16.30 29.80
C PHE C 180 53.64 -15.42 28.73
N HIS C 181 54.95 -15.60 28.57
CA HIS C 181 55.71 -15.09 27.45
C HIS C 181 55.04 -15.32 26.11
N LEU C 182 54.83 -14.24 25.37
CA LEU C 182 54.15 -14.35 24.10
C LEU C 182 54.99 -13.70 23.01
N VAL C 183 55.18 -14.38 21.88
CA VAL C 183 55.93 -13.78 20.78
C VAL C 183 54.99 -13.77 19.62
N ASN C 184 54.72 -12.56 19.15
CA ASN C 184 54.00 -12.40 17.91
C ASN C 184 54.92 -11.87 16.80
N ASP C 185 54.87 -12.52 15.64
CA ASP C 185 55.66 -12.10 14.49
C ASP C 185 55.16 -12.65 13.17
N LEU C 186 55.99 -12.41 12.16
CA LEU C 186 55.81 -12.72 10.76
C LEU C 186 55.41 -14.18 10.49
N ARG C 187 56.13 -15.09 11.13
CA ARG C 187 56.04 -16.52 10.82
CA ARG C 187 56.06 -16.52 10.84
C ARG C 187 54.95 -17.26 11.60
N GLY C 188 54.39 -16.59 12.62
CA GLY C 188 53.26 -17.10 13.39
C GLY C 188 53.33 -16.63 14.83
N ASN C 189 52.73 -17.38 15.75
CA ASN C 189 52.81 -17.00 17.17
C ASN C 189 53.34 -18.07 18.11
N LEU C 190 54.02 -17.63 19.16
CA LEU C 190 54.55 -18.56 20.15
C LEU C 190 54.36 -18.07 21.59
N SER C 191 53.76 -18.93 22.41
CA SER C 191 53.64 -18.73 23.82
C SER C 191 54.36 -19.86 24.57
N VAL C 192 54.97 -19.56 25.70
CA VAL C 192 55.86 -20.55 26.35
C VAL C 192 55.65 -20.61 27.86
N GLY C 193 55.59 -21.83 28.40
CA GLY C 193 55.61 -21.96 29.84
C GLY C 193 56.62 -22.98 30.34
N GLU C 194 57.19 -22.70 31.51
CA GLU C 194 58.11 -23.60 32.19
C GLU C 194 57.64 -24.05 33.57
N PHE C 195 57.72 -25.35 33.80
CA PHE C 195 57.30 -25.95 35.06
C PHE C 195 58.36 -25.68 36.12
N GLU C 196 57.89 -25.55 37.36
CA GLU C 196 58.64 -24.93 38.46
C GLU C 196 59.30 -23.57 38.19
N LYS C 197 58.73 -22.73 37.34
CA LYS C 197 59.13 -21.33 37.27
C LYS C 197 57.87 -20.50 37.08
N ASP C 198 57.12 -20.81 36.02
CA ASP C 198 55.87 -20.10 35.79
C ASP C 198 54.73 -20.81 36.51
N ILE C 199 54.68 -22.12 36.28
CA ILE C 199 53.70 -23.01 36.83
C ILE C 199 54.35 -23.69 38.03
N PRO C 200 53.73 -23.58 39.21
CA PRO C 200 54.48 -24.03 40.38
C PRO C 200 54.54 -25.54 40.64
N PHE C 201 54.61 -26.40 39.63
CA PHE C 201 54.79 -27.84 39.90
C PHE C 201 55.25 -28.61 38.67
N THR C 202 55.61 -29.87 38.83
CA THR C 202 55.97 -30.59 37.65
C THR C 202 54.84 -31.57 37.43
N PRO C 203 54.30 -31.63 36.19
CA PRO C 203 53.15 -32.53 36.00
C PRO C 203 53.48 -34.00 35.79
N LYS C 204 52.54 -34.87 36.16
CA LYS C 204 52.56 -36.26 35.71
C LYS C 204 51.51 -36.61 34.68
N ARG C 205 50.64 -35.65 34.37
CA ARG C 205 49.48 -35.88 33.52
C ARG C 205 49.08 -34.52 32.94
N TYR C 206 48.66 -34.57 31.68
CA TYR C 206 47.88 -33.47 31.09
C TYR C 206 46.54 -34.09 30.69
N PHE C 207 45.50 -33.27 30.62
CA PHE C 207 44.26 -33.69 29.92
C PHE C 207 43.71 -32.51 29.13
N THR C 208 42.91 -32.80 28.11
CA THR C 208 42.22 -31.75 27.36
C THR C 208 40.73 -32.06 27.21
N VAL C 209 39.95 -30.99 27.35
CA VAL C 209 38.51 -30.98 27.32
C VAL C 209 38.12 -30.03 26.20
N PHE C 210 37.23 -30.50 25.32
CA PHE C 210 36.83 -29.76 24.10
C PHE C 210 35.42 -30.20 23.69
N GLY C 211 34.86 -29.55 22.66
CA GLY C 211 33.49 -29.85 22.17
C GLY C 211 32.43 -29.94 23.27
N VAL C 212 32.53 -29.01 24.22
CA VAL C 212 31.61 -28.86 25.34
C VAL C 212 30.51 -27.89 24.90
N PRO C 213 29.24 -28.35 24.89
CA PRO C 213 28.05 -27.50 24.66
C PRO C 213 28.06 -26.28 25.59
N ASN C 214 27.66 -25.11 25.12
CA ASN C 214 27.70 -23.89 25.93
C ASN C 214 26.89 -23.93 27.25
N LYS C 215 25.99 -24.91 27.34
CA LYS C 215 25.16 -25.02 28.51
C LYS C 215 25.76 -25.87 29.64
N GLU C 216 26.77 -26.69 29.33
CA GLU C 216 27.33 -27.64 30.31
C GLU C 216 28.10 -26.96 31.41
N VAL C 217 27.99 -27.57 32.59
CA VAL C 217 28.84 -27.16 33.72
C VAL C 217 29.84 -28.27 34.02
N ARG C 218 31.14 -28.00 33.95
CA ARG C 218 32.13 -29.08 34.19
C ARG C 218 32.85 -28.92 35.53
N GLY C 219 33.47 -29.98 36.03
CA GLY C 219 34.25 -29.88 37.28
C GLY C 219 33.29 -30.13 38.43
N GLU C 220 33.07 -29.09 39.22
CA GLU C 220 32.24 -29.16 40.41
C GLU C 220 32.85 -30.18 41.39
N HIS C 221 34.11 -29.95 41.74
CA HIS C 221 34.88 -30.80 42.65
C HIS C 221 36.15 -30.08 43.08
N ALA C 222 36.75 -30.63 44.12
CA ALA C 222 38.05 -30.28 44.61
C ALA C 222 38.83 -31.58 44.71
N HIS C 223 40.15 -31.45 44.74
CA HIS C 223 41.05 -32.58 44.87
C HIS C 223 41.72 -32.51 46.24
N LYS C 224 41.85 -33.67 46.88
CA LYS C 224 42.57 -33.72 48.15
C LYS C 224 44.03 -33.43 47.94
N GLU C 225 44.63 -34.03 46.90
CA GLU C 225 46.09 -33.89 46.71
C GLU C 225 46.51 -33.23 45.40
N CYS C 226 45.85 -33.62 44.30
CA CYS C 226 46.25 -33.20 42.96
C CYS C 226 46.19 -31.69 42.77
N LYS C 227 47.33 -31.14 42.36
CA LYS C 227 47.49 -29.78 41.82
C LYS C 227 47.05 -29.72 40.34
N GLN C 228 46.52 -28.58 39.91
CA GLN C 228 46.03 -28.42 38.56
C GLN C 228 46.40 -27.07 38.01
N PHE C 229 46.67 -27.03 36.71
CA PHE C 229 46.94 -25.76 36.05
C PHE C 229 46.18 -25.73 34.74
N LEU C 230 45.43 -24.65 34.54
CA LEU C 230 44.49 -24.50 33.43
C LEU C 230 44.81 -23.36 32.49
N ILE C 231 44.80 -23.70 31.20
CA ILE C 231 45.04 -22.79 30.10
C ILE C 231 44.02 -23.14 29.03
N CYS C 232 43.17 -22.17 28.70
CA CYS C 232 42.33 -22.37 27.55
C CYS C 232 43.09 -22.03 26.25
N VAL C 233 43.14 -23.03 25.37
CA VAL C 233 44.14 -23.07 24.34
C VAL C 233 43.55 -22.65 23.01
N SER C 234 42.26 -22.86 22.79
CA SER C 234 41.52 -21.92 21.95
C SER C 234 40.16 -21.63 22.54
N GLY C 235 39.57 -20.53 22.09
CA GLY C 235 38.18 -20.30 22.28
C GLY C 235 38.15 -19.71 23.65
N ASN C 236 37.12 -20.02 24.42
CA ASN C 236 37.10 -19.46 25.78
C ASN C 236 36.24 -20.33 26.66
N CYS C 237 36.54 -20.24 27.95
CA CYS C 237 35.67 -20.76 28.99
C CYS C 237 35.85 -19.90 30.22
N SER C 238 34.96 -20.09 31.19
CA SER C 238 35.04 -19.39 32.46
C SER C 238 35.39 -20.41 33.57
N VAL C 239 36.08 -19.92 34.59
CA VAL C 239 36.59 -20.82 35.62
C VAL C 239 36.29 -20.16 36.94
N LEU C 240 35.53 -20.90 37.77
CA LEU C 240 35.25 -20.49 39.13
C LEU C 240 36.22 -21.26 40.03
N VAL C 241 36.85 -20.48 40.90
CA VAL C 241 37.65 -20.97 42.02
C VAL C 241 37.03 -20.49 43.34
N ASP C 242 37.03 -21.41 44.29
CA ASP C 242 36.34 -21.31 45.55
C ASP C 242 37.19 -22.12 46.54
N ASP C 243 37.64 -21.42 47.58
CA ASP C 243 38.40 -22.00 48.70
C ASP C 243 37.55 -22.31 49.94
N GLY C 244 36.24 -22.18 49.83
CA GLY C 244 35.35 -22.48 50.95
C GLY C 244 34.79 -21.24 51.61
N GLU C 245 35.52 -20.15 51.58
CA GLU C 245 34.99 -18.89 52.09
C GLU C 245 34.91 -17.96 50.88
N ASN C 246 35.94 -17.94 50.04
CA ASN C 246 35.99 -16.92 49.00
C ASN C 246 35.90 -17.57 47.65
N ARG C 247 35.28 -16.89 46.71
CA ARG C 247 35.23 -17.44 45.37
C ARG C 247 35.30 -16.36 44.31
N GLU C 248 35.79 -16.69 43.11
CA GLU C 248 35.90 -15.68 42.06
C GLU C 248 35.86 -16.33 40.70
N GLU C 249 35.32 -15.64 39.70
CA GLU C 249 35.25 -16.27 38.38
C GLU C 249 36.25 -15.58 37.49
N TYR C 250 36.94 -16.33 36.65
CA TYR C 250 37.83 -15.68 35.69
C TYR C 250 37.51 -16.18 34.29
N VAL C 251 37.79 -15.33 33.31
CA VAL C 251 37.59 -15.71 31.91
C VAL C 251 38.94 -16.13 31.32
N LEU C 252 39.02 -17.35 30.81
CA LEU C 252 40.23 -17.77 30.10
C LEU C 252 40.02 -17.67 28.57
N ASP C 253 40.52 -16.60 27.96
CA ASP C 253 40.27 -16.40 26.52
C ASP C 253 41.51 -16.21 25.63
N SER C 254 42.74 -16.50 26.10
CA SER C 254 43.91 -16.66 25.22
C SER C 254 44.92 -17.63 25.77
N ILE C 255 45.70 -18.24 24.88
CA ILE C 255 46.66 -19.26 25.29
C ILE C 255 47.73 -18.70 26.22
N ASP C 256 47.81 -17.38 26.42
CA ASP C 256 48.90 -16.94 27.28
C ASP C 256 48.36 -16.68 28.67
N LYS C 257 47.13 -17.08 28.96
CA LYS C 257 46.61 -16.90 30.31
C LYS C 257 46.42 -18.25 31.01
N GLY C 258 46.80 -18.27 32.27
CA GLY C 258 46.83 -19.53 32.97
C GLY C 258 46.34 -19.36 34.39
N ILE C 259 45.81 -20.43 34.96
CA ILE C 259 45.39 -20.33 36.34
C ILE C 259 45.77 -21.58 37.10
N TYR C 260 46.31 -21.34 38.29
CA TYR C 260 46.82 -22.42 39.07
C TYR C 260 45.76 -22.73 40.12
N LEU C 261 45.43 -24.00 40.30
CA LEU C 261 44.57 -24.41 41.42
C LEU C 261 45.32 -25.29 42.42
N PRO C 262 45.63 -24.76 43.63
CA PRO C 262 46.26 -25.67 44.61
C PRO C 262 45.31 -26.78 45.01
N PRO C 263 45.85 -27.82 45.64
CA PRO C 263 44.92 -28.82 46.10
C PRO C 263 43.93 -28.16 47.06
N MET C 264 42.84 -28.89 47.25
CA MET C 264 41.72 -28.37 48.02
C MET C 264 41.13 -27.03 47.49
N THR C 265 41.11 -26.82 46.16
CA THR C 265 40.38 -25.70 45.54
C THR C 265 39.18 -26.27 44.81
N TRP C 266 37.98 -25.84 45.18
CA TRP C 266 36.78 -26.21 44.44
C TRP C 266 36.81 -25.42 43.13
N GLY C 267 36.71 -26.15 42.03
CA GLY C 267 36.75 -25.63 40.65
C GLY C 267 35.55 -25.97 39.77
N VAL C 268 35.11 -24.96 39.01
CA VAL C 268 34.10 -25.12 37.97
C VAL C 268 34.61 -24.47 36.68
N GLN C 269 34.45 -25.20 35.59
CA GLN C 269 34.71 -24.70 34.26
C GLN C 269 33.35 -24.68 33.49
N TYR C 270 32.88 -23.50 33.09
CA TYR C 270 31.65 -23.40 32.30
C TYR C 270 31.69 -22.27 31.26
N LYS C 271 30.54 -22.04 30.61
CA LYS C 271 30.44 -21.07 29.51
C LYS C 271 31.56 -21.33 28.48
N TYR C 272 31.72 -22.59 28.10
CA TYR C 272 32.69 -22.92 27.09
C TYR C 272 32.20 -22.35 25.75
N SER C 273 33.10 -21.84 24.88
CA SER C 273 32.71 -21.48 23.49
C SER C 273 32.73 -22.74 22.62
N LYS C 274 32.11 -22.72 21.42
CA LYS C 274 32.06 -23.94 20.59
C LYS C 274 33.49 -24.37 20.28
N ASP C 275 34.38 -23.39 20.16
CA ASP C 275 35.74 -23.70 19.79
C ASP C 275 36.69 -24.08 20.96
N ALA C 276 36.19 -24.09 22.20
CA ALA C 276 37.11 -23.93 23.30
C ALA C 276 37.80 -25.28 23.58
N VAL C 277 39.11 -25.21 23.82
CA VAL C 277 39.91 -26.37 24.23
C VAL C 277 40.57 -25.95 25.54
N LEU C 278 40.17 -26.59 26.65
CA LEU C 278 40.90 -26.37 27.91
C LEU C 278 41.95 -27.49 28.00
N LEU C 279 43.17 -27.05 28.30
CA LEU C 279 44.35 -27.85 28.61
C LEU C 279 44.59 -27.79 30.13
N VAL C 280 44.71 -28.98 30.70
CA VAL C 280 44.97 -29.08 32.12
C VAL C 280 46.27 -29.87 32.40
N PHE C 281 47.15 -29.29 33.19
CA PHE C 281 48.27 -30.05 33.73
C PHE C 281 47.98 -30.44 35.18
N ALA C 282 48.27 -31.71 35.49
CA ALA C 282 48.03 -32.24 36.84
C ALA C 282 49.29 -32.83 37.48
N SER C 283 49.45 -32.64 38.78
CA SER C 283 50.62 -33.13 39.54
C SER C 283 50.55 -34.63 39.75
N HIS C 284 49.36 -35.24 39.80
CA HIS C 284 49.27 -36.68 40.05
C HIS C 284 48.68 -37.49 38.90
N TYR C 285 48.91 -38.78 38.89
CA TYR C 285 48.14 -39.65 37.98
C TYR C 285 46.66 -39.68 38.35
N TYR C 286 45.86 -40.12 37.39
CA TYR C 286 44.43 -40.09 37.56
C TYR C 286 43.95 -41.01 38.69
N ASP C 287 43.38 -40.41 39.74
CA ASP C 287 42.89 -41.13 40.89
C ASP C 287 41.44 -40.76 41.27
N SER C 288 40.48 -41.59 40.87
CA SER C 288 39.08 -41.33 41.21
C SER C 288 38.80 -41.06 42.69
N ASP C 289 39.62 -41.63 43.57
CA ASP C 289 39.45 -41.44 45.01
C ASP C 289 39.99 -40.11 45.53
N ASP C 290 40.57 -39.30 44.65
CA ASP C 290 41.12 -38.01 45.10
C ASP C 290 40.07 -36.89 44.91
N TYR C 291 38.85 -37.26 44.52
CA TYR C 291 37.81 -36.24 44.28
C TYR C 291 36.97 -35.97 45.53
N ILE C 292 36.56 -34.72 45.75
CA ILE C 292 35.52 -34.36 46.72
C ILE C 292 34.35 -33.72 45.97
N ARG C 293 33.21 -34.38 45.90
CA ARG C 293 32.16 -33.89 45.05
C ARG C 293 31.03 -33.17 45.74
N ASP C 294 31.06 -33.16 47.07
CA ASP C 294 29.97 -32.53 47.79
C ASP C 294 30.56 -31.26 48.36
N TYR C 295 29.92 -30.15 48.01
CA TYR C 295 30.49 -28.85 48.35
C TYR C 295 30.48 -28.69 49.86
N SER C 296 29.42 -29.12 50.54
CA SER C 296 29.39 -28.95 52.00
C SER C 296 30.45 -29.77 52.74
N THR C 297 30.71 -30.99 52.29
CA THR C 297 31.84 -31.82 52.74
C THR C 297 33.14 -31.04 52.55
N PHE C 298 33.27 -30.51 51.34
CA PHE C 298 34.48 -29.76 50.98
C PHE C 298 34.62 -28.55 51.89
N LYS C 299 33.52 -27.86 52.14
CA LYS C 299 33.64 -26.65 52.93
C LYS C 299 34.06 -26.97 54.37
N GLN C 300 33.45 -28.01 54.93
CA GLN C 300 33.84 -28.46 56.28
C GLN C 300 35.29 -28.95 56.39
N MET C 301 35.73 -29.80 55.45
CA MET C 301 37.11 -30.29 55.45
C MET C 301 38.07 -29.13 55.45
N ARG C 302 37.70 -28.07 54.74
CA ARG C 302 38.50 -26.87 54.62
C ARG C 302 38.53 -26.01 55.87
N GLN C 303 37.40 -25.85 56.55
CA GLN C 303 37.37 -25.16 57.84
C GLN C 303 38.27 -25.87 58.85
N ASN C 304 38.24 -27.21 58.80
CA ASN C 304 39.12 -28.13 59.51
C ASN C 304 40.60 -27.84 59.43
N LEU C 305 41.14 -27.81 58.22
CA LEU C 305 42.55 -27.55 58.02
C LEU C 305 42.94 -26.14 58.45
N GLU C 306 42.01 -25.20 58.39
CA GLU C 306 42.30 -23.87 58.88
C GLU C 306 42.48 -23.88 60.39
N HIS C 307 41.98 -24.94 61.02
CA HIS C 307 41.97 -25.08 62.48
C HIS C 307 43.33 -25.34 63.13
N HIS C 308 44.32 -25.76 62.35
CA HIS C 308 45.75 -25.64 62.67
C HIS C 308 46.44 -24.42 62.03
N MET D 1 63.54 -27.62 -46.71
CA MET D 1 64.45 -26.44 -46.66
C MET D 1 65.14 -26.48 -45.30
N ILE D 2 66.39 -26.90 -45.31
CA ILE D 2 67.22 -27.01 -44.13
C ILE D 2 68.27 -25.89 -44.11
N HIS D 3 68.02 -24.85 -43.31
CA HIS D 3 68.91 -23.69 -43.24
C HIS D 3 70.39 -24.03 -43.07
N LYS D 4 71.21 -23.34 -43.87
CA LYS D 4 72.65 -23.36 -43.67
C LYS D 4 73.00 -23.28 -42.19
N LEU D 5 72.25 -22.47 -41.43
CA LEU D 5 72.63 -22.37 -40.02
C LEU D 5 71.98 -23.41 -39.08
N ALA D 6 71.17 -24.34 -39.59
CA ALA D 6 70.67 -25.45 -38.76
C ALA D 6 71.69 -26.57 -38.74
N ASP D 7 71.69 -27.40 -37.70
CA ASP D 7 72.48 -28.61 -37.66
C ASP D 7 71.50 -29.77 -37.60
N VAL D 8 71.19 -30.24 -38.79
CA VAL D 8 70.21 -31.28 -38.92
C VAL D 8 70.98 -32.52 -39.28
N GLN D 9 70.99 -33.52 -38.39
CA GLN D 9 71.60 -34.82 -38.72
C GLN D 9 70.62 -35.90 -39.21
N SER D 10 69.31 -35.68 -39.13
CA SER D 10 68.36 -36.73 -39.51
C SER D 10 67.94 -36.65 -40.97
N GLN D 11 67.85 -37.84 -41.58
CA GLN D 11 67.44 -38.04 -42.96
C GLN D 11 65.93 -37.93 -43.14
N ASN D 12 65.22 -38.44 -42.12
CA ASN D 12 63.79 -38.69 -42.15
C ASN D 12 62.91 -37.47 -41.90
N ILE D 13 63.07 -36.47 -42.73
CA ILE D 13 62.20 -35.31 -42.67
C ILE D 13 61.40 -35.18 -43.96
N GLY D 14 60.08 -35.05 -43.85
CA GLY D 14 59.21 -35.11 -45.02
C GLY D 14 59.15 -33.80 -45.77
N ASP D 15 58.38 -33.83 -46.85
CA ASP D 15 58.35 -32.77 -47.86
C ASP D 15 57.84 -31.43 -47.38
N ASN D 16 58.50 -30.34 -47.76
CA ASN D 16 58.09 -28.96 -47.48
C ASN D 16 58.14 -28.58 -45.98
N THR D 17 58.88 -29.38 -45.22
CA THR D 17 59.18 -29.05 -43.84
C THR D 17 60.40 -28.13 -43.84
N LYS D 18 60.26 -26.94 -43.29
CA LYS D 18 61.32 -25.97 -43.09
C LYS D 18 61.92 -26.09 -41.70
N VAL D 19 63.25 -26.04 -41.67
CA VAL D 19 64.00 -26.06 -40.45
C VAL D 19 64.86 -24.82 -40.53
N TRP D 20 64.86 -24.06 -39.46
CA TRP D 20 65.38 -22.72 -39.53
C TRP D 20 66.63 -22.67 -38.69
N GLN D 21 67.11 -21.46 -38.53
CA GLN D 21 68.50 -21.32 -38.15
C GLN D 21 68.74 -21.72 -36.70
N PHE D 22 69.87 -22.35 -36.46
CA PHE D 22 70.25 -22.77 -35.11
C PHE D 22 69.30 -23.81 -34.54
N CYS D 23 68.69 -24.64 -35.38
CA CYS D 23 68.02 -25.79 -34.81
C CYS D 23 69.02 -26.92 -34.77
N VAL D 24 68.86 -27.81 -33.80
CA VAL D 24 69.64 -29.03 -33.70
C VAL D 24 68.60 -30.14 -33.82
N ILE D 25 68.79 -31.06 -34.75
CA ILE D 25 67.91 -32.21 -34.88
C ILE D 25 68.77 -33.47 -34.96
N LEU D 26 68.74 -34.30 -33.93
CA LEU D 26 69.52 -35.54 -33.92
C LEU D 26 69.05 -36.60 -34.92
N ALA D 27 69.95 -37.55 -35.19
CA ALA D 27 69.77 -38.59 -36.22
C ALA D 27 68.47 -39.40 -36.18
N GLY D 28 68.03 -39.84 -35.01
CA GLY D 28 66.87 -40.75 -34.94
C GLY D 28 65.54 -40.11 -35.35
N ALA D 29 65.41 -38.82 -35.07
CA ALA D 29 64.14 -38.12 -35.14
C ALA D 29 63.46 -38.34 -36.46
N VAL D 30 62.17 -38.69 -36.45
CA VAL D 30 61.41 -38.76 -37.68
C VAL D 30 60.40 -37.60 -37.71
N ILE D 31 60.22 -36.94 -38.84
CA ILE D 31 59.43 -35.70 -38.91
C ILE D 31 58.63 -35.74 -40.21
N GLY D 32 57.34 -35.42 -40.13
CA GLY D 32 56.46 -35.58 -41.29
C GLY D 32 56.62 -34.41 -42.21
N ARG D 33 55.57 -34.09 -42.97
CA ARG D 33 55.61 -33.12 -44.06
C ARG D 33 54.97 -31.80 -43.66
N ASN D 34 55.41 -30.72 -44.29
CA ASN D 34 54.79 -29.40 -44.08
C ASN D 34 54.99 -28.82 -42.67
N CYS D 35 55.89 -29.38 -41.87
CA CYS D 35 56.18 -28.79 -40.56
C CYS D 35 57.03 -27.54 -40.68
N ASN D 36 56.82 -26.60 -39.76
CA ASN D 36 57.63 -25.39 -39.58
C ASN D 36 58.32 -25.48 -38.24
N ILE D 37 59.64 -25.60 -38.28
CA ILE D 37 60.49 -25.76 -37.14
C ILE D 37 61.33 -24.51 -36.99
N CYS D 38 60.82 -23.59 -36.18
CA CYS D 38 61.47 -22.34 -35.94
C CYS D 38 62.82 -22.32 -35.22
N ALA D 39 63.46 -21.17 -35.37
CA ALA D 39 64.79 -20.91 -34.85
C ALA D 39 65.00 -21.20 -33.35
N ASN D 40 66.22 -21.61 -32.97
CA ASN D 40 66.63 -21.94 -31.62
C ASN D 40 65.71 -23.02 -31.01
N SER D 41 65.50 -24.10 -31.76
CA SER D 41 64.87 -25.26 -31.13
C SER D 41 65.62 -26.59 -31.32
N LEU D 42 65.31 -27.60 -30.51
CA LEU D 42 66.04 -28.86 -30.49
C LEU D 42 65.07 -30.03 -30.63
N ILE D 43 65.48 -31.07 -31.34
CA ILE D 43 64.73 -32.31 -31.42
C ILE D 43 65.68 -33.50 -31.20
N GLU D 44 65.47 -34.33 -30.19
CA GLU D 44 66.32 -35.47 -29.92
C GLU D 44 66.05 -36.67 -30.83
N ASN D 45 66.60 -37.83 -30.48
CA ASN D 45 66.45 -39.04 -31.32
C ASN D 45 65.12 -39.81 -31.37
N ASP D 46 64.54 -40.28 -30.27
CA ASP D 46 63.22 -40.90 -30.48
C ASP D 46 62.08 -39.93 -30.25
N VAL D 47 61.71 -39.38 -31.39
CA VAL D 47 60.77 -38.30 -31.46
C VAL D 47 60.20 -38.63 -32.80
N VAL D 48 58.88 -38.53 -32.89
CA VAL D 48 58.21 -38.69 -34.16
C VAL D 48 57.24 -37.52 -34.08
N ILE D 49 56.98 -36.89 -35.22
CA ILE D 49 56.28 -35.63 -35.32
C ILE D 49 55.50 -35.83 -36.61
N GLY D 50 54.21 -35.49 -36.63
CA GLY D 50 53.37 -35.78 -37.78
C GLY D 50 53.47 -34.74 -38.87
N ASP D 51 52.34 -34.42 -39.51
CA ASP D 51 52.31 -33.45 -40.59
C ASP D 51 51.69 -32.15 -40.12
N ASN D 52 52.18 -31.05 -40.66
CA ASN D 52 51.54 -29.75 -40.42
C ASN D 52 51.73 -29.34 -38.98
N VAL D 53 52.83 -29.73 -38.36
CA VAL D 53 53.09 -29.34 -37.00
C VAL D 53 53.85 -28.01 -36.95
N THR D 54 53.46 -27.10 -36.08
CA THR D 54 54.32 -25.96 -35.80
C THR D 54 55.05 -26.02 -34.47
N ILE D 55 56.37 -26.13 -34.56
CA ILE D 55 57.21 -25.89 -33.40
C ILE D 55 57.79 -24.46 -33.42
N LYS D 56 57.35 -23.59 -32.51
CA LYS D 56 57.95 -22.26 -32.47
C LYS D 56 59.33 -22.31 -31.79
N SER D 57 60.04 -21.18 -31.74
CA SER D 57 61.35 -21.12 -31.12
C SER D 57 61.37 -21.41 -29.61
N GLY D 58 62.54 -21.86 -29.15
CA GLY D 58 62.84 -22.10 -27.74
C GLY D 58 62.26 -23.39 -27.20
N VAL D 59 61.79 -24.24 -28.12
CA VAL D 59 61.23 -25.56 -27.73
C VAL D 59 62.27 -26.69 -27.81
N GLN D 60 62.36 -27.48 -26.76
CA GLN D 60 63.16 -28.71 -26.79
C GLN D 60 62.21 -29.92 -26.71
N ILE D 61 62.22 -30.70 -27.78
CA ILE D 61 61.45 -31.94 -27.89
C ILE D 61 62.42 -33.10 -27.62
N TRP D 62 62.40 -33.62 -26.39
CA TRP D 62 63.26 -34.75 -25.97
C TRP D 62 62.82 -36.11 -26.46
N ASP D 63 63.66 -37.10 -26.18
CA ASP D 63 63.40 -38.51 -26.40
C ASP D 63 62.11 -38.86 -25.70
N GLY D 64 61.26 -39.65 -26.37
CA GLY D 64 60.03 -40.13 -25.79
C GLY D 64 58.90 -39.15 -25.97
N ILE D 65 59.07 -38.16 -26.83
CA ILE D 65 57.95 -37.28 -27.14
C ILE D 65 57.40 -37.61 -28.51
N HIS D 66 56.08 -37.66 -28.60
CA HIS D 66 55.48 -37.96 -29.86
C HIS D 66 54.46 -36.86 -30.12
N ILE D 67 54.49 -36.25 -31.30
CA ILE D 67 53.57 -35.19 -31.64
C ILE D 67 52.80 -35.52 -32.90
N GLN D 68 51.48 -35.65 -32.83
CA GLN D 68 50.65 -36.05 -33.96
C GLN D 68 50.38 -34.86 -34.87
N ASP D 69 49.60 -35.04 -35.93
CA ASP D 69 49.36 -33.99 -36.92
C ASP D 69 48.72 -32.73 -36.36
N ASP D 70 48.88 -31.63 -37.09
CA ASP D 70 48.16 -30.37 -36.89
C ASP D 70 48.35 -29.71 -35.51
N VAL D 71 49.32 -30.20 -34.75
CA VAL D 71 49.66 -29.66 -33.44
C VAL D 71 50.40 -28.35 -33.57
N PHE D 72 50.04 -27.41 -32.72
CA PHE D 72 50.79 -26.15 -32.63
C PHE D 72 51.50 -26.13 -31.28
N ILE D 73 52.83 -26.01 -31.31
CA ILE D 73 53.63 -25.84 -30.12
C ILE D 73 54.14 -24.39 -30.10
N GLY D 74 53.73 -23.63 -29.10
CA GLY D 74 54.01 -22.20 -29.12
C GLY D 74 55.43 -21.91 -28.66
N PRO D 75 55.78 -20.62 -28.60
CA PRO D 75 57.15 -20.29 -28.22
C PRO D 75 57.49 -20.75 -26.80
N ASN D 76 58.70 -21.26 -26.61
CA ASN D 76 59.23 -21.54 -25.25
C ASN D 76 58.52 -22.64 -24.43
N VAL D 77 57.62 -23.37 -25.08
CA VAL D 77 57.13 -24.63 -24.52
C VAL D 77 58.28 -25.50 -24.04
N THR D 78 58.13 -26.04 -22.83
CA THR D 78 59.14 -26.95 -22.32
C THR D 78 58.53 -28.32 -22.11
N PHE D 79 59.25 -29.33 -22.56
CA PHE D 79 58.80 -30.68 -22.34
C PHE D 79 59.82 -31.28 -21.42
N THR D 80 59.56 -32.54 -21.06
CA THR D 80 60.43 -33.22 -20.10
C THR D 80 60.21 -34.70 -20.30
N ASN D 81 60.99 -35.40 -19.49
CA ASN D 81 61.44 -36.76 -19.61
C ASN D 81 61.67 -37.27 -18.18
N LYS D 96 56.81 -41.65 -21.66
CA LYS D 96 56.28 -41.18 -22.95
C LYS D 96 55.20 -40.08 -22.94
N THR D 97 55.47 -38.93 -23.53
CA THR D 97 54.47 -37.85 -23.67
C THR D 97 53.89 -37.91 -25.07
N ILE D 98 52.58 -37.80 -25.21
CA ILE D 98 51.97 -37.69 -26.54
C ILE D 98 51.05 -36.49 -26.70
N VAL D 99 51.23 -35.74 -27.78
CA VAL D 99 50.38 -34.59 -27.98
C VAL D 99 49.56 -34.97 -29.17
N LYS D 100 48.25 -35.03 -28.96
CA LYS D 100 47.35 -35.64 -29.96
C LYS D 100 46.85 -34.60 -30.96
N LYS D 101 46.29 -35.14 -32.04
CA LYS D 101 45.92 -34.35 -33.19
C LYS D 101 45.26 -33.01 -32.91
N GLY D 102 45.73 -31.95 -33.55
CA GLY D 102 45.10 -30.64 -33.47
C GLY D 102 45.21 -29.90 -32.14
N ALA D 103 45.99 -30.43 -31.22
CA ALA D 103 46.14 -29.80 -29.91
C ALA D 103 47.05 -28.60 -30.12
N SER D 104 46.93 -27.65 -29.22
CA SER D 104 47.80 -26.50 -29.30
C SER D 104 48.22 -26.20 -27.89
N ILE D 105 49.51 -25.94 -27.76
CA ILE D 105 50.12 -25.79 -26.46
C ILE D 105 50.64 -24.35 -26.35
N GLY D 106 50.23 -23.65 -25.29
CA GLY D 106 50.40 -22.19 -25.25
C GLY D 106 51.81 -21.82 -24.87
N ALA D 107 52.29 -20.68 -25.36
CA ALA D 107 53.60 -20.13 -25.03
C ALA D 107 54.08 -20.38 -23.59
N ASN D 108 55.28 -20.89 -23.43
CA ASN D 108 56.02 -21.00 -22.16
C ASN D 108 55.34 -21.89 -21.13
N SER D 109 54.46 -22.79 -21.57
CA SER D 109 53.89 -23.81 -20.73
C SER D 109 54.97 -24.80 -20.37
N THR D 110 54.70 -25.67 -19.41
CA THR D 110 55.63 -26.71 -19.00
C THR D 110 54.88 -28.03 -18.96
N ILE D 111 55.34 -29.01 -19.73
CA ILE D 111 54.68 -30.30 -19.79
C ILE D 111 55.43 -31.33 -18.96
N LEU D 112 54.81 -31.87 -17.92
CA LEU D 112 55.44 -32.91 -17.10
C LEU D 112 55.58 -34.26 -17.81
N PRO D 113 56.45 -35.19 -17.33
CA PRO D 113 56.71 -36.40 -18.15
C PRO D 113 55.55 -37.36 -18.14
N GLY D 114 55.40 -38.13 -19.22
CA GLY D 114 54.48 -39.24 -19.27
C GLY D 114 53.07 -38.74 -19.46
N ILE D 115 52.94 -37.52 -19.99
CA ILE D 115 51.66 -36.85 -20.15
C ILE D 115 50.98 -37.04 -21.48
N LEU D 116 49.68 -37.30 -21.46
CA LEU D 116 48.94 -37.31 -22.73
C LEU D 116 48.15 -36.03 -22.93
N ILE D 117 48.26 -35.38 -24.09
CA ILE D 117 47.44 -34.19 -24.30
C ILE D 117 46.46 -34.59 -25.37
N GLY D 118 45.17 -34.44 -25.10
CA GLY D 118 44.14 -34.93 -26.00
C GLY D 118 43.90 -34.08 -27.23
N GLU D 119 43.24 -34.73 -28.18
CA GLU D 119 42.95 -34.20 -29.49
C GLU D 119 42.28 -32.88 -29.23
N ASN D 120 42.74 -31.87 -29.95
CA ASN D 120 42.13 -30.56 -29.87
C ASN D 120 42.17 -29.81 -28.56
N ALA D 121 42.98 -30.27 -27.61
CA ALA D 121 43.02 -29.51 -26.39
C ALA D 121 43.71 -28.17 -26.59
N MET D 122 43.55 -27.31 -25.60
CA MET D 122 44.14 -25.97 -25.62
C MET D 122 44.83 -25.81 -24.28
N VAL D 123 46.17 -25.89 -24.30
CA VAL D 123 46.93 -25.56 -23.12
C VAL D 123 47.15 -24.06 -23.14
N GLY D 124 46.77 -23.42 -22.04
CA GLY D 124 46.93 -21.98 -21.95
C GLY D 124 48.42 -21.69 -21.81
N ALA D 125 48.78 -20.47 -22.21
CA ALA D 125 50.12 -19.93 -22.01
C ALA D 125 50.57 -19.96 -20.54
N GLY D 126 51.80 -20.41 -20.32
CA GLY D 126 52.38 -20.50 -18.97
C GLY D 126 51.84 -21.65 -18.11
N ALA D 127 50.96 -22.51 -18.60
CA ALA D 127 50.33 -23.54 -17.78
C ALA D 127 51.39 -24.58 -17.39
N VAL D 128 51.28 -25.16 -16.18
CA VAL D 128 52.15 -26.24 -15.74
C VAL D 128 51.28 -27.47 -15.74
N ILE D 129 51.47 -28.31 -16.73
CA ILE D 129 50.55 -29.41 -16.93
C ILE D 129 51.07 -30.67 -16.27
N THR D 130 50.31 -31.11 -15.26
CA THR D 130 50.72 -32.22 -14.38
C THR D 130 49.91 -33.50 -14.56
N LYS D 131 48.88 -33.51 -15.39
CA LYS D 131 48.07 -34.71 -15.55
C LYS D 131 47.58 -34.64 -16.96
N ASN D 132 47.13 -35.81 -17.48
CA ASN D 132 46.45 -35.88 -18.75
C ASN D 132 45.38 -34.82 -18.97
N VAL D 133 45.34 -34.33 -20.20
CA VAL D 133 44.38 -33.32 -20.59
C VAL D 133 43.45 -33.96 -21.57
N PRO D 134 42.15 -33.95 -21.25
CA PRO D 134 41.18 -34.63 -22.09
C PRO D 134 41.02 -33.88 -23.40
N ASP D 135 40.37 -34.55 -24.36
CA ASP D 135 40.07 -33.98 -25.64
C ASP D 135 39.30 -32.68 -25.49
N ASN D 136 39.70 -31.63 -26.21
CA ASN D 136 38.88 -30.42 -26.26
C ASN D 136 38.88 -29.60 -24.99
N ALA D 137 39.64 -30.04 -23.99
CA ALA D 137 39.77 -29.30 -22.72
C ALA D 137 40.65 -28.05 -22.84
N ILE D 138 40.28 -27.03 -22.09
CA ILE D 138 41.10 -25.84 -22.00
C ILE D 138 41.71 -25.89 -20.62
N VAL D 139 43.03 -25.91 -20.56
CA VAL D 139 43.68 -26.08 -19.30
C VAL D 139 44.59 -24.89 -19.04
N ILE D 140 44.43 -24.26 -17.87
CA ILE D 140 45.33 -23.16 -17.49
C ILE D 140 45.81 -23.22 -16.04
N GLY D 141 46.91 -22.54 -15.77
CA GLY D 141 47.35 -22.32 -14.42
C GLY D 141 48.54 -23.16 -14.02
N ASN D 142 49.00 -22.92 -12.79
CA ASN D 142 50.02 -23.71 -12.15
C ASN D 142 49.40 -24.09 -10.81
N PRO D 143 48.96 -25.35 -10.69
CA PRO D 143 49.04 -26.40 -11.71
C PRO D 143 47.91 -26.22 -12.72
N GLY D 144 48.00 -26.79 -13.91
CA GLY D 144 46.92 -26.59 -14.84
C GLY D 144 45.62 -27.24 -14.38
N ARG D 145 44.48 -26.60 -14.66
CA ARG D 145 43.13 -27.13 -14.33
C ARG D 145 42.28 -26.87 -15.54
N ILE D 146 41.31 -27.75 -15.73
CA ILE D 146 40.44 -27.58 -16.89
C ILE D 146 39.52 -26.43 -16.46
N THR D 147 39.46 -25.39 -17.26
CA THR D 147 38.60 -24.28 -16.88
C THR D 147 37.51 -24.09 -17.89
N GLY D 148 37.45 -24.98 -18.86
CA GLY D 148 36.50 -24.84 -19.94
C GLY D 148 36.74 -25.87 -21.03
N TYR D 149 35.86 -25.91 -22.01
CA TYR D 149 36.02 -26.74 -23.18
C TYR D 149 35.83 -25.86 -24.44
N VAL D 150 36.67 -26.18 -25.42
CA VAL D 150 36.64 -25.50 -26.70
C VAL D 150 35.27 -25.59 -27.37
N GLU D 151 34.83 -24.46 -27.92
CA GLU D 151 33.49 -24.21 -28.50
C GLU D 151 32.21 -24.51 -27.69
N ALA D 152 32.36 -24.88 -26.42
CA ALA D 152 31.23 -24.89 -25.48
C ALA D 152 30.56 -23.51 -25.31
N ASN D 162 19.45 -18.80 -19.28
CA ASN D 162 19.23 -20.24 -19.24
C ASN D 162 18.33 -20.70 -18.07
N PHE D 163 17.50 -21.71 -18.35
CA PHE D 163 16.54 -22.24 -17.39
C PHE D 163 15.36 -21.30 -17.07
N GLU D 164 15.14 -20.25 -17.88
CA GLU D 164 13.98 -19.37 -17.63
C GLU D 164 12.65 -20.13 -17.74
N LEU D 165 12.52 -21.00 -18.73
CA LEU D 165 11.26 -21.62 -19.08
C LEU D 165 11.07 -23.00 -18.42
N LYS D 166 9.83 -23.46 -18.36
CA LYS D 166 9.53 -24.83 -17.97
C LYS D 166 10.45 -25.83 -18.68
N LEU D 167 10.36 -25.89 -20.00
CA LEU D 167 11.16 -26.82 -20.81
C LEU D 167 11.88 -25.99 -21.86
N GLN D 168 13.06 -26.44 -22.28
CA GLN D 168 13.97 -25.59 -23.05
C GLN D 168 14.98 -26.51 -23.75
N MET D 169 14.96 -26.58 -25.09
CA MET D 169 15.79 -27.55 -25.78
C MET D 169 17.19 -27.01 -26.00
N SER D 170 18.18 -27.89 -25.87
CA SER D 170 19.59 -27.51 -26.00
C SER D 170 20.05 -27.72 -27.43
N LYS D 171 21.04 -26.93 -27.83
CA LYS D 171 21.67 -27.12 -29.14
C LYS D 171 22.26 -28.53 -29.25
N VAL D 172 22.72 -29.10 -28.14
CA VAL D 172 23.23 -30.46 -28.08
C VAL D 172 22.09 -31.50 -28.16
N LYS D 173 22.17 -32.43 -29.10
CA LYS D 173 21.06 -33.33 -29.44
C LYS D 173 20.26 -33.95 -28.30
N GLY D 174 19.01 -33.48 -28.14
CA GLY D 174 18.04 -34.11 -27.27
C GLY D 174 18.14 -33.62 -25.83
N VAL D 175 19.24 -32.95 -25.50
CA VAL D 175 19.38 -32.34 -24.18
C VAL D 175 18.32 -31.26 -23.99
N SER D 176 17.57 -31.35 -22.89
CA SER D 176 16.66 -30.30 -22.43
C SER D 176 16.92 -29.74 -21.03
N LEU D 177 16.45 -28.52 -20.83
CA LEU D 177 16.60 -27.89 -19.53
C LEU D 177 15.24 -27.57 -18.91
N HIS D 178 15.17 -27.81 -17.60
CA HIS D 178 13.93 -27.67 -16.85
C HIS D 178 14.07 -26.67 -15.72
N LYS D 179 13.06 -25.81 -15.60
CA LYS D 179 12.83 -25.06 -14.37
C LYS D 179 11.64 -25.71 -13.70
N PHE D 180 11.80 -26.03 -12.42
CA PHE D 180 10.74 -26.68 -11.65
C PHE D 180 9.91 -25.66 -10.86
N HIS D 181 8.65 -26.04 -10.61
CA HIS D 181 7.76 -25.39 -9.67
C HIS D 181 8.50 -25.14 -8.36
N LEU D 182 8.51 -23.88 -7.93
CA LEU D 182 9.18 -23.47 -6.71
C LEU D 182 8.23 -22.65 -5.87
N VAL D 183 8.07 -23.06 -4.59
CA VAL D 183 7.22 -22.35 -3.62
C VAL D 183 7.99 -21.76 -2.43
N ASN D 184 8.05 -20.44 -2.37
CA ASN D 184 8.62 -19.83 -1.17
C ASN D 184 7.53 -19.29 -0.23
N ASP D 185 7.57 -19.68 1.04
CA ASP D 185 6.87 -18.91 2.05
C ASP D 185 7.59 -18.90 3.38
N LEU D 186 6.90 -18.35 4.37
CA LEU D 186 7.27 -18.26 5.78
C LEU D 186 7.70 -19.61 6.39
N ARG D 187 6.95 -20.68 6.11
CA ARG D 187 7.23 -22.03 6.63
C ARG D 187 8.44 -22.76 6.00
N GLY D 188 8.95 -22.29 4.87
CA GLY D 188 9.94 -23.04 4.10
C GLY D 188 9.82 -22.87 2.60
N ASN D 189 10.55 -23.70 1.85
CA ASN D 189 10.61 -23.68 0.40
C ASN D 189 10.33 -25.12 -0.08
N LEU D 190 9.68 -25.27 -1.22
CA LEU D 190 9.46 -26.58 -1.81
C LEU D 190 9.64 -26.49 -3.34
N SER D 191 10.31 -27.45 -3.97
CA SER D 191 10.18 -27.64 -5.41
C SER D 191 9.83 -29.08 -5.70
N VAL D 192 9.14 -29.29 -6.82
CA VAL D 192 8.58 -30.60 -7.12
C VAL D 192 8.80 -30.78 -8.60
N GLY D 193 9.06 -32.02 -8.98
CA GLY D 193 8.93 -32.42 -10.37
C GLY D 193 8.26 -33.79 -10.44
N GLU D 194 7.70 -34.10 -11.59
CA GLU D 194 7.01 -35.37 -11.77
C GLU D 194 7.65 -36.19 -12.89
N PHE D 195 7.88 -37.47 -12.62
CA PHE D 195 8.44 -38.40 -13.60
C PHE D 195 7.45 -38.67 -14.72
N GLU D 196 8.02 -39.05 -15.87
CA GLU D 196 7.34 -39.07 -17.17
C GLU D 196 6.47 -37.86 -17.45
N LYS D 197 6.84 -36.67 -16.97
CA LYS D 197 6.03 -35.45 -17.16
C LYS D 197 6.87 -34.16 -17.24
N ASP D 198 7.54 -33.79 -16.16
CA ASP D 198 8.50 -32.69 -16.20
C ASP D 198 9.85 -33.34 -16.58
N ILE D 199 10.09 -34.54 -16.07
CA ILE D 199 11.28 -35.34 -16.33
C ILE D 199 10.82 -36.45 -17.27
N PRO D 200 11.55 -36.68 -18.38
CA PRO D 200 10.94 -37.55 -19.37
C PRO D 200 11.11 -39.05 -19.16
N PHE D 201 11.44 -39.55 -17.97
CA PHE D 201 11.40 -41.00 -17.82
C PHE D 201 11.08 -41.42 -16.39
N THR D 202 10.91 -42.72 -16.19
CA THR D 202 10.68 -43.27 -14.86
C THR D 202 11.96 -43.93 -14.34
N PRO D 203 12.50 -43.41 -13.24
CA PRO D 203 13.85 -43.80 -12.84
C PRO D 203 13.85 -45.16 -12.17
N LYS D 204 15.03 -45.75 -11.94
CA LYS D 204 15.20 -47.07 -11.37
C LYS D 204 16.26 -47.00 -10.29
N ARG D 205 16.99 -45.89 -10.37
CA ARG D 205 18.08 -45.59 -9.45
C ARG D 205 18.15 -44.07 -9.25
N TYR D 206 18.66 -43.65 -8.10
CA TYR D 206 19.13 -42.29 -7.87
C TYR D 206 20.52 -42.45 -7.26
N PHE D 207 21.41 -41.48 -7.49
CA PHE D 207 22.63 -41.43 -6.72
C PHE D 207 22.95 -39.97 -6.41
N THR D 208 23.85 -39.75 -5.47
CA THR D 208 24.18 -38.41 -5.08
C THR D 208 25.70 -38.30 -4.96
N VAL D 209 26.26 -37.21 -5.46
CA VAL D 209 27.69 -36.99 -5.45
C VAL D 209 27.92 -35.72 -4.64
N PHE D 210 28.91 -35.71 -3.78
CA PHE D 210 29.05 -34.58 -2.87
C PHE D 210 30.44 -34.70 -2.27
N GLY D 211 30.89 -33.62 -1.61
CA GLY D 211 32.25 -33.48 -1.08
C GLY D 211 33.31 -33.49 -2.16
N VAL D 212 32.96 -33.05 -3.36
CA VAL D 212 33.90 -33.20 -4.48
C VAL D 212 34.87 -32.01 -4.39
N PRO D 213 36.19 -32.26 -4.37
CA PRO D 213 37.17 -31.17 -4.40
C PRO D 213 36.93 -30.30 -5.63
N ASN D 214 37.22 -29.02 -5.50
CA ASN D 214 36.94 -28.05 -6.56
C ASN D 214 37.77 -28.26 -7.84
N LYS D 215 38.94 -28.85 -7.65
CA LYS D 215 39.89 -29.15 -8.73
C LYS D 215 39.50 -30.38 -9.52
N GLU D 216 38.53 -31.13 -9.01
CA GLU D 216 38.18 -32.40 -9.63
C GLU D 216 37.21 -32.30 -10.81
N VAL D 217 37.38 -33.26 -11.72
CA VAL D 217 36.61 -33.32 -12.93
C VAL D 217 35.97 -34.70 -12.87
N ARG D 218 34.64 -34.75 -12.90
CA ARG D 218 33.89 -36.02 -12.73
C ARG D 218 33.16 -36.43 -13.99
N GLY D 219 32.74 -37.70 -14.07
CA GLY D 219 32.09 -38.16 -15.27
C GLY D 219 33.12 -38.47 -16.35
N GLU D 220 33.01 -37.80 -17.50
CA GLU D 220 33.90 -37.98 -18.65
C GLU D 220 33.53 -39.35 -19.23
N HIS D 221 32.25 -39.49 -19.53
CA HIS D 221 31.74 -40.70 -20.15
C HIS D 221 30.40 -40.38 -20.79
N ALA D 222 29.96 -41.31 -21.64
CA ALA D 222 28.59 -41.40 -22.14
C ALA D 222 27.94 -42.74 -21.78
N HIS D 223 26.61 -42.76 -21.79
CA HIS D 223 25.86 -44.02 -21.63
C HIS D 223 25.24 -44.58 -22.90
N LYS D 224 25.33 -45.89 -23.06
CA LYS D 224 24.76 -46.58 -24.22
C LYS D 224 23.24 -46.65 -24.10
N GLU D 225 22.73 -47.16 -22.98
CA GLU D 225 21.26 -47.27 -22.76
C GLU D 225 20.65 -46.30 -21.72
N CYS D 226 21.44 -45.90 -20.73
CA CYS D 226 20.91 -45.16 -19.57
C CYS D 226 20.57 -43.71 -19.82
N LYS D 227 19.32 -43.33 -19.57
CA LYS D 227 18.92 -41.93 -19.46
C LYS D 227 19.34 -41.39 -18.08
N GLN D 228 19.63 -40.09 -18.03
CA GLN D 228 20.08 -39.49 -16.78
C GLN D 228 19.47 -38.11 -16.63
N PHE D 229 19.11 -37.81 -15.38
CA PHE D 229 18.59 -36.51 -14.98
C PHE D 229 19.32 -35.96 -13.75
N LEU D 230 19.73 -34.70 -13.85
CA LEU D 230 20.75 -34.06 -13.02
C LEU D 230 20.15 -32.81 -12.40
N ILE D 231 20.24 -32.75 -11.07
CA ILE D 231 19.80 -31.57 -10.28
C ILE D 231 20.84 -31.32 -9.22
N CYS D 232 21.24 -30.07 -9.07
CA CYS D 232 22.19 -29.72 -8.04
C CYS D 232 21.39 -29.14 -6.89
N VAL D 233 21.29 -29.96 -5.84
CA VAL D 233 20.39 -29.72 -4.74
C VAL D 233 20.94 -28.84 -3.62
N SER D 234 22.24 -28.57 -3.60
CA SER D 234 22.77 -27.34 -2.98
C SER D 234 24.15 -27.08 -3.58
N GLY D 235 24.69 -25.90 -3.34
CA GLY D 235 25.89 -25.52 -4.05
C GLY D 235 25.63 -25.36 -5.54
N ASN D 236 26.71 -25.44 -6.30
CA ASN D 236 26.61 -25.43 -7.75
C ASN D 236 27.68 -26.35 -8.24
N CYS D 237 27.48 -26.87 -9.44
CA CYS D 237 28.53 -27.50 -10.21
C CYS D 237 28.24 -27.15 -11.66
N SER D 238 29.20 -27.31 -12.57
CA SER D 238 28.95 -27.10 -13.99
C SER D 238 28.88 -28.43 -14.71
N VAL D 239 28.07 -28.45 -15.75
CA VAL D 239 27.86 -29.67 -16.53
C VAL D 239 28.12 -29.42 -18.01
N LEU D 240 29.09 -30.17 -18.54
CA LEU D 240 29.33 -30.14 -19.95
C LEU D 240 28.52 -31.32 -20.51
N VAL D 241 27.68 -31.03 -21.48
CA VAL D 241 27.12 -32.08 -22.29
C VAL D 241 27.63 -31.92 -23.72
N ASP D 242 27.78 -33.05 -24.42
CA ASP D 242 28.46 -33.09 -25.71
C ASP D 242 27.87 -34.25 -26.53
N ASP D 243 27.42 -33.98 -27.75
CA ASP D 243 26.81 -35.04 -28.59
C ASP D 243 27.69 -35.46 -29.78
N GLY D 244 28.97 -35.10 -29.71
CA GLY D 244 29.94 -35.63 -30.67
C GLY D 244 30.28 -34.55 -31.67
N GLU D 245 29.55 -33.46 -31.64
CA GLU D 245 29.75 -32.37 -32.56
C GLU D 245 29.57 -31.10 -31.77
N ASN D 246 28.38 -30.90 -31.22
CA ASN D 246 28.17 -29.77 -30.34
C ASN D 246 28.29 -30.09 -28.85
N ARG D 247 28.77 -29.10 -28.10
CA ARG D 247 29.00 -29.25 -26.68
C ARG D 247 28.61 -27.92 -26.08
N GLU D 248 27.98 -27.99 -24.92
CA GLU D 248 27.71 -26.75 -24.21
C GLU D 248 27.89 -27.02 -22.74
N GLU D 249 28.19 -25.96 -21.99
CA GLU D 249 28.43 -26.01 -20.54
C GLU D 249 27.38 -25.18 -19.81
N TYR D 250 26.81 -25.78 -18.77
CA TYR D 250 25.76 -25.17 -17.99
C TYR D 250 26.10 -25.11 -16.50
N VAL D 251 25.63 -24.05 -15.86
CA VAL D 251 25.75 -23.97 -14.41
C VAL D 251 24.46 -24.51 -13.76
N LEU D 252 24.55 -25.57 -12.95
CA LEU D 252 23.43 -26.00 -12.09
C LEU D 252 23.62 -25.35 -10.73
N ASP D 253 22.90 -24.27 -10.45
CA ASP D 253 23.12 -23.61 -9.17
C ASP D 253 21.90 -23.43 -8.25
N SER D 254 20.75 -23.99 -8.62
CA SER D 254 19.62 -24.04 -7.70
C SER D 254 18.83 -25.33 -7.87
N ILE D 255 18.07 -25.71 -6.84
CA ILE D 255 17.40 -26.99 -6.82
C ILE D 255 16.26 -26.98 -7.84
N ASP D 256 15.88 -25.82 -8.36
CA ASP D 256 14.74 -25.85 -9.28
C ASP D 256 15.25 -26.05 -10.71
N LYS D 257 16.57 -26.19 -10.86
CA LYS D 257 17.12 -26.41 -12.19
C LYS D 257 17.51 -27.86 -12.41
N GLY D 258 17.22 -28.36 -13.60
CA GLY D 258 17.63 -29.72 -13.94
C GLY D 258 18.04 -29.83 -15.39
N ILE D 259 18.83 -30.84 -15.73
CA ILE D 259 19.29 -31.08 -17.10
C ILE D 259 18.96 -32.53 -17.45
N TYR D 260 18.33 -32.78 -18.60
CA TYR D 260 18.15 -34.17 -19.08
C TYR D 260 19.33 -34.55 -20.01
N LEU D 261 20.02 -35.65 -19.72
CA LEU D 261 20.93 -36.28 -20.68
C LEU D 261 20.31 -37.56 -21.31
N PRO D 262 20.01 -37.52 -22.61
CA PRO D 262 19.57 -38.74 -23.31
C PRO D 262 20.73 -39.71 -23.48
N PRO D 263 20.48 -41.02 -23.61
CA PRO D 263 21.65 -41.89 -23.78
C PRO D 263 22.54 -41.53 -25.00
N MET D 264 23.83 -41.86 -24.95
CA MET D 264 24.77 -41.36 -25.97
C MET D 264 24.99 -39.85 -25.88
N THR D 265 24.90 -39.28 -24.68
CA THR D 265 25.28 -37.86 -24.51
C THR D 265 26.48 -37.92 -23.59
N TRP D 266 27.63 -37.43 -24.04
CA TRP D 266 28.86 -37.44 -23.25
C TRP D 266 28.74 -36.34 -22.19
N GLY D 267 29.06 -36.64 -20.94
CA GLY D 267 28.81 -35.62 -19.92
C GLY D 267 29.99 -35.52 -19.01
N VAL D 268 30.19 -34.33 -18.45
CA VAL D 268 31.33 -34.15 -17.57
C VAL D 268 30.70 -33.30 -16.48
N GLN D 269 31.13 -33.50 -15.25
CA GLN D 269 30.73 -32.44 -14.35
C GLN D 269 31.87 -32.00 -13.42
N TYR D 270 32.00 -30.70 -13.22
CA TYR D 270 33.18 -30.23 -12.49
C TYR D 270 32.90 -28.85 -11.90
N LYS D 271 33.93 -28.20 -11.39
CA LYS D 271 33.77 -26.93 -10.67
C LYS D 271 32.71 -27.05 -9.58
N TYR D 272 32.65 -28.19 -8.90
CA TYR D 272 31.81 -28.31 -7.72
C TYR D 272 32.27 -27.28 -6.70
N SER D 273 31.32 -26.56 -6.11
CA SER D 273 31.54 -25.80 -4.86
C SER D 273 31.65 -26.81 -3.74
N LYS D 274 32.19 -26.39 -2.60
CA LYS D 274 32.45 -27.31 -1.46
C LYS D 274 31.20 -27.98 -0.89
N ASP D 275 30.07 -27.27 -0.86
CA ASP D 275 28.84 -27.88 -0.33
C ASP D 275 27.92 -28.48 -1.41
N ALA D 276 28.40 -28.63 -2.63
CA ALA D 276 27.49 -29.02 -3.69
C ALA D 276 27.13 -30.48 -3.52
N VAL D 277 25.84 -30.78 -3.67
CA VAL D 277 25.35 -32.15 -3.78
C VAL D 277 24.63 -32.25 -5.10
N LEU D 278 25.09 -33.12 -5.98
CA LEU D 278 24.42 -33.43 -7.21
C LEU D 278 23.53 -34.65 -6.99
N LEU D 279 22.29 -34.54 -7.40
CA LEU D 279 21.36 -35.64 -7.40
C LEU D 279 21.21 -36.08 -8.84
N VAL D 280 21.37 -37.38 -9.07
CA VAL D 280 21.08 -37.92 -10.39
C VAL D 280 20.07 -39.03 -10.29
N PHE D 281 19.09 -39.02 -11.18
CA PHE D 281 18.12 -40.09 -11.36
C PHE D 281 18.46 -40.80 -12.65
N ALA D 282 18.35 -42.12 -12.65
CA ALA D 282 18.72 -42.85 -13.85
C ALA D 282 17.68 -43.86 -14.28
N SER D 283 17.51 -44.04 -15.60
CA SER D 283 16.55 -45.02 -16.10
C SER D 283 16.90 -46.46 -15.78
N HIS D 284 18.17 -46.74 -15.48
CA HIS D 284 18.63 -48.11 -15.33
C HIS D 284 19.38 -48.32 -14.01
N TYR D 285 19.35 -49.56 -13.54
CA TYR D 285 20.17 -50.00 -12.41
C TYR D 285 21.59 -49.94 -12.90
N TYR D 286 22.48 -49.78 -11.95
CA TYR D 286 23.91 -49.73 -12.22
C TYR D 286 24.29 -50.89 -13.11
N ASP D 287 25.26 -50.64 -13.99
CA ASP D 287 25.73 -51.58 -15.02
C ASP D 287 27.04 -51.01 -15.54
N SER D 288 28.16 -51.46 -15.00
CA SER D 288 29.47 -51.00 -15.47
C SER D 288 29.71 -51.18 -16.98
N ASP D 289 29.03 -52.12 -17.62
CA ASP D 289 29.21 -52.30 -19.06
C ASP D 289 28.46 -51.29 -19.91
N ASP D 290 27.67 -50.41 -19.29
CA ASP D 290 26.88 -49.43 -20.03
C ASP D 290 27.65 -48.15 -20.38
N TYR D 291 28.89 -48.06 -19.92
CA TYR D 291 29.71 -46.84 -20.05
C TYR D 291 30.48 -46.71 -21.37
N ILE D 292 30.73 -45.51 -21.86
CA ILE D 292 31.72 -45.33 -22.93
C ILE D 292 32.69 -44.28 -22.42
N ARG D 293 33.94 -44.65 -22.15
CA ARG D 293 34.91 -43.71 -21.52
C ARG D 293 35.96 -43.13 -22.46
N ASP D 294 35.96 -43.54 -23.73
CA ASP D 294 36.88 -42.95 -24.70
C ASP D 294 36.12 -42.03 -25.65
N TYR D 295 36.45 -40.75 -25.59
CA TYR D 295 35.75 -39.77 -26.38
C TYR D 295 35.80 -40.07 -27.88
N SER D 296 36.93 -40.59 -28.37
CA SER D 296 36.99 -40.84 -29.83
C SER D 296 36.08 -42.02 -30.21
N THR D 297 36.15 -43.11 -29.45
CA THR D 297 35.19 -44.22 -29.57
C THR D 297 33.76 -43.71 -29.63
N PHE D 298 33.43 -42.79 -28.71
CA PHE D 298 32.05 -42.34 -28.54
C PHE D 298 31.59 -41.56 -29.75
N LYS D 299 32.49 -40.71 -30.23
CA LYS D 299 32.42 -39.95 -31.49
C LYS D 299 32.06 -40.83 -32.69
N GLN D 300 32.82 -41.93 -32.89
CA GLN D 300 32.58 -42.91 -33.96
C GLN D 300 31.16 -43.44 -33.86
N MET D 301 30.77 -43.86 -32.66
CA MET D 301 29.50 -44.54 -32.45
C MET D 301 28.33 -43.61 -32.78
N ARG D 302 28.52 -42.30 -32.64
CA ARG D 302 27.46 -41.35 -32.94
C ARG D 302 27.31 -41.06 -34.43
N GLN D 303 28.45 -40.83 -35.10
CA GLN D 303 28.52 -40.79 -36.56
C GLN D 303 27.93 -42.03 -37.22
N ASN D 304 28.14 -43.20 -36.60
CA ASN D 304 27.55 -44.47 -37.00
C ASN D 304 26.02 -44.59 -36.86
N LEU D 305 25.42 -43.89 -35.90
CA LEU D 305 23.96 -43.97 -35.76
C LEU D 305 23.25 -43.04 -36.74
N GLU D 306 23.62 -41.76 -36.74
CA GLU D 306 23.07 -40.80 -37.71
C GLU D 306 23.52 -41.07 -39.15
N MET E 1 77.69 -3.35 -33.05
CA MET E 1 78.36 -4.59 -33.53
C MET E 1 77.21 -5.57 -33.79
N ILE E 2 77.16 -6.10 -35.01
CA ILE E 2 76.30 -7.22 -35.29
C ILE E 2 77.32 -8.35 -35.25
N HIS E 3 77.13 -9.31 -34.36
CA HIS E 3 78.11 -10.33 -34.18
C HIS E 3 78.06 -11.22 -35.40
N LYS E 4 79.22 -11.65 -35.90
CA LYS E 4 79.31 -12.45 -37.11
C LYS E 4 78.45 -13.71 -37.04
N LEU E 5 78.15 -14.13 -35.81
CA LEU E 5 77.38 -15.35 -35.59
C LEU E 5 75.88 -15.11 -35.45
N ALA E 6 75.46 -13.87 -35.38
CA ALA E 6 74.05 -13.51 -35.58
C ALA E 6 73.59 -13.70 -37.04
N ASP E 7 72.30 -13.55 -37.31
CA ASP E 7 71.79 -13.55 -38.68
C ASP E 7 70.74 -12.44 -38.80
N VAL E 8 71.18 -11.31 -39.34
CA VAL E 8 70.40 -10.11 -39.30
C VAL E 8 70.10 -9.69 -40.75
N GLN E 9 68.82 -9.65 -41.13
CA GLN E 9 68.40 -9.25 -42.48
C GLN E 9 67.97 -7.78 -42.46
N SER E 10 67.74 -7.21 -41.27
CA SER E 10 67.30 -5.83 -41.12
C SER E 10 68.37 -4.80 -41.48
N GLN E 11 67.92 -3.70 -42.10
CA GLN E 11 68.76 -2.62 -42.59
C GLN E 11 68.40 -1.40 -41.75
N ASN E 12 67.45 -1.55 -40.83
CA ASN E 12 67.08 -0.43 -39.99
C ASN E 12 67.47 -0.58 -38.55
N ILE E 13 68.77 -0.76 -38.34
CA ILE E 13 69.29 -0.95 -37.00
C ILE E 13 69.98 0.34 -36.61
N GLY E 14 69.67 0.89 -35.44
CA GLY E 14 70.31 2.11 -35.00
C GLY E 14 71.75 1.87 -34.58
N ASP E 15 72.46 2.99 -34.47
CA ASP E 15 73.87 3.05 -34.19
C ASP E 15 74.13 2.72 -32.74
N ASN E 16 75.25 2.03 -32.48
CA ASN E 16 75.66 1.64 -31.12
C ASN E 16 74.86 0.50 -30.50
N THR E 17 73.94 -0.06 -31.28
CA THR E 17 73.15 -1.21 -30.88
C THR E 17 74.01 -2.44 -31.16
N LYS E 18 73.98 -3.41 -30.25
CA LYS E 18 74.76 -4.63 -30.36
C LYS E 18 73.81 -5.79 -30.48
N VAL E 19 74.16 -6.74 -31.32
CA VAL E 19 73.32 -7.94 -31.57
C VAL E 19 74.30 -9.09 -31.42
N TRP E 20 74.05 -9.97 -30.45
CA TRP E 20 74.99 -11.03 -30.06
C TRP E 20 74.70 -12.31 -30.84
N GLN E 21 75.36 -13.42 -30.48
CA GLN E 21 75.40 -14.67 -31.23
C GLN E 21 74.02 -15.28 -31.40
N PHE E 22 73.84 -15.97 -32.53
CA PHE E 22 72.63 -16.78 -32.71
C PHE E 22 71.32 -16.05 -32.49
N CYS E 23 71.26 -14.79 -32.87
CA CYS E 23 70.02 -14.06 -32.88
C CYS E 23 69.57 -14.02 -34.33
N VAL E 24 68.25 -13.86 -34.55
CA VAL E 24 67.75 -13.78 -35.91
C VAL E 24 66.96 -12.50 -35.90
N ILE E 25 67.20 -11.66 -36.90
CA ILE E 25 66.44 -10.43 -37.01
C ILE E 25 66.09 -10.36 -38.49
N LEU E 26 64.78 -10.43 -38.74
CA LEU E 26 64.24 -10.32 -40.08
C LEU E 26 64.16 -8.90 -40.65
N ALA E 27 64.10 -8.87 -41.98
CA ALA E 27 64.26 -7.64 -42.75
C ALA E 27 63.39 -6.49 -42.31
N GLY E 28 62.12 -6.71 -41.96
CA GLY E 28 61.21 -5.61 -41.58
C GLY E 28 61.48 -4.85 -40.28
N ALA E 29 62.34 -5.43 -39.43
CA ALA E 29 62.54 -4.99 -38.06
C ALA E 29 63.16 -3.59 -38.02
N VAL E 30 62.64 -2.73 -37.15
CA VAL E 30 63.26 -1.43 -36.91
C VAL E 30 63.73 -1.43 -35.44
N ILE E 31 65.03 -1.19 -35.23
CA ILE E 31 65.59 -1.14 -33.88
C ILE E 31 66.38 0.16 -33.68
N GLY E 32 66.13 0.85 -32.59
CA GLY E 32 66.85 2.07 -32.31
C GLY E 32 68.33 1.97 -31.95
N ARG E 33 68.83 3.07 -31.37
CA ARG E 33 70.25 3.23 -31.04
C ARG E 33 70.37 2.74 -29.62
N ASN E 34 71.56 2.23 -29.36
CA ASN E 34 71.96 1.88 -28.02
C ASN E 34 71.23 0.72 -27.34
N CYS E 35 70.70 -0.18 -28.17
CA CYS E 35 70.02 -1.37 -27.66
C CYS E 35 71.06 -2.46 -27.52
N ASN E 36 70.69 -3.52 -26.80
CA ASN E 36 71.55 -4.65 -26.54
C ASN E 36 70.67 -5.89 -26.67
N ILE E 37 70.90 -6.61 -27.75
CA ILE E 37 70.07 -7.76 -28.13
C ILE E 37 70.90 -9.01 -27.89
N CYS E 38 70.63 -9.71 -26.81
CA CYS E 38 71.58 -10.76 -26.35
C CYS E 38 71.35 -12.07 -27.06
N ALA E 39 72.25 -13.03 -26.84
CA ALA E 39 72.30 -14.27 -27.58
C ALA E 39 71.01 -15.07 -27.54
N ASN E 40 70.76 -15.77 -28.64
CA ASN E 40 69.68 -16.74 -28.76
C ASN E 40 68.34 -16.04 -28.63
N SER E 41 68.12 -15.01 -29.41
CA SER E 41 66.85 -14.37 -29.27
C SER E 41 66.41 -14.02 -30.69
N LEU E 42 65.14 -13.68 -30.90
CA LEU E 42 64.65 -13.48 -32.24
C LEU E 42 63.72 -12.27 -32.32
N ILE E 43 63.72 -11.64 -33.49
CA ILE E 43 62.87 -10.50 -33.74
C ILE E 43 62.36 -10.63 -35.18
N GLU E 44 61.06 -10.44 -35.39
CA GLU E 44 60.44 -10.64 -36.67
C GLU E 44 60.22 -9.33 -37.41
N ASN E 45 59.35 -9.38 -38.43
CA ASN E 45 59.24 -8.27 -39.37
C ASN E 45 58.50 -7.08 -38.85
N ASP E 46 57.32 -7.25 -38.27
CA ASP E 46 56.49 -6.12 -37.90
C ASP E 46 56.74 -5.78 -36.42
N VAL E 47 57.93 -5.23 -36.17
CA VAL E 47 58.42 -4.86 -34.86
C VAL E 47 59.12 -3.50 -34.92
N VAL E 48 58.75 -2.60 -34.00
CA VAL E 48 59.47 -1.37 -33.72
C VAL E 48 60.08 -1.48 -32.32
N ILE E 49 61.40 -1.44 -32.26
CA ILE E 49 62.08 -1.29 -30.98
C ILE E 49 62.75 0.09 -30.88
N GLY E 50 62.47 0.81 -29.80
CA GLY E 50 62.99 2.14 -29.49
C GLY E 50 64.46 2.13 -29.09
N ASP E 51 64.95 3.17 -28.43
CA ASP E 51 66.36 3.20 -28.03
C ASP E 51 66.50 2.87 -26.57
N ASN E 52 67.73 2.49 -26.21
CA ASN E 52 68.18 2.13 -24.87
C ASN E 52 67.43 0.90 -24.34
N VAL E 53 67.03 0.01 -25.25
CA VAL E 53 66.27 -1.17 -24.88
C VAL E 53 67.24 -2.33 -24.64
N THR E 54 67.04 -3.09 -23.56
CA THR E 54 67.78 -4.33 -23.36
C THR E 54 66.87 -5.54 -23.59
N ILE E 55 67.32 -6.49 -24.38
CA ILE E 55 66.59 -7.72 -24.56
C ILE E 55 67.52 -8.88 -24.25
N LYS E 56 67.30 -9.55 -23.13
CA LYS E 56 68.19 -10.66 -22.69
C LYS E 56 67.93 -11.90 -23.50
N SER E 57 68.57 -13.02 -23.20
CA SER E 57 68.52 -14.20 -24.09
C SER E 57 67.23 -14.98 -23.99
N GLY E 58 66.95 -15.76 -25.05
CA GLY E 58 65.80 -16.65 -25.17
C GLY E 58 64.47 -15.93 -25.35
N VAL E 59 64.51 -14.70 -25.83
CA VAL E 59 63.30 -13.89 -26.00
C VAL E 59 62.94 -13.92 -27.50
N GLN E 60 61.66 -14.01 -27.87
CA GLN E 60 61.22 -13.69 -29.23
C GLN E 60 60.27 -12.51 -29.31
N ILE E 61 60.61 -11.48 -30.09
CA ILE E 61 59.68 -10.39 -30.32
C ILE E 61 58.95 -10.66 -31.66
N TRP E 62 57.68 -11.05 -31.62
CA TRP E 62 56.96 -11.48 -32.82
C TRP E 62 56.36 -10.26 -33.48
N ASP E 63 55.85 -10.46 -34.68
CA ASP E 63 55.10 -9.46 -35.43
C ASP E 63 54.03 -8.81 -34.56
N GLY E 64 53.86 -7.49 -34.68
CA GLY E 64 52.88 -6.81 -33.83
C GLY E 64 53.40 -6.44 -32.44
N ILE E 65 54.61 -6.88 -32.09
CA ILE E 65 55.16 -6.29 -30.88
C ILE E 65 55.98 -5.01 -31.08
N HIS E 66 55.56 -3.93 -30.44
CA HIS E 66 56.24 -2.64 -30.35
C HIS E 66 56.81 -2.41 -28.93
N ILE E 67 58.11 -2.19 -28.83
CA ILE E 67 58.74 -1.92 -27.55
C ILE E 67 59.36 -0.51 -27.50
N GLN E 68 58.98 0.32 -26.54
CA GLN E 68 59.43 1.70 -26.51
C GLN E 68 60.81 1.84 -25.88
N ASP E 69 61.25 3.10 -25.72
CA ASP E 69 62.56 3.42 -25.19
C ASP E 69 62.74 2.92 -23.76
N ASP E 70 63.99 2.67 -23.36
CA ASP E 70 64.39 2.30 -21.98
C ASP E 70 63.64 1.13 -21.30
N VAL E 71 63.15 0.18 -22.10
CA VAL E 71 62.46 -0.99 -21.60
C VAL E 71 63.53 -2.04 -21.33
N PHE E 72 63.42 -2.75 -20.20
CA PHE E 72 64.22 -3.92 -19.92
C PHE E 72 63.38 -5.18 -20.10
N ILE E 73 63.84 -6.09 -20.95
CA ILE E 73 63.11 -7.29 -21.20
C ILE E 73 64.05 -8.41 -20.75
N GLY E 74 63.67 -9.05 -19.64
CA GLY E 74 64.41 -10.08 -18.93
C GLY E 74 64.61 -11.37 -19.69
N PRO E 75 65.49 -12.22 -19.18
CA PRO E 75 65.79 -13.46 -19.89
C PRO E 75 64.54 -14.32 -20.07
N ASN E 76 64.49 -15.08 -21.18
CA ASN E 76 63.41 -16.00 -21.44
C ASN E 76 61.97 -15.48 -21.33
N VAL E 77 61.76 -14.16 -21.32
CA VAL E 77 60.44 -13.61 -21.54
C VAL E 77 59.84 -14.09 -22.86
N THR E 78 58.54 -14.40 -22.82
CA THR E 78 57.85 -14.88 -24.00
C THR E 78 56.64 -14.04 -24.29
N PHE E 79 56.56 -13.60 -25.55
CA PHE E 79 55.46 -12.82 -26.05
C PHE E 79 54.66 -13.76 -26.95
N THR E 80 53.40 -13.38 -27.22
CA THR E 80 52.54 -14.15 -28.11
C THR E 80 51.78 -13.16 -28.97
N ASN E 81 51.23 -13.74 -30.04
CA ASN E 81 50.73 -13.06 -31.21
C ASN E 81 49.24 -13.28 -31.41
N ASP E 82 48.84 -14.54 -31.35
CA ASP E 82 47.44 -14.89 -31.54
C ASP E 82 46.82 -15.60 -30.32
N LYS E 83 45.59 -15.25 -29.98
CA LYS E 83 44.87 -15.72 -28.78
C LYS E 83 44.51 -17.22 -28.78
N GLN E 84 44.17 -17.76 -29.95
CA GLN E 84 43.57 -19.08 -30.04
C GLN E 84 44.29 -19.94 -31.08
N PRO E 85 45.62 -20.08 -30.97
CA PRO E 85 46.41 -20.62 -32.09
C PRO E 85 46.12 -22.07 -32.54
N ARG E 86 46.14 -22.31 -33.85
CA ARG E 86 46.20 -23.64 -34.47
C ARG E 86 46.93 -23.60 -35.82
N TYR E 94 47.50 -11.51 -35.37
CA TYR E 94 47.46 -10.12 -35.79
C TYR E 94 47.12 -9.09 -34.69
N LEU E 95 47.27 -9.46 -33.42
CA LEU E 95 46.97 -8.50 -32.34
C LEU E 95 48.25 -7.78 -31.90
N LYS E 96 48.13 -6.54 -31.45
CA LYS E 96 49.31 -5.75 -31.11
C LYS E 96 49.65 -5.58 -29.61
N THR E 97 50.89 -5.91 -29.25
CA THR E 97 51.46 -5.68 -27.91
C THR E 97 52.43 -4.50 -27.90
N ILE E 98 52.37 -3.67 -26.86
CA ILE E 98 53.23 -2.52 -26.71
C ILE E 98 53.79 -2.49 -25.28
N VAL E 99 55.10 -2.63 -25.15
CA VAL E 99 55.75 -2.46 -23.89
C VAL E 99 56.22 -1.00 -23.81
N LYS E 100 55.48 -0.23 -23.03
CA LYS E 100 55.69 1.21 -22.94
C LYS E 100 56.96 1.61 -22.24
N LYS E 101 57.34 2.87 -22.40
CA LYS E 101 58.68 3.35 -22.01
C LYS E 101 59.12 3.12 -20.55
N GLY E 102 60.33 2.61 -20.31
CA GLY E 102 60.80 2.39 -18.94
C GLY E 102 60.30 1.13 -18.22
N ALA E 103 59.37 0.37 -18.82
CA ALA E 103 58.85 -0.87 -18.18
C ALA E 103 59.97 -1.92 -18.07
N SER E 104 59.92 -2.80 -17.08
CA SER E 104 60.79 -4.00 -17.06
C SER E 104 59.91 -5.20 -17.00
N ILE E 105 60.27 -6.18 -17.80
CA ILE E 105 59.51 -7.42 -17.81
C ILE E 105 60.37 -8.55 -17.28
N GLY E 106 59.96 -9.16 -16.16
CA GLY E 106 60.83 -10.06 -15.42
C GLY E 106 61.07 -11.40 -16.09
N ALA E 107 62.10 -12.12 -15.67
CA ALA E 107 62.59 -13.28 -16.40
C ALA E 107 61.52 -14.33 -16.49
N ASN E 108 61.38 -14.91 -17.69
CA ASN E 108 60.52 -16.08 -17.92
C ASN E 108 59.05 -15.74 -17.66
N SER E 109 58.67 -14.46 -17.69
CA SER E 109 57.29 -14.05 -17.69
C SER E 109 56.69 -14.50 -19.02
N THR E 110 55.39 -14.44 -19.20
CA THR E 110 54.78 -14.82 -20.46
C THR E 110 53.77 -13.70 -20.75
N ILE E 111 53.79 -13.05 -21.91
CA ILE E 111 52.83 -11.98 -22.17
C ILE E 111 51.83 -12.42 -23.19
N LEU E 112 50.54 -12.31 -22.86
CA LEU E 112 49.46 -12.77 -23.75
C LEU E 112 49.23 -11.81 -24.93
N PRO E 113 48.52 -12.27 -25.97
CA PRO E 113 48.35 -11.40 -27.14
C PRO E 113 47.69 -10.05 -26.79
N GLY E 114 48.07 -8.95 -27.44
CA GLY E 114 47.31 -7.71 -27.36
C GLY E 114 47.42 -6.91 -26.06
N ILE E 115 48.48 -7.14 -25.30
CA ILE E 115 48.58 -6.51 -23.97
C ILE E 115 49.38 -5.20 -24.00
N LEU E 116 49.00 -4.23 -23.18
CA LEU E 116 49.74 -2.97 -23.01
C LEU E 116 50.45 -3.02 -21.67
N ILE E 117 51.73 -2.66 -21.66
CA ILE E 117 52.47 -2.65 -20.44
C ILE E 117 52.87 -1.19 -20.20
N GLY E 118 52.30 -0.63 -19.15
CA GLY E 118 52.40 0.79 -18.81
C GLY E 118 53.84 1.23 -18.57
N GLU E 119 54.05 2.56 -18.60
CA GLU E 119 55.40 3.10 -18.47
C GLU E 119 55.88 2.74 -17.08
N ASN E 120 57.11 2.26 -17.06
CA ASN E 120 57.75 2.04 -15.79
C ASN E 120 57.15 0.95 -14.93
N ALA E 121 56.25 0.15 -15.53
CA ALA E 121 55.74 -1.05 -14.87
C ALA E 121 56.90 -1.99 -14.51
N MET E 122 56.65 -2.83 -13.52
CA MET E 122 57.55 -3.92 -13.16
C MET E 122 56.78 -5.23 -13.17
N VAL E 123 56.96 -5.98 -14.24
CA VAL E 123 56.42 -7.30 -14.32
C VAL E 123 57.35 -8.28 -13.58
N GLY E 124 56.82 -8.93 -12.55
CA GLY E 124 57.55 -9.97 -11.83
C GLY E 124 58.09 -11.16 -12.61
N ALA E 125 59.20 -11.72 -12.13
CA ALA E 125 59.74 -12.89 -12.82
C ALA E 125 58.69 -14.01 -12.76
N GLY E 126 58.53 -14.68 -13.89
CA GLY E 126 57.60 -15.82 -13.97
C GLY E 126 56.14 -15.43 -14.17
N ALA E 127 55.74 -14.15 -14.09
CA ALA E 127 54.33 -13.81 -14.17
C ALA E 127 53.69 -14.28 -15.49
N VAL E 128 52.37 -14.50 -15.48
CA VAL E 128 51.61 -14.74 -16.69
C VAL E 128 50.70 -13.52 -16.82
N ILE E 129 50.92 -12.72 -17.86
CA ILE E 129 50.20 -11.44 -17.89
C ILE E 129 49.07 -11.48 -18.90
N THR E 130 47.84 -11.51 -18.40
CA THR E 130 46.64 -11.86 -19.17
C THR E 130 45.74 -10.66 -19.35
N LYS E 131 46.16 -9.52 -18.82
CA LYS E 131 45.46 -8.26 -19.09
C LYS E 131 46.44 -7.07 -18.92
N ASN E 132 46.07 -5.89 -19.42
CA ASN E 132 46.93 -4.70 -19.46
C ASN E 132 47.55 -4.34 -18.13
N VAL E 133 48.76 -3.79 -18.13
CA VAL E 133 49.46 -3.52 -16.89
C VAL E 133 49.56 -2.01 -16.68
N PRO E 134 48.99 -1.50 -15.60
CA PRO E 134 49.10 -0.06 -15.67
C PRO E 134 50.52 0.49 -15.37
N ASP E 135 50.63 1.76 -15.74
CA ASP E 135 51.78 2.60 -15.47
C ASP E 135 52.15 2.42 -14.02
N ASN E 136 53.38 2.01 -13.76
CA ASN E 136 53.94 1.98 -12.42
C ASN E 136 53.54 0.73 -11.63
N ALA E 137 52.61 -0.07 -12.15
CA ALA E 137 52.22 -1.24 -11.38
C ALA E 137 53.36 -2.26 -11.28
N ILE E 138 53.34 -3.01 -10.19
CA ILE E 138 54.11 -4.27 -10.02
C ILE E 138 53.19 -5.48 -10.08
N VAL E 139 53.46 -6.41 -10.99
CA VAL E 139 52.52 -7.50 -11.31
C VAL E 139 53.23 -8.85 -11.24
N ILE E 140 52.62 -9.81 -10.56
CA ILE E 140 53.30 -11.02 -10.13
C ILE E 140 52.25 -12.12 -10.18
N GLY E 141 52.67 -13.37 -10.39
CA GLY E 141 51.78 -14.50 -10.21
C GLY E 141 51.27 -15.10 -11.51
N ASN E 142 50.57 -16.22 -11.40
CA ASN E 142 49.84 -16.81 -12.52
C ASN E 142 48.44 -17.15 -12.02
N PRO E 143 47.44 -16.33 -12.36
CA PRO E 143 47.59 -15.32 -13.41
C PRO E 143 48.18 -14.09 -12.75
N GLY E 144 48.81 -13.19 -13.49
CA GLY E 144 49.45 -12.02 -12.84
C GLY E 144 48.42 -11.11 -12.21
N ARG E 145 48.73 -10.53 -11.04
CA ARG E 145 47.87 -9.66 -10.24
C ARG E 145 48.73 -8.45 -9.84
N ILE E 146 48.17 -7.25 -9.82
CA ILE E 146 48.85 -6.09 -9.28
C ILE E 146 49.02 -6.23 -7.79
N THR E 147 50.28 -6.22 -7.35
CA THR E 147 50.56 -6.37 -5.91
C THR E 147 51.18 -5.10 -5.31
N GLY E 148 51.41 -4.09 -6.13
CA GLY E 148 52.02 -2.86 -5.59
C GLY E 148 52.37 -1.93 -6.73
N TYR E 149 53.03 -0.82 -6.43
CA TYR E 149 53.37 0.19 -7.44
C TYR E 149 54.77 0.62 -7.11
N VAL E 150 55.56 0.92 -8.13
CA VAL E 150 56.96 1.29 -7.99
C VAL E 150 57.13 2.55 -7.11
N GLU E 151 58.09 2.53 -6.19
CA GLU E 151 58.34 3.66 -5.26
C GLU E 151 57.24 4.01 -4.24
N ALA E 152 56.44 3.04 -3.82
CA ALA E 152 55.42 3.18 -2.76
C ALA E 152 55.73 2.38 -1.49
N ASN E 161 52.48 1.99 12.23
CA ASN E 161 52.21 2.75 11.03
C ASN E 161 51.79 4.18 11.34
N ASN E 162 50.87 4.71 10.54
CA ASN E 162 50.25 6.00 10.82
C ASN E 162 48.70 5.91 10.95
N PHE E 163 48.01 6.95 10.47
CA PHE E 163 46.69 7.29 11.00
C PHE E 163 46.79 7.16 12.53
N GLU E 164 47.84 7.76 13.07
CA GLU E 164 48.08 7.75 14.50
C GLU E 164 47.72 9.08 15.14
N LEU E 165 47.81 10.13 14.34
CA LEU E 165 47.41 11.45 14.75
C LEU E 165 46.09 11.74 14.05
N LYS E 166 45.44 12.82 14.46
CA LYS E 166 44.14 13.24 13.92
C LYS E 166 44.22 13.72 12.47
N LEU E 167 45.26 14.49 12.19
CA LEU E 167 45.54 15.05 10.87
C LEU E 167 47.05 14.91 10.65
N GLN E 168 47.43 14.56 9.43
CA GLN E 168 48.80 14.26 9.03
C GLN E 168 48.86 14.44 7.52
N MET E 169 49.88 15.10 7.00
CA MET E 169 49.98 15.32 5.56
C MET E 169 50.81 14.24 4.90
N SER E 170 50.36 13.76 3.74
CA SER E 170 51.17 12.90 2.88
C SER E 170 52.22 13.69 2.08
N LYS E 171 53.23 12.97 1.58
CA LYS E 171 54.15 13.52 0.59
C LYS E 171 53.47 13.77 -0.76
N VAL E 172 52.32 13.11 -1.00
CA VAL E 172 51.54 13.25 -2.23
C VAL E 172 50.69 14.51 -2.07
N LYS E 173 50.77 15.43 -3.03
CA LYS E 173 50.39 16.82 -2.75
C LYS E 173 48.89 17.04 -2.46
N GLY E 174 48.64 17.54 -1.24
CA GLY E 174 47.33 17.96 -0.76
C GLY E 174 46.65 16.84 0.04
N VAL E 175 47.18 15.63 -0.13
CA VAL E 175 46.62 14.43 0.46
C VAL E 175 46.75 14.41 1.97
N SER E 176 45.61 14.30 2.63
CA SER E 176 45.60 14.18 4.08
C SER E 176 45.00 12.86 4.59
N LEU E 177 45.57 12.40 5.70
CA LEU E 177 45.23 11.19 6.42
C LEU E 177 44.62 11.54 7.76
N HIS E 178 43.44 11.00 8.02
CA HIS E 178 42.70 11.37 9.23
C HIS E 178 42.29 10.22 10.16
N LYS E 179 42.28 10.52 11.45
CA LYS E 179 41.77 9.65 12.49
C LYS E 179 40.59 10.27 13.22
N PHE E 180 39.46 9.59 13.12
CA PHE E 180 38.21 10.13 13.61
C PHE E 180 37.99 9.72 15.06
N HIS E 181 37.26 10.56 15.78
CA HIS E 181 36.81 10.28 17.14
C HIS E 181 36.11 8.93 17.17
N LEU E 182 36.51 8.06 18.09
CA LEU E 182 35.97 6.72 18.21
C LEU E 182 35.50 6.53 19.66
N VAL E 183 34.21 6.20 19.84
CA VAL E 183 33.67 5.84 21.16
C VAL E 183 33.36 4.34 21.21
N ASN E 184 33.93 3.71 22.22
CA ASN E 184 33.66 2.31 22.46
C ASN E 184 33.01 2.16 23.84
N ASP E 185 31.87 1.49 23.90
CA ASP E 185 31.35 0.98 25.16
C ASP E 185 30.50 -0.28 24.95
N LEU E 186 29.77 -0.70 25.97
CA LEU E 186 29.18 -2.03 25.90
C LEU E 186 27.89 -2.05 25.08
N ARG E 187 27.35 -0.85 24.81
CA ARG E 187 26.19 -0.65 23.97
C ARG E 187 26.48 -0.66 22.46
N GLY E 188 27.76 -0.60 22.11
CA GLY E 188 28.23 -0.65 20.73
C GLY E 188 28.98 0.60 20.35
N ASN E 189 29.62 0.62 19.19
CA ASN E 189 30.61 1.66 18.90
C ASN E 189 30.15 2.83 18.04
N LEU E 190 30.79 3.98 18.21
CA LEU E 190 30.44 5.12 17.40
C LEU E 190 31.70 5.82 16.87
N SER E 191 31.83 6.05 15.56
CA SER E 191 32.74 7.11 15.10
C SER E 191 32.08 8.26 14.32
N VAL E 192 32.63 9.47 14.46
CA VAL E 192 32.00 10.69 13.95
C VAL E 192 32.99 11.55 13.18
N GLY E 193 32.51 12.20 12.12
CA GLY E 193 33.30 13.11 11.32
C GLY E 193 32.44 14.28 10.91
N GLU E 194 33.05 15.46 10.84
CA GLU E 194 32.36 16.71 10.49
C GLU E 194 32.88 17.38 9.20
N PHE E 195 31.94 17.68 8.31
CA PHE E 195 32.26 18.28 7.01
C PHE E 195 32.67 19.74 7.24
N GLU E 196 33.57 20.21 6.38
CA GLU E 196 34.44 21.38 6.55
C GLU E 196 35.47 21.22 7.66
N LYS E 197 34.98 21.08 8.89
CA LYS E 197 35.80 20.82 10.07
C LYS E 197 36.82 19.68 9.87
N ASP E 198 36.44 18.41 9.95
CA ASP E 198 37.39 17.30 9.79
C ASP E 198 37.60 16.90 8.32
N ILE E 199 36.52 16.83 7.54
CA ILE E 199 36.66 16.52 6.13
C ILE E 199 36.52 17.85 5.38
N PRO E 200 37.48 18.21 4.51
CA PRO E 200 37.60 19.65 4.18
C PRO E 200 36.76 20.17 3.01
N PHE E 201 35.62 19.56 2.75
CA PHE E 201 34.65 20.03 1.77
C PHE E 201 33.28 19.59 2.27
N THR E 202 32.22 20.13 1.67
CA THR E 202 30.85 19.73 1.92
C THR E 202 30.51 18.83 0.74
N PRO E 203 30.03 17.61 1.02
CA PRO E 203 29.80 16.69 -0.07
C PRO E 203 28.51 17.01 -0.84
N LYS E 204 28.42 16.59 -2.10
CA LYS E 204 27.17 16.65 -2.89
C LYS E 204 26.67 15.25 -3.23
N ARG E 205 27.52 14.27 -2.96
CA ARG E 205 27.27 12.87 -3.33
C ARG E 205 28.04 11.93 -2.36
N TYR E 206 27.62 10.68 -2.26
CA TYR E 206 28.40 9.71 -1.50
C TYR E 206 28.21 8.50 -2.40
N PHE E 207 29.14 7.55 -2.35
CA PHE E 207 28.83 6.27 -2.99
C PHE E 207 29.60 5.22 -2.20
N THR E 208 29.22 3.98 -2.46
CA THR E 208 29.73 2.84 -1.74
C THR E 208 30.12 1.85 -2.79
N VAL E 209 31.33 1.36 -2.63
CA VAL E 209 31.87 0.29 -3.44
C VAL E 209 32.00 -0.96 -2.56
N PHE E 210 31.41 -2.05 -3.05
CA PHE E 210 31.34 -3.24 -2.24
C PHE E 210 31.25 -4.47 -3.15
N GLY E 211 31.59 -5.62 -2.56
CA GLY E 211 31.56 -6.94 -3.19
C GLY E 211 32.57 -6.99 -4.33
N VAL E 212 33.70 -6.30 -4.18
CA VAL E 212 34.82 -6.36 -5.12
C VAL E 212 35.63 -7.67 -4.97
N PRO E 213 35.82 -8.44 -6.05
CA PRO E 213 36.74 -9.59 -5.94
C PRO E 213 38.14 -9.12 -5.57
N ASN E 214 38.86 -10.01 -4.90
CA ASN E 214 40.18 -9.67 -4.40
C ASN E 214 41.21 -9.39 -5.49
N LYS E 215 41.00 -9.90 -6.70
CA LYS E 215 41.92 -9.62 -7.79
C LYS E 215 41.73 -8.27 -8.49
N GLU E 216 40.70 -7.53 -8.10
CA GLU E 216 40.25 -6.39 -8.88
C GLU E 216 40.88 -5.06 -8.48
N VAL E 217 41.14 -4.24 -9.49
CA VAL E 217 41.76 -2.93 -9.31
C VAL E 217 40.68 -1.92 -9.69
N ARG E 218 40.40 -0.96 -8.81
CA ARG E 218 39.31 -0.02 -9.05
C ARG E 218 39.89 1.39 -9.11
N GLY E 219 39.12 2.35 -9.65
CA GLY E 219 39.60 3.74 -9.71
C GLY E 219 40.47 3.77 -10.96
N GLU E 220 41.74 4.12 -10.80
CA GLU E 220 42.64 4.30 -11.95
C GLU E 220 42.19 5.59 -12.69
N HIS E 221 42.22 6.71 -11.97
CA HIS E 221 41.83 7.98 -12.52
C HIS E 221 42.15 9.10 -11.56
N ALA E 222 42.07 10.32 -12.09
CA ALA E 222 42.17 11.50 -11.26
C ALA E 222 40.97 12.33 -11.71
N HIS E 223 40.66 13.36 -10.94
CA HIS E 223 39.50 14.22 -11.18
C HIS E 223 39.97 15.66 -11.40
N LYS E 224 39.37 16.36 -12.38
CA LYS E 224 39.66 17.80 -12.61
C LYS E 224 39.15 18.68 -11.49
N GLU E 225 37.86 18.59 -11.17
CA GLU E 225 37.24 19.41 -10.12
C GLU E 225 36.87 18.64 -8.84
N CYS E 226 36.35 17.41 -8.96
CA CYS E 226 35.84 16.63 -7.81
C CYS E 226 36.84 16.27 -6.71
N LYS E 227 36.47 16.63 -5.49
CA LYS E 227 37.21 16.28 -4.28
C LYS E 227 36.63 14.98 -3.75
N GLN E 228 37.49 14.12 -3.17
CA GLN E 228 37.01 12.85 -2.61
C GLN E 228 37.48 12.61 -1.19
N PHE E 229 36.63 11.97 -0.39
CA PHE E 229 37.05 11.51 0.92
C PHE E 229 36.65 10.03 1.08
N LEU E 230 37.62 9.19 1.36
CA LEU E 230 37.43 7.73 1.32
C LEU E 230 37.51 7.26 2.76
N ILE E 231 36.59 6.37 3.12
CA ILE E 231 36.57 5.74 4.44
C ILE E 231 36.18 4.25 4.21
N CYS E 232 37.00 3.35 4.70
CA CYS E 232 36.67 1.93 4.56
C CYS E 232 35.87 1.49 5.77
N VAL E 233 34.63 1.13 5.51
CA VAL E 233 33.61 1.13 6.56
C VAL E 233 33.31 -0.28 7.07
N SER E 234 33.69 -1.31 6.31
CA SER E 234 33.92 -2.63 6.87
C SER E 234 34.99 -3.40 6.09
N GLY E 235 35.71 -4.26 6.80
CA GLY E 235 36.83 -4.96 6.17
C GLY E 235 37.93 -3.98 5.79
N ASN E 236 38.62 -4.22 4.68
CA ASN E 236 39.77 -3.40 4.34
C ASN E 236 39.99 -3.30 2.85
N CYS E 237 40.64 -2.20 2.45
CA CYS E 237 41.14 -2.15 1.09
C CYS E 237 42.40 -1.30 1.08
N SER E 238 43.07 -1.28 -0.07
CA SER E 238 44.21 -0.40 -0.26
C SER E 238 43.99 0.75 -1.24
N VAL E 239 44.58 1.90 -0.91
CA VAL E 239 44.42 3.10 -1.71
C VAL E 239 45.77 3.66 -2.18
N LEU E 240 46.05 3.66 -3.48
CA LEU E 240 47.20 4.39 -3.99
C LEU E 240 46.77 5.81 -4.30
N VAL E 241 47.52 6.78 -3.80
CA VAL E 241 47.41 8.14 -4.27
C VAL E 241 48.73 8.63 -4.87
N ASP E 242 48.59 9.31 -6.02
CA ASP E 242 49.71 9.66 -6.87
C ASP E 242 49.45 11.12 -7.30
N ASP E 243 50.41 12.03 -7.09
CA ASP E 243 50.34 13.43 -7.59
C ASP E 243 51.07 13.74 -8.91
N GLY E 244 51.64 12.70 -9.53
CA GLY E 244 52.37 12.81 -10.80
C GLY E 244 53.84 12.49 -10.57
N GLU E 245 54.34 13.01 -9.45
CA GLU E 245 55.70 12.80 -8.99
C GLU E 245 55.74 11.69 -7.95
N ASN E 246 55.14 11.92 -6.78
CA ASN E 246 55.18 10.93 -5.72
C ASN E 246 53.93 10.09 -5.56
N ARG E 247 54.13 8.90 -5.02
CA ARG E 247 53.00 8.02 -4.77
C ARG E 247 53.20 7.27 -3.47
N GLU E 248 52.07 6.85 -2.90
CA GLU E 248 52.07 6.10 -1.65
C GLU E 248 50.84 5.23 -1.54
N GLU E 249 51.03 4.10 -0.89
CA GLU E 249 49.90 3.21 -0.62
C GLU E 249 49.49 3.24 0.85
N TYR E 250 48.20 3.42 1.10
CA TYR E 250 47.68 3.28 2.45
C TYR E 250 46.69 2.13 2.54
N VAL E 251 46.61 1.54 3.72
CA VAL E 251 45.62 0.53 4.00
C VAL E 251 44.50 1.21 4.75
N LEU E 252 43.28 1.15 4.21
CA LEU E 252 42.11 1.54 4.98
C LEU E 252 41.47 0.29 5.60
N ASP E 253 41.69 0.08 6.90
CA ASP E 253 41.20 -1.16 7.53
C ASP E 253 40.38 -0.87 8.78
N SER E 254 39.88 0.34 8.94
CA SER E 254 39.15 0.66 10.17
C SER E 254 38.28 1.87 9.87
N ILE E 255 37.08 1.85 10.44
CA ILE E 255 36.07 2.87 10.16
C ILE E 255 36.49 4.29 10.62
N ASP E 256 37.42 4.42 11.58
CA ASP E 256 37.92 5.73 11.98
C ASP E 256 39.11 6.30 11.20
N LYS E 257 39.51 5.62 10.11
CA LYS E 257 40.59 6.04 9.25
C LYS E 257 40.04 6.56 7.94
N GLY E 258 40.46 7.78 7.56
CA GLY E 258 40.06 8.38 6.29
C GLY E 258 41.20 9.07 5.57
N ILE E 259 41.02 9.21 4.26
CA ILE E 259 42.00 9.85 3.41
C ILE E 259 41.29 10.85 2.50
N TYR E 260 41.94 12.01 2.41
CA TYR E 260 41.42 13.09 1.58
C TYR E 260 42.17 13.14 0.25
N LEU E 261 41.48 13.02 -0.87
CA LEU E 261 42.12 13.14 -2.18
C LEU E 261 41.71 14.48 -2.83
N PRO E 262 42.64 15.46 -2.88
CA PRO E 262 42.24 16.70 -3.59
C PRO E 262 41.99 16.42 -5.07
N PRO E 263 41.48 17.40 -5.82
CA PRO E 263 41.29 17.11 -7.24
C PRO E 263 42.67 17.04 -7.93
N MET E 264 42.75 16.34 -9.04
CA MET E 264 44.07 16.08 -9.64
C MET E 264 44.95 15.22 -8.74
N THR E 265 44.38 14.12 -8.24
CA THR E 265 45.12 13.13 -7.45
C THR E 265 44.74 11.83 -8.10
N TRP E 266 45.72 11.15 -8.68
CA TRP E 266 45.42 9.85 -9.26
C TRP E 266 45.17 8.89 -8.10
N GLY E 267 44.13 8.10 -8.26
CA GLY E 267 43.68 7.21 -7.19
C GLY E 267 43.42 5.79 -7.64
N VAL E 268 43.79 4.82 -6.82
CA VAL E 268 43.52 3.40 -7.11
C VAL E 268 43.04 2.79 -5.80
N GLN E 269 41.97 2.03 -5.85
CA GLN E 269 41.63 1.16 -4.73
C GLN E 269 41.69 -0.29 -5.17
N TYR E 270 42.45 -1.09 -4.46
CA TYR E 270 42.55 -2.51 -4.75
C TYR E 270 42.78 -3.31 -3.46
N LYS E 271 43.07 -4.60 -3.57
CA LYS E 271 43.21 -5.45 -2.38
C LYS E 271 42.02 -5.36 -1.42
N TYR E 272 40.83 -5.32 -1.99
CA TYR E 272 39.62 -5.33 -1.19
C TYR E 272 39.38 -6.69 -0.52
N SER E 273 39.07 -6.70 0.76
CA SER E 273 38.66 -7.96 1.36
C SER E 273 37.24 -8.28 0.91
N LYS E 274 36.90 -9.58 0.99
CA LYS E 274 35.55 -10.11 0.69
C LYS E 274 34.41 -9.21 1.20
N ASP E 275 34.45 -8.88 2.48
CA ASP E 275 33.41 -8.10 3.10
C ASP E 275 33.61 -6.58 3.04
N ALA E 276 34.63 -6.10 2.32
CA ALA E 276 34.96 -4.68 2.39
C ALA E 276 33.88 -3.81 1.72
N VAL E 277 33.63 -2.65 2.31
CA VAL E 277 32.75 -1.65 1.75
C VAL E 277 33.55 -0.36 1.81
N LEU E 278 33.82 0.27 0.67
CA LEU E 278 34.40 1.62 0.70
C LEU E 278 33.27 2.61 0.56
N LEU E 279 33.31 3.64 1.40
CA LEU E 279 32.44 4.81 1.37
C LEU E 279 33.20 6.03 0.85
N VAL E 280 32.63 6.68 -0.17
CA VAL E 280 33.27 7.86 -0.73
C VAL E 280 32.29 9.02 -0.68
N PHE E 281 32.77 10.11 -0.10
CA PHE E 281 32.18 11.44 -0.17
C PHE E 281 32.79 12.30 -1.28
N ALA E 282 31.93 12.90 -2.11
CA ALA E 282 32.34 13.74 -3.26
C ALA E 282 31.83 15.16 -3.16
N SER E 283 32.59 16.12 -3.70
CA SER E 283 32.22 17.55 -3.61
C SER E 283 31.20 17.96 -4.65
N HIS E 284 31.07 17.16 -5.72
CA HIS E 284 30.30 17.43 -6.94
C HIS E 284 29.40 16.26 -7.33
N TYR E 285 28.29 16.54 -8.01
CA TYR E 285 27.51 15.49 -8.62
C TYR E 285 28.30 14.68 -9.63
N TYR E 286 27.72 13.56 -10.08
CA TYR E 286 28.44 12.66 -10.92
C TYR E 286 28.62 13.32 -12.28
N ASP E 287 29.79 13.13 -12.89
CA ASP E 287 30.13 13.80 -14.14
C ASP E 287 31.17 12.99 -14.91
N SER E 288 30.70 12.21 -15.87
CA SER E 288 31.61 11.38 -16.68
C SER E 288 32.70 12.13 -17.45
N ASP E 289 32.57 13.45 -17.56
CA ASP E 289 33.52 14.33 -18.24
C ASP E 289 34.61 14.79 -17.30
N ASP E 290 34.50 14.49 -16.01
CA ASP E 290 35.43 15.07 -15.05
C ASP E 290 36.62 14.18 -14.80
N TYR E 291 36.56 13.01 -15.43
CA TYR E 291 37.54 11.93 -15.26
C TYR E 291 38.74 12.10 -16.15
N ILE E 292 39.95 12.02 -15.60
CA ILE E 292 41.17 11.80 -16.41
C ILE E 292 41.60 10.33 -16.30
N ARG E 293 41.37 9.51 -17.32
CA ARG E 293 41.68 8.08 -17.22
C ARG E 293 43.08 7.67 -17.68
N ASP E 294 43.80 8.64 -18.22
CA ASP E 294 44.84 8.42 -19.19
C ASP E 294 46.09 8.80 -18.41
N TYR E 295 46.95 7.88 -18.04
CA TYR E 295 47.92 8.32 -17.04
C TYR E 295 48.94 9.35 -17.54
N SER E 296 49.33 9.24 -18.81
CA SER E 296 50.23 10.20 -19.45
C SER E 296 49.53 11.56 -19.50
N THR E 297 48.35 11.57 -20.12
CA THR E 297 47.53 12.77 -20.17
C THR E 297 47.53 13.46 -18.81
N PHE E 298 47.44 12.67 -17.73
CA PHE E 298 47.41 13.22 -16.36
C PHE E 298 48.75 13.81 -15.97
N LYS E 299 49.82 13.05 -16.15
CA LYS E 299 51.13 13.50 -15.71
C LYS E 299 51.52 14.83 -16.37
N GLN E 300 51.07 15.02 -17.60
CA GLN E 300 51.49 16.25 -18.27
C GLN E 300 50.95 17.45 -17.50
N MET E 301 49.67 17.37 -17.14
CA MET E 301 49.02 18.39 -16.31
C MET E 301 49.52 18.30 -14.89
N MET F 1 85.41 -31.73 -25.12
CA MET F 1 84.77 -31.63 -26.45
C MET F 1 83.97 -30.30 -26.55
N ILE F 2 84.44 -29.38 -27.37
CA ILE F 2 83.72 -28.13 -27.56
C ILE F 2 83.30 -28.10 -29.01
N HIS F 3 81.99 -28.22 -29.23
CA HIS F 3 81.44 -28.33 -30.58
C HIS F 3 81.84 -27.07 -31.36
N LYS F 4 82.04 -27.19 -32.67
CA LYS F 4 82.45 -26.04 -33.49
C LYS F 4 81.30 -25.05 -33.74
N LEU F 5 80.06 -25.47 -33.49
CA LEU F 5 78.96 -24.54 -33.51
C LEU F 5 78.77 -23.72 -32.22
N ALA F 6 79.63 -23.96 -31.22
CA ALA F 6 79.63 -23.21 -29.94
C ALA F 6 80.61 -22.03 -29.90
N ASP F 7 80.32 -20.98 -29.16
CA ASP F 7 81.27 -19.87 -29.03
C ASP F 7 81.77 -19.77 -27.58
N VAL F 8 82.85 -20.53 -27.35
CA VAL F 8 83.50 -20.65 -26.06
C VAL F 8 84.77 -19.82 -25.98
N GLN F 9 84.79 -18.86 -25.09
CA GLN F 9 85.88 -17.91 -24.90
C GLN F 9 86.62 -18.24 -23.62
N SER F 10 86.19 -19.23 -22.85
CA SER F 10 86.91 -19.53 -21.62
C SER F 10 87.81 -20.76 -21.74
N GLN F 11 88.93 -20.67 -21.01
CA GLN F 11 90.01 -21.66 -20.98
C GLN F 11 89.97 -22.64 -19.79
N ASN F 12 89.19 -22.32 -18.76
CA ASN F 12 89.03 -23.15 -17.56
C ASN F 12 87.79 -24.03 -17.59
N ILE F 13 87.81 -24.99 -18.50
CA ILE F 13 86.76 -25.97 -18.65
C ILE F 13 87.49 -27.29 -18.41
N GLY F 14 87.06 -28.11 -17.45
CA GLY F 14 87.70 -29.37 -17.14
C GLY F 14 87.52 -30.45 -18.20
N ASP F 15 88.27 -31.55 -18.07
CA ASP F 15 88.26 -32.70 -18.98
C ASP F 15 86.88 -33.34 -18.98
N ASN F 16 86.51 -33.98 -20.09
CA ASN F 16 85.23 -34.63 -20.34
C ASN F 16 83.95 -33.81 -20.42
N THR F 17 84.09 -32.52 -20.12
CA THR F 17 82.98 -31.58 -20.18
C THR F 17 82.68 -31.34 -21.66
N LYS F 18 81.45 -31.62 -22.05
CA LYS F 18 80.93 -31.32 -23.39
C LYS F 18 80.15 -29.99 -23.39
N VAL F 19 80.43 -29.15 -24.39
CA VAL F 19 79.66 -27.97 -24.66
C VAL F 19 79.14 -28.22 -26.06
N TRP F 20 77.83 -28.14 -26.28
CA TRP F 20 77.21 -28.46 -27.55
C TRP F 20 76.92 -27.22 -28.42
N GLN F 21 76.14 -27.42 -29.47
CA GLN F 21 75.97 -26.35 -30.44
C GLN F 21 75.27 -25.08 -29.96
N PHE F 22 75.78 -23.90 -30.31
CA PHE F 22 75.05 -22.67 -30.05
C PHE F 22 75.09 -22.32 -28.56
N CYS F 23 76.12 -22.81 -27.90
CA CYS F 23 76.36 -22.37 -26.56
C CYS F 23 77.33 -21.21 -26.60
N VAL F 24 77.06 -20.21 -25.76
CA VAL F 24 77.98 -19.11 -25.62
C VAL F 24 78.59 -19.22 -24.24
N ILE F 25 79.92 -19.24 -24.17
CA ILE F 25 80.63 -19.20 -22.88
C ILE F 25 81.65 -18.10 -22.65
N LEU F 26 81.38 -17.12 -21.81
CA LEU F 26 82.34 -16.02 -21.68
C LEU F 26 83.66 -16.37 -20.96
N ALA F 27 84.64 -15.48 -21.11
CA ALA F 27 86.02 -15.84 -20.77
C ALA F 27 86.28 -16.11 -19.29
N GLY F 28 85.68 -15.32 -18.39
CA GLY F 28 85.81 -15.57 -16.95
C GLY F 28 85.14 -16.78 -16.29
N ALA F 29 84.36 -17.56 -17.05
CA ALA F 29 83.64 -18.73 -16.52
C ALA F 29 84.66 -19.76 -16.11
N VAL F 30 84.33 -20.55 -15.08
CA VAL F 30 85.10 -21.70 -14.59
C VAL F 30 84.09 -22.85 -14.48
N ILE F 31 84.26 -23.85 -15.32
CA ILE F 31 83.42 -25.03 -15.33
C ILE F 31 84.27 -26.25 -15.03
N GLY F 32 83.81 -27.12 -14.13
CA GLY F 32 84.56 -28.31 -13.73
C GLY F 32 84.62 -29.44 -14.75
N ARG F 33 84.94 -30.63 -14.25
CA ARG F 33 85.18 -31.84 -15.04
C ARG F 33 83.87 -32.56 -15.29
N ASN F 34 83.78 -33.24 -16.42
CA ASN F 34 82.64 -34.11 -16.69
C ASN F 34 81.22 -33.50 -16.71
N CYS F 35 81.13 -32.22 -17.05
CA CYS F 35 79.85 -31.56 -17.11
C CYS F 35 79.23 -31.81 -18.50
N ASN F 36 77.93 -31.56 -18.69
CA ASN F 36 77.40 -31.44 -20.03
C ASN F 36 76.68 -30.13 -20.11
N ILE F 37 77.05 -29.37 -21.12
CA ILE F 37 76.42 -28.10 -21.39
C ILE F 37 75.73 -28.19 -22.74
N CYS F 38 74.41 -28.44 -22.69
CA CYS F 38 73.54 -28.74 -23.83
C CYS F 38 73.21 -27.53 -24.71
N ALA F 39 72.68 -27.82 -25.89
CA ALA F 39 72.62 -26.77 -26.90
C ALA F 39 71.90 -25.51 -26.45
N ASN F 40 72.32 -24.35 -26.95
CA ASN F 40 71.56 -23.10 -26.87
C ASN F 40 71.44 -22.68 -25.43
N SER F 41 72.52 -22.85 -24.68
CA SER F 41 72.56 -22.16 -23.41
C SER F 41 73.76 -21.19 -23.24
N LEU F 42 73.79 -20.39 -22.19
CA LEU F 42 74.81 -19.37 -22.11
C LEU F 42 75.30 -19.33 -20.68
N ILE F 43 76.60 -19.10 -20.51
CA ILE F 43 77.30 -18.97 -19.23
C ILE F 43 78.22 -17.75 -19.23
N GLU F 44 77.96 -16.79 -18.34
CA GLU F 44 78.62 -15.49 -18.31
C GLU F 44 80.01 -15.64 -17.68
N ASN F 45 80.56 -14.56 -17.13
CA ASN F 45 81.96 -14.54 -16.63
C ASN F 45 82.10 -14.91 -15.15
N ASP F 46 81.42 -14.14 -14.29
CA ASP F 46 81.50 -14.30 -12.83
C ASP F 46 80.82 -15.57 -12.34
N VAL F 47 81.13 -16.71 -12.97
CA VAL F 47 80.43 -17.97 -12.76
C VAL F 47 81.42 -19.06 -12.40
N VAL F 48 81.04 -19.96 -11.50
CA VAL F 48 81.79 -21.20 -11.23
C VAL F 48 80.79 -22.37 -11.30
N ILE F 49 81.01 -23.29 -12.22
CA ILE F 49 80.31 -24.59 -12.24
C ILE F 49 81.29 -25.69 -11.80
N GLY F 50 80.89 -26.42 -10.76
CA GLY F 50 81.58 -27.61 -10.23
C GLY F 50 81.55 -28.79 -11.19
N ASP F 51 81.80 -29.98 -10.65
CA ASP F 51 81.97 -31.22 -11.44
C ASP F 51 80.66 -31.99 -11.55
N ASN F 52 80.53 -32.81 -12.59
CA ASN F 52 79.30 -33.55 -12.93
C ASN F 52 77.97 -32.79 -12.93
N VAL F 53 77.99 -31.55 -13.39
CA VAL F 53 76.79 -30.74 -13.51
C VAL F 53 76.13 -30.96 -14.87
N THR F 54 74.83 -31.17 -14.93
CA THR F 54 74.13 -31.21 -16.23
C THR F 54 73.35 -29.90 -16.39
N ILE F 55 73.61 -29.18 -17.48
CA ILE F 55 72.85 -27.97 -17.80
C ILE F 55 72.14 -28.16 -19.13
N LYS F 56 70.86 -28.46 -19.09
CA LYS F 56 70.16 -28.70 -20.34
C LYS F 56 69.88 -27.42 -21.11
N SER F 57 69.23 -27.54 -22.26
CA SER F 57 69.07 -26.40 -23.15
C SER F 57 68.24 -25.19 -22.65
N GLY F 58 68.47 -24.03 -23.24
CA GLY F 58 67.66 -22.83 -23.02
C GLY F 58 67.89 -22.26 -21.64
N VAL F 59 69.01 -22.64 -21.02
CA VAL F 59 69.38 -22.06 -19.72
C VAL F 59 70.39 -20.91 -19.83
N GLN F 60 70.34 -19.92 -18.95
CA GLN F 60 71.42 -18.93 -18.86
C GLN F 60 71.98 -18.79 -17.44
N ILE F 61 73.28 -18.99 -17.24
CA ILE F 61 73.88 -18.86 -15.93
C ILE F 61 74.58 -17.50 -15.86
N TRP F 62 73.96 -16.53 -15.21
CA TRP F 62 74.44 -15.15 -15.22
C TRP F 62 75.57 -14.92 -14.22
N ASP F 63 76.25 -13.78 -14.32
CA ASP F 63 77.20 -13.34 -13.28
C ASP F 63 76.62 -13.47 -11.87
N GLY F 64 77.42 -14.03 -10.97
CA GLY F 64 77.10 -14.15 -9.54
C GLY F 64 76.49 -15.50 -9.23
N ILE F 65 76.50 -16.43 -10.18
CA ILE F 65 75.85 -17.69 -9.89
C ILE F 65 76.88 -18.79 -9.77
N HIS F 66 76.78 -19.59 -8.69
CA HIS F 66 77.72 -20.69 -8.40
C HIS F 66 76.88 -21.97 -8.44
N ILE F 67 77.30 -22.98 -9.21
CA ILE F 67 76.61 -24.26 -9.25
C ILE F 67 77.57 -25.33 -8.72
N GLN F 68 77.33 -25.81 -7.51
CA GLN F 68 78.16 -26.88 -6.97
C GLN F 68 77.98 -28.21 -7.72
N ASP F 69 78.71 -29.24 -7.28
CA ASP F 69 78.85 -30.55 -7.94
C ASP F 69 77.53 -31.31 -8.07
N ASP F 70 77.43 -32.26 -8.99
CA ASP F 70 76.27 -33.13 -9.14
C ASP F 70 74.86 -32.53 -9.39
N VAL F 71 74.76 -31.21 -9.47
CA VAL F 71 73.53 -30.48 -9.74
C VAL F 71 72.94 -30.77 -11.12
N PHE F 72 71.63 -30.92 -11.19
CA PHE F 72 70.98 -31.07 -12.48
C PHE F 72 70.21 -29.77 -12.74
N ILE F 73 70.49 -29.13 -13.89
CA ILE F 73 69.67 -27.96 -14.26
C ILE F 73 68.82 -28.27 -15.48
N GLY F 74 67.50 -28.29 -15.29
CA GLY F 74 66.57 -28.77 -16.32
C GLY F 74 66.41 -27.78 -17.47
N PRO F 75 65.71 -28.20 -18.55
CA PRO F 75 65.64 -27.29 -19.69
C PRO F 75 64.92 -26.00 -19.38
N ASN F 76 65.31 -24.94 -20.07
CA ASN F 76 64.63 -23.66 -19.96
C ASN F 76 64.54 -23.19 -18.52
N VAL F 77 65.36 -23.77 -17.63
CA VAL F 77 65.59 -23.08 -16.36
C VAL F 77 66.16 -21.67 -16.53
N THR F 78 65.57 -20.68 -15.87
CA THR F 78 65.92 -19.30 -15.91
C THR F 78 66.47 -18.74 -14.58
N PHE F 79 67.66 -18.15 -14.59
CA PHE F 79 68.15 -17.45 -13.42
C PHE F 79 68.08 -15.95 -13.60
N THR F 80 68.30 -15.20 -12.53
CA THR F 80 68.28 -13.76 -12.61
C THR F 80 69.40 -13.29 -11.68
N ASN F 81 69.66 -11.99 -11.58
CA ASN F 81 70.63 -11.47 -10.61
C ASN F 81 70.34 -10.03 -10.16
N ASP F 82 69.35 -9.41 -10.81
CA ASP F 82 68.85 -8.11 -10.42
C ASP F 82 67.35 -8.18 -10.08
N LYS F 83 67.02 -7.89 -8.83
CA LYS F 83 65.67 -7.93 -8.29
C LYS F 83 64.76 -6.81 -8.80
N GLN F 84 65.36 -5.69 -9.20
CA GLN F 84 64.64 -4.52 -9.71
C GLN F 84 65.25 -4.03 -11.03
N PRO F 85 65.21 -4.83 -12.11
CA PRO F 85 66.01 -4.45 -13.29
C PRO F 85 65.40 -3.26 -14.02
N ARG F 86 66.24 -2.40 -14.58
CA ARG F 86 65.89 -1.13 -15.23
C ARG F 86 66.97 -0.98 -16.32
N SER F 87 66.63 -0.90 -17.61
CA SER F 87 67.66 -0.78 -18.66
C SER F 87 68.67 0.35 -18.44
N LYS F 88 69.95 0.02 -18.64
CA LYS F 88 71.15 0.85 -18.43
C LYS F 88 71.35 1.49 -17.03
N ILE F 89 71.08 0.71 -15.98
CA ILE F 89 71.27 1.12 -14.57
C ILE F 89 71.76 -0.06 -13.74
N LYS F 96 74.06 -12.52 -5.64
CA LYS F 96 74.70 -13.84 -5.78
C LYS F 96 73.76 -15.02 -5.47
N THR F 97 73.64 -16.02 -6.36
CA THR F 97 72.76 -17.19 -6.15
C THR F 97 73.64 -18.44 -6.06
N ILE F 98 73.32 -19.40 -5.18
CA ILE F 98 74.03 -20.68 -5.08
C ILE F 98 73.10 -21.88 -5.16
N VAL F 99 73.43 -22.82 -6.04
CA VAL F 99 72.70 -24.06 -6.13
C VAL F 99 73.63 -25.14 -5.54
N LYS F 100 73.23 -25.71 -4.41
CA LYS F 100 74.12 -26.56 -3.61
C LYS F 100 74.15 -27.96 -4.16
N LYS F 101 75.21 -28.67 -3.76
CA LYS F 101 75.49 -29.99 -4.28
C LYS F 101 74.27 -30.92 -4.39
N GLY F 102 74.19 -31.63 -5.51
CA GLY F 102 73.11 -32.63 -5.72
C GLY F 102 71.70 -32.10 -5.98
N ALA F 103 71.51 -30.77 -5.90
CA ALA F 103 70.16 -30.24 -6.01
C ALA F 103 69.72 -30.52 -7.45
N SER F 104 68.42 -30.48 -7.68
CA SER F 104 67.88 -30.73 -8.99
C SER F 104 66.83 -29.62 -9.29
N ILE F 105 67.00 -28.88 -10.38
CA ILE F 105 66.09 -27.78 -10.68
C ILE F 105 65.26 -28.16 -11.91
N GLY F 106 63.95 -28.20 -11.71
CA GLY F 106 63.09 -28.72 -12.76
C GLY F 106 62.88 -27.66 -13.82
N ALA F 107 62.32 -28.16 -14.91
CA ALA F 107 62.17 -27.52 -16.19
C ALA F 107 61.43 -26.18 -16.15
N ASN F 108 62.00 -25.17 -16.78
CA ASN F 108 61.25 -23.91 -16.97
C ASN F 108 60.86 -23.24 -15.65
N SER F 109 61.59 -23.66 -14.60
CA SER F 109 61.66 -22.97 -13.34
C SER F 109 62.23 -21.57 -13.50
N THR F 110 62.02 -20.74 -12.49
CA THR F 110 62.52 -19.40 -12.52
C THR F 110 63.06 -19.16 -11.13
N ILE F 111 64.36 -18.84 -11.02
CA ILE F 111 65.05 -18.69 -9.74
C ILE F 111 65.31 -17.22 -9.55
N LEU F 112 64.76 -16.66 -8.49
CA LEU F 112 65.01 -15.26 -8.22
C LEU F 112 66.45 -15.00 -7.78
N PRO F 113 66.84 -13.74 -7.66
CA PRO F 113 68.25 -13.40 -7.43
C PRO F 113 68.62 -13.53 -5.96
N GLY F 114 69.89 -13.90 -5.72
CA GLY F 114 70.42 -14.00 -4.36
C GLY F 114 69.83 -15.15 -3.56
N ILE F 115 69.57 -16.27 -4.21
CA ILE F 115 68.78 -17.34 -3.61
C ILE F 115 69.68 -18.53 -3.38
N LEU F 116 69.46 -19.21 -2.27
CA LEU F 116 70.12 -20.48 -1.98
C LEU F 116 69.24 -21.70 -2.22
N ILE F 117 69.66 -22.58 -3.10
CA ILE F 117 68.99 -23.87 -3.20
C ILE F 117 69.81 -24.97 -2.55
N GLY F 118 69.19 -25.67 -1.60
CA GLY F 118 69.93 -26.59 -0.73
C GLY F 118 70.25 -27.94 -1.34
N GLU F 119 71.25 -28.59 -0.73
CA GLU F 119 71.66 -29.92 -1.16
C GLU F 119 70.52 -30.90 -1.30
N ASN F 120 70.52 -31.63 -2.41
CA ASN F 120 69.50 -32.61 -2.74
C ASN F 120 68.06 -32.18 -2.92
N ALA F 121 67.83 -30.88 -2.75
CA ALA F 121 66.54 -30.27 -3.07
C ALA F 121 66.03 -30.53 -4.47
N MET F 122 64.70 -30.47 -4.59
CA MET F 122 64.07 -30.72 -5.86
C MET F 122 63.12 -29.56 -6.11
N VAL F 123 63.50 -28.67 -7.01
CA VAL F 123 62.65 -27.55 -7.43
C VAL F 123 61.81 -28.15 -8.58
N GLY F 124 60.49 -28.01 -8.49
CA GLY F 124 59.59 -28.65 -9.45
C GLY F 124 59.49 -27.96 -10.80
N ALA F 125 59.21 -28.71 -11.85
CA ALA F 125 59.02 -28.03 -13.14
C ALA F 125 58.17 -26.74 -12.99
N GLY F 126 58.62 -25.62 -13.56
CA GLY F 126 57.77 -24.45 -13.63
C GLY F 126 57.64 -23.65 -12.36
N ALA F 127 58.38 -23.96 -11.31
CA ALA F 127 58.18 -23.24 -10.04
C ALA F 127 58.85 -21.87 -10.12
N VAL F 128 58.39 -20.91 -9.33
CA VAL F 128 58.99 -19.59 -9.28
C VAL F 128 59.52 -19.48 -7.84
N ILE F 129 60.83 -19.57 -7.71
CA ILE F 129 61.53 -19.70 -6.44
C ILE F 129 61.91 -18.30 -6.00
N THR F 130 61.18 -17.84 -5.00
CA THR F 130 61.30 -16.54 -4.42
C THR F 130 62.07 -16.62 -3.11
N LYS F 131 62.27 -17.79 -2.53
CA LYS F 131 62.97 -17.87 -1.25
C LYS F 131 63.97 -19.02 -1.22
N ASN F 132 64.91 -18.91 -0.28
CA ASN F 132 65.83 -20.01 -0.01
C ASN F 132 65.12 -21.34 0.08
N VAL F 133 65.67 -22.34 -0.59
CA VAL F 133 65.14 -23.70 -0.54
C VAL F 133 66.05 -24.44 0.45
N PRO F 134 65.50 -24.97 1.58
CA PRO F 134 66.26 -25.88 2.47
C PRO F 134 66.66 -27.23 1.80
N ASP F 135 67.62 -27.93 2.43
CA ASP F 135 68.16 -29.20 1.89
C ASP F 135 67.05 -30.22 1.83
N ASN F 136 67.00 -31.04 0.77
CA ASN F 136 65.99 -32.09 0.63
C ASN F 136 64.55 -31.67 0.28
N ALA F 137 64.30 -30.36 0.35
CA ALA F 137 62.95 -29.82 0.20
C ALA F 137 62.41 -30.08 -1.20
N ILE F 138 61.11 -30.24 -1.34
CA ILE F 138 60.56 -30.30 -2.70
C ILE F 138 59.72 -29.02 -2.79
N VAL F 139 59.98 -28.20 -3.80
CA VAL F 139 59.27 -26.91 -3.96
C VAL F 139 58.58 -26.88 -5.31
N ILE F 140 57.33 -26.45 -5.31
CA ILE F 140 56.43 -26.47 -6.47
C ILE F 140 55.56 -25.21 -6.39
N GLY F 141 55.07 -24.72 -7.54
CA GLY F 141 54.10 -23.62 -7.71
C GLY F 141 54.64 -22.21 -7.93
N ASN F 142 53.70 -21.27 -8.10
CA ASN F 142 53.99 -19.83 -8.24
C ASN F 142 53.19 -19.05 -7.20
N PRO F 143 53.86 -18.60 -6.13
CA PRO F 143 55.28 -18.67 -5.76
C PRO F 143 55.62 -20.09 -5.31
N GLY F 144 56.87 -20.52 -5.27
CA GLY F 144 57.08 -21.93 -4.94
C GLY F 144 56.91 -22.09 -3.44
N ARG F 145 56.28 -23.19 -3.01
CA ARG F 145 56.03 -23.55 -1.60
C ARG F 145 56.63 -24.93 -1.40
N ILE F 146 57.11 -25.20 -0.19
CA ILE F 146 57.65 -26.51 0.14
C ILE F 146 56.42 -27.43 0.27
N THR F 147 56.34 -28.49 -0.51
CA THR F 147 55.18 -29.37 -0.44
C THR F 147 55.54 -30.78 0.01
N GLY F 148 56.83 -31.05 0.22
CA GLY F 148 57.31 -32.41 0.50
C GLY F 148 58.81 -32.43 0.70
N TYR F 149 59.34 -33.57 1.13
CA TYR F 149 60.79 -33.69 1.31
C TYR F 149 61.19 -34.92 0.56
N VAL F 150 62.37 -34.84 -0.05
CA VAL F 150 62.81 -35.93 -0.90
C VAL F 150 62.99 -37.16 0.01
N GLU F 151 62.48 -38.30 -0.46
CA GLU F 151 62.50 -39.59 0.23
C GLU F 151 61.77 -39.64 1.59
N ALA F 152 60.65 -38.93 1.72
CA ALA F 152 59.79 -38.94 2.92
C ALA F 152 58.41 -39.47 2.59
N PHE F 163 48.24 -45.95 12.47
CA PHE F 163 48.28 -44.90 13.49
C PHE F 163 47.26 -45.28 14.58
N GLU F 164 46.44 -46.28 14.30
CA GLU F 164 45.21 -46.39 15.06
C GLU F 164 45.23 -47.37 16.23
N LEU F 165 46.39 -47.46 16.87
CA LEU F 165 46.62 -48.31 18.05
C LEU F 165 47.64 -47.66 18.99
N LYS F 166 47.54 -47.96 20.29
CA LYS F 166 48.17 -47.19 21.37
C LYS F 166 49.63 -46.66 21.21
N LEU F 167 50.49 -47.51 20.65
CA LEU F 167 51.91 -47.19 20.45
C LEU F 167 52.58 -47.92 19.28
N GLN F 168 52.93 -47.16 18.27
CA GLN F 168 53.52 -47.68 17.04
C GLN F 168 54.90 -47.06 16.82
N MET F 169 55.81 -47.76 16.16
CA MET F 169 57.12 -47.14 15.86
C MET F 169 57.22 -46.58 14.45
N SER F 170 57.84 -45.42 14.33
CA SER F 170 58.21 -44.89 13.01
C SER F 170 59.36 -45.66 12.33
N LYS F 171 59.63 -45.38 11.05
CA LYS F 171 60.89 -45.81 10.45
C LYS F 171 62.11 -44.96 10.84
N VAL F 172 61.88 -43.86 11.52
CA VAL F 172 62.96 -42.96 11.89
C VAL F 172 63.28 -43.28 13.34
N LYS F 173 64.59 -43.39 13.61
CA LYS F 173 65.16 -43.85 14.88
C LYS F 173 64.62 -43.30 16.20
N GLY F 174 63.90 -44.17 16.90
CA GLY F 174 63.33 -43.88 18.22
C GLY F 174 62.08 -42.99 18.21
N VAL F 175 61.65 -42.56 17.02
CA VAL F 175 60.46 -41.74 16.95
C VAL F 175 59.29 -42.67 17.10
N SER F 176 58.48 -42.39 18.11
CA SER F 176 57.29 -43.21 18.32
C SER F 176 55.97 -42.46 18.09
N LEU F 177 54.94 -43.18 17.67
CA LEU F 177 53.65 -42.53 17.39
C LEU F 177 52.64 -42.99 18.43
N HIS F 178 51.89 -42.02 18.97
CA HIS F 178 50.96 -42.30 20.06
C HIS F 178 49.48 -41.99 19.85
N LYS F 179 48.63 -42.83 20.42
CA LYS F 179 47.19 -42.62 20.47
C LYS F 179 46.80 -42.59 21.94
N PHE F 180 46.13 -41.52 22.32
CA PHE F 180 45.75 -41.27 23.71
C PHE F 180 44.32 -41.67 24.01
N HIS F 181 44.04 -41.90 25.28
CA HIS F 181 42.71 -42.29 25.71
C HIS F 181 41.79 -41.10 25.40
N LEU F 182 40.72 -41.40 24.68
CA LEU F 182 39.74 -40.40 24.30
C LEU F 182 38.35 -40.83 24.71
N VAL F 183 37.67 -39.98 25.51
CA VAL F 183 36.25 -40.22 25.74
C VAL F 183 35.28 -39.21 25.15
N ASN F 184 34.30 -39.75 24.44
CA ASN F 184 33.16 -38.95 23.98
C ASN F 184 31.82 -39.24 24.66
N ASP F 185 31.21 -38.15 25.15
CA ASP F 185 29.82 -38.20 25.60
C ASP F 185 29.10 -36.87 25.37
N LEU F 186 27.90 -36.81 25.93
CA LEU F 186 26.98 -35.69 25.72
C LEU F 186 27.51 -34.40 26.36
N ARG F 187 28.25 -34.55 27.45
CA ARG F 187 28.77 -33.41 28.21
C ARG F 187 30.03 -32.83 27.59
N GLY F 188 30.56 -33.47 26.55
CA GLY F 188 31.82 -33.06 25.97
C GLY F 188 32.78 -34.18 25.58
N ASN F 189 34.04 -33.80 25.48
CA ASN F 189 35.08 -34.74 25.09
C ASN F 189 36.29 -34.54 25.97
N LEU F 190 36.96 -35.65 26.30
CA LEU F 190 38.21 -35.62 27.06
C LEU F 190 39.26 -36.58 26.49
N SER F 191 40.46 -36.06 26.32
CA SER F 191 41.65 -36.92 26.18
C SER F 191 42.74 -36.66 27.22
N VAL F 192 43.48 -37.71 27.55
CA VAL F 192 44.36 -37.59 28.70
C VAL F 192 45.64 -38.29 28.30
N GLY F 193 46.77 -37.81 28.81
CA GLY F 193 48.01 -38.57 28.69
C GLY F 193 48.83 -38.48 29.95
N GLU F 194 49.59 -39.55 30.21
CA GLU F 194 50.44 -39.62 31.41
C GLU F 194 51.96 -39.42 31.13
N PHE F 195 52.62 -38.51 31.82
CA PHE F 195 54.06 -38.44 31.58
C PHE F 195 54.80 -39.64 32.21
N GLU F 196 55.81 -40.15 31.50
CA GLU F 196 56.53 -41.40 31.78
C GLU F 196 55.79 -42.67 31.40
N LYS F 197 54.47 -42.66 31.50
CA LYS F 197 53.82 -43.85 31.01
C LYS F 197 53.58 -43.70 29.51
N ASP F 198 52.83 -42.68 29.10
CA ASP F 198 52.45 -42.53 27.68
C ASP F 198 53.61 -41.81 26.97
N ILE F 199 53.83 -40.55 27.30
CA ILE F 199 54.89 -39.73 26.75
C ILE F 199 56.16 -40.09 27.51
N PRO F 200 57.28 -40.40 26.80
CA PRO F 200 58.36 -41.03 27.58
C PRO F 200 59.28 -40.08 28.32
N PHE F 201 58.76 -39.03 28.95
CA PHE F 201 59.61 -38.20 29.81
C PHE F 201 58.76 -37.25 30.61
N THR F 202 59.40 -36.48 31.46
CA THR F 202 58.68 -35.51 32.28
C THR F 202 59.09 -34.10 31.84
N PRO F 203 58.13 -33.24 31.45
CA PRO F 203 58.65 -32.03 30.82
C PRO F 203 59.11 -31.03 31.83
N LYS F 204 59.99 -30.14 31.42
CA LYS F 204 60.19 -28.98 32.23
C LYS F 204 59.58 -27.73 31.58
N ARG F 205 59.07 -27.88 30.36
CA ARG F 205 58.49 -26.75 29.62
C ARG F 205 57.48 -27.20 28.56
N TYR F 206 56.52 -26.32 28.23
CA TYR F 206 55.59 -26.58 27.13
C TYR F 206 55.58 -25.23 26.41
N PHE F 207 55.33 -25.29 25.11
CA PHE F 207 54.99 -24.08 24.39
C PHE F 207 53.96 -24.43 23.33
N THR F 208 53.39 -23.37 22.80
CA THR F 208 52.33 -23.48 21.80
C THR F 208 52.67 -22.64 20.56
N VAL F 209 52.42 -23.18 19.38
CA VAL F 209 52.63 -22.45 18.15
C VAL F 209 51.29 -22.33 17.43
N PHE F 210 50.87 -21.11 17.07
CA PHE F 210 49.57 -20.91 16.41
C PHE F 210 49.58 -19.64 15.55
N GLY F 211 48.52 -19.47 14.76
CA GLY F 211 48.43 -18.28 13.89
C GLY F 211 49.53 -18.34 12.83
N VAL F 212 49.81 -19.53 12.30
CA VAL F 212 50.94 -19.78 11.42
C VAL F 212 50.41 -19.81 10.01
N PRO F 213 50.92 -18.89 9.16
CA PRO F 213 50.57 -18.84 7.74
C PRO F 213 50.78 -20.21 7.15
N ASN F 214 49.91 -20.58 6.22
CA ASN F 214 49.95 -21.88 5.61
C ASN F 214 51.17 -22.16 4.74
N LYS F 215 51.81 -21.09 4.29
CA LYS F 215 53.06 -21.18 3.50
C LYS F 215 54.28 -21.41 4.37
N GLU F 216 54.27 -20.90 5.61
CA GLU F 216 55.40 -20.95 6.53
C GLU F 216 55.89 -22.37 6.78
N VAL F 217 57.19 -22.44 7.05
CA VAL F 217 57.86 -23.69 7.43
C VAL F 217 58.53 -23.40 8.76
N ARG F 218 58.09 -24.13 9.78
CA ARG F 218 58.55 -24.01 11.17
C ARG F 218 59.58 -25.09 11.53
N GLY F 219 60.37 -24.85 12.57
CA GLY F 219 61.42 -25.81 12.96
C GLY F 219 62.69 -25.69 12.12
N GLU F 220 62.93 -26.68 11.27
CA GLU F 220 64.21 -26.88 10.56
C GLU F 220 65.36 -26.85 11.55
N HIS F 221 65.33 -27.83 12.45
CA HIS F 221 66.37 -28.03 13.45
C HIS F 221 66.34 -29.36 14.16
N ALA F 222 67.39 -29.56 14.95
CA ALA F 222 67.53 -30.70 15.82
C ALA F 222 68.04 -30.16 17.14
N HIS F 223 67.81 -30.95 18.17
CA HIS F 223 68.25 -30.59 19.49
C HIS F 223 69.29 -31.64 19.89
N LYS F 224 70.39 -31.16 20.46
CA LYS F 224 71.42 -32.05 21.03
C LYS F 224 70.85 -32.83 22.20
N GLU F 225 70.25 -32.11 23.15
CA GLU F 225 69.72 -32.75 24.37
C GLU F 225 68.19 -32.83 24.58
N CYS F 226 67.45 -31.76 24.23
CA CYS F 226 66.04 -31.65 24.55
C CYS F 226 65.19 -32.69 23.86
N LYS F 227 64.36 -33.40 24.62
CA LYS F 227 63.38 -34.36 24.08
C LYS F 227 62.11 -33.54 23.84
N GLN F 228 61.34 -33.92 22.83
CA GLN F 228 60.14 -33.17 22.49
C GLN F 228 58.95 -34.09 22.29
N PHE F 229 57.76 -33.58 22.64
CA PHE F 229 56.53 -34.32 22.31
C PHE F 229 55.49 -33.34 21.75
N LEU F 230 54.99 -33.70 20.57
CA LEU F 230 54.16 -32.82 19.76
C LEU F 230 52.74 -33.36 19.62
N ILE F 231 51.82 -32.42 19.86
CA ILE F 231 50.36 -32.69 19.72
C ILE F 231 49.67 -31.46 19.10
N CYS F 232 48.96 -31.75 18.02
CA CYS F 232 48.22 -30.68 17.35
C CYS F 232 46.82 -30.68 18.01
N VAL F 233 46.57 -29.71 18.88
CA VAL F 233 45.34 -29.60 19.67
C VAL F 233 44.07 -28.99 19.02
N SER F 234 44.21 -28.17 17.97
CA SER F 234 43.18 -27.93 16.94
C SER F 234 43.80 -27.75 15.56
N GLY F 235 42.91 -27.89 14.58
CA GLY F 235 43.23 -28.09 13.20
C GLY F 235 44.33 -29.11 13.02
N ASN F 236 45.22 -28.87 12.09
CA ASN F 236 46.16 -29.89 11.65
C ASN F 236 47.45 -29.21 11.23
N CYS F 237 48.51 -29.98 11.29
CA CYS F 237 49.79 -29.63 10.71
C CYS F 237 50.49 -30.91 10.29
N SER F 238 51.58 -30.74 9.55
CA SER F 238 52.38 -31.86 9.11
C SER F 238 53.73 -31.79 9.80
N VAL F 239 54.24 -32.95 10.24
CA VAL F 239 55.51 -32.97 10.93
C VAL F 239 56.45 -33.88 10.19
N LEU F 240 57.60 -33.31 9.83
CA LEU F 240 58.67 -34.13 9.28
C LEU F 240 59.68 -34.46 10.37
N VAL F 241 59.99 -35.74 10.48
CA VAL F 241 61.10 -36.24 11.30
C VAL F 241 62.16 -36.94 10.44
N ASP F 242 63.42 -36.63 10.78
CA ASP F 242 64.60 -37.07 10.03
C ASP F 242 65.72 -37.51 11.00
N ASP F 243 66.25 -38.73 10.86
CA ASP F 243 67.40 -39.22 11.66
C ASP F 243 68.81 -39.13 11.03
N GLY F 244 68.94 -38.41 9.92
CA GLY F 244 70.18 -38.24 9.18
C GLY F 244 70.29 -39.10 7.95
N GLU F 245 69.51 -40.16 7.93
CA GLU F 245 69.47 -41.17 6.87
C GLU F 245 68.05 -41.63 6.55
N ASN F 246 67.18 -41.67 7.54
CA ASN F 246 65.76 -41.85 7.22
C ASN F 246 64.91 -40.66 7.61
N ARG F 247 63.80 -40.55 6.88
CA ARG F 247 62.94 -39.37 6.92
C ARG F 247 61.48 -39.75 6.65
N GLU F 248 60.58 -39.12 7.39
CA GLU F 248 59.18 -39.50 7.35
C GLU F 248 58.29 -38.36 7.83
N GLU F 249 57.10 -38.33 7.24
CA GLU F 249 56.25 -37.18 7.46
C GLU F 249 54.87 -37.61 7.93
N TYR F 250 54.38 -36.92 8.96
CA TYR F 250 53.09 -37.26 9.59
C TYR F 250 52.12 -36.08 9.66
N VAL F 251 50.84 -36.38 9.39
CA VAL F 251 49.80 -35.38 9.57
C VAL F 251 49.30 -35.45 11.01
N LEU F 252 49.41 -34.36 11.77
CA LEU F 252 48.80 -34.40 13.10
C LEU F 252 47.50 -33.61 13.04
N ASP F 253 46.37 -34.28 13.19
CA ASP F 253 45.07 -33.68 12.97
C ASP F 253 43.97 -34.10 13.97
N SER F 254 44.34 -34.66 15.12
CA SER F 254 43.47 -34.74 16.29
C SER F 254 44.24 -34.66 17.61
N ILE F 255 43.58 -34.04 18.58
CA ILE F 255 44.07 -33.83 19.92
C ILE F 255 44.51 -35.13 20.62
N ASP F 256 44.12 -36.29 20.11
CA ASP F 256 44.50 -37.55 20.72
C ASP F 256 45.60 -38.32 19.97
N LYS F 257 46.42 -37.62 19.18
CA LYS F 257 47.52 -38.19 18.41
C LYS F 257 48.75 -37.41 18.83
N GLY F 258 49.91 -38.04 18.83
CA GLY F 258 51.10 -37.36 19.30
C GLY F 258 52.30 -38.09 18.76
N ILE F 259 53.39 -37.35 18.66
CA ILE F 259 54.64 -37.86 18.13
C ILE F 259 55.78 -37.51 19.11
N TYR F 260 56.61 -38.52 19.43
CA TYR F 260 57.81 -38.32 20.23
C TYR F 260 59.04 -38.05 19.37
N LEU F 261 59.77 -36.98 19.65
CA LEU F 261 61.03 -36.74 18.94
C LEU F 261 62.17 -36.87 19.96
N PRO F 262 62.98 -37.95 19.89
CA PRO F 262 64.16 -38.04 20.77
C PRO F 262 65.11 -36.89 20.42
N PRO F 263 66.05 -36.56 21.33
CA PRO F 263 67.09 -35.58 20.95
C PRO F 263 67.87 -36.06 19.72
N MET F 264 68.46 -35.13 18.97
CA MET F 264 69.17 -35.46 17.75
C MET F 264 68.26 -36.05 16.68
N THR F 265 67.01 -35.60 16.64
CA THR F 265 66.08 -35.89 15.55
C THR F 265 65.79 -34.54 14.92
N TRP F 266 66.05 -34.44 13.61
CA TRP F 266 65.78 -33.18 12.92
C TRP F 266 64.27 -33.10 12.63
N GLY F 267 63.69 -31.97 12.95
CA GLY F 267 62.24 -31.85 12.78
C GLY F 267 61.83 -30.62 11.99
N VAL F 268 60.79 -30.83 11.18
CA VAL F 268 60.09 -29.73 10.50
C VAL F 268 58.60 -29.80 10.81
N GLN F 269 58.04 -28.65 11.15
CA GLN F 269 56.59 -28.58 11.09
C GLN F 269 56.07 -27.50 10.12
N TYR F 270 55.17 -27.92 9.24
CA TYR F 270 54.64 -27.04 8.18
C TYR F 270 53.23 -27.49 7.81
N LYS F 271 52.66 -26.89 6.77
CA LYS F 271 51.26 -27.10 6.40
C LYS F 271 50.28 -26.98 7.56
N TYR F 272 50.48 -25.95 8.38
CA TYR F 272 49.53 -25.66 9.43
C TYR F 272 48.22 -25.15 8.81
N SER F 273 47.08 -25.67 9.23
CA SER F 273 45.77 -25.06 8.90
C SER F 273 45.62 -23.74 9.65
N LYS F 274 44.66 -22.92 9.24
CA LYS F 274 44.48 -21.57 9.79
C LYS F 274 44.14 -21.61 11.28
N ASP F 275 43.36 -22.60 11.69
CA ASP F 275 43.05 -22.80 13.10
C ASP F 275 44.08 -23.57 14.00
N ALA F 276 45.15 -24.09 13.41
CA ALA F 276 46.06 -25.04 14.04
C ALA F 276 46.78 -24.45 15.24
N VAL F 277 46.81 -25.24 16.31
CA VAL F 277 47.67 -24.97 17.48
C VAL F 277 48.54 -26.20 17.75
N LEU F 278 49.85 -26.01 17.72
CA LEU F 278 50.75 -27.10 18.02
C LEU F 278 51.14 -26.94 19.48
N LEU F 279 50.90 -28.00 20.23
CA LEU F 279 51.40 -28.05 21.59
C LEU F 279 52.63 -28.96 21.64
N VAL F 280 53.68 -28.39 22.21
CA VAL F 280 54.93 -29.08 22.39
C VAL F 280 55.32 -29.19 23.86
N PHE F 281 55.59 -30.42 24.33
CA PHE F 281 56.24 -30.64 25.63
C PHE F 281 57.73 -30.90 25.46
N ALA F 282 58.53 -30.31 26.36
CA ALA F 282 59.97 -30.38 26.19
C ALA F 282 60.63 -30.80 27.51
N SER F 283 61.52 -31.79 27.39
CA SER F 283 62.33 -32.25 28.51
C SER F 283 63.18 -31.21 29.22
N HIS F 284 63.62 -30.14 28.54
CA HIS F 284 64.49 -29.10 29.14
C HIS F 284 63.96 -27.69 29.00
N TYR F 285 64.44 -26.79 29.86
CA TYR F 285 64.19 -25.36 29.77
C TYR F 285 64.77 -24.82 28.49
N TYR F 286 64.35 -23.63 28.08
CA TYR F 286 64.73 -23.07 26.77
C TYR F 286 66.23 -22.78 26.80
N ASP F 287 66.89 -22.94 25.66
CA ASP F 287 68.35 -22.93 25.60
C ASP F 287 68.72 -22.72 24.12
N SER F 288 69.17 -21.51 23.77
CA SER F 288 69.53 -21.24 22.37
C SER F 288 70.75 -22.05 21.92
N ASP F 289 71.56 -22.51 22.86
CA ASP F 289 72.76 -23.26 22.46
C ASP F 289 72.46 -24.69 22.03
N ASP F 290 71.27 -25.20 22.40
CA ASP F 290 70.92 -26.61 22.19
C ASP F 290 70.43 -26.97 20.78
N TYR F 291 70.38 -25.97 19.91
CA TYR F 291 69.93 -26.10 18.52
C TYR F 291 71.01 -26.43 17.48
N ILE F 292 70.79 -27.44 16.64
CA ILE F 292 71.53 -27.56 15.38
C ILE F 292 70.65 -27.15 14.17
N ARG F 293 71.02 -26.06 13.50
CA ARG F 293 70.19 -25.56 12.41
C ARG F 293 70.76 -25.79 11.02
N ASP F 294 71.86 -26.51 10.90
CA ASP F 294 72.35 -26.80 9.56
C ASP F 294 72.27 -28.28 9.36
N TYR F 295 71.64 -28.68 8.26
CA TYR F 295 71.36 -30.08 8.11
C TYR F 295 72.60 -30.95 7.93
N SER F 296 73.62 -30.41 7.26
CA SER F 296 74.87 -31.13 7.00
C SER F 296 75.65 -31.34 8.29
N THR F 297 75.83 -30.30 9.10
CA THR F 297 76.34 -30.47 10.44
C THR F 297 75.60 -31.53 11.27
N PHE F 298 74.27 -31.49 11.18
CA PHE F 298 73.43 -32.43 11.89
C PHE F 298 73.80 -33.82 11.43
N LYS F 299 73.89 -33.99 10.11
CA LYS F 299 74.02 -35.29 9.48
C LYS F 299 75.33 -35.91 9.96
N GLN F 300 76.32 -35.05 10.16
CA GLN F 300 77.64 -35.45 10.63
C GLN F 300 77.72 -35.66 12.14
N MET F 301 77.11 -34.80 12.94
CA MET F 301 77.09 -35.02 14.37
C MET F 301 76.33 -36.29 14.72
N ARG F 302 75.40 -36.70 13.85
CA ARG F 302 74.61 -37.90 14.11
C ARG F 302 75.42 -39.19 13.88
N GLN F 303 76.29 -39.18 12.87
CA GLN F 303 77.15 -40.32 12.60
C GLN F 303 78.20 -40.53 13.70
N ASN F 304 78.82 -39.44 14.13
CA ASN F 304 79.71 -39.43 15.30
C ASN F 304 79.03 -40.13 16.46
N LEU F 305 77.80 -39.70 16.78
CA LEU F 305 77.07 -40.30 17.87
C LEU F 305 76.73 -41.76 17.59
N GLU F 306 76.35 -42.10 16.35
CA GLU F 306 76.04 -43.48 15.97
C GLU F 306 77.23 -44.45 15.99
N HIS F 307 78.41 -43.89 15.67
CA HIS F 307 79.67 -44.64 15.61
C HIS F 307 80.27 -44.92 17.00
N HIS F 308 80.10 -43.97 17.92
CA HIS F 308 80.47 -44.09 19.33
C HIS F 308 79.54 -45.03 20.08
N HIS F 309 78.26 -44.97 19.76
CA HIS F 309 77.25 -45.73 20.48
C HIS F 309 77.19 -47.19 20.03
N HIS F 310 77.71 -47.52 18.85
CA HIS F 310 77.68 -48.91 18.35
C HIS F 310 79.06 -49.48 17.98
N MET G 1 -2.74 -28.51 -41.05
CA MET G 1 -3.91 -29.42 -41.05
C MET G 1 -5.20 -28.72 -41.49
N ILE G 2 -5.44 -28.75 -42.79
CA ILE G 2 -6.70 -28.35 -43.41
C ILE G 2 -7.67 -29.53 -43.36
N HIS G 3 -8.91 -29.30 -42.91
CA HIS G 3 -9.83 -30.39 -42.64
C HIS G 3 -10.56 -30.81 -43.90
N LYS G 4 -10.72 -32.13 -44.02
CA LYS G 4 -11.48 -32.81 -45.06
C LYS G 4 -12.74 -31.99 -45.40
N LEU G 5 -13.50 -31.60 -44.39
CA LEU G 5 -14.75 -30.87 -44.62
C LEU G 5 -14.71 -29.34 -44.79
N ALA G 6 -13.53 -28.72 -44.74
CA ALA G 6 -13.41 -27.27 -45.05
C ALA G 6 -13.09 -26.99 -46.53
N ASP G 7 -13.30 -25.75 -47.00
CA ASP G 7 -13.03 -25.34 -48.38
C ASP G 7 -12.03 -24.18 -48.46
N VAL G 8 -10.76 -24.53 -48.52
CA VAL G 8 -9.66 -23.57 -48.50
C VAL G 8 -9.07 -23.35 -49.88
N GLN G 9 -9.49 -22.28 -50.54
CA GLN G 9 -8.85 -21.90 -51.79
C GLN G 9 -7.42 -21.39 -51.66
N SER G 10 -6.90 -21.18 -50.45
CA SER G 10 -5.69 -20.36 -50.37
C SER G 10 -4.39 -21.09 -50.09
N GLN G 11 -3.39 -20.67 -50.85
CA GLN G 11 -2.05 -21.25 -50.86
C GLN G 11 -1.20 -20.76 -49.69
N ASN G 12 -1.60 -19.64 -49.09
CA ASN G 12 -0.72 -18.86 -48.24
C ASN G 12 -1.01 -18.90 -46.74
N ILE G 13 -0.73 -20.06 -46.17
CA ILE G 13 -1.05 -20.42 -44.80
C ILE G 13 0.20 -20.99 -44.11
N GLY G 14 0.76 -20.24 -43.18
CA GLY G 14 1.96 -20.67 -42.48
C GLY G 14 1.87 -21.99 -41.73
N ASP G 15 3.03 -22.50 -41.37
CA ASP G 15 3.16 -23.78 -40.71
C ASP G 15 2.28 -23.93 -39.46
N ASN G 16 1.73 -25.13 -39.30
CA ASN G 16 1.04 -25.58 -38.08
C ASN G 16 -0.26 -24.86 -37.76
N THR G 17 -0.95 -24.43 -38.82
CA THR G 17 -2.20 -23.69 -38.74
C THR G 17 -3.42 -24.52 -39.09
N LYS G 18 -4.13 -24.97 -38.05
CA LYS G 18 -5.36 -25.75 -38.15
C LYS G 18 -6.57 -24.96 -38.68
N VAL G 19 -7.25 -25.52 -39.67
CA VAL G 19 -8.47 -24.95 -40.25
C VAL G 19 -9.61 -25.96 -40.24
N TRP G 20 -10.36 -26.02 -39.14
CA TRP G 20 -11.39 -27.04 -38.93
C TRP G 20 -12.57 -27.05 -39.90
N GLN G 21 -13.61 -27.82 -39.59
CA GLN G 21 -14.65 -28.07 -40.59
C GLN G 21 -15.63 -26.95 -40.95
N PHE G 22 -16.11 -26.95 -42.19
CA PHE G 22 -17.05 -25.94 -42.72
C PHE G 22 -16.57 -24.50 -42.79
N CYS G 23 -15.25 -24.34 -42.84
CA CYS G 23 -14.65 -23.03 -43.02
C CYS G 23 -14.47 -22.78 -44.50
N VAL G 24 -14.63 -21.52 -44.86
CA VAL G 24 -14.23 -21.05 -46.17
C VAL G 24 -13.08 -20.10 -45.92
N ILE G 25 -12.02 -20.27 -46.70
CA ILE G 25 -10.88 -19.36 -46.72
C ILE G 25 -10.60 -19.15 -48.20
N LEU G 26 -10.70 -17.91 -48.65
CA LEU G 26 -10.52 -17.60 -50.06
C LEU G 26 -9.06 -17.47 -50.47
N ALA G 27 -8.82 -17.41 -51.78
CA ALA G 27 -7.49 -17.60 -52.31
C ALA G 27 -6.52 -16.50 -51.87
N GLY G 28 -6.97 -15.26 -51.91
CA GLY G 28 -6.15 -14.12 -51.47
C GLY G 28 -5.62 -14.22 -50.03
N ALA G 29 -6.40 -14.85 -49.16
CA ALA G 29 -6.08 -14.76 -47.75
C ALA G 29 -4.65 -15.18 -47.40
N VAL G 30 -4.02 -14.40 -46.54
CA VAL G 30 -2.71 -14.78 -46.04
C VAL G 30 -2.76 -14.95 -44.53
N ILE G 31 -2.45 -16.17 -44.09
CA ILE G 31 -2.46 -16.50 -42.66
C ILE G 31 -1.08 -17.00 -42.27
N GLY G 32 -0.59 -16.57 -41.11
CA GLY G 32 0.72 -16.97 -40.63
C GLY G 32 0.63 -18.31 -39.91
N ARG G 33 1.51 -18.46 -38.91
CA ARG G 33 1.79 -19.76 -38.35
C ARG G 33 1.23 -19.91 -36.93
N ASN G 34 0.96 -21.16 -36.56
CA ASN G 34 0.33 -21.55 -35.31
C ASN G 34 -1.02 -20.89 -35.06
N CYS G 35 -1.83 -20.76 -36.11
CA CYS G 35 -3.18 -20.22 -35.96
C CYS G 35 -4.22 -21.33 -35.85
N ASN G 36 -5.27 -21.10 -35.07
CA ASN G 36 -6.38 -22.04 -34.99
C ASN G 36 -7.62 -21.37 -35.53
N ILE G 37 -8.06 -21.85 -36.69
CA ILE G 37 -9.25 -21.31 -37.30
C ILE G 37 -10.37 -22.34 -37.16
N CYS G 38 -11.28 -22.08 -36.21
CA CYS G 38 -12.34 -23.01 -35.77
C CYS G 38 -13.49 -23.17 -36.76
N ALA G 39 -14.37 -24.13 -36.51
CA ALA G 39 -15.37 -24.44 -37.52
C ALA G 39 -16.37 -23.30 -37.77
N ASN G 40 -16.98 -23.31 -38.96
CA ASN G 40 -18.12 -22.45 -39.27
C ASN G 40 -17.66 -21.01 -39.47
N SER G 41 -16.38 -20.82 -39.77
CA SER G 41 -15.88 -19.46 -40.06
C SER G 41 -15.44 -19.22 -41.51
N LEU G 42 -15.40 -17.95 -41.88
CA LEU G 42 -15.17 -17.49 -43.23
C LEU G 42 -14.04 -16.49 -43.26
N ILE G 43 -13.13 -16.59 -44.23
CA ILE G 43 -12.06 -15.62 -44.43
C ILE G 43 -11.98 -15.26 -45.92
N GLU G 44 -12.26 -13.99 -46.23
CA GLU G 44 -12.35 -13.47 -47.60
C GLU G 44 -11.01 -13.25 -48.30
N ASN G 45 -10.96 -12.42 -49.34
CA ASN G 45 -9.74 -12.24 -50.11
C ASN G 45 -8.59 -11.33 -49.63
N ASP G 46 -8.80 -10.03 -49.41
CA ASP G 46 -7.67 -9.27 -48.83
C ASP G 46 -7.82 -9.22 -47.33
N VAL G 47 -7.16 -10.18 -46.74
CA VAL G 47 -7.20 -10.45 -45.34
C VAL G 47 -5.77 -10.84 -45.15
N VAL G 48 -5.18 -10.33 -44.08
CA VAL G 48 -3.93 -10.84 -43.60
C VAL G 48 -4.20 -11.16 -42.13
N ILE G 49 -3.71 -12.33 -41.71
CA ILE G 49 -3.76 -12.78 -40.33
C ILE G 49 -2.33 -13.15 -39.96
N GLY G 50 -1.82 -12.65 -38.83
CA GLY G 50 -0.44 -12.86 -38.41
C GLY G 50 -0.24 -14.24 -37.81
N ASP G 51 0.62 -14.32 -36.79
CA ASP G 51 0.92 -15.60 -36.17
C ASP G 51 0.19 -15.73 -34.85
N ASN G 52 0.09 -16.97 -34.38
CA ASN G 52 -0.57 -17.33 -33.12
C ASN G 52 -1.94 -16.66 -32.91
N VAL G 53 -2.78 -16.64 -33.95
CA VAL G 53 -4.10 -16.05 -33.87
C VAL G 53 -5.23 -17.08 -33.63
N THR G 54 -6.13 -16.84 -32.69
CA THR G 54 -7.23 -17.77 -32.49
C THR G 54 -8.51 -17.14 -33.02
N ILE G 55 -9.15 -17.81 -33.97
CA ILE G 55 -10.41 -17.35 -34.48
C ILE G 55 -11.42 -18.44 -34.20
N LYS G 56 -12.22 -18.22 -33.16
CA LYS G 56 -13.26 -19.18 -32.83
C LYS G 56 -14.37 -19.19 -33.88
N SER G 57 -15.38 -20.02 -33.68
CA SER G 57 -16.45 -20.21 -34.65
C SER G 57 -17.40 -19.04 -34.84
N GLY G 58 -18.05 -19.04 -36.01
CA GLY G 58 -19.11 -18.10 -36.36
C GLY G 58 -18.56 -16.73 -36.70
N VAL G 59 -17.24 -16.62 -36.79
CA VAL G 59 -16.66 -15.36 -37.27
C VAL G 59 -16.55 -15.27 -38.78
N GLN G 60 -16.77 -14.08 -39.33
CA GLN G 60 -16.35 -13.79 -40.70
C GLN G 60 -15.41 -12.59 -40.81
N ILE G 61 -14.19 -12.85 -41.28
CA ILE G 61 -13.21 -11.82 -41.60
C ILE G 61 -13.36 -11.33 -43.04
N TRP G 62 -14.03 -10.20 -43.23
CA TRP G 62 -14.22 -9.63 -44.57
C TRP G 62 -13.00 -8.94 -45.14
N ASP G 63 -13.11 -8.56 -46.41
CA ASP G 63 -12.01 -7.97 -47.17
C ASP G 63 -11.59 -6.70 -46.42
N GLY G 64 -10.30 -6.42 -46.40
CA GLY G 64 -9.81 -5.16 -45.85
C GLY G 64 -9.70 -5.22 -44.33
N ILE G 65 -9.46 -6.43 -43.83
CA ILE G 65 -9.24 -6.68 -42.41
C ILE G 65 -7.87 -7.32 -42.26
N HIS G 66 -7.05 -6.70 -41.41
CA HIS G 66 -5.72 -7.16 -41.01
C HIS G 66 -5.81 -7.47 -39.51
N ILE G 67 -5.42 -8.68 -39.15
CA ILE G 67 -5.33 -9.14 -37.78
C ILE G 67 -3.88 -9.56 -37.53
N GLN G 68 -3.21 -8.87 -36.62
CA GLN G 68 -1.80 -9.10 -36.33
C GLN G 68 -1.58 -10.25 -35.36
N ASP G 69 -0.35 -10.50 -34.91
CA ASP G 69 -0.04 -11.64 -34.03
C ASP G 69 -0.77 -11.64 -32.68
N ASP G 70 -1.06 -12.84 -32.20
CA ASP G 70 -1.40 -13.07 -30.80
C ASP G 70 -2.82 -12.59 -30.49
N VAL G 71 -3.56 -12.24 -31.53
CA VAL G 71 -4.95 -11.83 -31.35
C VAL G 71 -5.83 -13.05 -31.07
N PHE G 72 -6.83 -12.85 -30.21
CA PHE G 72 -7.85 -13.81 -29.92
C PHE G 72 -9.19 -13.19 -30.35
N ILE G 73 -9.94 -13.95 -31.16
CA ILE G 73 -11.19 -13.51 -31.67
C ILE G 73 -12.14 -14.59 -31.18
N GLY G 74 -13.02 -14.14 -30.29
CA GLY G 74 -14.02 -14.98 -29.65
C GLY G 74 -15.08 -15.51 -30.59
N PRO G 75 -15.85 -16.48 -30.09
CA PRO G 75 -16.91 -17.04 -30.91
C PRO G 75 -17.92 -15.96 -31.28
N ASN G 76 -18.36 -16.01 -32.54
CA ASN G 76 -19.49 -15.20 -33.03
C ASN G 76 -19.20 -13.70 -33.13
N VAL G 77 -17.95 -13.31 -32.98
CA VAL G 77 -17.53 -11.93 -33.25
C VAL G 77 -17.85 -11.65 -34.70
N THR G 78 -18.32 -10.44 -35.01
CA THR G 78 -18.77 -10.10 -36.33
C THR G 78 -18.03 -8.80 -36.74
N PHE G 79 -17.43 -8.81 -37.92
CA PHE G 79 -16.82 -7.62 -38.50
C PHE G 79 -17.63 -7.11 -39.67
N THR G 80 -17.45 -5.83 -39.99
CA THR G 80 -18.14 -5.19 -41.10
C THR G 80 -17.08 -4.44 -41.89
N ASN G 81 -17.38 -3.94 -43.10
CA ASN G 81 -16.34 -3.27 -43.90
C ASN G 81 -16.90 -2.15 -44.78
N LYS G 96 -11.37 -0.25 -43.98
CA LYS G 96 -10.12 -0.78 -43.45
C LYS G 96 -10.02 -1.00 -41.91
N THR G 97 -10.12 -2.23 -41.41
CA THR G 97 -10.11 -2.55 -39.98
C THR G 97 -8.81 -3.23 -39.52
N ILE G 98 -8.23 -2.77 -38.41
CA ILE G 98 -7.01 -3.39 -37.91
C ILE G 98 -7.12 -3.78 -36.46
N VAL G 99 -7.06 -5.08 -36.19
CA VAL G 99 -6.98 -5.62 -34.84
C VAL G 99 -5.50 -5.87 -34.54
N LYS G 100 -4.89 -5.00 -33.74
CA LYS G 100 -3.48 -5.12 -33.42
C LYS G 100 -3.04 -6.15 -32.38
N LYS G 101 -1.72 -6.31 -32.26
CA LYS G 101 -1.07 -7.34 -31.47
C LYS G 101 -1.57 -7.58 -30.05
N GLY G 102 -2.03 -8.80 -29.77
CA GLY G 102 -2.42 -9.13 -28.41
C GLY G 102 -3.86 -8.76 -28.05
N ALA G 103 -4.55 -7.97 -28.87
CA ALA G 103 -5.95 -7.66 -28.61
C ALA G 103 -6.76 -8.93 -28.42
N SER G 104 -7.84 -8.88 -27.65
CA SER G 104 -8.84 -9.93 -27.70
C SER G 104 -10.23 -9.35 -27.81
N ILE G 105 -11.03 -10.00 -28.64
CA ILE G 105 -12.34 -9.50 -28.94
C ILE G 105 -13.31 -10.51 -28.35
N GLY G 106 -14.11 -10.07 -27.39
CA GLY G 106 -15.09 -10.95 -26.75
C GLY G 106 -16.17 -11.47 -27.67
N ALA G 107 -16.70 -12.63 -27.29
CA ALA G 107 -17.80 -13.34 -27.93
C ALA G 107 -18.98 -12.45 -28.38
N ASN G 108 -19.37 -12.62 -29.64
CA ASN G 108 -20.61 -12.04 -30.16
C ASN G 108 -20.60 -10.52 -30.18
N SER G 109 -19.40 -9.93 -30.19
CA SER G 109 -19.20 -8.48 -30.25
CA SER G 109 -19.27 -8.48 -30.23
C SER G 109 -19.36 -8.09 -31.70
N THR G 110 -19.52 -6.80 -31.98
CA THR G 110 -19.72 -6.35 -33.33
C THR G 110 -18.75 -5.21 -33.60
N ILE G 111 -17.99 -5.30 -34.69
CA ILE G 111 -17.03 -4.27 -35.00
C ILE G 111 -17.46 -3.55 -36.26
N LEU G 112 -17.61 -2.24 -36.09
CA LEU G 112 -17.98 -1.37 -37.19
C LEU G 112 -16.88 -1.18 -38.20
N PRO G 113 -17.21 -0.55 -39.33
CA PRO G 113 -16.19 -0.57 -40.38
C PRO G 113 -15.10 0.46 -40.15
N GLY G 114 -13.88 0.16 -40.53
CA GLY G 114 -12.81 1.14 -40.49
C GLY G 114 -12.17 1.32 -39.13
N ILE G 115 -12.29 0.31 -38.26
CA ILE G 115 -11.98 0.49 -36.86
C ILE G 115 -10.54 0.09 -36.53
N LEU G 116 -9.85 0.84 -35.65
CA LEU G 116 -8.61 0.31 -35.09
C LEU G 116 -8.83 -0.25 -33.72
N ILE G 117 -8.42 -1.49 -33.51
CA ILE G 117 -8.36 -2.01 -32.16
C ILE G 117 -6.93 -2.04 -31.67
N GLY G 118 -6.62 -1.29 -30.62
CA GLY G 118 -5.22 -1.13 -30.22
C GLY G 118 -4.63 -2.35 -29.55
N GLU G 119 -3.30 -2.43 -29.43
CA GLU G 119 -2.60 -3.59 -28.87
C GLU G 119 -3.06 -3.96 -27.47
N ASN G 120 -3.18 -5.26 -27.23
CA ASN G 120 -3.56 -5.73 -25.92
C ASN G 120 -4.89 -5.21 -25.43
N ALA G 121 -5.67 -4.57 -26.31
CA ALA G 121 -6.98 -4.12 -25.90
C ALA G 121 -7.89 -5.32 -25.63
N MET G 122 -8.96 -5.05 -24.88
CA MET G 122 -9.93 -6.04 -24.45
C MET G 122 -11.38 -5.61 -24.71
N VAL G 123 -11.97 -6.13 -25.78
CA VAL G 123 -13.36 -5.89 -26.12
C VAL G 123 -14.22 -6.89 -25.37
N GLY G 124 -15.12 -6.39 -24.53
CA GLY G 124 -16.03 -7.23 -23.79
C GLY G 124 -16.90 -8.03 -24.72
N ALA G 125 -17.45 -9.14 -24.22
CA ALA G 125 -18.40 -9.93 -24.96
C ALA G 125 -19.63 -9.06 -25.27
N GLY G 126 -20.15 -9.19 -26.50
CA GLY G 126 -21.38 -8.51 -26.89
C GLY G 126 -21.24 -7.01 -27.07
N ALA G 127 -20.03 -6.44 -27.04
CA ALA G 127 -19.91 -4.98 -27.17
C ALA G 127 -20.07 -4.61 -28.67
N VAL G 128 -20.52 -3.38 -28.95
CA VAL G 128 -20.68 -2.88 -30.30
C VAL G 128 -19.64 -1.78 -30.43
N ILE G 129 -18.57 -1.98 -31.18
CA ILE G 129 -17.44 -1.03 -31.17
C ILE G 129 -17.60 -0.08 -32.34
N THR G 130 -17.97 1.14 -31.99
CA THR G 130 -18.34 2.15 -32.98
C THR G 130 -17.20 3.08 -33.22
N LYS G 131 -16.11 2.98 -32.46
CA LYS G 131 -14.93 3.80 -32.75
C LYS G 131 -13.64 3.16 -32.27
N ASN G 132 -12.51 3.72 -32.66
CA ASN G 132 -11.22 3.21 -32.27
C ASN G 132 -11.09 2.86 -30.78
N VAL G 133 -10.45 1.73 -30.53
CA VAL G 133 -10.15 1.26 -29.18
C VAL G 133 -8.66 1.49 -28.90
N PRO G 134 -8.35 2.32 -27.88
CA PRO G 134 -6.94 2.59 -27.53
C PRO G 134 -6.17 1.34 -27.13
N ASP G 135 -4.84 1.37 -27.20
CA ASP G 135 -4.01 0.26 -26.73
C ASP G 135 -4.38 0.04 -25.28
N ASN G 136 -4.56 -1.21 -24.88
CA ASN G 136 -4.78 -1.55 -23.47
C ASN G 136 -6.17 -1.28 -22.92
N ALA G 137 -7.08 -0.73 -23.72
CA ALA G 137 -8.38 -0.32 -23.17
C ALA G 137 -9.27 -1.51 -23.02
N ILE G 138 -10.19 -1.40 -22.08
CA ILE G 138 -11.24 -2.37 -21.89
C ILE G 138 -12.51 -1.65 -22.27
N VAL G 139 -13.34 -2.29 -23.09
CA VAL G 139 -14.42 -1.57 -23.75
C VAL G 139 -15.61 -2.50 -23.72
N ILE G 140 -16.73 -2.06 -23.19
CA ILE G 140 -17.90 -2.93 -23.08
C ILE G 140 -19.13 -2.08 -23.37
N GLY G 141 -20.22 -2.76 -23.69
CA GLY G 141 -21.51 -2.12 -23.89
C GLY G 141 -21.97 -1.86 -25.32
N ASN G 142 -23.19 -1.35 -25.44
CA ASN G 142 -23.75 -0.92 -26.71
C ASN G 142 -24.25 0.50 -26.55
N PRO G 143 -23.54 1.50 -27.08
CA PRO G 143 -22.25 1.45 -27.79
C PRO G 143 -21.10 1.09 -26.85
N GLY G 144 -19.98 0.59 -27.35
CA GLY G 144 -18.85 0.32 -26.47
C GLY G 144 -18.28 1.60 -25.85
N ARG G 145 -18.01 1.59 -24.54
CA ARG G 145 -17.36 2.67 -23.77
C ARG G 145 -16.12 2.06 -23.16
N ILE G 146 -15.09 2.89 -23.04
CA ILE G 146 -13.91 2.48 -22.31
C ILE G 146 -14.35 2.55 -20.86
N THR G 147 -14.15 1.46 -20.11
CA THR G 147 -14.54 1.37 -18.71
C THR G 147 -13.32 1.12 -17.82
N GLY G 148 -12.15 0.98 -18.43
CA GLY G 148 -10.90 0.83 -17.71
C GLY G 148 -9.77 0.43 -18.64
N TYR G 149 -8.59 0.21 -18.07
CA TYR G 149 -7.44 -0.29 -18.83
C TYR G 149 -6.79 -1.50 -18.18
N VAL G 150 -6.24 -2.35 -19.05
CA VAL G 150 -5.66 -3.66 -18.69
C VAL G 150 -4.51 -3.45 -17.70
N GLU G 151 -4.53 -4.19 -16.60
CA GLU G 151 -3.44 -4.09 -15.60
C GLU G 151 -3.37 -2.77 -14.79
N ALA G 152 -4.46 -1.99 -14.72
CA ALA G 152 -4.45 -0.66 -14.09
C ALA G 152 -4.56 -0.58 -12.56
N ASN G 161 -8.58 4.98 -0.34
CA ASN G 161 -7.28 4.59 0.20
C ASN G 161 -6.09 5.38 -0.34
N ASN G 162 -6.31 6.00 -1.51
CA ASN G 162 -5.21 6.46 -2.35
C ASN G 162 -4.67 7.85 -2.06
N PHE G 163 -5.47 8.73 -1.49
CA PHE G 163 -4.97 10.09 -1.35
C PHE G 163 -4.96 10.37 0.15
N GLU G 164 -4.51 9.39 0.90
CA GLU G 164 -4.68 9.37 2.34
C GLU G 164 -3.68 10.28 3.01
N LEU G 165 -2.49 10.31 2.43
CA LEU G 165 -1.37 11.08 2.92
C LEU G 165 -1.10 12.35 2.12
N LYS G 166 -0.50 13.32 2.77
CA LYS G 166 -0.14 14.54 2.10
C LYS G 166 0.47 14.29 0.71
N LEU G 167 1.36 13.29 0.65
CA LEU G 167 2.19 12.98 -0.53
C LEU G 167 2.47 11.48 -0.67
N GLN G 168 2.43 10.93 -1.86
CA GLN G 168 2.69 9.52 -2.10
C GLN G 168 3.11 9.38 -3.56
N MET G 169 4.06 8.49 -3.81
CA MET G 169 4.52 8.21 -5.15
C MET G 169 3.82 6.95 -5.66
N SER G 170 3.65 6.91 -6.97
CA SER G 170 2.86 5.87 -7.64
C SER G 170 3.90 4.93 -8.25
N LYS G 171 3.53 3.71 -8.60
CA LYS G 171 4.33 2.82 -9.45
C LYS G 171 4.65 3.41 -10.82
N VAL G 172 3.74 4.23 -11.36
CA VAL G 172 3.96 4.91 -12.62
C VAL G 172 5.01 5.98 -12.30
N LYS G 173 6.05 5.98 -13.13
CA LYS G 173 7.32 6.58 -12.78
C LYS G 173 7.24 8.09 -12.53
N GLY G 174 7.50 8.56 -11.31
CA GLY G 174 7.55 10.02 -11.07
C GLY G 174 6.20 10.67 -10.76
N VAL G 175 5.14 9.88 -10.82
CA VAL G 175 3.78 10.36 -10.58
C VAL G 175 3.56 10.44 -9.05
N SER G 176 3.00 11.54 -8.56
CA SER G 176 2.72 11.61 -7.13
C SER G 176 1.31 12.07 -6.93
N LEU G 177 0.79 11.77 -5.75
CA LEU G 177 -0.61 11.88 -5.44
C LEU G 177 -0.60 12.75 -4.22
N HIS G 178 -1.44 13.78 -4.24
CA HIS G 178 -1.30 14.85 -3.28
C HIS G 178 -2.63 15.02 -2.59
N LYS G 179 -2.56 15.27 -1.28
CA LYS G 179 -3.73 15.65 -0.47
C LYS G 179 -3.38 16.99 0.14
N PHE G 180 -4.11 18.02 -0.30
CA PHE G 180 -3.87 19.38 0.12
C PHE G 180 -4.59 19.72 1.44
N HIS G 181 -4.02 20.67 2.15
CA HIS G 181 -4.64 21.15 3.37
C HIS G 181 -6.07 21.66 3.05
N LEU G 182 -7.08 21.22 3.81
CA LEU G 182 -8.47 21.55 3.60
C LEU G 182 -9.05 22.01 4.93
N VAL G 183 -9.66 23.20 5.00
CA VAL G 183 -10.28 23.68 6.24
C VAL G 183 -11.79 23.84 6.06
N ASN G 184 -12.50 23.17 6.95
CA ASN G 184 -13.95 23.10 6.97
C ASN G 184 -14.41 23.87 8.23
N ASP G 185 -15.33 24.82 8.09
CA ASP G 185 -15.97 25.42 9.27
C ASP G 185 -17.28 26.12 8.93
N LEU G 186 -17.80 26.89 9.87
CA LEU G 186 -19.10 27.51 9.68
C LEU G 186 -19.07 28.54 8.54
N ARG G 187 -17.96 29.23 8.34
CA ARG G 187 -17.80 30.22 7.27
C ARG G 187 -17.66 29.74 5.81
N GLY G 188 -17.49 28.44 5.59
CA GLY G 188 -17.17 27.82 4.28
C GLY G 188 -15.96 26.87 4.35
N ASN G 189 -15.22 26.76 3.26
CA ASN G 189 -14.25 25.69 3.11
C ASN G 189 -13.16 26.28 2.25
N LEU G 190 -11.93 25.92 2.59
CA LEU G 190 -10.75 26.44 1.92
C LEU G 190 -9.73 25.34 1.70
N SER G 191 -9.18 25.22 0.50
CA SER G 191 -8.12 24.28 0.29
C SER G 191 -7.02 25.08 -0.37
N VAL G 192 -5.80 24.63 -0.20
CA VAL G 192 -4.65 25.39 -0.64
C VAL G 192 -3.45 24.51 -1.04
N GLY G 193 -2.74 24.89 -2.11
CA GLY G 193 -1.48 24.24 -2.45
C GLY G 193 -0.42 25.29 -2.78
N GLU G 194 0.85 24.94 -2.56
CA GLU G 194 1.93 25.89 -2.83
C GLU G 194 2.86 25.34 -3.87
N PHE G 195 3.27 26.18 -4.82
CA PHE G 195 4.07 25.70 -5.93
C PHE G 195 5.53 25.52 -5.40
N GLU G 196 6.26 24.55 -5.94
CA GLU G 196 7.61 24.17 -5.47
C GLU G 196 7.70 23.73 -4.02
N LYS G 197 6.57 23.44 -3.39
CA LYS G 197 6.51 22.92 -2.04
C LYS G 197 5.68 21.65 -2.19
N ASP G 198 4.39 21.81 -2.44
CA ASP G 198 3.50 20.67 -2.54
C ASP G 198 3.50 20.28 -3.99
N ILE G 199 3.46 21.25 -4.89
CA ILE G 199 3.43 20.99 -6.33
C ILE G 199 4.82 21.23 -6.95
N PRO G 200 5.35 20.22 -7.68
CA PRO G 200 6.79 20.39 -7.81
C PRO G 200 7.29 21.25 -8.96
N PHE G 201 6.55 22.24 -9.43
CA PHE G 201 7.03 23.15 -10.49
C PHE G 201 6.24 24.43 -10.38
N THR G 202 6.62 25.42 -11.16
CA THR G 202 5.90 26.70 -11.21
C THR G 202 5.19 26.80 -12.56
N PRO G 203 3.87 26.96 -12.55
CA PRO G 203 3.16 27.06 -13.81
C PRO G 203 3.45 28.34 -14.60
N LYS G 204 3.44 28.19 -15.91
CA LYS G 204 3.33 29.35 -16.76
C LYS G 204 1.90 29.49 -17.28
N ARG G 205 1.09 28.46 -17.06
CA ARG G 205 -0.26 28.43 -17.62
C ARG G 205 -1.18 27.59 -16.77
N TYR G 206 -2.47 27.92 -16.73
CA TYR G 206 -3.52 27.03 -16.23
C TYR G 206 -4.58 26.86 -17.32
N PHE G 207 -5.27 25.72 -17.35
CA PHE G 207 -6.53 25.63 -18.12
C PHE G 207 -7.57 24.84 -17.32
N THR G 208 -8.85 24.99 -17.66
CA THR G 208 -9.97 24.31 -17.00
C THR G 208 -10.75 23.51 -18.03
N VAL G 209 -11.19 22.30 -17.73
CA VAL G 209 -11.99 21.54 -18.67
C VAL G 209 -13.30 21.26 -17.97
N PHE G 210 -14.42 21.58 -18.63
CA PHE G 210 -15.74 21.48 -18.01
C PHE G 210 -16.86 21.13 -18.98
N GLY G 211 -18.01 20.72 -18.47
CA GLY G 211 -19.10 20.28 -19.34
C GLY G 211 -18.73 19.11 -20.24
N VAL G 212 -18.15 18.04 -19.71
CA VAL G 212 -17.56 17.05 -20.60
C VAL G 212 -18.57 15.95 -20.53
N PRO G 213 -19.07 15.48 -21.68
CA PRO G 213 -20.04 14.40 -21.56
C PRO G 213 -19.43 13.17 -20.92
N ASN G 214 -20.25 12.43 -20.20
CA ASN G 214 -19.72 11.30 -19.48
C ASN G 214 -19.08 10.22 -20.34
N LYS G 215 -19.45 10.18 -21.62
CA LYS G 215 -18.84 9.28 -22.58
C LYS G 215 -17.43 9.69 -23.08
N GLU G 216 -17.02 10.95 -22.92
CA GLU G 216 -15.82 11.34 -23.65
C GLU G 216 -14.55 10.78 -22.98
N VAL G 217 -13.52 10.65 -23.78
CA VAL G 217 -12.25 10.23 -23.30
C VAL G 217 -11.33 11.38 -23.68
N ARG G 218 -10.83 12.12 -22.72
CA ARG G 218 -10.01 13.26 -23.07
C ARG G 218 -8.51 12.95 -22.87
N GLY G 219 -7.61 13.80 -23.36
CA GLY G 219 -6.20 13.58 -23.12
C GLY G 219 -5.67 12.58 -24.13
N GLU G 220 -5.31 11.38 -23.67
CA GLU G 220 -4.68 10.40 -24.54
C GLU G 220 -3.45 11.00 -25.21
N HIS G 221 -2.50 11.45 -24.41
CA HIS G 221 -1.27 11.94 -24.99
C HIS G 221 -0.24 12.05 -23.91
N ALA G 222 1.01 12.19 -24.33
CA ALA G 222 2.07 12.54 -23.41
C ALA G 222 2.73 13.81 -23.92
N HIS G 223 3.42 14.53 -23.03
CA HIS G 223 4.17 15.74 -23.37
C HIS G 223 5.67 15.47 -23.31
N LYS G 224 6.42 16.07 -24.24
CA LYS G 224 7.89 16.03 -24.21
C LYS G 224 8.50 16.79 -23.06
N GLU G 225 8.09 18.04 -22.84
CA GLU G 225 8.69 18.87 -21.81
C GLU G 225 7.74 19.35 -20.74
N CYS G 226 6.44 19.31 -21.05
CA CYS G 226 5.49 20.02 -20.21
C CYS G 226 5.12 19.14 -19.05
N LYS G 227 5.20 19.74 -17.87
CA LYS G 227 4.74 19.15 -16.61
C LYS G 227 3.28 19.51 -16.33
N GLN G 228 2.49 18.58 -15.83
CA GLN G 228 1.13 18.93 -15.46
C GLN G 228 0.72 18.41 -14.10
N PHE G 229 -0.24 19.15 -13.55
CA PHE G 229 -0.82 18.89 -12.25
C PHE G 229 -2.33 19.04 -12.38
N LEU G 230 -3.07 18.00 -12.01
CA LEU G 230 -4.48 17.91 -12.24
C LEU G 230 -5.12 18.00 -10.87
N ILE G 231 -6.27 18.68 -10.84
CA ILE G 231 -7.11 18.82 -9.64
C ILE G 231 -8.56 18.91 -10.08
N CYS G 232 -9.39 17.97 -9.68
CA CYS G 232 -10.81 18.10 -10.04
C CYS G 232 -11.53 18.91 -8.97
N VAL G 233 -11.72 20.21 -9.28
CA VAL G 233 -12.22 21.22 -8.36
C VAL G 233 -13.73 21.18 -8.18
N SER G 234 -14.45 20.45 -9.03
CA SER G 234 -15.81 20.18 -8.64
C SER G 234 -16.15 18.90 -9.37
N GLY G 235 -16.94 18.04 -8.71
CA GLY G 235 -17.37 16.81 -9.34
C GLY G 235 -16.27 15.77 -9.35
N ASN G 236 -16.33 14.84 -10.30
CA ASN G 236 -15.30 13.83 -10.33
C ASN G 236 -14.90 13.51 -11.76
N CYS G 237 -13.65 13.06 -11.93
CA CYS G 237 -13.22 12.35 -13.12
C CYS G 237 -12.24 11.25 -12.74
N SER G 238 -11.81 10.46 -13.70
CA SER G 238 -10.86 9.39 -13.45
C SER G 238 -9.65 9.69 -14.34
N VAL G 239 -8.46 9.35 -13.88
CA VAL G 239 -7.27 9.70 -14.61
C VAL G 239 -6.40 8.47 -14.75
N LEU G 240 -5.97 8.18 -15.98
CA LEU G 240 -5.04 7.07 -16.18
C LEU G 240 -3.69 7.68 -16.36
N VAL G 241 -2.67 7.14 -15.72
CA VAL G 241 -1.33 7.63 -15.99
C VAL G 241 -0.61 6.38 -16.43
N ASP G 242 0.26 6.52 -17.44
CA ASP G 242 0.95 5.37 -18.03
C ASP G 242 2.38 5.74 -18.44
N ASP G 243 3.41 5.13 -17.84
CA ASP G 243 4.81 5.50 -18.13
C ASP G 243 5.47 4.75 -19.31
N GLY G 244 4.72 3.86 -19.97
CA GLY G 244 5.28 2.96 -20.99
C GLY G 244 5.33 1.52 -20.50
N GLU G 245 5.43 1.34 -19.19
CA GLU G 245 5.52 0.00 -18.60
C GLU G 245 4.34 -0.19 -17.65
N ASN G 246 4.19 0.74 -16.71
CA ASN G 246 3.19 0.57 -15.67
C ASN G 246 2.09 1.59 -15.94
N ARG G 247 0.89 1.29 -15.48
CA ARG G 247 -0.34 2.01 -15.84
C ARG G 247 -1.09 2.13 -14.53
N GLU G 248 -1.65 3.28 -14.16
CA GLU G 248 -2.58 3.24 -13.02
C GLU G 248 -3.70 4.23 -13.21
N GLU G 249 -4.88 3.89 -12.70
CA GLU G 249 -6.03 4.79 -12.81
C GLU G 249 -6.46 5.30 -11.44
N TYR G 250 -6.66 6.61 -11.35
CA TYR G 250 -7.03 7.27 -10.10
C TYR G 250 -8.30 8.12 -10.23
N VAL G 251 -9.09 8.10 -9.16
CA VAL G 251 -10.31 8.90 -9.14
C VAL G 251 -10.00 10.26 -8.50
N LEU G 252 -10.15 11.34 -9.25
CA LEU G 252 -10.07 12.66 -8.61
C LEU G 252 -11.48 13.08 -8.26
N ASP G 253 -11.88 13.05 -7.00
CA ASP G 253 -13.27 13.38 -6.73
C ASP G 253 -13.39 14.40 -5.63
N SER G 254 -12.28 14.97 -5.15
CA SER G 254 -12.46 16.10 -4.23
C SER G 254 -11.43 17.17 -4.40
N ILE G 255 -11.80 18.40 -4.07
CA ILE G 255 -10.99 19.53 -4.43
C ILE G 255 -9.59 19.51 -3.79
N ASP G 256 -9.37 18.67 -2.79
CA ASP G 256 -8.06 18.52 -2.12
C ASP G 256 -7.22 17.36 -2.61
N LYS G 257 -7.63 16.64 -3.66
CA LYS G 257 -6.77 15.67 -4.28
C LYS G 257 -6.15 16.23 -5.55
N GLY G 258 -4.90 15.86 -5.80
CA GLY G 258 -4.19 16.27 -7.01
C GLY G 258 -3.24 15.17 -7.48
N ILE G 259 -2.86 15.20 -8.76
CA ILE G 259 -1.95 14.22 -9.31
C ILE G 259 -0.97 14.94 -10.23
N TYR G 260 0.33 14.73 -10.00
CA TYR G 260 1.38 15.36 -10.79
C TYR G 260 1.73 14.40 -11.93
N LEU G 261 1.80 14.90 -13.15
CA LEU G 261 2.27 14.17 -14.30
C LEU G 261 3.57 14.79 -14.77
N PRO G 262 4.68 14.06 -14.58
CA PRO G 262 5.95 14.50 -15.10
C PRO G 262 5.87 14.45 -16.61
N PRO G 263 6.79 15.14 -17.29
CA PRO G 263 6.96 15.00 -18.72
C PRO G 263 7.09 13.51 -19.11
N MET G 264 6.63 13.19 -20.32
CA MET G 264 6.69 11.80 -20.82
C MET G 264 5.83 10.86 -19.99
N THR G 265 4.69 11.34 -19.49
CA THR G 265 3.70 10.46 -18.85
C THR G 265 2.47 10.53 -19.76
N TRP G 266 2.00 9.36 -20.19
CA TRP G 266 0.79 9.30 -20.96
C TRP G 266 -0.35 9.44 -19.96
N GLY G 267 -1.33 10.30 -20.29
CA GLY G 267 -2.44 10.58 -19.42
C GLY G 267 -3.75 10.44 -20.20
N VAL G 268 -4.81 10.01 -19.51
CA VAL G 268 -6.16 10.07 -20.04
C VAL G 268 -6.98 10.64 -18.89
N GLN G 269 -7.98 11.49 -19.20
CA GLN G 269 -9.00 11.87 -18.24
C GLN G 269 -10.32 11.41 -18.88
N TYR G 270 -11.20 10.78 -18.11
CA TYR G 270 -12.50 10.35 -18.66
C TYR G 270 -13.41 10.01 -17.50
N LYS G 271 -14.59 9.43 -17.77
CA LYS G 271 -15.61 9.29 -16.73
C LYS G 271 -15.87 10.59 -15.92
N TYR G 272 -15.82 11.71 -16.62
CA TYR G 272 -16.15 13.01 -16.05
C TYR G 272 -17.61 13.01 -15.66
N SER G 273 -17.91 13.61 -14.51
CA SER G 273 -19.30 13.67 -14.12
C SER G 273 -19.86 14.96 -14.76
N LYS G 274 -21.18 15.18 -14.61
CA LYS G 274 -21.83 16.35 -15.24
C LYS G 274 -21.21 17.67 -14.75
N ASP G 275 -21.04 17.81 -13.45
CA ASP G 275 -20.63 19.09 -12.84
C ASP G 275 -19.10 19.23 -12.80
N ALA G 276 -18.41 18.20 -13.30
CA ALA G 276 -16.97 18.12 -13.15
C ALA G 276 -16.25 19.27 -13.81
N VAL G 277 -15.30 19.85 -13.08
CA VAL G 277 -14.42 20.81 -13.66
C VAL G 277 -12.98 20.35 -13.33
N LEU G 278 -12.11 20.19 -14.32
CA LEU G 278 -10.72 19.83 -14.07
C LEU G 278 -9.96 21.12 -14.26
N LEU G 279 -9.13 21.42 -13.26
CA LEU G 279 -8.15 22.48 -13.32
C LEU G 279 -6.75 21.89 -13.58
N VAL G 280 -5.97 22.52 -14.46
CA VAL G 280 -4.66 21.95 -14.79
C VAL G 280 -3.60 23.04 -14.77
N PHE G 281 -2.53 22.85 -14.01
CA PHE G 281 -1.40 23.75 -14.06
C PHE G 281 -0.31 23.13 -14.94
N ALA G 282 0.37 23.98 -15.72
CA ALA G 282 1.30 23.39 -16.65
C ALA G 282 2.57 24.22 -16.64
N SER G 283 3.72 23.56 -16.70
CA SER G 283 5.01 24.28 -16.58
C SER G 283 5.33 25.14 -17.79
N HIS G 284 4.69 24.83 -18.92
CA HIS G 284 4.97 25.56 -20.17
C HIS G 284 3.77 26.20 -20.87
N TYR G 285 4.01 27.28 -21.65
CA TYR G 285 2.98 27.80 -22.54
C TYR G 285 2.55 26.75 -23.55
N TYR G 286 1.31 26.89 -24.00
CA TYR G 286 0.74 25.98 -24.96
C TYR G 286 1.66 25.91 -26.18
N ASP G 287 2.12 24.70 -26.46
CA ASP G 287 2.96 24.44 -27.62
C ASP G 287 2.42 23.19 -28.29
N SER G 288 1.81 23.28 -29.46
CA SER G 288 1.31 22.02 -30.06
C SER G 288 2.40 21.06 -30.53
N ASP G 289 3.63 21.51 -30.76
CA ASP G 289 4.74 20.58 -31.04
C ASP G 289 5.09 19.63 -29.91
N ASP G 290 4.61 19.91 -28.69
CA ASP G 290 5.08 19.19 -27.49
C ASP G 290 4.33 17.87 -27.27
N TYR G 291 3.25 17.64 -28.01
CA TYR G 291 2.44 16.45 -27.82
C TYR G 291 2.93 15.22 -28.54
N ILE G 292 2.75 14.08 -27.89
CA ILE G 292 2.94 12.80 -28.53
C ILE G 292 1.58 12.09 -28.45
N ARG G 293 1.02 11.83 -29.62
CA ARG G 293 -0.35 11.34 -29.69
C ARG G 293 -0.41 9.89 -30.08
N ASP G 294 0.72 9.27 -30.32
CA ASP G 294 0.66 7.88 -30.74
C ASP G 294 1.34 7.15 -29.62
N TYR G 295 0.65 6.20 -28.99
CA TYR G 295 1.19 5.47 -27.86
C TYR G 295 2.46 4.73 -28.18
N SER G 296 2.41 3.92 -29.23
CA SER G 296 3.57 3.20 -29.75
C SER G 296 4.81 4.10 -29.82
N THR G 297 4.62 5.27 -30.43
CA THR G 297 5.64 6.30 -30.57
C THR G 297 6.11 6.81 -29.21
N PHE G 298 5.17 7.09 -28.32
CA PHE G 298 5.52 7.41 -26.92
C PHE G 298 6.43 6.33 -26.31
N LYS G 299 6.03 5.06 -26.35
CA LYS G 299 6.82 3.97 -25.76
C LYS G 299 8.22 3.83 -26.34
N GLN G 300 8.35 3.89 -27.66
CA GLN G 300 9.66 4.00 -28.26
C GLN G 300 10.47 5.22 -27.74
N MET G 301 9.90 6.42 -27.72
CA MET G 301 10.60 7.54 -27.07
C MET G 301 11.09 7.33 -25.62
N ARG G 302 10.21 6.90 -24.72
CA ARG G 302 10.64 6.53 -23.36
C ARG G 302 11.75 5.48 -23.36
N GLN G 303 11.63 4.46 -24.22
CA GLN G 303 12.64 3.44 -24.43
C GLN G 303 13.98 4.10 -24.74
N ASN G 304 13.99 5.03 -25.69
CA ASN G 304 15.21 5.76 -26.05
C ASN G 304 15.57 6.82 -25.02
N LEU G 305 15.42 6.45 -23.75
CA LEU G 305 15.79 7.25 -22.60
C LEU G 305 15.97 6.35 -21.37
N MET H 1 -31.52 -39.66 -35.58
CA MET H 1 -31.06 -39.35 -36.96
C MET H 1 -29.82 -38.44 -36.93
N ILE H 2 -28.89 -38.67 -37.85
CA ILE H 2 -27.66 -37.89 -37.96
C ILE H 2 -27.35 -37.63 -39.44
N HIS H 3 -27.74 -36.46 -39.94
CA HIS H 3 -27.53 -36.06 -41.33
C HIS H 3 -26.14 -36.42 -41.85
N LYS H 4 -26.09 -36.80 -43.12
CA LYS H 4 -24.81 -37.16 -43.69
C LYS H 4 -23.87 -35.96 -43.87
N LEU H 5 -24.34 -34.74 -43.63
CA LEU H 5 -23.51 -33.55 -43.77
C LEU H 5 -22.96 -33.00 -42.46
N ALA H 6 -22.96 -33.83 -41.40
CA ALA H 6 -22.41 -33.45 -40.10
C ALA H 6 -21.25 -34.36 -39.67
N ASP H 7 -20.27 -33.77 -38.98
CA ASP H 7 -19.13 -34.51 -38.42
C ASP H 7 -19.46 -34.80 -36.95
N VAL H 8 -20.18 -35.89 -36.72
CA VAL H 8 -20.52 -36.36 -35.39
C VAL H 8 -19.59 -37.50 -35.01
N GLN H 9 -18.87 -37.33 -33.92
CA GLN H 9 -17.90 -38.35 -33.55
C GLN H 9 -18.35 -39.23 -32.37
N SER H 10 -19.43 -38.85 -31.71
CA SER H 10 -19.73 -39.39 -30.37
C SER H 10 -20.64 -40.61 -30.29
N GLN H 11 -20.18 -41.57 -29.48
CA GLN H 11 -20.90 -42.80 -29.16
C GLN H 11 -22.29 -42.52 -28.54
N ASN H 12 -22.33 -41.58 -27.58
CA ASN H 12 -23.42 -41.42 -26.61
C ASN H 12 -24.49 -40.34 -26.90
N ILE H 13 -25.41 -40.64 -27.80
CA ILE H 13 -26.51 -39.74 -28.15
C ILE H 13 -27.88 -40.44 -28.16
N GLY H 14 -28.70 -40.15 -27.15
CA GLY H 14 -30.08 -40.62 -27.04
C GLY H 14 -30.90 -40.80 -28.31
N ASP H 15 -31.94 -41.61 -28.20
CA ASP H 15 -32.85 -41.96 -29.32
C ASP H 15 -33.70 -40.74 -29.64
N ASN H 16 -34.20 -40.68 -30.88
CA ASN H 16 -35.12 -39.63 -31.29
C ASN H 16 -34.47 -38.24 -31.42
N THR H 17 -33.21 -38.12 -30.99
CA THR H 17 -32.44 -36.89 -31.16
C THR H 17 -32.02 -36.70 -32.63
N LYS H 18 -32.35 -35.56 -33.22
CA LYS H 18 -31.84 -35.27 -34.55
C LYS H 18 -30.60 -34.37 -34.47
N VAL H 19 -29.68 -34.52 -35.42
CA VAL H 19 -28.56 -33.61 -35.61
C VAL H 19 -28.46 -33.28 -37.09
N TRP H 20 -28.81 -32.04 -37.44
CA TRP H 20 -28.85 -31.51 -38.80
C TRP H 20 -27.50 -31.14 -39.40
N GLN H 21 -27.51 -30.48 -40.55
CA GLN H 21 -26.29 -30.42 -41.32
C GLN H 21 -25.27 -29.42 -40.79
N PHE H 22 -24.02 -29.67 -41.17
CA PHE H 22 -22.89 -28.80 -40.87
C PHE H 22 -22.73 -28.62 -39.37
N CYS H 23 -23.13 -29.61 -38.57
CA CYS H 23 -22.86 -29.61 -37.14
C CYS H 23 -21.60 -30.39 -36.83
N VAL H 24 -20.75 -29.83 -35.96
CA VAL H 24 -19.67 -30.60 -35.41
C VAL H 24 -20.16 -31.01 -34.04
N ILE H 25 -19.81 -32.24 -33.64
CA ILE H 25 -20.10 -32.80 -32.32
C ILE H 25 -18.92 -33.70 -31.98
N LEU H 26 -18.21 -33.35 -30.91
CA LEU H 26 -17.02 -34.10 -30.54
C LEU H 26 -17.29 -35.35 -29.69
N ALA H 27 -16.34 -36.28 -29.73
CA ALA H 27 -16.37 -37.57 -29.04
C ALA H 27 -17.04 -37.58 -27.66
N GLY H 28 -16.57 -36.70 -26.78
CA GLY H 28 -16.85 -36.75 -25.33
C GLY H 28 -18.19 -36.22 -24.82
N ALA H 29 -18.99 -35.68 -25.74
CA ALA H 29 -20.27 -35.09 -25.37
C ALA H 29 -21.29 -36.20 -25.18
N VAL H 30 -22.33 -35.89 -24.41
CA VAL H 30 -23.46 -36.76 -24.18
C VAL H 30 -24.72 -35.97 -24.47
N ILE H 31 -25.63 -36.56 -25.24
CA ILE H 31 -26.91 -35.93 -25.52
C ILE H 31 -28.03 -36.94 -25.28
N GLY H 32 -29.04 -36.52 -24.51
CA GLY H 32 -30.25 -37.29 -24.31
C GLY H 32 -31.14 -37.29 -25.54
N ARG H 33 -32.42 -37.59 -25.35
CA ARG H 33 -33.35 -37.94 -26.43
C ARG H 33 -34.32 -36.83 -26.83
N ASN H 34 -34.89 -36.92 -28.04
CA ASN H 34 -35.87 -35.95 -28.54
C ASN H 34 -35.26 -34.57 -28.82
N CYS H 35 -33.96 -34.45 -28.55
CA CYS H 35 -33.23 -33.20 -28.73
C CYS H 35 -33.14 -32.86 -30.19
N ASN H 36 -33.23 -31.58 -30.50
CA ASN H 36 -33.04 -31.13 -31.87
C ASN H 36 -31.92 -30.11 -31.97
N ILE H 37 -30.77 -30.59 -32.46
CA ILE H 37 -29.57 -29.81 -32.67
C ILE H 37 -29.44 -29.42 -34.12
N CYS H 38 -29.85 -28.19 -34.41
CA CYS H 38 -30.07 -27.67 -35.74
C CYS H 38 -28.79 -27.20 -36.43
N ALA H 39 -28.93 -26.79 -37.69
CA ALA H 39 -27.79 -26.67 -38.59
C ALA H 39 -26.77 -25.64 -38.13
N ASN H 40 -25.49 -25.84 -38.46
CA ASN H 40 -24.43 -24.85 -38.20
C ASN H 40 -24.28 -24.55 -36.73
N SER H 41 -24.18 -25.61 -35.93
CA SER H 41 -24.01 -25.55 -34.49
C SER H 41 -22.82 -26.45 -34.16
N LEU H 42 -22.45 -26.53 -32.90
CA LEU H 42 -21.23 -27.19 -32.52
C LEU H 42 -21.25 -27.48 -31.03
N ILE H 43 -20.75 -28.66 -30.66
CA ILE H 43 -20.66 -29.16 -29.28
C ILE H 43 -19.28 -29.77 -29.03
N GLU H 44 -18.58 -29.24 -28.04
CA GLU H 44 -17.27 -29.73 -27.66
C GLU H 44 -17.36 -30.93 -26.70
N ASN H 45 -16.25 -31.25 -26.04
CA ASN H 45 -16.07 -32.51 -25.32
C ASN H 45 -16.67 -32.60 -23.93
N ASP H 46 -16.40 -31.63 -23.07
CA ASP H 46 -16.95 -31.67 -21.72
C ASP H 46 -18.39 -31.14 -21.64
N VAL H 47 -19.28 -31.72 -22.43
CA VAL H 47 -20.65 -31.24 -22.54
C VAL H 47 -21.59 -32.37 -22.16
N VAL H 48 -22.59 -32.06 -21.33
CA VAL H 48 -23.71 -32.95 -21.16
C VAL H 48 -24.96 -32.17 -21.55
N ILE H 49 -25.73 -32.67 -22.51
CA ILE H 49 -27.03 -32.10 -22.87
C ILE H 49 -28.16 -33.09 -22.57
N GLY H 50 -29.26 -32.64 -21.97
CA GLY H 50 -30.34 -33.51 -21.53
C GLY H 50 -31.36 -33.80 -22.62
N ASP H 51 -32.60 -34.04 -22.20
CA ASP H 51 -33.66 -34.55 -23.06
C ASP H 51 -34.68 -33.46 -23.36
N ASN H 52 -35.17 -33.45 -24.60
CA ASN H 52 -36.15 -32.48 -25.10
C ASN H 52 -35.55 -31.09 -25.36
N VAL H 53 -34.26 -31.06 -25.69
CA VAL H 53 -33.45 -29.84 -25.74
C VAL H 53 -33.22 -29.39 -27.18
N THR H 54 -33.76 -28.21 -27.48
CA THR H 54 -33.71 -27.58 -28.80
C THR H 54 -32.58 -26.56 -28.88
N ILE H 55 -31.65 -26.81 -29.79
CA ILE H 55 -30.49 -25.97 -29.95
C ILE H 55 -30.56 -25.47 -31.38
N LYS H 56 -30.91 -24.20 -31.53
CA LYS H 56 -31.07 -23.60 -32.84
C LYS H 56 -29.72 -23.35 -33.47
N SER H 57 -29.73 -22.96 -34.73
CA SER H 57 -28.49 -22.74 -35.46
C SER H 57 -27.55 -21.71 -34.83
N GLY H 58 -26.27 -21.77 -35.18
CA GLY H 58 -25.35 -20.69 -34.82
C GLY H 58 -24.85 -20.76 -33.38
N VAL H 59 -25.05 -21.91 -32.74
CA VAL H 59 -24.66 -22.03 -31.36
C VAL H 59 -23.45 -22.93 -31.12
N GLN H 60 -22.53 -22.47 -30.26
CA GLN H 60 -21.36 -23.21 -29.84
C GLN H 60 -21.53 -23.59 -28.37
N ILE H 61 -21.83 -24.87 -28.11
CA ILE H 61 -21.90 -25.35 -26.73
C ILE H 61 -20.48 -25.78 -26.35
N TRP H 62 -19.71 -24.86 -25.78
CA TRP H 62 -18.29 -25.08 -25.44
C TRP H 62 -18.09 -26.04 -24.30
N ASP H 63 -16.83 -26.43 -24.09
CA ASP H 63 -16.43 -27.24 -22.96
C ASP H 63 -16.82 -26.54 -21.66
N GLY H 64 -17.50 -27.26 -20.78
CA GLY H 64 -17.96 -26.72 -19.49
C GLY H 64 -19.45 -26.48 -19.43
N ILE H 65 -20.11 -26.35 -20.59
CA ILE H 65 -21.56 -26.11 -20.63
C ILE H 65 -22.43 -27.37 -20.51
N HIS H 66 -23.23 -27.43 -19.44
CA HIS H 66 -24.26 -28.44 -19.27
C HIS H 66 -25.60 -27.73 -19.57
N ILE H 67 -26.36 -28.29 -20.50
CA ILE H 67 -27.74 -27.89 -20.74
C ILE H 67 -28.66 -29.00 -20.27
N GLN H 68 -29.46 -28.70 -19.24
CA GLN H 68 -30.39 -29.63 -18.63
C GLN H 68 -31.62 -29.85 -19.50
N ASP H 69 -32.62 -30.55 -18.96
CA ASP H 69 -33.80 -30.95 -19.76
C ASP H 69 -34.73 -29.80 -20.15
N ASP H 70 -35.41 -29.98 -21.28
CA ASP H 70 -36.53 -29.12 -21.70
C ASP H 70 -36.11 -27.66 -22.05
N VAL H 71 -34.82 -27.43 -22.24
CA VAL H 71 -34.31 -26.08 -22.46
C VAL H 71 -34.46 -25.67 -23.91
N PHE H 72 -34.64 -24.37 -24.17
CA PHE H 72 -34.64 -23.85 -25.53
C PHE H 72 -33.50 -22.87 -25.77
N ILE H 73 -32.56 -23.23 -26.64
CA ILE H 73 -31.49 -22.32 -27.01
C ILE H 73 -31.78 -21.73 -28.37
N GLY H 74 -31.95 -20.40 -28.35
CA GLY H 74 -32.37 -19.67 -29.51
C GLY H 74 -31.24 -19.59 -30.53
N PRO H 75 -31.61 -19.16 -31.74
CA PRO H 75 -30.65 -18.95 -32.81
C PRO H 75 -29.57 -17.95 -32.44
N ASN H 76 -28.32 -18.35 -32.71
CA ASN H 76 -27.14 -17.51 -32.66
C ASN H 76 -26.78 -17.10 -31.22
N VAL H 77 -27.27 -17.83 -30.23
CA VAL H 77 -26.78 -17.71 -28.87
C VAL H 77 -25.30 -18.03 -28.74
N THR H 78 -24.57 -17.27 -27.95
CA THR H 78 -23.16 -17.51 -27.72
C THR H 78 -22.84 -17.86 -26.25
N PHE H 79 -21.94 -18.83 -26.00
CA PHE H 79 -21.38 -19.07 -24.66
C PHE H 79 -19.88 -18.87 -24.60
N THR H 80 -19.28 -18.87 -23.41
CA THR H 80 -17.83 -18.60 -23.27
C THR H 80 -17.10 -19.35 -22.12
N ASN H 81 -15.76 -19.26 -22.06
CA ASN H 81 -14.90 -19.81 -20.99
C ASN H 81 -13.89 -18.91 -20.26
N LEU H 95 -14.02 -22.74 -16.24
CA LEU H 95 -15.23 -22.42 -15.49
C LEU H 95 -16.42 -23.07 -16.19
N LYS H 96 -17.51 -23.31 -15.46
CA LYS H 96 -18.66 -24.03 -16.04
C LYS H 96 -20.02 -23.34 -15.89
N THR H 97 -20.85 -23.53 -16.92
CA THR H 97 -22.13 -22.86 -17.09
C THR H 97 -23.23 -23.91 -17.09
N ILE H 98 -24.29 -23.68 -16.31
CA ILE H 98 -25.44 -24.55 -16.38
C ILE H 98 -26.67 -23.77 -16.76
N VAL H 99 -27.35 -24.22 -17.80
CA VAL H 99 -28.71 -23.75 -18.09
C VAL H 99 -29.63 -24.80 -17.48
N LYS H 100 -30.45 -24.41 -16.52
CA LYS H 100 -31.28 -25.32 -15.74
C LYS H 100 -32.58 -25.65 -16.46
N LYS H 101 -33.19 -26.76 -16.07
CA LYS H 101 -34.43 -27.27 -16.67
C LYS H 101 -35.46 -26.16 -16.99
N GLY H 102 -35.96 -26.13 -18.21
CA GLY H 102 -37.08 -25.25 -18.56
C GLY H 102 -36.74 -23.86 -19.09
N ALA H 103 -35.61 -23.30 -18.68
CA ALA H 103 -35.08 -22.03 -19.21
C ALA H 103 -35.13 -21.92 -20.75
N SER H 104 -35.33 -20.70 -21.25
CA SER H 104 -34.92 -20.39 -22.63
C SER H 104 -33.97 -19.21 -22.87
N ILE H 105 -32.96 -19.41 -23.71
CA ILE H 105 -32.00 -18.38 -23.97
C ILE H 105 -32.38 -17.80 -25.31
N GLY H 106 -32.69 -16.51 -25.29
CA GLY H 106 -33.24 -15.82 -26.46
C GLY H 106 -32.18 -15.54 -27.49
N ALA H 107 -32.66 -15.26 -28.70
CA ALA H 107 -31.86 -15.24 -29.90
C ALA H 107 -30.71 -14.23 -29.80
N ASN H 108 -29.50 -14.68 -30.13
CA ASN H 108 -28.35 -13.78 -30.24
C ASN H 108 -27.94 -13.13 -28.93
N SER H 109 -28.35 -13.71 -27.80
CA SER H 109 -27.75 -13.44 -26.48
C SER H 109 -26.32 -13.94 -26.31
N THR H 110 -25.60 -13.35 -25.35
CA THR H 110 -24.22 -13.67 -25.08
C THR H 110 -24.22 -13.99 -23.59
N ILE H 111 -23.72 -15.17 -23.23
CA ILE H 111 -23.63 -15.63 -21.84
C ILE H 111 -22.17 -15.73 -21.41
N LEU H 112 -21.79 -14.95 -20.42
CA LEU H 112 -20.39 -14.90 -20.07
C LEU H 112 -20.01 -16.21 -19.37
N PRO H 113 -18.71 -16.44 -19.11
CA PRO H 113 -18.25 -17.71 -18.52
C PRO H 113 -18.64 -17.94 -17.07
N GLY H 114 -19.19 -19.12 -16.78
CA GLY H 114 -19.39 -19.53 -15.39
C GLY H 114 -20.71 -19.09 -14.82
N ILE H 115 -21.70 -19.02 -15.69
CA ILE H 115 -22.95 -18.42 -15.29
C ILE H 115 -23.97 -19.49 -14.99
N LEU H 116 -24.78 -19.28 -13.96
CA LEU H 116 -25.91 -20.19 -13.77
C LEU H 116 -27.15 -19.49 -14.27
N ILE H 117 -27.92 -20.15 -15.12
CA ILE H 117 -29.23 -19.65 -15.55
C ILE H 117 -30.37 -20.50 -15.01
N GLY H 118 -31.23 -19.93 -14.17
CA GLY H 118 -32.20 -20.71 -13.41
C GLY H 118 -33.33 -21.43 -14.16
N GLU H 119 -34.14 -22.16 -13.40
CA GLU H 119 -35.21 -22.91 -14.01
C GLU H 119 -36.30 -21.98 -14.53
N ASN H 120 -36.61 -22.16 -15.81
CA ASN H 120 -37.77 -21.50 -16.39
C ASN H 120 -37.56 -19.99 -16.51
N ALA H 121 -36.31 -19.56 -16.43
CA ALA H 121 -35.89 -18.20 -16.80
C ALA H 121 -35.98 -17.94 -18.30
N MET H 122 -36.30 -16.70 -18.67
CA MET H 122 -36.34 -16.27 -20.06
C MET H 122 -35.25 -15.20 -20.25
N VAL H 123 -34.21 -15.55 -21.00
CA VAL H 123 -33.15 -14.62 -21.32
C VAL H 123 -33.60 -13.95 -22.60
N GLY H 124 -33.69 -12.62 -22.56
CA GLY H 124 -34.26 -11.89 -23.71
C GLY H 124 -33.29 -11.92 -24.88
N ALA H 125 -33.82 -11.83 -26.10
CA ALA H 125 -32.99 -11.68 -27.31
C ALA H 125 -31.96 -10.56 -27.18
N GLY H 126 -30.71 -10.89 -27.49
CA GLY H 126 -29.63 -9.90 -27.48
C GLY H 126 -29.08 -9.57 -26.11
N ALA H 127 -29.60 -10.18 -25.04
CA ALA H 127 -29.08 -9.94 -23.70
C ALA H 127 -27.61 -10.32 -23.48
N VAL H 128 -26.90 -9.54 -22.65
CA VAL H 128 -25.53 -9.87 -22.37
C VAL H 128 -25.62 -10.25 -20.91
N ILE H 129 -25.61 -11.55 -20.65
CA ILE H 129 -25.78 -12.02 -19.28
C ILE H 129 -24.43 -12.14 -18.62
N THR H 130 -24.19 -11.25 -17.67
CA THR H 130 -22.92 -11.14 -16.97
C THR H 130 -23.00 -11.71 -15.53
N LYS H 131 -24.19 -12.11 -15.08
CA LYS H 131 -24.45 -12.59 -13.72
C LYS H 131 -25.48 -13.71 -13.75
N ASN H 132 -25.47 -14.55 -12.71
CA ASN H 132 -26.50 -15.60 -12.64
C ASN H 132 -27.90 -15.02 -12.75
N VAL H 133 -28.81 -15.81 -13.33
CA VAL H 133 -30.18 -15.39 -13.47
C VAL H 133 -31.05 -16.32 -12.63
N PRO H 134 -31.84 -15.74 -11.70
CA PRO H 134 -32.66 -16.58 -10.81
C PRO H 134 -33.73 -17.35 -11.58
N ASP H 135 -34.34 -18.33 -10.93
CA ASP H 135 -35.46 -19.06 -11.53
C ASP H 135 -36.62 -18.13 -11.88
N ASN H 136 -37.19 -18.32 -13.05
CA ASN H 136 -38.37 -17.57 -13.49
C ASN H 136 -38.13 -16.10 -13.88
N ALA H 137 -36.89 -15.61 -13.75
CA ALA H 137 -36.53 -14.24 -14.13
C ALA H 137 -36.47 -14.02 -15.63
N ILE H 138 -37.06 -12.90 -16.05
CA ILE H 138 -36.88 -12.32 -17.38
C ILE H 138 -35.73 -11.29 -17.42
N VAL H 139 -34.70 -11.61 -18.22
CA VAL H 139 -33.45 -10.84 -18.26
C VAL H 139 -33.15 -10.29 -19.64
N ILE H 140 -32.71 -9.03 -19.64
CA ILE H 140 -32.85 -8.20 -20.83
C ILE H 140 -31.81 -7.13 -20.77
N GLY H 141 -31.33 -6.74 -21.96
CA GLY H 141 -30.41 -5.64 -22.04
C GLY H 141 -28.94 -5.98 -22.11
N ASN H 142 -28.15 -4.91 -22.18
CA ASN H 142 -26.73 -4.99 -22.22
C ASN H 142 -26.25 -3.96 -21.21
N PRO H 143 -25.81 -4.38 -20.03
CA PRO H 143 -25.71 -5.66 -19.32
C PRO H 143 -27.11 -6.16 -19.03
N GLY H 144 -27.31 -7.47 -18.93
CA GLY H 144 -28.64 -8.01 -18.66
C GLY H 144 -29.12 -7.58 -17.29
N ARG H 145 -30.41 -7.25 -17.19
CA ARG H 145 -31.03 -6.86 -15.91
C ARG H 145 -32.32 -7.64 -15.79
N ILE H 146 -32.64 -8.06 -14.58
CA ILE H 146 -33.99 -8.61 -14.40
C ILE H 146 -35.01 -7.47 -14.51
N THR H 147 -35.98 -7.62 -15.39
CA THR H 147 -37.01 -6.62 -15.56
C THR H 147 -38.42 -7.15 -15.32
N GLY H 148 -38.54 -8.43 -14.98
CA GLY H 148 -39.84 -9.03 -14.80
C GLY H 148 -39.65 -10.49 -14.40
N TYR H 149 -40.76 -11.21 -14.32
CA TYR H 149 -40.73 -12.63 -14.00
C TYR H 149 -41.75 -13.39 -14.84
N VAL H 150 -41.41 -14.64 -15.11
CA VAL H 150 -42.31 -15.50 -15.86
C VAL H 150 -43.69 -15.66 -15.24
N GLU H 151 -44.70 -15.39 -16.07
CA GLU H 151 -46.10 -15.36 -15.66
C GLU H 151 -46.42 -14.55 -14.41
N ALA H 152 -45.83 -13.36 -14.29
CA ALA H 152 -46.06 -12.55 -13.09
C ALA H 152 -47.37 -11.77 -13.11
N PHE H 163 -54.40 -1.20 -5.37
CA PHE H 163 -54.44 -0.64 -4.02
C PHE H 163 -55.59 0.35 -3.81
N GLU H 164 -56.71 0.10 -4.47
CA GLU H 164 -57.88 0.99 -4.44
C GLU H 164 -58.71 0.85 -3.15
N LEU H 165 -58.89 -0.40 -2.69
CA LEU H 165 -59.55 -0.69 -1.42
C LEU H 165 -58.62 -0.55 -0.20
N LYS H 166 -59.20 -0.36 0.99
CA LYS H 166 -58.47 -0.46 2.26
C LYS H 166 -57.86 -1.84 2.51
N LEU H 167 -58.50 -2.87 1.97
CA LEU H 167 -57.92 -4.19 1.95
C LEU H 167 -58.27 -4.97 0.67
N GLN H 168 -57.24 -5.57 0.09
CA GLN H 168 -57.35 -6.37 -1.14
C GLN H 168 -56.57 -7.66 -0.95
N MET H 169 -56.99 -8.69 -1.67
CA MET H 169 -56.43 -10.03 -1.48
C MET H 169 -55.75 -10.41 -2.79
N SER H 170 -54.60 -11.07 -2.70
CA SER H 170 -53.79 -11.33 -3.88
C SER H 170 -54.24 -12.61 -4.60
N LYS H 171 -53.91 -12.78 -5.87
CA LYS H 171 -53.99 -14.13 -6.44
C LYS H 171 -52.99 -15.03 -5.67
N VAL H 172 -51.87 -14.44 -5.29
CA VAL H 172 -50.82 -15.08 -4.49
C VAL H 172 -51.27 -15.37 -3.06
N LYS H 173 -51.24 -16.66 -2.72
CA LYS H 173 -51.83 -17.19 -1.50
C LYS H 173 -51.60 -16.42 -0.20
N GLY H 174 -52.63 -15.75 0.26
CA GLY H 174 -52.62 -15.08 1.56
C GLY H 174 -51.96 -13.71 1.63
N VAL H 175 -51.45 -13.26 0.49
CA VAL H 175 -50.91 -11.90 0.35
C VAL H 175 -52.04 -10.86 0.29
N SER H 176 -51.89 -9.83 1.14
CA SER H 176 -52.85 -8.72 1.24
C SER H 176 -52.23 -7.39 0.84
N LEU H 177 -53.05 -6.56 0.19
CA LEU H 177 -52.72 -5.19 -0.19
C LEU H 177 -53.54 -4.20 0.64
N HIS H 178 -52.86 -3.18 1.16
CA HIS H 178 -53.48 -2.19 2.04
C HIS H 178 -53.27 -0.74 1.57
N LYS H 179 -54.35 0.04 1.60
CA LYS H 179 -54.27 1.49 1.53
C LYS H 179 -54.52 2.01 2.95
N PHE H 180 -53.54 2.72 3.52
CA PHE H 180 -53.77 3.32 4.84
C PHE H 180 -54.51 4.64 4.76
N HIS H 181 -54.91 5.12 5.93
CA HIS H 181 -55.59 6.38 6.13
C HIS H 181 -54.59 7.53 5.95
N LEU H 182 -54.85 8.39 4.98
CA LEU H 182 -53.94 9.49 4.69
C LEU H 182 -54.62 10.84 4.94
N VAL H 183 -53.98 11.70 5.73
CA VAL H 183 -54.52 13.04 5.99
C VAL H 183 -53.58 14.05 5.37
N ASN H 184 -54.13 14.95 4.57
CA ASN H 184 -53.38 16.09 4.06
C ASN H 184 -53.99 17.42 4.49
N ASP H 185 -53.16 18.42 4.79
CA ASP H 185 -53.61 19.82 4.91
C ASP H 185 -52.42 20.76 4.92
N LEU H 186 -52.66 22.00 5.33
CA LEU H 186 -51.69 23.11 5.25
C LEU H 186 -50.45 22.86 6.12
N ARG H 187 -50.65 22.12 7.20
CA ARG H 187 -49.64 21.84 8.19
C ARG H 187 -48.71 20.65 7.83
N GLY H 188 -49.03 19.97 6.73
CA GLY H 188 -48.28 18.79 6.32
C GLY H 188 -49.20 17.65 5.94
N ASN H 189 -48.66 16.43 6.00
CA ASN H 189 -49.43 15.23 5.73
C ASN H 189 -49.16 14.19 6.81
N LEU H 190 -50.12 13.27 6.98
CA LEU H 190 -49.90 12.19 7.92
C LEU H 190 -50.67 10.92 7.57
N SER H 191 -50.04 9.79 7.80
CA SER H 191 -50.68 8.50 7.54
C SER H 191 -50.43 7.59 8.74
N VAL H 192 -51.51 6.94 9.22
CA VAL H 192 -51.44 5.99 10.34
C VAL H 192 -51.71 4.57 9.89
N GLY H 193 -51.12 3.61 10.60
CA GLY H 193 -51.51 2.22 10.43
C GLY H 193 -51.57 1.51 11.77
N GLU H 194 -52.57 0.64 11.93
CA GLU H 194 -52.63 -0.07 13.20
C GLU H 194 -52.32 -1.57 13.12
N PHE H 195 -51.39 -1.98 13.98
CA PHE H 195 -51.08 -3.38 14.18
C PHE H 195 -52.23 -4.19 14.76
N GLU H 196 -52.38 -5.40 14.22
CA GLU H 196 -53.49 -6.32 14.42
C GLU H 196 -54.70 -5.86 13.60
N LYS H 197 -54.97 -4.56 13.59
CA LYS H 197 -56.12 -4.06 12.82
C LYS H 197 -55.85 -3.98 11.31
N ASP H 198 -54.98 -3.09 10.85
CA ASP H 198 -54.72 -3.05 9.40
C ASP H 198 -53.65 -4.09 9.07
N ILE H 199 -52.60 -4.09 9.88
CA ILE H 199 -51.48 -4.99 9.68
C ILE H 199 -51.82 -6.18 10.56
N PRO H 200 -51.99 -7.37 9.95
CA PRO H 200 -52.55 -8.53 10.65
C PRO H 200 -51.63 -9.21 11.67
N PHE H 201 -50.57 -8.55 12.11
CA PHE H 201 -49.77 -9.05 13.21
C PHE H 201 -49.21 -7.87 14.01
N THR H 202 -48.56 -8.17 15.12
CA THR H 202 -47.90 -7.12 15.90
C THR H 202 -46.44 -7.49 15.76
N PRO H 203 -45.57 -6.50 15.45
CA PRO H 203 -44.15 -6.68 15.15
C PRO H 203 -43.23 -6.83 16.35
N LYS H 204 -42.03 -7.34 16.13
CA LYS H 204 -40.97 -7.38 17.12
C LYS H 204 -39.73 -6.72 16.52
N ARG H 205 -39.80 -6.36 15.24
CA ARG H 205 -38.64 -5.81 14.49
C ARG H 205 -39.06 -4.93 13.29
N TYR H 206 -38.33 -3.83 13.08
CA TYR H 206 -38.46 -2.98 11.89
C TYR H 206 -37.07 -2.94 11.24
N PHE H 207 -37.03 -2.97 9.91
CA PHE H 207 -35.75 -2.65 9.26
C PHE H 207 -36.04 -1.74 8.09
N THR H 208 -35.02 -1.01 7.69
CA THR H 208 -35.23 -0.09 6.59
C THR H 208 -34.19 -0.44 5.56
N VAL H 209 -34.60 -0.47 4.31
CA VAL H 209 -33.66 -0.61 3.22
C VAL H 209 -33.64 0.64 2.33
N PHE H 210 -32.44 1.16 2.07
CA PHE H 210 -32.34 2.42 1.34
C PHE H 210 -31.01 2.46 0.64
N GLY H 211 -30.82 3.44 -0.24
CA GLY H 211 -29.48 3.61 -0.87
C GLY H 211 -29.23 2.54 -1.92
N VAL H 212 -30.29 1.93 -2.44
CA VAL H 212 -30.14 0.78 -3.30
C VAL H 212 -30.00 1.14 -4.78
N PRO H 213 -28.86 0.78 -5.39
CA PRO H 213 -28.59 0.97 -6.80
C PRO H 213 -29.75 0.44 -7.61
N ASN H 214 -30.21 1.19 -8.61
CA ASN H 214 -31.37 0.76 -9.36
C ASN H 214 -31.17 -0.60 -10.05
N LYS H 215 -29.91 -1.03 -10.15
CA LYS H 215 -29.60 -2.26 -10.88
C LYS H 215 -29.81 -3.51 -10.05
N GLU H 216 -29.86 -3.33 -8.72
CA GLU H 216 -29.86 -4.38 -7.71
C GLU H 216 -31.18 -5.10 -7.46
N VAL H 217 -31.07 -6.40 -7.18
CA VAL H 217 -32.21 -7.25 -6.89
C VAL H 217 -32.03 -7.66 -5.43
N ARG H 218 -33.01 -7.37 -4.58
CA ARG H 218 -32.94 -7.75 -3.15
C ARG H 218 -33.95 -8.85 -2.74
N GLY H 219 -33.75 -9.49 -1.60
CA GLY H 219 -34.62 -10.59 -1.15
C GLY H 219 -34.19 -11.87 -1.84
N GLU H 220 -35.12 -12.54 -2.53
CA GLU H 220 -34.84 -13.80 -3.22
C GLU H 220 -34.74 -14.84 -2.12
N HIS H 221 -35.88 -14.97 -1.46
CA HIS H 221 -36.04 -15.82 -0.30
C HIS H 221 -37.49 -15.86 0.18
N ALA H 222 -37.73 -16.85 1.02
CA ALA H 222 -38.99 -16.94 1.75
C ALA H 222 -38.65 -17.07 3.23
N HIS H 223 -39.65 -16.85 4.06
CA HIS H 223 -39.42 -17.02 5.47
C HIS H 223 -40.19 -18.23 5.98
N LYS H 224 -39.49 -18.97 6.83
CA LYS H 224 -40.05 -20.19 7.43
C LYS H 224 -41.16 -19.80 8.41
N GLU H 225 -40.84 -18.89 9.32
CA GLU H 225 -41.74 -18.49 10.41
C GLU H 225 -42.17 -17.01 10.28
N CYS H 226 -41.21 -16.14 9.97
CA CYS H 226 -41.36 -14.68 10.02
C CYS H 226 -42.42 -14.10 9.08
N LYS H 227 -43.33 -13.31 9.64
CA LYS H 227 -44.26 -12.53 8.83
C LYS H 227 -43.56 -11.23 8.44
N GLN H 228 -43.99 -10.68 7.30
CA GLN H 228 -43.49 -9.37 6.92
C GLN H 228 -44.55 -8.44 6.36
N PHE H 229 -44.37 -7.14 6.65
CA PHE H 229 -45.21 -6.10 6.09
C PHE H 229 -44.37 -5.02 5.41
N LEU H 230 -44.68 -4.70 4.16
CA LEU H 230 -43.74 -3.80 3.48
C LEU H 230 -44.42 -2.49 3.13
N ILE H 231 -43.74 -1.38 3.39
CA ILE H 231 -44.21 -0.02 3.05
C ILE H 231 -43.02 0.76 2.50
N CYS H 232 -43.20 1.31 1.31
CA CYS H 232 -42.17 2.16 0.71
C CYS H 232 -42.44 3.60 1.12
N VAL H 233 -41.51 4.14 1.89
CA VAL H 233 -41.75 5.37 2.63
C VAL H 233 -41.42 6.63 1.82
N SER H 234 -40.36 6.58 1.02
CA SER H 234 -40.15 7.59 0.01
C SER H 234 -39.67 6.89 -1.24
N GLY H 235 -39.95 7.45 -2.40
CA GLY H 235 -39.47 6.84 -3.64
C GLY H 235 -40.36 5.66 -4.01
N ASN H 236 -39.81 4.73 -4.77
CA ASN H 236 -40.64 3.62 -5.19
C ASN H 236 -39.79 2.38 -5.28
N CYS H 237 -40.47 1.24 -5.43
CA CYS H 237 -39.97 -0.10 -5.15
C CYS H 237 -40.86 -1.03 -5.95
N SER H 238 -40.31 -2.05 -6.59
CA SER H 238 -41.16 -3.13 -7.06
C SER H 238 -41.00 -4.41 -6.20
N VAL H 239 -42.13 -5.04 -5.92
CA VAL H 239 -42.18 -6.16 -4.96
C VAL H 239 -42.81 -7.35 -5.66
N LEU H 240 -42.02 -8.41 -5.82
CA LEU H 240 -42.59 -9.66 -6.34
C LEU H 240 -42.92 -10.47 -5.10
N VAL H 241 -44.11 -11.05 -5.15
CA VAL H 241 -44.50 -12.09 -4.22
C VAL H 241 -44.86 -13.37 -4.95
N ASP H 242 -44.32 -14.47 -4.42
CA ASP H 242 -44.35 -15.75 -5.09
C ASP H 242 -44.78 -16.81 -4.06
N ASP H 243 -45.92 -17.44 -4.29
CA ASP H 243 -46.45 -18.49 -3.42
C ASP H 243 -46.08 -19.90 -3.88
N GLY H 244 -45.21 -20.00 -4.89
CA GLY H 244 -44.77 -21.30 -5.41
C GLY H 244 -45.62 -21.78 -6.57
N GLU H 245 -46.91 -21.47 -6.54
CA GLU H 245 -47.76 -21.67 -7.72
C GLU H 245 -48.00 -20.37 -8.51
N ASN H 246 -48.64 -19.38 -7.90
CA ASN H 246 -48.83 -18.08 -8.54
C ASN H 246 -47.81 -17.00 -8.20
N ARG H 247 -47.69 -15.99 -9.07
CA ARG H 247 -46.64 -14.99 -9.03
C ARG H 247 -47.31 -13.65 -9.32
N GLU H 248 -46.98 -12.63 -8.54
CA GLU H 248 -47.43 -11.31 -8.92
C GLU H 248 -46.40 -10.26 -8.50
N GLU H 249 -46.30 -9.23 -9.33
CA GLU H 249 -45.36 -8.16 -9.06
C GLU H 249 -46.10 -6.85 -8.80
N TYR H 250 -45.83 -6.19 -7.69
CA TYR H 250 -46.55 -4.97 -7.34
C TYR H 250 -45.64 -3.77 -7.11
N VAL H 251 -46.20 -2.58 -7.34
CA VAL H 251 -45.41 -1.36 -7.22
C VAL H 251 -45.76 -0.57 -6.00
N LEU H 252 -44.78 -0.40 -5.11
CA LEU H 252 -44.93 0.43 -3.92
C LEU H 252 -44.40 1.84 -4.17
N ASP H 253 -45.30 2.80 -4.39
CA ASP H 253 -44.83 4.14 -4.75
C ASP H 253 -45.44 5.32 -3.99
N SER H 254 -46.09 5.03 -2.87
CA SER H 254 -46.53 6.09 -1.97
C SER H 254 -46.63 5.52 -0.57
N ILE H 255 -46.40 6.41 0.39
CA ILE H 255 -46.37 6.10 1.82
C ILE H 255 -47.65 5.45 2.37
N ASP H 256 -48.76 5.60 1.66
CA ASP H 256 -50.01 5.06 2.15
C ASP H 256 -50.31 3.68 1.53
N LYS H 257 -49.30 3.02 0.97
CA LYS H 257 -49.48 1.67 0.44
C LYS H 257 -48.61 0.63 1.13
N GLY H 258 -49.20 -0.53 1.44
CA GLY H 258 -48.48 -1.58 2.16
C GLY H 258 -48.75 -2.99 1.69
N ILE H 259 -47.76 -3.87 1.88
CA ILE H 259 -47.94 -5.25 1.43
C ILE H 259 -47.63 -6.30 2.50
N TYR H 260 -48.64 -7.12 2.82
CA TYR H 260 -48.49 -8.21 3.78
C TYR H 260 -47.88 -9.49 3.18
N LEU H 261 -46.80 -9.94 3.82
CA LEU H 261 -46.13 -11.18 3.44
C LEU H 261 -46.13 -12.24 4.55
N PRO H 262 -47.09 -13.20 4.48
CA PRO H 262 -47.13 -14.32 5.43
C PRO H 262 -45.90 -15.19 5.24
N PRO H 263 -45.52 -15.98 6.25
CA PRO H 263 -44.27 -16.73 6.05
C PRO H 263 -44.44 -17.73 4.87
N MET H 264 -43.36 -18.21 4.27
CA MET H 264 -43.52 -19.07 3.10
C MET H 264 -44.14 -18.35 1.91
N THR H 265 -43.77 -17.08 1.76
CA THR H 265 -44.06 -16.36 0.54
C THR H 265 -42.69 -15.97 0.03
N TRP H 266 -42.39 -16.42 -1.19
CA TRP H 266 -41.14 -16.03 -1.82
C TRP H 266 -41.26 -14.55 -2.17
N GLY H 267 -40.20 -13.79 -1.87
CA GLY H 267 -40.22 -12.33 -2.03
C GLY H 267 -38.96 -11.74 -2.66
N VAL H 268 -39.16 -10.87 -3.66
CA VAL H 268 -38.06 -10.09 -4.21
C VAL H 268 -38.43 -8.62 -4.14
N GLN H 269 -37.43 -7.82 -3.76
CA GLN H 269 -37.58 -6.41 -4.01
C GLN H 269 -36.46 -5.73 -4.83
N TYR H 270 -36.88 -5.07 -5.91
CA TYR H 270 -35.98 -4.49 -6.92
C TYR H 270 -36.59 -3.29 -7.67
N LYS H 271 -35.95 -2.81 -8.74
CA LYS H 271 -36.31 -1.51 -9.33
C LYS H 271 -36.46 -0.39 -8.30
N TYR H 272 -35.60 -0.29 -7.30
CA TYR H 272 -35.64 0.81 -6.33
C TYR H 272 -35.28 2.11 -7.04
N SER H 273 -35.77 3.23 -6.52
CA SER H 273 -35.41 4.54 -7.07
C SER H 273 -34.30 5.12 -6.22
N LYS H 274 -33.56 6.08 -6.77
CA LYS H 274 -32.48 6.74 -6.02
C LYS H 274 -32.89 7.09 -4.59
N ASP H 275 -34.07 7.68 -4.46
CA ASP H 275 -34.54 8.18 -3.17
C ASP H 275 -35.21 7.09 -2.29
N ALA H 276 -35.45 5.90 -2.84
CA ALA H 276 -36.36 4.93 -2.22
C ALA H 276 -35.93 4.47 -0.84
N VAL H 277 -36.89 4.41 0.08
CA VAL H 277 -36.67 3.83 1.41
C VAL H 277 -37.80 2.83 1.68
N LEU H 278 -37.45 1.56 1.85
CA LEU H 278 -38.39 0.49 2.18
C LEU H 278 -38.37 0.26 3.68
N LEU H 279 -39.54 0.40 4.29
CA LEU H 279 -39.73 0.07 5.70
C LEU H 279 -40.31 -1.33 5.76
N VAL H 280 -39.65 -2.20 6.54
CA VAL H 280 -40.26 -3.50 6.82
C VAL H 280 -40.61 -3.70 8.30
N PHE H 281 -41.84 -4.17 8.52
CA PHE H 281 -42.27 -4.71 9.81
C PHE H 281 -42.21 -6.25 9.80
N ALA H 282 -41.46 -6.81 10.75
CA ALA H 282 -41.41 -8.25 10.97
C ALA H 282 -41.95 -8.71 12.34
N SER H 283 -42.77 -9.76 12.28
CA SER H 283 -43.33 -10.48 13.43
C SER H 283 -42.32 -11.09 14.39
N HIS H 284 -41.10 -11.37 13.96
CA HIS H 284 -40.18 -12.06 14.84
C HIS H 284 -38.90 -11.28 14.83
N TYR H 285 -38.12 -11.46 15.89
CA TYR H 285 -36.73 -11.06 15.89
C TYR H 285 -36.04 -11.68 14.68
N TYR H 286 -34.98 -11.02 14.26
CA TYR H 286 -34.16 -11.48 13.16
C TYR H 286 -33.60 -12.85 13.47
N ASP H 287 -33.66 -13.75 12.48
CA ASP H 287 -33.06 -15.09 12.53
C ASP H 287 -32.50 -15.59 11.19
N SER H 288 -31.17 -15.59 11.07
CA SER H 288 -30.40 -16.14 9.93
C SER H 288 -30.88 -17.48 9.39
N ASP H 289 -31.38 -18.33 10.27
CA ASP H 289 -31.86 -19.66 9.91
C ASP H 289 -33.29 -19.71 9.38
N ASP H 290 -33.92 -18.54 9.27
CA ASP H 290 -35.32 -18.52 8.85
C ASP H 290 -35.47 -18.33 7.33
N TYR H 291 -34.35 -18.29 6.63
CA TYR H 291 -34.30 -18.04 5.18
C TYR H 291 -34.36 -19.32 4.35
N ILE H 292 -35.28 -19.40 3.40
CA ILE H 292 -35.12 -20.37 2.32
C ILE H 292 -34.66 -19.61 1.07
N ARG H 293 -33.41 -19.85 0.66
CA ARG H 293 -32.79 -19.21 -0.51
C ARG H 293 -32.83 -20.06 -1.79
N ASP H 294 -33.37 -21.28 -1.75
CA ASP H 294 -33.33 -22.07 -2.99
C ASP H 294 -34.72 -22.31 -3.54
N TYR H 295 -35.03 -21.75 -4.70
CA TYR H 295 -36.42 -21.75 -5.13
C TYR H 295 -37.13 -23.10 -5.36
N SER H 296 -36.43 -24.13 -5.86
CA SER H 296 -37.08 -25.47 -5.94
C SER H 296 -37.38 -26.08 -4.57
N THR H 297 -36.44 -25.97 -3.64
CA THR H 297 -36.71 -26.31 -2.24
C THR H 297 -38.01 -25.66 -1.77
N PHE H 298 -38.06 -24.34 -1.92
CA PHE H 298 -39.23 -23.59 -1.54
C PHE H 298 -40.56 -24.11 -2.12
N LYS H 299 -40.57 -24.41 -3.42
CA LYS H 299 -41.70 -25.00 -4.12
C LYS H 299 -42.19 -26.29 -3.45
N GLN H 300 -41.29 -27.28 -3.35
CA GLN H 300 -41.55 -28.56 -2.69
C GLN H 300 -42.44 -28.34 -1.46
N MET H 301 -41.97 -27.50 -0.54
CA MET H 301 -42.71 -27.10 0.65
C MET H 301 -43.87 -26.16 0.32
N MET I 1 -26.38 -20.12 -59.81
CA MET I 1 -25.27 -20.94 -59.26
C MET I 1 -25.70 -21.41 -57.89
N ILE I 2 -25.74 -22.72 -57.67
CA ILE I 2 -26.00 -23.32 -56.38
C ILE I 2 -24.77 -24.16 -56.12
N HIS I 3 -23.87 -23.65 -55.29
CA HIS I 3 -22.57 -24.26 -55.03
C HIS I 3 -22.68 -25.73 -54.64
N LYS I 4 -21.70 -26.50 -55.10
CA LYS I 4 -21.53 -27.91 -54.76
C LYS I 4 -21.77 -28.22 -53.28
N LEU I 5 -21.26 -27.38 -52.39
CA LEU I 5 -21.19 -27.72 -50.96
C LEU I 5 -22.37 -27.25 -50.11
N ALA I 6 -23.38 -26.70 -50.78
CA ALA I 6 -24.67 -26.32 -50.18
C ALA I 6 -25.73 -27.42 -50.29
N ASP I 7 -26.83 -27.26 -49.54
CA ASP I 7 -27.96 -28.18 -49.48
C ASP I 7 -29.25 -27.43 -49.76
N VAL I 8 -29.63 -27.38 -51.03
CA VAL I 8 -30.75 -26.55 -51.48
C VAL I 8 -31.83 -27.45 -52.07
N GLN I 9 -33.09 -27.21 -51.70
CA GLN I 9 -34.23 -27.97 -52.22
C GLN I 9 -35.36 -27.16 -52.82
N SER I 10 -35.31 -25.83 -52.69
CA SER I 10 -36.33 -25.03 -53.35
C SER I 10 -36.28 -25.19 -54.87
N GLN I 11 -37.46 -25.36 -55.46
CA GLN I 11 -37.58 -25.33 -56.91
C GLN I 11 -37.58 -23.91 -57.45
N ASN I 12 -37.86 -22.94 -56.59
CA ASN I 12 -38.14 -21.58 -57.05
C ASN I 12 -37.15 -20.48 -56.67
N ILE I 13 -35.93 -20.61 -57.19
CA ILE I 13 -34.91 -19.60 -57.01
C ILE I 13 -34.57 -18.92 -58.33
N GLY I 14 -35.04 -17.70 -58.53
CA GLY I 14 -34.81 -16.92 -59.76
C GLY I 14 -33.42 -16.91 -60.36
N ASP I 15 -33.33 -16.39 -61.58
CA ASP I 15 -32.07 -16.42 -62.33
C ASP I 15 -31.01 -15.46 -61.78
N ASN I 16 -29.75 -15.90 -61.82
CA ASN I 16 -28.59 -15.10 -61.38
C ASN I 16 -28.45 -14.96 -59.86
N THR I 17 -29.13 -15.86 -59.15
CA THR I 17 -29.09 -15.95 -57.70
C THR I 17 -28.05 -16.98 -57.30
N LYS I 18 -27.06 -16.54 -56.53
CA LYS I 18 -26.02 -17.45 -56.09
C LYS I 18 -26.30 -17.90 -54.67
N VAL I 19 -26.02 -19.17 -54.41
CA VAL I 19 -26.18 -19.72 -53.08
C VAL I 19 -24.86 -20.45 -52.87
N TRP I 20 -24.26 -20.21 -51.71
CA TRP I 20 -22.85 -20.49 -51.47
C TRP I 20 -22.74 -21.61 -50.49
N GLN I 21 -21.51 -21.89 -50.07
CA GLN I 21 -21.26 -23.11 -49.33
C GLN I 21 -21.88 -23.10 -47.94
N PHE I 22 -22.15 -24.31 -47.45
CA PHE I 22 -22.82 -24.62 -46.19
C PHE I 22 -24.12 -23.88 -45.89
N CYS I 23 -24.79 -23.47 -46.96
CA CYS I 23 -26.16 -23.02 -46.91
C CYS I 23 -27.13 -24.20 -46.90
N VAL I 24 -28.14 -24.10 -46.06
CA VAL I 24 -29.31 -24.96 -46.07
C VAL I 24 -30.54 -24.15 -46.49
N ILE I 25 -31.15 -24.51 -47.61
CA ILE I 25 -32.42 -23.93 -48.04
C ILE I 25 -33.50 -25.01 -48.24
N LEU I 26 -34.44 -25.07 -47.30
CA LEU I 26 -35.63 -25.91 -47.38
C LEU I 26 -36.61 -25.56 -48.52
N ALA I 27 -37.55 -26.49 -48.75
CA ALA I 27 -38.29 -26.62 -50.02
C ALA I 27 -39.31 -25.55 -50.35
N GLY I 28 -40.05 -25.08 -49.35
CA GLY I 28 -41.04 -24.02 -49.55
C GLY I 28 -40.49 -22.68 -50.00
N ALA I 29 -39.23 -22.38 -49.65
CA ALA I 29 -38.65 -21.04 -49.85
C ALA I 29 -38.76 -20.50 -51.29
N VAL I 30 -39.40 -19.35 -51.46
CA VAL I 30 -39.31 -18.66 -52.76
C VAL I 30 -38.16 -17.68 -52.58
N ILE I 31 -37.27 -17.63 -53.57
CA ILE I 31 -36.19 -16.65 -53.67
C ILE I 31 -36.18 -16.07 -55.08
N GLY I 32 -36.16 -14.74 -55.17
CA GLY I 32 -36.17 -14.06 -56.46
C GLY I 32 -34.87 -14.07 -57.24
N ARG I 33 -34.87 -13.20 -58.26
CA ARG I 33 -33.77 -12.98 -59.22
C ARG I 33 -32.61 -12.21 -58.60
N ASN I 34 -31.40 -12.52 -59.04
CA ASN I 34 -30.24 -11.71 -58.75
C ASN I 34 -29.97 -11.52 -57.24
N CYS I 35 -30.06 -12.60 -56.47
CA CYS I 35 -29.81 -12.58 -55.02
C CYS I 35 -28.46 -13.22 -54.65
N ASN I 36 -27.86 -12.78 -53.55
CA ASN I 36 -26.63 -13.42 -53.08
C ASN I 36 -26.86 -13.99 -51.70
N ILE I 37 -26.87 -15.31 -51.59
CA ILE I 37 -27.05 -15.93 -50.29
C ILE I 37 -25.70 -16.49 -49.88
N CYS I 38 -25.08 -15.89 -48.88
CA CYS I 38 -23.69 -16.18 -48.56
C CYS I 38 -23.53 -17.38 -47.62
N ALA I 39 -22.31 -17.90 -47.50
CA ALA I 39 -22.00 -19.08 -46.72
C ALA I 39 -22.42 -19.15 -45.25
N ASN I 40 -22.61 -20.39 -44.79
CA ASN I 40 -23.18 -20.74 -43.49
C ASN I 40 -24.40 -19.91 -43.13
N SER I 41 -25.42 -19.96 -43.98
CA SER I 41 -26.74 -19.50 -43.60
C SER I 41 -27.84 -20.54 -43.92
N LEU I 42 -29.11 -20.16 -43.80
CA LEU I 42 -30.21 -21.09 -43.63
C LEU I 42 -31.51 -20.35 -43.87
N ILE I 43 -32.28 -20.83 -44.83
CA ILE I 43 -33.60 -20.30 -45.18
C ILE I 43 -34.64 -21.42 -45.07
N GLU I 44 -35.79 -21.11 -44.49
CA GLU I 44 -36.80 -22.12 -44.13
C GLU I 44 -37.94 -22.23 -45.16
N ASN I 45 -39.02 -22.89 -44.76
CA ASN I 45 -40.15 -23.15 -45.66
C ASN I 45 -41.07 -21.97 -46.00
N ASP I 46 -41.81 -21.40 -45.05
CA ASP I 46 -42.64 -20.24 -45.42
C ASP I 46 -41.85 -18.93 -45.44
N VAL I 47 -41.01 -18.86 -46.45
CA VAL I 47 -40.19 -17.71 -46.71
C VAL I 47 -40.48 -17.23 -48.12
N VAL I 48 -40.44 -15.91 -48.31
CA VAL I 48 -40.46 -15.29 -49.62
C VAL I 48 -39.41 -14.19 -49.62
N ILE I 49 -38.53 -14.22 -50.62
CA ILE I 49 -37.43 -13.29 -50.77
C ILE I 49 -37.43 -12.76 -52.20
N GLY I 50 -37.75 -11.48 -52.34
CA GLY I 50 -37.79 -10.79 -53.62
C GLY I 50 -36.47 -10.75 -54.36
N ASP I 51 -36.32 -9.76 -55.22
CA ASP I 51 -35.17 -9.69 -56.11
C ASP I 51 -34.13 -8.70 -55.58
N ASN I 52 -32.86 -9.01 -55.84
CA ASN I 52 -31.76 -8.09 -55.60
C ASN I 52 -31.54 -7.99 -54.10
N VAL I 53 -31.58 -9.14 -53.43
CA VAL I 53 -31.37 -9.24 -51.99
C VAL I 53 -30.02 -9.87 -51.62
N THR I 54 -29.30 -9.18 -50.75
CA THR I 54 -28.09 -9.78 -50.20
C THR I 54 -28.40 -10.23 -48.79
N ILE I 55 -28.02 -11.48 -48.54
CA ILE I 55 -28.06 -12.09 -47.23
C ILE I 55 -26.64 -12.55 -46.97
N LYS I 56 -25.99 -11.92 -45.99
CA LYS I 56 -24.59 -12.26 -45.77
C LYS I 56 -24.50 -13.46 -44.80
N SER I 57 -23.30 -13.95 -44.50
CA SER I 57 -23.10 -15.19 -43.76
C SER I 57 -23.68 -15.21 -42.36
N GLY I 58 -23.97 -16.38 -41.82
CA GLY I 58 -24.38 -16.46 -40.42
C GLY I 58 -25.80 -15.98 -40.14
N VAL I 59 -26.62 -15.82 -41.17
CA VAL I 59 -28.02 -15.42 -41.02
C VAL I 59 -29.03 -16.53 -41.28
N GLN I 60 -30.09 -16.60 -40.48
CA GLN I 60 -31.11 -17.58 -40.79
C GLN I 60 -32.52 -17.04 -40.81
N ILE I 61 -33.16 -17.22 -41.96
CA ILE I 61 -34.51 -16.75 -42.22
C ILE I 61 -35.50 -17.89 -41.88
N TRP I 62 -36.09 -17.85 -40.70
CA TRP I 62 -37.13 -18.80 -40.30
C TRP I 62 -38.45 -18.60 -41.03
N ASP I 63 -39.38 -19.52 -40.80
CA ASP I 63 -40.77 -19.43 -41.26
C ASP I 63 -41.53 -18.15 -40.87
N GLY I 64 -42.22 -17.59 -41.84
CA GLY I 64 -43.07 -16.41 -41.62
C GLY I 64 -42.35 -15.09 -41.80
N ILE I 65 -41.15 -15.11 -42.38
CA ILE I 65 -40.44 -13.91 -42.78
C ILE I 65 -40.56 -13.71 -44.29
N HIS I 66 -40.70 -12.45 -44.67
CA HIS I 66 -40.92 -11.96 -46.02
C HIS I 66 -39.91 -10.82 -46.10
N ILE I 67 -38.83 -11.01 -46.85
CA ILE I 67 -37.85 -9.96 -47.10
C ILE I 67 -38.01 -9.41 -48.50
N GLN I 68 -38.47 -8.18 -48.60
CA GLN I 68 -38.76 -7.59 -49.90
C GLN I 68 -37.59 -7.29 -50.83
N ASP I 69 -37.93 -6.78 -52.01
CA ASP I 69 -36.97 -6.26 -52.99
C ASP I 69 -35.83 -5.35 -52.46
N ASP I 70 -34.59 -5.65 -52.82
CA ASP I 70 -33.41 -4.77 -52.67
C ASP I 70 -32.95 -4.62 -51.22
N VAL I 71 -33.21 -5.63 -50.39
CA VAL I 71 -32.88 -5.51 -48.98
C VAL I 71 -31.45 -6.00 -48.77
N PHE I 72 -30.73 -5.34 -47.87
CA PHE I 72 -29.47 -5.85 -47.47
C PHE I 72 -29.54 -6.38 -46.04
N ILE I 73 -29.08 -7.62 -45.83
CA ILE I 73 -29.01 -8.25 -44.52
C ILE I 73 -27.55 -8.55 -44.24
N GLY I 74 -27.00 -7.91 -43.20
CA GLY I 74 -25.55 -8.01 -42.96
C GLY I 74 -25.25 -9.30 -42.25
N PRO I 75 -23.97 -9.57 -41.94
CA PRO I 75 -23.56 -10.82 -41.37
C PRO I 75 -24.14 -10.99 -39.97
N ASN I 76 -24.28 -12.25 -39.59
CA ASN I 76 -24.74 -12.63 -38.27
C ASN I 76 -26.03 -11.97 -37.77
N VAL I 77 -26.77 -11.32 -38.66
CA VAL I 77 -28.08 -10.83 -38.26
C VAL I 77 -28.91 -12.05 -37.84
N THR I 78 -29.84 -11.86 -36.90
CA THR I 78 -30.68 -12.93 -36.38
C THR I 78 -32.14 -12.58 -36.26
N PHE I 79 -32.98 -13.37 -36.91
CA PHE I 79 -34.44 -13.23 -36.86
C PHE I 79 -35.03 -14.24 -35.89
N THR I 80 -36.33 -14.14 -35.64
CA THR I 80 -37.09 -15.00 -34.68
C THR I 80 -38.56 -15.16 -35.11
N ASN I 81 -39.23 -16.24 -34.71
CA ASN I 81 -40.69 -16.37 -34.94
C ASN I 81 -41.42 -16.05 -33.65
N LEU I 95 -45.90 -13.26 -34.89
CA LEU I 95 -45.00 -14.19 -35.58
C LEU I 95 -44.86 -14.05 -37.10
N LYS I 96 -45.15 -12.88 -37.66
CA LYS I 96 -44.92 -12.57 -39.08
C LYS I 96 -44.04 -11.34 -39.32
N THR I 97 -42.75 -11.53 -39.61
CA THR I 97 -41.80 -10.42 -39.77
C THR I 97 -41.62 -9.97 -41.21
N ILE I 98 -41.69 -8.66 -41.48
CA ILE I 98 -41.50 -8.22 -42.85
C ILE I 98 -40.45 -7.14 -42.99
N VAL I 99 -39.47 -7.38 -43.87
CA VAL I 99 -38.44 -6.38 -44.11
C VAL I 99 -38.70 -5.74 -45.47
N LYS I 100 -39.08 -4.47 -45.43
CA LYS I 100 -39.60 -3.81 -46.61
C LYS I 100 -38.52 -3.25 -47.52
N LYS I 101 -38.96 -2.92 -48.72
CA LYS I 101 -38.11 -2.60 -49.86
C LYS I 101 -36.95 -1.66 -49.47
N GLY I 102 -35.74 -1.98 -49.91
CA GLY I 102 -34.53 -1.14 -49.73
C GLY I 102 -33.92 -0.98 -48.33
N ALA I 103 -34.57 -1.58 -47.34
CA ALA I 103 -34.14 -1.52 -45.93
C ALA I 103 -32.81 -2.24 -45.77
N SER I 104 -32.01 -1.86 -44.77
CA SER I 104 -30.78 -2.59 -44.47
C SER I 104 -30.59 -2.98 -43.03
N ILE I 105 -30.03 -4.15 -42.79
CA ILE I 105 -29.98 -4.70 -41.45
C ILE I 105 -28.51 -4.95 -41.14
N GLY I 106 -28.04 -4.12 -40.21
CA GLY I 106 -26.64 -4.05 -39.86
C GLY I 106 -26.23 -5.32 -39.15
N ALA I 107 -24.96 -5.61 -39.32
CA ALA I 107 -24.36 -6.80 -38.74
C ALA I 107 -24.80 -7.15 -37.30
N ASN I 108 -25.15 -8.41 -37.08
CA ASN I 108 -25.32 -8.96 -35.73
C ASN I 108 -26.42 -8.26 -34.94
N SER I 109 -27.35 -7.63 -35.64
CA SER I 109 -28.60 -7.15 -35.09
C SER I 109 -29.51 -8.33 -34.77
N THR I 110 -30.55 -8.07 -34.00
CA THR I 110 -31.47 -9.06 -33.49
C THR I 110 -32.87 -8.46 -33.67
N ILE I 111 -33.68 -9.17 -34.46
CA ILE I 111 -35.00 -8.71 -34.84
C ILE I 111 -36.04 -9.56 -34.11
N LEU I 112 -36.80 -8.97 -33.20
CA LEU I 112 -37.89 -9.72 -32.54
C LEU I 112 -39.00 -10.18 -33.51
N PRO I 113 -39.94 -11.04 -33.03
CA PRO I 113 -41.01 -11.63 -33.86
C PRO I 113 -42.12 -10.62 -34.16
N GLY I 114 -42.68 -10.64 -35.36
CA GLY I 114 -43.85 -9.83 -35.67
C GLY I 114 -43.45 -8.40 -35.89
N ILE I 115 -42.26 -8.18 -36.47
CA ILE I 115 -41.72 -6.83 -36.61
C ILE I 115 -41.82 -6.40 -38.06
N LEU I 116 -42.30 -5.19 -38.32
CA LEU I 116 -42.09 -4.54 -39.62
C LEU I 116 -40.88 -3.63 -39.63
N ILE I 117 -40.07 -3.73 -40.68
CA ILE I 117 -38.99 -2.79 -40.89
C ILE I 117 -39.33 -2.03 -42.16
N GLY I 118 -39.70 -0.75 -42.04
CA GLY I 118 -40.11 0.05 -43.19
C GLY I 118 -39.03 0.23 -44.23
N GLU I 119 -39.47 0.81 -45.35
CA GLU I 119 -38.67 0.88 -46.58
C GLU I 119 -37.43 1.71 -46.31
N ASN I 120 -36.27 1.30 -46.81
CA ASN I 120 -35.12 2.17 -46.73
C ASN I 120 -34.67 2.46 -45.29
N ALA I 121 -35.26 1.79 -44.32
CA ALA I 121 -34.84 2.00 -42.94
C ALA I 121 -33.40 1.50 -42.79
N MET I 122 -32.70 1.98 -41.76
CA MET I 122 -31.37 1.46 -41.46
C MET I 122 -31.31 1.02 -40.03
N VAL I 123 -31.08 -0.27 -39.84
CA VAL I 123 -30.93 -0.83 -38.53
C VAL I 123 -29.42 -0.93 -38.26
N GLY I 124 -28.98 -0.32 -37.16
CA GLY I 124 -27.54 -0.27 -36.86
C GLY I 124 -26.99 -1.64 -36.51
N ALA I 125 -25.70 -1.85 -36.77
CA ALA I 125 -25.00 -3.02 -36.30
C ALA I 125 -25.36 -3.23 -34.84
N GLY I 126 -25.61 -4.50 -34.49
CA GLY I 126 -25.73 -4.94 -33.10
C GLY I 126 -26.99 -4.54 -32.41
N ALA I 127 -27.91 -3.87 -33.12
CA ALA I 127 -29.12 -3.38 -32.49
C ALA I 127 -30.09 -4.52 -32.21
N VAL I 128 -30.87 -4.36 -31.15
CA VAL I 128 -31.94 -5.27 -30.80
C VAL I 128 -33.27 -4.54 -31.10
N ILE I 129 -33.96 -5.03 -32.13
CA ILE I 129 -35.14 -4.36 -32.66
C ILE I 129 -36.37 -4.95 -31.98
N THR I 130 -36.96 -4.18 -31.08
CA THR I 130 -38.06 -4.69 -30.25
C THR I 130 -39.38 -4.12 -30.73
N LYS I 131 -39.37 -3.21 -31.72
CA LYS I 131 -40.62 -2.70 -32.29
C LYS I 131 -40.52 -2.25 -33.74
N ASN I 132 -41.67 -1.96 -34.36
CA ASN I 132 -41.68 -1.63 -35.79
C ASN I 132 -40.83 -0.39 -36.06
N VAL I 133 -40.13 -0.43 -37.19
CA VAL I 133 -39.22 0.63 -37.54
C VAL I 133 -39.88 1.36 -38.70
N PRO I 134 -40.08 2.67 -38.55
CA PRO I 134 -40.77 3.42 -39.57
C PRO I 134 -39.87 3.53 -40.82
N ASP I 135 -40.45 3.93 -41.96
CA ASP I 135 -39.67 4.15 -43.18
C ASP I 135 -38.56 5.19 -42.92
N ASN I 136 -37.39 4.96 -43.47
CA ASN I 136 -36.31 5.93 -43.45
C ASN I 136 -35.61 6.12 -42.10
N ALA I 137 -36.04 5.42 -41.07
CA ALA I 137 -35.46 5.56 -39.72
C ALA I 137 -34.13 4.84 -39.52
N ILE I 138 -33.25 5.42 -38.69
CA ILE I 138 -31.95 4.83 -38.31
C ILE I 138 -32.19 4.41 -36.85
N VAL I 139 -31.96 3.14 -36.54
CA VAL I 139 -32.33 2.58 -35.27
C VAL I 139 -31.10 1.84 -34.77
N ILE I 140 -30.58 2.32 -33.65
CA ILE I 140 -29.45 1.67 -33.02
C ILE I 140 -29.73 1.41 -31.56
N GLY I 141 -28.86 0.58 -30.96
CA GLY I 141 -28.90 0.33 -29.53
C GLY I 141 -29.59 -0.97 -29.12
N ASN I 142 -29.54 -1.18 -27.81
CA ASN I 142 -30.29 -2.21 -27.12
C ASN I 142 -30.94 -1.63 -25.87
N PRO I 143 -32.25 -1.37 -25.94
CA PRO I 143 -33.16 -1.68 -27.02
C PRO I 143 -33.01 -0.72 -28.19
N GLY I 144 -33.36 -1.13 -29.40
CA GLY I 144 -33.31 -0.21 -30.51
C GLY I 144 -34.11 1.08 -30.28
N ARG I 145 -33.49 2.21 -30.62
CA ARG I 145 -34.14 3.51 -30.56
C ARG I 145 -33.86 4.20 -31.89
N ILE I 146 -34.85 4.97 -32.30
CA ILE I 146 -34.68 5.87 -33.43
C ILE I 146 -33.77 7.05 -33.11
N THR I 147 -32.63 7.14 -33.79
CA THR I 147 -31.76 8.28 -33.45
C THR I 147 -31.50 9.19 -34.63
N GLY I 148 -31.98 8.79 -35.80
CA GLY I 148 -31.94 9.72 -36.94
C GLY I 148 -32.76 9.16 -38.08
N TYR I 149 -32.81 9.92 -39.17
CA TYR I 149 -33.42 9.50 -40.42
C TYR I 149 -32.41 9.55 -41.58
N VAL I 150 -32.47 8.59 -42.49
CA VAL I 150 -31.59 8.52 -43.65
C VAL I 150 -31.71 9.78 -44.50
N GLU I 151 -30.58 10.29 -45.02
CA GLU I 151 -30.52 11.46 -45.90
C GLU I 151 -30.94 12.72 -45.19
N ALA I 152 -31.40 12.61 -43.95
CA ALA I 152 -31.67 13.81 -43.15
C ALA I 152 -30.38 14.59 -42.99
N ASN I 153 -30.47 15.91 -42.96
CA ASN I 153 -29.31 16.77 -42.78
C ASN I 153 -29.45 17.49 -41.44
N PHE I 163 -30.86 29.04 -37.71
CA PHE I 163 -31.63 29.54 -36.59
C PHE I 163 -31.07 30.80 -35.90
N GLU I 164 -30.82 31.86 -36.65
CA GLU I 164 -30.39 33.15 -36.07
C GLU I 164 -30.77 34.45 -36.82
N LEU I 165 -31.05 34.33 -38.12
CA LEU I 165 -31.83 35.34 -38.87
C LEU I 165 -33.31 35.22 -38.51
N LYS I 166 -34.02 36.36 -38.43
CA LYS I 166 -35.45 36.46 -38.07
C LYS I 166 -36.37 35.43 -38.76
N LEU I 167 -36.17 35.23 -40.06
CA LEU I 167 -36.74 34.17 -40.90
C LEU I 167 -35.79 33.72 -42.03
N GLN I 168 -35.83 32.44 -42.36
CA GLN I 168 -34.73 31.77 -42.98
C GLN I 168 -35.37 30.51 -43.52
N MET I 169 -34.86 29.96 -44.61
CA MET I 169 -35.56 28.81 -45.18
C MET I 169 -34.75 27.55 -45.00
N SER I 170 -35.54 26.49 -44.83
CA SER I 170 -35.15 25.11 -44.81
C SER I 170 -34.87 24.62 -46.22
N LYS I 171 -34.31 23.43 -46.39
CA LYS I 171 -34.31 22.76 -47.71
C LYS I 171 -35.59 21.98 -47.94
N VAL I 172 -36.50 22.00 -46.96
CA VAL I 172 -37.70 21.17 -47.06
C VAL I 172 -38.80 22.11 -47.47
N LYS I 173 -39.66 21.67 -48.39
CA LYS I 173 -40.48 22.64 -49.14
C LYS I 173 -41.41 23.46 -48.24
N GLY I 174 -41.39 24.78 -48.38
CA GLY I 174 -42.24 25.63 -47.57
C GLY I 174 -41.88 25.73 -46.09
N VAL I 175 -41.01 24.87 -45.56
CA VAL I 175 -40.69 24.93 -44.14
C VAL I 175 -39.82 26.15 -43.79
N SER I 176 -40.29 27.03 -42.93
CA SER I 176 -39.41 28.10 -42.48
C SER I 176 -39.06 28.00 -40.99
N LEU I 177 -37.94 28.61 -40.62
CA LEU I 177 -37.40 28.74 -39.28
C LEU I 177 -37.41 30.21 -38.79
N HIS I 178 -37.82 30.43 -37.55
CA HIS I 178 -38.14 31.80 -37.16
C HIS I 178 -37.39 32.09 -35.88
N LYS I 179 -36.96 33.34 -35.72
CA LYS I 179 -36.48 33.78 -34.42
C LYS I 179 -37.36 34.93 -33.96
N PHE I 180 -37.97 34.79 -32.78
CA PHE I 180 -38.88 35.80 -32.24
C PHE I 180 -38.14 36.85 -31.44
N HIS I 181 -38.84 37.94 -31.16
CA HIS I 181 -38.29 39.02 -30.34
C HIS I 181 -38.23 38.57 -28.89
N LEU I 182 -37.05 38.76 -28.30
CA LEU I 182 -36.74 38.28 -26.96
C LEU I 182 -36.19 39.45 -26.13
N VAL I 183 -36.85 39.79 -25.01
CA VAL I 183 -36.40 40.87 -24.12
C VAL I 183 -35.98 40.25 -22.79
N ASN I 184 -34.72 40.42 -22.44
CA ASN I 184 -34.29 40.01 -21.10
C ASN I 184 -34.13 41.23 -20.17
N ASP I 185 -34.53 41.09 -18.91
CA ASP I 185 -34.15 42.09 -17.90
C ASP I 185 -34.18 41.66 -16.43
N LEU I 186 -33.92 42.65 -15.58
CA LEU I 186 -34.10 42.53 -14.14
C LEU I 186 -35.50 42.03 -13.73
N ARG I 187 -36.55 42.45 -14.43
CA ARG I 187 -37.95 42.05 -14.08
C ARG I 187 -38.46 40.69 -14.59
N GLY I 188 -37.66 40.04 -15.44
CA GLY I 188 -38.08 38.86 -16.19
C GLY I 188 -37.71 38.86 -17.67
N ASN I 189 -38.11 37.81 -18.37
CA ASN I 189 -37.94 37.75 -19.81
C ASN I 189 -39.28 37.74 -20.57
N LEU I 190 -39.28 38.40 -21.71
CA LEU I 190 -40.46 38.43 -22.56
C LEU I 190 -40.11 37.94 -23.96
N SER I 191 -40.87 37.00 -24.52
CA SER I 191 -40.80 36.73 -25.94
C SER I 191 -42.14 36.97 -26.62
N VAL I 192 -42.12 37.55 -27.83
CA VAL I 192 -43.32 38.00 -28.58
C VAL I 192 -43.45 37.46 -30.02
N GLY I 193 -44.68 37.17 -30.47
CA GLY I 193 -44.90 36.71 -31.85
C GLY I 193 -46.25 37.21 -32.33
N GLU I 194 -46.27 37.70 -33.55
CA GLU I 194 -47.49 38.28 -34.08
C GLU I 194 -48.00 37.36 -35.19
N PHE I 195 -49.23 36.92 -35.06
CA PHE I 195 -49.83 36.06 -36.08
C PHE I 195 -50.06 36.81 -37.39
N GLU I 196 -49.90 36.04 -38.47
CA GLU I 196 -49.78 36.56 -39.84
C GLU I 196 -48.68 37.60 -40.11
N LYS I 197 -47.65 37.67 -39.26
CA LYS I 197 -46.59 38.65 -39.43
C LYS I 197 -45.28 37.88 -39.27
N ASP I 198 -45.02 37.30 -38.10
CA ASP I 198 -43.88 36.41 -37.85
C ASP I 198 -44.40 35.00 -38.19
N ILE I 199 -45.42 34.56 -37.44
CA ILE I 199 -46.09 33.29 -37.72
C ILE I 199 -47.00 33.47 -38.94
N PRO I 200 -46.86 32.61 -39.97
CA PRO I 200 -47.57 32.78 -41.24
C PRO I 200 -49.08 32.59 -41.29
N PHE I 201 -49.81 32.38 -40.20
CA PHE I 201 -51.27 32.17 -40.28
C PHE I 201 -51.86 32.56 -38.94
N THR I 202 -53.18 32.55 -38.87
CA THR I 202 -53.89 32.86 -37.64
C THR I 202 -54.46 31.54 -37.15
N PRO I 203 -54.29 31.24 -35.85
CA PRO I 203 -54.66 29.85 -35.49
C PRO I 203 -56.08 29.76 -35.03
N LYS I 204 -56.65 28.58 -35.14
CA LYS I 204 -57.96 28.32 -34.56
C LYS I 204 -57.76 27.42 -33.33
N ARG I 205 -56.53 26.95 -33.14
CA ARG I 205 -56.25 25.97 -32.10
C ARG I 205 -54.80 26.05 -31.59
N TYR I 206 -54.56 25.86 -30.29
CA TYR I 206 -53.19 25.58 -29.86
C TYR I 206 -53.28 24.26 -29.08
N PHE I 207 -52.18 23.52 -29.04
CA PHE I 207 -52.05 22.42 -28.07
C PHE I 207 -50.65 22.34 -27.47
N THR I 208 -50.50 21.67 -26.33
CA THR I 208 -49.18 21.51 -25.72
C THR I 208 -48.94 20.03 -25.42
N VAL I 209 -47.72 19.57 -25.70
CA VAL I 209 -47.31 18.20 -25.48
C VAL I 209 -46.18 18.18 -24.45
N PHE I 210 -46.30 17.37 -23.41
CA PHE I 210 -45.36 17.48 -22.29
C PHE I 210 -45.28 16.16 -21.54
N GLY I 211 -44.29 16.06 -20.64
CA GLY I 211 -43.90 14.80 -19.97
C GLY I 211 -43.75 13.65 -20.96
N VAL I 212 -43.00 13.83 -22.03
CA VAL I 212 -42.77 12.76 -23.00
C VAL I 212 -41.48 12.02 -22.64
N PRO I 213 -41.56 10.66 -22.56
CA PRO I 213 -40.41 9.86 -22.21
C PRO I 213 -39.36 10.04 -23.30
N ASN I 214 -38.08 10.01 -22.95
CA ASN I 214 -37.06 10.32 -23.94
C ASN I 214 -36.99 9.35 -25.16
N LYS I 215 -37.48 8.15 -24.97
CA LYS I 215 -37.58 7.14 -26.05
C LYS I 215 -38.77 7.30 -27.02
N GLU I 216 -39.77 8.10 -26.67
CA GLU I 216 -40.98 8.31 -27.52
C GLU I 216 -40.72 9.05 -28.83
N VAL I 217 -41.34 8.50 -29.88
CA VAL I 217 -41.42 9.13 -31.18
C VAL I 217 -42.87 9.60 -31.37
N ARG I 218 -43.06 10.93 -31.35
CA ARG I 218 -44.38 11.61 -31.54
C ARG I 218 -44.63 12.14 -32.98
N GLY I 219 -45.89 12.45 -33.33
CA GLY I 219 -46.26 12.83 -34.70
C GLY I 219 -46.25 11.67 -35.69
N GLU I 220 -45.34 11.62 -36.64
CA GLU I 220 -45.30 10.54 -37.63
C GLU I 220 -46.53 10.61 -38.54
N HIS I 221 -46.74 11.76 -39.17
CA HIS I 221 -47.92 12.03 -39.97
C HIS I 221 -47.73 13.38 -40.67
N ALA I 222 -48.47 13.55 -41.77
CA ALA I 222 -48.70 14.83 -42.40
C ALA I 222 -50.19 15.21 -42.35
N HIS I 223 -50.45 16.50 -42.45
CA HIS I 223 -51.80 17.04 -42.63
C HIS I 223 -52.13 17.46 -44.08
N LYS I 224 -53.34 17.16 -44.55
CA LYS I 224 -53.85 17.66 -45.86
C LYS I 224 -54.21 19.16 -45.78
N GLU I 225 -54.83 19.61 -44.71
CA GLU I 225 -55.22 21.00 -44.65
C GLU I 225 -54.45 21.79 -43.57
N CYS I 226 -54.19 21.16 -42.43
CA CYS I 226 -53.78 21.94 -41.25
C CYS I 226 -52.38 22.53 -41.42
N LYS I 227 -52.20 23.84 -41.22
CA LYS I 227 -50.86 24.45 -41.19
C LYS I 227 -50.48 24.30 -39.74
N GLN I 228 -49.18 24.31 -39.41
CA GLN I 228 -48.73 24.14 -38.02
C GLN I 228 -47.50 25.02 -37.70
N PHE I 229 -47.42 25.47 -36.46
CA PHE I 229 -46.27 26.26 -36.00
C PHE I 229 -45.80 25.68 -34.64
N LEU I 230 -44.58 25.14 -34.59
CA LEU I 230 -44.11 24.47 -33.38
C LEU I 230 -43.09 25.33 -32.66
N ILE I 231 -43.21 25.45 -31.35
CA ILE I 231 -42.27 26.15 -30.52
C ILE I 231 -42.07 25.32 -29.22
N CYS I 232 -40.83 24.98 -28.90
CA CYS I 232 -40.56 24.32 -27.62
C CYS I 232 -40.30 25.42 -26.57
N VAL I 233 -41.20 25.55 -25.62
CA VAL I 233 -41.30 26.70 -24.74
C VAL I 233 -40.42 26.43 -23.48
N SER I 234 -40.28 25.17 -23.06
CA SER I 234 -39.21 24.89 -22.09
C SER I 234 -38.52 23.58 -22.46
N GLY I 235 -37.26 23.44 -22.09
CA GLY I 235 -36.50 22.25 -22.51
C GLY I 235 -36.24 22.13 -24.01
N ASN I 236 -36.23 20.90 -24.55
CA ASN I 236 -35.96 20.75 -25.98
C ASN I 236 -36.55 19.49 -26.58
N CYS I 237 -36.81 19.51 -27.88
CA CYS I 237 -37.14 18.29 -28.64
C CYS I 237 -36.54 18.48 -30.01
N SER I 238 -36.47 17.38 -30.78
CA SER I 238 -36.05 17.46 -32.16
C SER I 238 -37.23 17.26 -33.13
N VAL I 239 -37.20 17.93 -34.27
CA VAL I 239 -38.36 17.92 -35.19
C VAL I 239 -37.79 17.53 -36.53
N LEU I 240 -38.25 16.41 -37.07
CA LEU I 240 -37.94 16.12 -38.46
C LEU I 240 -39.05 16.68 -39.34
N VAL I 241 -38.66 17.36 -40.42
CA VAL I 241 -39.59 17.71 -41.50
C VAL I 241 -39.20 17.00 -42.79
N ASP I 242 -40.22 16.71 -43.58
CA ASP I 242 -40.07 15.80 -44.72
C ASP I 242 -41.22 16.13 -45.71
N ASP I 243 -40.85 16.60 -46.91
CA ASP I 243 -41.80 16.96 -47.99
C ASP I 243 -41.91 15.87 -49.06
N GLY I 244 -41.49 14.64 -48.76
CA GLY I 244 -41.63 13.51 -49.66
C GLY I 244 -40.38 13.19 -50.46
N GLU I 245 -39.44 14.13 -50.58
CA GLU I 245 -38.13 13.89 -51.19
C GLU I 245 -36.99 14.44 -50.33
N ASN I 246 -37.20 15.54 -49.64
CA ASN I 246 -36.11 16.08 -48.85
C ASN I 246 -36.51 15.95 -47.40
N ARG I 247 -35.55 15.72 -46.53
CA ARG I 247 -35.87 15.78 -45.12
C ARG I 247 -34.73 16.43 -44.33
N GLU I 248 -35.10 16.94 -43.16
CA GLU I 248 -34.15 17.62 -42.31
C GLU I 248 -34.66 17.61 -40.86
N GLU I 249 -33.74 17.66 -39.90
CA GLU I 249 -34.11 17.57 -38.51
C GLU I 249 -33.62 18.82 -37.79
N TYR I 250 -34.39 19.37 -36.88
CA TYR I 250 -33.89 20.51 -36.16
C TYR I 250 -34.16 20.33 -34.68
N VAL I 251 -33.38 21.03 -33.88
CA VAL I 251 -33.52 21.00 -32.43
C VAL I 251 -34.30 22.25 -32.07
N LEU I 252 -35.40 22.12 -31.33
CA LEU I 252 -35.98 23.30 -30.74
C LEU I 252 -35.59 23.35 -29.27
N ASP I 253 -34.83 24.36 -28.89
CA ASP I 253 -34.33 24.46 -27.53
C ASP I 253 -34.36 25.81 -26.88
N SER I 254 -35.12 26.76 -27.42
CA SER I 254 -35.56 27.91 -26.62
C SER I 254 -36.85 28.55 -27.12
N ILE I 255 -37.56 29.25 -26.23
CA ILE I 255 -38.89 29.79 -26.47
C ILE I 255 -38.81 30.71 -27.69
N ASP I 256 -37.63 31.19 -28.04
CA ASP I 256 -37.61 32.14 -29.14
C ASP I 256 -37.38 31.56 -30.53
N LYS I 257 -37.34 30.25 -30.67
CA LYS I 257 -37.17 29.60 -31.96
C LYS I 257 -38.44 28.87 -32.36
N GLY I 258 -38.84 28.96 -33.64
CA GLY I 258 -40.11 28.42 -34.09
C GLY I 258 -39.92 27.70 -35.41
N ILE I 259 -40.77 26.72 -35.73
CA ILE I 259 -40.73 26.08 -37.04
C ILE I 259 -42.14 25.99 -37.68
N TYR I 260 -42.28 26.50 -38.92
CA TYR I 260 -43.55 26.47 -39.64
C TYR I 260 -43.66 25.16 -40.40
N LEU I 261 -44.72 24.40 -40.15
CA LEU I 261 -44.94 23.19 -40.95
C LEU I 261 -46.14 23.41 -41.89
N PRO I 262 -45.89 23.55 -43.21
CA PRO I 262 -47.07 23.77 -44.05
C PRO I 262 -47.87 22.46 -44.23
N PRO I 263 -49.12 22.56 -44.75
CA PRO I 263 -49.91 21.32 -44.96
C PRO I 263 -49.07 20.35 -45.80
N MET I 264 -49.33 19.06 -45.69
CA MET I 264 -48.56 18.07 -46.47
C MET I 264 -47.07 18.06 -46.22
N THR I 265 -46.65 18.44 -45.01
CA THR I 265 -45.29 18.13 -44.61
C THR I 265 -45.39 17.12 -43.46
N TRP I 266 -44.77 15.97 -43.68
CA TRP I 266 -44.67 14.90 -42.69
C TRP I 266 -43.75 15.38 -41.56
N GLY I 267 -44.16 15.22 -40.30
CA GLY I 267 -43.43 15.76 -39.14
C GLY I 267 -43.26 14.64 -38.13
N VAL I 268 -42.11 14.60 -37.48
CA VAL I 268 -41.92 13.72 -36.35
C VAL I 268 -41.38 14.65 -35.24
N GLN I 269 -41.90 14.50 -34.02
CA GLN I 269 -41.16 15.08 -32.94
C GLN I 269 -40.69 14.00 -31.94
N TYR I 270 -39.39 14.05 -31.62
CA TYR I 270 -38.76 13.01 -30.81
C TYR I 270 -37.59 13.57 -29.98
N LYS I 271 -36.92 12.70 -29.24
CA LYS I 271 -35.84 13.10 -28.34
C LYS I 271 -36.26 14.30 -27.48
N TYR I 272 -37.40 14.21 -26.83
CA TYR I 272 -37.88 15.27 -25.94
C TYR I 272 -37.06 15.16 -24.66
N SER I 273 -36.66 16.28 -24.07
CA SER I 273 -36.04 16.26 -22.74
C SER I 273 -37.14 16.02 -21.70
N LYS I 274 -36.75 15.69 -20.48
CA LYS I 274 -37.67 15.47 -19.35
C LYS I 274 -38.57 16.66 -19.09
N ASP I 275 -38.02 17.87 -19.19
CA ASP I 275 -38.75 19.11 -18.94
C ASP I 275 -39.45 19.68 -20.20
N ALA I 276 -39.33 19.03 -21.36
CA ALA I 276 -39.81 19.65 -22.60
C ALA I 276 -41.33 19.86 -22.60
N VAL I 277 -41.73 21.04 -23.08
CA VAL I 277 -43.10 21.43 -23.42
C VAL I 277 -43.09 21.98 -24.85
N LEU I 278 -43.80 21.28 -25.75
CA LEU I 278 -43.94 21.67 -27.12
C LEU I 278 -45.27 22.37 -27.22
N LEU I 279 -45.22 23.62 -27.66
CA LEU I 279 -46.45 24.34 -27.97
C LEU I 279 -46.68 24.29 -29.48
N VAL I 280 -47.89 23.95 -29.90
CA VAL I 280 -48.15 23.98 -31.34
C VAL I 280 -49.34 24.89 -31.63
N PHE I 281 -49.30 25.72 -32.65
CA PHE I 281 -50.45 26.53 -33.06
C PHE I 281 -50.93 25.84 -34.34
N ALA I 282 -52.24 25.74 -34.52
CA ALA I 282 -52.82 25.12 -35.71
C ALA I 282 -53.81 26.03 -36.44
N SER I 283 -53.72 26.06 -37.78
CA SER I 283 -54.71 26.81 -38.57
C SER I 283 -56.16 26.27 -38.45
N HIS I 284 -56.30 24.94 -38.28
CA HIS I 284 -57.61 24.28 -38.20
C HIS I 284 -57.98 23.63 -36.85
N TYR I 285 -59.28 23.59 -36.57
CA TYR I 285 -59.80 22.86 -35.44
C TYR I 285 -59.38 21.41 -35.61
N TYR I 286 -59.21 20.73 -34.49
CA TYR I 286 -58.76 19.33 -34.52
C TYR I 286 -59.72 18.52 -35.39
N ASP I 287 -59.20 17.60 -36.19
CA ASP I 287 -60.00 16.77 -37.09
C ASP I 287 -59.26 15.46 -37.37
N SER I 288 -59.66 14.37 -36.72
CA SER I 288 -59.01 13.08 -36.91
C SER I 288 -58.89 12.59 -38.34
N ASP I 289 -59.70 13.08 -39.28
CA ASP I 289 -59.58 12.59 -40.67
C ASP I 289 -58.61 13.43 -41.51
N ASP I 290 -58.03 14.45 -40.89
CA ASP I 290 -56.98 15.19 -41.59
C ASP I 290 -55.57 14.55 -41.62
N TYR I 291 -55.42 13.35 -41.08
CA TYR I 291 -54.10 12.71 -40.97
C TYR I 291 -53.75 11.80 -42.16
N ILE I 292 -52.52 11.92 -42.64
CA ILE I 292 -51.94 10.87 -43.45
C ILE I 292 -50.94 10.19 -42.52
N ARG I 293 -51.09 8.89 -42.24
CA ARG I 293 -50.21 8.14 -41.31
C ARG I 293 -49.30 7.08 -41.92
N ASP I 294 -49.44 6.84 -43.22
CA ASP I 294 -48.60 5.94 -44.04
C ASP I 294 -47.68 6.79 -44.92
N TYR I 295 -46.37 6.64 -44.72
CA TYR I 295 -45.43 7.47 -45.43
C TYR I 295 -45.43 7.20 -46.92
N SER I 296 -45.68 5.94 -47.28
CA SER I 296 -45.75 5.59 -48.70
C SER I 296 -46.86 6.33 -49.47
N THR I 297 -48.05 6.35 -48.88
CA THR I 297 -49.18 7.11 -49.36
C THR I 297 -48.91 8.60 -49.38
N PHE I 298 -48.34 9.10 -48.27
CA PHE I 298 -48.01 10.48 -48.15
C PHE I 298 -47.19 10.91 -49.37
N LYS I 299 -46.18 10.11 -49.66
CA LYS I 299 -45.27 10.41 -50.76
C LYS I 299 -45.98 10.35 -52.13
N GLN I 300 -46.95 9.44 -52.27
CA GLN I 300 -47.69 9.32 -53.52
C GLN I 300 -48.65 10.51 -53.70
N MET I 301 -49.37 10.86 -52.63
CA MET I 301 -50.27 12.01 -52.64
C MET I 301 -49.51 13.29 -52.87
N ARG I 302 -48.28 13.34 -52.35
CA ARG I 302 -47.39 14.49 -52.53
C ARG I 302 -46.87 14.64 -53.95
N GLN I 303 -46.47 13.55 -54.58
CA GLN I 303 -46.06 13.69 -55.97
C GLN I 303 -47.27 13.93 -56.89
N ASN I 304 -48.46 13.53 -56.47
CA ASN I 304 -49.66 13.86 -57.22
C ASN I 304 -50.00 15.34 -57.26
N LEU I 305 -50.04 15.97 -56.09
CA LEU I 305 -50.12 17.42 -55.97
C LEU I 305 -49.09 18.20 -56.78
N GLU I 306 -47.83 17.78 -56.72
CA GLU I 306 -46.78 18.35 -57.56
C GLU I 306 -47.04 18.14 -59.04
N HIS I 307 -47.64 17.00 -59.39
CA HIS I 307 -47.76 16.58 -60.79
C HIS I 307 -48.95 17.23 -61.51
N MET J 1 -43.16 56.53 42.91
CA MET J 1 -42.74 57.88 42.44
C MET J 1 -43.40 58.21 41.12
N ILE J 2 -44.30 59.18 41.11
CA ILE J 2 -44.96 59.65 39.90
C ILE J 2 -44.40 61.02 39.55
N HIS J 3 -43.47 61.02 38.59
CA HIS J 3 -42.62 62.16 38.27
C HIS J 3 -43.41 63.42 37.98
N LYS J 4 -42.91 64.51 38.55
CA LYS J 4 -43.29 65.86 38.18
C LYS J 4 -43.90 65.87 36.78
N LEU J 5 -43.16 65.39 35.79
CA LEU J 5 -43.52 65.57 34.36
C LEU J 5 -44.33 64.49 33.63
N ALA J 6 -44.67 63.39 34.30
CA ALA J 6 -45.70 62.44 33.85
C ALA J 6 -47.12 63.02 33.79
N ASP J 7 -48.06 62.32 33.16
CA ASP J 7 -49.48 62.69 33.23
C ASP J 7 -50.26 61.43 33.56
N VAL J 8 -50.39 61.15 34.85
CA VAL J 8 -51.08 59.95 35.28
C VAL J 8 -52.38 60.36 35.92
N GLN J 9 -53.48 59.68 35.62
CA GLN J 9 -54.71 59.89 36.37
C GLN J 9 -55.40 58.56 36.59
N SER J 10 -54.61 57.53 36.80
CA SER J 10 -55.11 56.32 37.42
C SER J 10 -54.68 56.38 38.87
N GLN J 11 -55.63 56.00 39.72
CA GLN J 11 -55.53 55.99 41.16
C GLN J 11 -55.13 54.57 41.55
N ASN J 12 -54.98 53.73 40.53
CA ASN J 12 -54.81 52.30 40.74
C ASN J 12 -53.44 51.67 40.37
N ILE J 13 -52.40 52.25 40.98
CA ILE J 13 -50.99 51.92 40.76
C ILE J 13 -50.35 51.59 42.09
N GLY J 14 -49.87 50.35 42.22
CA GLY J 14 -49.34 49.84 43.48
C GLY J 14 -48.05 50.44 44.00
N ASP J 15 -47.59 49.91 45.14
CA ASP J 15 -46.44 50.48 45.84
C ASP J 15 -45.15 50.25 45.08
N ASN J 16 -44.29 51.26 45.13
CA ASN J 16 -42.93 51.18 44.62
C ASN J 16 -42.99 51.14 43.10
N THR J 17 -44.13 51.49 42.52
CA THR J 17 -44.15 51.64 41.08
C THR J 17 -43.68 53.05 40.72
N LYS J 18 -42.72 53.11 39.81
CA LYS J 18 -42.20 54.39 39.36
C LYS J 18 -42.68 54.72 37.95
N VAL J 19 -43.03 55.97 37.71
CA VAL J 19 -43.52 56.46 36.42
C VAL J 19 -42.79 57.74 36.01
N TRP J 20 -42.18 57.73 34.83
CA TRP J 20 -41.23 58.77 34.51
C TRP J 20 -41.77 59.81 33.56
N GLN J 21 -40.92 60.75 33.19
CA GLN J 21 -41.39 61.93 32.51
C GLN J 21 -42.03 61.56 31.19
N PHE J 22 -42.92 62.44 30.76
CA PHE J 22 -43.64 62.26 29.52
C PHE J 22 -44.47 60.98 29.35
N CYS J 23 -44.72 60.25 30.43
CA CYS J 23 -45.69 59.16 30.31
C CYS J 23 -47.12 59.66 30.35
N VAL J 24 -48.02 58.82 29.86
CA VAL J 24 -49.43 59.04 30.02
C VAL J 24 -50.06 57.76 30.51
N ILE J 25 -50.86 57.89 31.56
CA ILE J 25 -51.57 56.76 32.11
C ILE J 25 -53.02 57.17 32.31
N LEU J 26 -53.90 56.76 31.40
CA LEU J 26 -55.31 57.08 31.53
C LEU J 26 -55.95 56.54 32.81
N ALA J 27 -57.12 57.09 33.15
CA ALA J 27 -57.77 56.76 34.41
C ALA J 27 -58.10 55.28 34.67
N GLY J 28 -58.50 54.53 33.65
CA GLY J 28 -58.91 53.12 33.83
C GLY J 28 -57.81 52.10 34.11
N ALA J 29 -56.58 52.43 33.71
CA ALA J 29 -55.41 51.59 33.97
C ALA J 29 -55.29 51.07 35.39
N VAL J 30 -54.97 49.78 35.53
CA VAL J 30 -54.48 49.21 36.79
C VAL J 30 -53.06 48.65 36.59
N ILE J 31 -52.20 48.93 37.56
CA ILE J 31 -50.77 48.63 37.47
C ILE J 31 -50.46 48.12 38.85
N GLY J 32 -49.65 47.08 38.94
CA GLY J 32 -49.24 46.51 40.23
C GLY J 32 -48.06 47.18 40.90
N ARG J 33 -47.37 46.41 41.73
CA ARG J 33 -46.31 46.96 42.58
C ARG J 33 -44.95 46.73 41.95
N ASN J 34 -44.00 47.55 42.36
CA ASN J 34 -42.62 47.42 41.94
C ASN J 34 -42.42 47.40 40.41
N CYS J 35 -43.17 48.22 39.69
CA CYS J 35 -42.98 48.28 38.24
C CYS J 35 -42.12 49.48 37.94
N ASN J 36 -41.46 49.45 36.79
CA ASN J 36 -40.79 50.64 36.28
C ASN J 36 -41.37 50.96 34.94
N ILE J 37 -41.89 52.18 34.84
CA ILE J 37 -42.46 52.69 33.63
C ILE J 37 -41.65 53.85 33.08
N CYS J 38 -40.80 53.55 32.11
CA CYS J 38 -39.87 54.57 31.62
C CYS J 38 -40.52 55.66 30.77
N ALA J 39 -39.73 56.68 30.51
CA ALA J 39 -40.23 57.92 29.99
C ALA J 39 -40.74 57.74 28.57
N ASN J 40 -41.60 58.65 28.12
CA ASN J 40 -42.24 58.62 26.82
C ASN J 40 -42.97 57.29 26.55
N SER J 41 -43.65 56.73 27.55
CA SER J 41 -44.54 55.58 27.33
C SER J 41 -46.02 55.87 27.63
N LEU J 42 -46.93 55.14 27.00
CA LEU J 42 -48.36 55.37 27.20
C LEU J 42 -49.14 54.13 27.68
N ILE J 43 -50.12 54.37 28.55
CA ILE J 43 -51.02 53.32 28.99
C ILE J 43 -52.48 53.79 28.87
N GLU J 44 -53.28 53.12 28.06
CA GLU J 44 -54.70 53.47 27.97
C GLU J 44 -55.53 52.86 29.11
N ASN J 45 -56.84 52.84 28.89
CA ASN J 45 -57.81 52.53 29.93
C ASN J 45 -57.98 51.06 30.33
N ASP J 46 -58.40 50.17 29.45
CA ASP J 46 -58.49 48.79 29.93
C ASP J 46 -57.22 48.05 29.62
N VAL J 47 -56.29 48.35 30.50
CA VAL J 47 -55.01 47.69 30.59
C VAL J 47 -54.85 47.22 32.04
N VAL J 48 -54.38 45.98 32.19
CA VAL J 48 -53.93 45.54 33.49
C VAL J 48 -52.47 45.16 33.36
N ILE J 49 -51.67 45.68 34.29
CA ILE J 49 -50.28 45.34 34.35
C ILE J 49 -49.97 44.66 35.69
N GLY J 50 -49.26 43.54 35.66
CA GLY J 50 -48.89 42.88 36.89
C GLY J 50 -47.82 43.60 37.71
N ASP J 51 -47.13 42.82 38.53
CA ASP J 51 -46.09 43.27 39.45
C ASP J 51 -44.69 42.99 38.87
N ASN J 52 -43.74 43.88 39.15
CA ASN J 52 -42.33 43.70 38.84
C ASN J 52 -42.16 43.79 37.34
N VAL J 53 -43.05 44.57 36.72
CA VAL J 53 -43.08 44.69 35.28
C VAL J 53 -42.20 45.88 34.89
N THR J 54 -41.38 45.64 33.87
CA THR J 54 -40.55 46.70 33.34
C THR J 54 -41.00 47.09 31.96
N ILE J 55 -41.22 48.40 31.78
CA ILE J 55 -41.67 48.87 30.50
C ILE J 55 -40.71 49.93 30.08
N LYS J 56 -39.84 49.62 29.13
CA LYS J 56 -38.89 50.62 28.65
C LYS J 56 -39.60 51.73 27.86
N SER J 57 -38.94 52.83 27.55
CA SER J 57 -39.59 53.91 26.79
C SER J 57 -40.00 53.50 25.38
N GLY J 58 -40.81 54.35 24.77
CA GLY J 58 -41.24 54.17 23.38
C GLY J 58 -42.38 53.20 23.20
N VAL J 59 -42.90 52.72 24.34
CA VAL J 59 -43.94 51.68 24.39
C VAL J 59 -45.35 52.23 24.61
N GLN J 60 -46.33 51.66 23.91
CA GLN J 60 -47.74 51.99 24.12
C GLN J 60 -48.58 50.76 24.41
N ILE J 61 -49.12 50.71 25.63
CA ILE J 61 -50.03 49.67 26.08
C ILE J 61 -51.49 50.11 25.81
N TRP J 62 -52.03 49.68 24.67
CA TRP J 62 -53.41 49.96 24.27
C TRP J 62 -54.49 49.19 25.03
N ASP J 63 -55.74 49.63 24.85
CA ASP J 63 -56.94 48.98 25.40
C ASP J 63 -56.89 47.54 24.95
N GLY J 64 -57.11 46.63 25.88
CA GLY J 64 -57.16 45.20 25.62
C GLY J 64 -55.82 44.53 25.91
N ILE J 65 -54.88 45.23 26.49
CA ILE J 65 -53.63 44.56 26.73
C ILE J 65 -53.45 44.19 28.18
N HIS J 66 -53.13 42.93 28.37
CA HIS J 66 -52.91 42.42 29.69
C HIS J 66 -51.47 41.92 29.82
N ILE J 67 -50.72 42.59 30.70
CA ILE J 67 -49.36 42.18 31.08
C ILE J 67 -49.30 41.54 32.46
N GLN J 68 -48.94 40.27 32.49
CA GLN J 68 -48.76 39.51 33.73
C GLN J 68 -47.45 39.80 34.48
N ASP J 69 -47.28 39.26 35.68
CA ASP J 69 -46.06 39.45 36.50
C ASP J 69 -44.70 39.25 35.82
N ASP J 70 -43.69 40.03 36.20
CA ASP J 70 -42.30 39.71 35.92
C ASP J 70 -41.93 39.90 34.44
N VAL J 71 -42.79 40.54 33.68
CA VAL J 71 -42.53 40.68 32.28
C VAL J 71 -41.61 41.87 32.08
N PHE J 72 -40.70 41.71 31.12
CA PHE J 72 -39.84 42.76 30.63
C PHE J 72 -40.28 43.21 29.23
N ILE J 73 -40.67 44.47 29.10
CA ILE J 73 -41.03 44.93 27.78
C ILE J 73 -39.91 45.87 27.35
N GLY J 74 -39.26 45.47 26.26
CA GLY J 74 -38.09 46.18 25.74
C GLY J 74 -38.42 47.56 25.24
N PRO J 75 -37.39 48.37 24.95
CA PRO J 75 -37.70 49.69 24.42
C PRO J 75 -38.24 49.64 23.00
N ASN J 76 -39.14 50.59 22.71
CA ASN J 76 -39.72 50.76 21.39
C ASN J 76 -40.58 49.58 20.95
N VAL J 77 -41.01 48.77 21.90
CA VAL J 77 -41.93 47.71 21.60
C VAL J 77 -43.29 48.36 21.29
N THR J 78 -43.93 47.83 20.24
CA THR J 78 -45.22 48.27 19.74
C THR J 78 -46.19 47.13 19.94
N PHE J 79 -47.38 47.46 20.44
CA PHE J 79 -48.53 46.58 20.43
C PHE J 79 -49.61 47.19 19.54
N THR J 80 -50.68 46.42 19.31
CA THR J 80 -51.75 46.87 18.41
C THR J 80 -53.11 46.29 18.81
N ASN J 81 -54.17 46.59 18.07
CA ASN J 81 -55.58 46.32 18.43
C ASN J 81 -56.43 45.51 17.47
N LYS J 96 -57.95 40.99 22.23
CA LYS J 96 -57.15 40.94 23.46
C LYS J 96 -55.78 40.26 23.38
N THR J 97 -54.76 40.97 23.88
CA THR J 97 -53.41 40.48 23.93
C THR J 97 -53.00 40.21 25.37
N ILE J 98 -52.51 39.01 25.61
CA ILE J 98 -51.98 38.71 26.94
C ILE J 98 -50.49 38.42 26.88
N VAL J 99 -49.69 39.08 27.72
CA VAL J 99 -48.27 38.73 27.79
C VAL J 99 -48.02 38.03 29.11
N LYS J 100 -47.81 36.72 29.06
CA LYS J 100 -47.77 35.91 30.26
C LYS J 100 -46.48 36.04 31.08
N LYS J 101 -46.54 35.54 32.30
CA LYS J 101 -45.51 35.76 33.32
C LYS J 101 -44.06 35.51 32.90
N GLY J 102 -43.20 36.49 33.16
CA GLY J 102 -41.76 36.32 33.00
C GLY J 102 -41.32 36.40 31.54
N ALA J 103 -42.25 36.68 30.62
CA ALA J 103 -41.89 36.71 29.22
C ALA J 103 -41.01 37.92 29.04
N SER J 104 -40.26 37.94 27.95
CA SER J 104 -39.55 39.15 27.64
C SER J 104 -39.65 39.50 26.15
N ILE J 105 -39.90 40.78 25.88
CA ILE J 105 -40.20 41.27 24.56
C ILE J 105 -39.07 42.17 24.12
N GLY J 106 -38.36 41.76 23.08
CA GLY J 106 -37.14 42.44 22.71
C GLY J 106 -37.44 43.78 22.09
N ALA J 107 -36.47 44.69 22.14
CA ALA J 107 -36.55 46.03 21.56
C ALA J 107 -37.10 46.17 20.14
N ASN J 108 -38.03 47.11 20.00
CA ASN J 108 -38.58 47.48 18.71
C ASN J 108 -39.27 46.32 17.93
N SER J 109 -39.69 45.30 18.66
CA SER J 109 -40.59 44.25 18.19
C SER J 109 -42.00 44.82 18.02
N THR J 110 -42.83 44.09 17.26
CA THR J 110 -44.14 44.52 16.84
C THR J 110 -45.07 43.32 17.04
N ILE J 111 -45.97 43.43 18.02
CA ILE J 111 -46.96 42.41 18.39
C ILE J 111 -48.33 42.72 17.74
N LEU J 112 -48.82 41.74 17.00
CA LEU J 112 -50.08 41.88 16.32
C LEU J 112 -51.23 41.77 17.34
N PRO J 113 -52.48 41.96 16.91
CA PRO J 113 -53.51 42.05 17.92
C PRO J 113 -54.02 40.67 18.27
N GLY J 114 -54.58 40.54 19.47
CA GLY J 114 -55.16 39.28 19.93
C GLY J 114 -54.10 38.21 20.18
N ILE J 115 -52.88 38.64 20.46
CA ILE J 115 -51.76 37.71 20.45
C ILE J 115 -51.55 37.23 21.87
N LEU J 116 -51.19 35.97 21.99
CA LEU J 116 -50.78 35.43 23.28
C LEU J 116 -49.28 35.15 23.36
N ILE J 117 -48.61 35.71 24.37
CA ILE J 117 -47.20 35.39 24.61
C ILE J 117 -46.99 34.46 25.80
N GLY J 118 -46.42 33.29 25.56
CA GLY J 118 -46.36 32.29 26.62
C GLY J 118 -45.46 32.76 27.74
N GLU J 119 -45.54 32.07 28.87
CA GLU J 119 -44.64 32.25 30.02
C GLU J 119 -43.18 31.96 29.73
N ASN J 120 -42.37 32.93 30.12
CA ASN J 120 -40.91 32.81 30.04
C ASN J 120 -40.49 32.74 28.56
N ALA J 121 -41.37 33.18 27.66
CA ALA J 121 -40.99 33.29 26.26
C ALA J 121 -40.00 34.43 26.04
N MET J 122 -39.23 34.32 24.98
CA MET J 122 -38.32 35.37 24.59
C MET J 122 -38.50 35.80 23.12
N VAL J 123 -39.00 37.00 22.92
CA VAL J 123 -39.18 37.56 21.59
C VAL J 123 -37.95 38.41 21.27
N GLY J 124 -37.33 38.17 20.11
CA GLY J 124 -36.04 38.81 19.85
C GLY J 124 -36.29 40.26 19.50
N ALA J 125 -35.25 41.09 19.56
CA ALA J 125 -35.37 42.48 19.14
C ALA J 125 -35.85 42.51 17.70
N GLY J 126 -36.85 43.33 17.42
CA GLY J 126 -37.20 43.60 16.03
C GLY J 126 -38.13 42.56 15.39
N ALA J 127 -38.60 41.59 16.15
CA ALA J 127 -39.45 40.53 15.61
C ALA J 127 -40.87 41.04 15.34
N VAL J 128 -41.56 40.45 14.35
CA VAL J 128 -42.94 40.78 14.08
C VAL J 128 -43.73 39.54 14.42
N ILE J 129 -44.46 39.59 15.52
CA ILE J 129 -45.04 38.40 16.11
C ILE J 129 -46.47 38.33 15.61
N THR J 130 -46.72 37.42 14.67
CA THR J 130 -47.99 37.38 13.96
C THR J 130 -48.83 36.26 14.52
N LYS J 131 -48.25 35.50 15.42
CA LYS J 131 -48.93 34.31 15.94
C LYS J 131 -48.55 34.11 17.40
N ASN J 132 -49.35 33.32 18.09
CA ASN J 132 -49.12 33.03 19.48
C ASN J 132 -47.74 32.42 19.65
N VAL J 133 -47.00 32.92 20.63
CA VAL J 133 -45.71 32.36 21.01
C VAL J 133 -45.86 31.37 22.16
N PRO J 134 -45.43 30.11 21.99
CA PRO J 134 -45.62 29.15 23.10
C PRO J 134 -44.80 29.50 24.33
N ASP J 135 -45.13 28.89 25.48
CA ASP J 135 -44.31 29.01 26.69
C ASP J 135 -42.89 28.53 26.34
N ASN J 136 -41.91 29.29 26.84
CA ASN J 136 -40.48 29.00 26.73
C ASN J 136 -39.87 29.17 25.37
N ALA J 137 -40.69 29.49 24.36
CA ALA J 137 -40.18 29.70 23.00
C ALA J 137 -39.34 30.96 22.80
N ILE J 138 -38.42 30.88 21.84
CA ILE J 138 -37.54 31.98 21.41
C ILE J 138 -37.97 32.21 19.98
N VAL J 139 -38.48 33.42 19.76
CA VAL J 139 -39.09 33.75 18.49
C VAL J 139 -38.37 34.96 17.92
N ILE J 140 -37.96 34.85 16.64
CA ILE J 140 -37.13 35.85 16.01
C ILE J 140 -37.64 36.13 14.58
N GLY J 141 -37.39 37.31 14.04
CA GLY J 141 -37.59 37.57 12.61
C GLY J 141 -38.85 38.32 12.18
N ASN J 142 -38.94 38.69 10.90
CA ASN J 142 -40.17 39.26 10.29
C ASN J 142 -40.47 38.35 9.08
N PRO J 143 -41.51 37.50 9.17
CA PRO J 143 -42.35 37.26 10.35
C PRO J 143 -41.68 36.45 11.44
N GLY J 144 -42.13 36.61 12.67
CA GLY J 144 -41.64 35.77 13.75
C GLY J 144 -41.67 34.27 13.53
N ARG J 145 -40.50 33.64 13.72
CA ARG J 145 -40.39 32.17 13.77
C ARG J 145 -39.82 31.66 15.09
N ILE J 146 -40.37 30.54 15.57
CA ILE J 146 -39.71 29.90 16.71
C ILE J 146 -38.35 29.36 16.30
N THR J 147 -37.26 29.82 16.91
CA THR J 147 -35.98 29.36 16.49
C THR J 147 -35.39 28.45 17.57
N GLY J 148 -36.02 28.42 18.73
CA GLY J 148 -35.50 27.61 19.85
C GLY J 148 -36.34 27.80 21.11
N TYR J 149 -35.92 27.17 22.19
CA TYR J 149 -36.63 27.24 23.47
C TYR J 149 -35.62 27.58 24.55
N VAL J 150 -36.00 28.49 25.45
CA VAL J 150 -35.18 28.92 26.60
C VAL J 150 -34.52 27.78 27.39
N GLU J 151 -33.24 27.94 27.70
CA GLU J 151 -32.47 26.91 28.45
C GLU J 151 -32.49 25.48 27.87
N ALA J 152 -32.65 25.35 26.56
CA ALA J 152 -32.43 24.07 25.88
C ALA J 152 -31.21 24.11 24.98
N PHE J 163 -25.65 11.54 19.56
CA PHE J 163 -26.17 10.17 19.44
C PHE J 163 -25.07 9.13 19.29
N GLU J 164 -24.02 9.23 20.10
CA GLU J 164 -22.83 8.42 19.96
C GLU J 164 -22.96 6.90 20.14
N LEU J 165 -23.51 6.49 21.28
CA LEU J 165 -23.63 5.09 21.72
C LEU J 165 -24.98 4.47 21.36
N LYS J 166 -25.11 3.18 21.64
CA LYS J 166 -26.33 2.44 21.35
C LYS J 166 -27.56 2.99 22.10
N LEU J 167 -27.31 3.55 23.29
CA LEU J 167 -28.34 4.01 24.20
C LEU J 167 -27.73 5.01 25.20
N GLN J 168 -28.46 6.08 25.46
CA GLN J 168 -27.98 7.22 26.24
C GLN J 168 -29.20 7.90 26.85
N MET J 169 -29.14 8.18 28.15
CA MET J 169 -30.23 8.85 28.84
C MET J 169 -30.10 10.37 28.74
N SER J 170 -31.24 11.01 28.52
CA SER J 170 -31.34 12.48 28.46
C SER J 170 -31.63 12.97 29.86
N LYS J 171 -31.16 14.19 30.16
CA LYS J 171 -31.53 14.91 31.39
C LYS J 171 -33.03 15.10 31.52
N VAL J 172 -33.74 15.07 30.40
CA VAL J 172 -35.21 15.00 30.41
C VAL J 172 -35.67 13.62 30.89
N LYS J 173 -36.49 13.58 31.93
CA LYS J 173 -36.80 12.33 32.61
C LYS J 173 -37.57 11.38 31.69
N GLY J 174 -37.05 10.15 31.60
CA GLY J 174 -37.67 9.07 30.84
C GLY J 174 -37.22 8.97 29.40
N VAL J 175 -36.67 10.06 28.89
CA VAL J 175 -36.25 10.20 27.49
C VAL J 175 -34.89 9.56 27.27
N SER J 176 -34.85 8.79 26.18
CA SER J 176 -33.71 7.98 25.77
C SER J 176 -33.38 8.15 24.29
N LEU J 177 -32.07 8.22 24.02
CA LEU J 177 -31.50 8.40 22.70
C LEU J 177 -30.71 7.19 22.22
N HIS J 178 -31.19 6.57 21.14
CA HIS J 178 -30.57 5.37 20.60
C HIS J 178 -29.90 5.54 19.23
N LYS J 179 -28.81 4.80 19.01
CA LYS J 179 -28.17 4.68 17.72
C LYS J 179 -28.34 3.24 17.26
N PHE J 180 -29.07 3.05 16.16
CA PHE J 180 -29.36 1.72 15.62
C PHE J 180 -28.26 1.08 14.78
N HIS J 181 -28.36 -0.24 14.66
CA HIS J 181 -27.42 -1.03 13.87
C HIS J 181 -27.53 -0.62 12.40
N LEU J 182 -26.41 -0.20 11.81
CA LEU J 182 -26.40 0.28 10.44
C LEU J 182 -25.39 -0.49 9.61
N VAL J 183 -25.85 -1.13 8.53
CA VAL J 183 -24.94 -1.82 7.59
C VAL J 183 -24.97 -1.21 6.18
N ASN J 184 -23.77 -0.94 5.68
CA ASN J 184 -23.54 -0.23 4.42
C ASN J 184 -22.64 -1.01 3.45
N ASP J 185 -22.99 -1.05 2.17
CA ASP J 185 -22.14 -1.68 1.16
C ASP J 185 -22.51 -1.30 -0.28
N LEU J 186 -21.81 -1.90 -1.24
CA LEU J 186 -22.09 -1.75 -2.66
C LEU J 186 -23.55 -2.02 -3.04
N ARG J 187 -24.24 -2.94 -2.36
CA ARG J 187 -25.62 -3.29 -2.74
C ARG J 187 -26.67 -2.36 -2.16
N GLY J 188 -26.24 -1.46 -1.28
CA GLY J 188 -27.18 -0.68 -0.51
C GLY J 188 -26.97 -0.68 1.01
N ASN J 189 -28.00 -0.28 1.71
CA ASN J 189 -27.90 0.08 3.10
C ASN J 189 -29.12 -0.44 3.84
N LEU J 190 -28.87 -0.88 5.08
CA LEU J 190 -29.91 -1.41 5.96
C LEU J 190 -29.66 -0.93 7.37
N SER J 191 -30.72 -0.61 8.08
CA SER J 191 -30.57 -0.44 9.52
C SER J 191 -31.77 -1.09 10.21
N VAL J 192 -31.58 -1.50 11.47
CA VAL J 192 -32.59 -2.30 12.21
C VAL J 192 -32.71 -1.95 13.68
N GLY J 193 -33.91 -2.17 14.22
CA GLY J 193 -34.10 -2.17 15.66
C GLY J 193 -35.22 -3.14 15.98
N GLU J 194 -35.15 -3.70 17.18
CA GLU J 194 -36.13 -4.71 17.60
C GLU J 194 -36.99 -4.14 18.72
N PHE J 195 -38.28 -4.44 18.70
CA PHE J 195 -39.18 -3.98 19.77
C PHE J 195 -39.01 -4.76 21.07
N GLU J 196 -39.08 -4.00 22.17
CA GLU J 196 -38.82 -4.46 23.53
C GLU J 196 -37.34 -4.70 23.81
N LYS J 197 -36.54 -4.76 22.75
CA LYS J 197 -35.12 -5.03 22.93
C LYS J 197 -34.47 -3.66 22.90
N ASP J 198 -34.72 -2.93 21.82
CA ASP J 198 -34.10 -1.65 21.48
C ASP J 198 -35.14 -0.59 21.78
N ILE J 199 -36.32 -0.79 21.24
CA ILE J 199 -37.42 0.14 21.47
C ILE J 199 -38.16 -0.31 22.72
N PRO J 200 -37.90 0.33 23.88
CA PRO J 200 -38.39 -0.25 25.12
C PRO J 200 -39.92 -0.36 25.26
N PHE J 201 -40.62 -0.70 24.17
CA PHE J 201 -42.04 -1.09 24.17
C PHE J 201 -42.50 -1.83 22.88
N THR J 202 -43.78 -2.15 22.78
CA THR J 202 -44.31 -2.79 21.58
C THR J 202 -45.47 -1.98 21.00
N PRO J 203 -45.46 -1.77 19.67
CA PRO J 203 -46.42 -0.85 19.07
C PRO J 203 -47.76 -1.47 18.74
N LYS J 204 -48.82 -0.68 18.83
CA LYS J 204 -50.10 -1.03 18.21
C LYS J 204 -50.29 -0.20 16.94
N ARG J 205 -49.38 0.76 16.74
CA ARG J 205 -49.53 1.82 15.74
C ARG J 205 -48.17 2.42 15.29
N TYR J 206 -48.01 2.66 13.99
CA TYR J 206 -46.94 3.52 13.51
C TYR J 206 -47.70 4.67 12.85
N PHE J 207 -47.05 5.79 12.65
CA PHE J 207 -47.53 6.82 11.74
C PHE J 207 -46.33 7.61 11.23
N THR J 208 -46.60 8.40 10.19
CA THR J 208 -45.52 9.06 9.50
C THR J 208 -45.98 10.48 9.27
N VAL J 209 -45.02 11.39 9.42
CA VAL J 209 -45.30 12.80 9.13
C VAL J 209 -44.38 13.25 8.03
N PHE J 210 -44.95 13.90 7.04
CA PHE J 210 -44.15 14.29 5.91
C PHE J 210 -44.76 15.50 5.21
N GLY J 211 -43.94 16.12 4.38
CA GLY J 211 -44.34 17.27 3.56
C GLY J 211 -44.60 18.49 4.41
N VAL J 212 -43.81 18.65 5.46
CA VAL J 212 -44.08 19.66 6.47
C VAL J 212 -43.37 20.95 6.13
N PRO J 213 -44.13 22.05 6.05
CA PRO J 213 -43.54 23.34 5.74
C PRO J 213 -42.48 23.61 6.80
N ASN J 214 -41.34 24.15 6.40
CA ASN J 214 -40.24 24.39 7.30
C ASN J 214 -40.55 25.32 8.46
N LYS J 215 -41.59 26.13 8.30
CA LYS J 215 -41.97 27.09 9.35
CA LYS J 215 -41.99 27.09 9.35
C LYS J 215 -42.95 26.49 10.38
N GLU J 216 -43.60 25.38 10.03
CA GLU J 216 -44.53 24.71 10.95
C GLU J 216 -43.85 24.15 12.20
N VAL J 217 -44.65 24.13 13.26
CA VAL J 217 -44.24 23.61 14.53
C VAL J 217 -45.32 22.56 14.78
N ARG J 218 -44.94 21.28 14.91
CA ARG J 218 -45.90 20.21 15.10
C ARG J 218 -45.80 19.65 16.52
N GLY J 219 -46.83 18.92 16.94
CA GLY J 219 -46.84 18.35 18.30
C GLY J 219 -47.33 19.37 19.32
N GLU J 220 -46.44 19.83 20.20
CA GLU J 220 -46.85 20.81 21.19
C GLU J 220 -47.98 20.21 22.04
N HIS J 221 -47.70 19.02 22.56
CA HIS J 221 -48.61 18.21 23.36
C HIS J 221 -47.85 17.14 24.15
N ALA J 222 -48.49 16.67 25.22
CA ALA J 222 -48.05 15.49 25.99
C ALA J 222 -49.13 14.40 25.97
N HIS J 223 -48.72 13.14 26.11
CA HIS J 223 -49.69 12.05 26.16
C HIS J 223 -50.00 11.57 27.59
N LYS J 224 -51.28 11.33 27.89
CA LYS J 224 -51.65 10.79 29.19
C LYS J 224 -51.05 9.38 29.36
N GLU J 225 -51.39 8.48 28.44
CA GLU J 225 -51.08 7.04 28.53
C GLU J 225 -50.14 6.55 27.42
N CYS J 226 -50.21 7.16 26.24
CA CYS J 226 -49.50 6.67 25.03
C CYS J 226 -47.99 6.90 25.03
N LYS J 227 -47.22 5.82 24.90
CA LYS J 227 -45.77 5.94 24.66
C LYS J 227 -45.49 6.36 23.22
N GLN J 228 -44.24 6.76 22.95
CA GLN J 228 -43.89 7.19 21.59
C GLN J 228 -42.43 6.99 21.26
N PHE J 229 -42.16 6.57 20.02
CA PHE J 229 -40.78 6.48 19.49
C PHE J 229 -40.64 7.10 18.10
N LEU J 230 -39.55 7.86 17.94
CA LEU J 230 -39.38 8.81 16.84
C LEU J 230 -38.12 8.53 16.05
N ILE J 231 -38.27 8.37 14.75
CA ILE J 231 -37.10 8.19 13.87
C ILE J 231 -37.26 9.07 12.63
N CYS J 232 -36.30 9.96 12.37
CA CYS J 232 -36.36 10.70 11.13
C CYS J 232 -35.76 9.90 9.98
N VAL J 233 -36.65 9.39 9.14
CA VAL J 233 -36.33 8.36 8.15
C VAL J 233 -35.72 8.90 6.83
N SER J 234 -36.11 10.10 6.41
CA SER J 234 -35.38 10.87 5.41
C SER J 234 -35.31 12.31 5.88
N GLY J 235 -34.24 12.98 5.49
CA GLY J 235 -34.12 14.42 5.68
C GLY J 235 -33.84 14.64 7.14
N ASN J 236 -34.42 15.71 7.68
CA ASN J 236 -34.24 16.07 9.08
C ASN J 236 -35.33 16.94 9.67
N CYS J 237 -35.36 16.85 10.99
CA CYS J 237 -36.17 17.69 11.85
C CYS J 237 -35.55 17.74 13.23
N SER J 238 -36.04 18.68 14.04
CA SER J 238 -35.63 18.85 15.43
C SER J 238 -36.77 18.52 16.36
N VAL J 239 -36.45 18.01 17.53
CA VAL J 239 -37.44 17.48 18.44
C VAL J 239 -37.17 18.17 19.76
N LEU J 240 -38.20 18.77 20.31
CA LEU J 240 -38.08 19.23 21.68
C LEU J 240 -38.68 18.21 22.61
N VAL J 241 -37.89 17.87 23.63
CA VAL J 241 -38.47 17.09 24.73
C VAL J 241 -38.47 17.91 26.00
N ASP J 242 -39.60 17.85 26.69
CA ASP J 242 -39.83 18.68 27.87
C ASP J 242 -40.63 17.91 28.94
N ASP J 243 -40.02 17.73 30.10
CA ASP J 243 -40.65 16.99 31.20
C ASP J 243 -41.51 17.85 32.12
N GLY J 244 -41.41 19.16 31.97
CA GLY J 244 -42.08 20.11 32.85
C GLY J 244 -41.03 20.95 33.55
N GLU J 245 -39.80 20.49 33.54
CA GLU J 245 -38.72 21.14 34.30
C GLU J 245 -37.41 21.24 33.52
N ASN J 246 -37.06 20.17 32.84
CA ASN J 246 -35.97 20.23 31.90
C ASN J 246 -36.52 19.91 30.50
N ARG J 247 -35.78 20.38 29.50
CA ARG J 247 -36.23 20.31 28.14
C ARG J 247 -34.96 20.26 27.32
N GLU J 248 -35.02 19.53 26.21
CA GLU J 248 -33.90 19.61 25.28
C GLU J 248 -34.36 19.49 23.82
N GLU J 249 -33.55 20.02 22.91
CA GLU J 249 -33.82 19.95 21.47
C GLU J 249 -32.79 19.04 20.85
N TYR J 250 -33.24 17.96 20.24
CA TYR J 250 -32.33 17.10 19.46
C TYR J 250 -32.58 17.19 17.96
N VAL J 251 -31.52 17.03 17.18
CA VAL J 251 -31.63 16.84 15.73
C VAL J 251 -31.69 15.37 15.28
N LEU J 252 -32.84 14.91 14.80
CA LEU J 252 -32.97 13.63 14.11
C LEU J 252 -32.69 13.79 12.60
N ASP J 253 -31.50 13.41 12.18
CA ASP J 253 -31.07 13.66 10.82
C ASP J 253 -30.54 12.39 10.14
N SER J 254 -30.56 11.26 10.83
CA SER J 254 -30.25 10.01 10.15
C SER J 254 -31.19 8.94 10.61
N ILE J 255 -31.42 7.99 9.70
CA ILE J 255 -32.36 6.92 9.86
C ILE J 255 -31.96 5.94 10.98
N ASP J 256 -30.69 5.97 11.39
CA ASP J 256 -30.20 5.19 12.54
C ASP J 256 -30.28 5.92 13.88
N LYS J 257 -31.03 7.02 14.00
CA LYS J 257 -31.19 7.66 15.30
C LYS J 257 -32.65 7.58 15.76
N GLY J 258 -32.88 7.28 17.03
CA GLY J 258 -34.26 7.27 17.50
C GLY J 258 -34.36 7.97 18.83
N ILE J 259 -35.56 8.33 19.25
CA ILE J 259 -35.73 9.01 20.54
C ILE J 259 -37.04 8.52 21.06
N TYR J 260 -37.01 8.24 22.36
CA TYR J 260 -38.12 7.56 23.03
C TYR J 260 -38.78 8.60 23.89
N LEU J 261 -40.09 8.74 23.73
CA LEU J 261 -40.84 9.66 24.58
C LEU J 261 -41.84 8.94 25.49
N PRO J 262 -41.48 8.82 26.78
CA PRO J 262 -42.40 8.18 27.75
C PRO J 262 -43.70 8.97 27.77
N PRO J 263 -44.81 8.38 28.25
CA PRO J 263 -46.01 9.19 28.48
C PRO J 263 -45.74 10.40 29.42
N MET J 264 -46.59 11.41 29.37
CA MET J 264 -46.31 12.64 30.13
C MET J 264 -44.92 13.27 29.84
N THR J 265 -44.53 13.21 28.57
CA THR J 265 -43.44 14.03 28.02
C THR J 265 -44.05 15.01 27.02
N TRP J 266 -43.70 16.28 27.18
CA TRP J 266 -44.06 17.34 26.22
C TRP J 266 -43.10 17.35 25.02
N GLY J 267 -43.71 17.23 23.84
CA GLY J 267 -42.93 17.09 22.62
C GLY J 267 -43.32 18.02 21.50
N VAL J 268 -42.30 18.63 20.91
CA VAL J 268 -42.49 19.45 19.71
C VAL J 268 -41.57 18.92 18.61
N GLN J 269 -42.13 18.84 17.40
CA GLN J 269 -41.26 18.68 16.25
C GLN J 269 -41.36 19.82 15.25
N TYR J 270 -40.20 20.32 14.86
CA TYR J 270 -40.20 21.51 14.02
C TYR J 270 -38.89 21.55 13.24
N LYS J 271 -38.62 22.66 12.54
CA LYS J 271 -37.48 22.75 11.62
C LYS J 271 -37.37 21.53 10.68
N TYR J 272 -38.50 21.06 10.16
CA TYR J 272 -38.47 19.98 9.17
C TYR J 272 -37.84 20.45 7.86
N SER J 273 -36.94 19.67 7.29
CA SER J 273 -36.44 19.91 5.96
C SER J 273 -37.53 19.42 5.00
N LYS J 274 -37.45 19.83 3.75
CA LYS J 274 -38.50 19.60 2.73
C LYS J 274 -38.81 18.11 2.48
N ASP J 275 -37.76 17.29 2.53
CA ASP J 275 -37.84 15.84 2.35
C ASP J 275 -38.01 15.05 3.64
N ALA J 276 -38.20 15.70 4.78
CA ALA J 276 -38.15 14.97 6.05
C ALA J 276 -39.35 14.04 6.10
N VAL J 277 -39.09 12.79 6.49
CA VAL J 277 -40.21 11.92 6.88
C VAL J 277 -39.88 11.49 8.29
N LEU J 278 -40.78 11.85 9.20
CA LEU J 278 -40.77 11.37 10.57
C LEU J 278 -41.64 10.13 10.75
N LEU J 279 -41.02 9.04 11.24
CA LEU J 279 -41.70 7.78 11.55
C LEU J 279 -41.90 7.74 13.07
N VAL J 280 -43.14 7.47 13.49
CA VAL J 280 -43.44 7.32 14.92
C VAL J 280 -44.12 6.00 15.24
N PHE J 281 -43.49 5.33 16.19
CA PHE J 281 -44.08 4.18 16.86
C PHE J 281 -44.81 4.59 18.16
N ALA J 282 -46.04 4.10 18.25
CA ALA J 282 -46.92 4.37 19.40
C ALA J 282 -47.44 3.09 20.03
N SER J 283 -47.18 2.92 21.33
CA SER J 283 -47.72 1.80 22.13
C SER J 283 -49.26 1.63 22.12
N HIS J 284 -50.02 2.69 21.83
CA HIS J 284 -51.48 2.63 21.85
C HIS J 284 -52.20 2.89 20.53
N TYR J 285 -53.49 2.58 20.54
CA TYR J 285 -54.36 3.02 19.47
C TYR J 285 -54.51 4.52 19.62
N TYR J 286 -54.97 5.15 18.54
CA TYR J 286 -55.21 6.59 18.50
C TYR J 286 -56.34 6.91 19.49
N ASP J 287 -56.08 7.83 20.42
CA ASP J 287 -57.07 8.33 21.39
C ASP J 287 -57.09 9.86 21.53
N SER J 288 -58.08 10.48 20.89
CA SER J 288 -58.30 11.93 20.89
C SER J 288 -58.17 12.56 22.27
N ASP J 289 -58.72 11.89 23.28
CA ASP J 289 -58.79 12.41 24.64
C ASP J 289 -57.56 12.06 25.49
N ASP J 290 -56.51 11.62 24.81
CA ASP J 290 -55.28 11.20 25.47
C ASP J 290 -54.20 12.28 25.40
N TYR J 291 -54.49 13.34 24.66
CA TYR J 291 -53.59 14.47 24.56
C TYR J 291 -53.77 15.48 25.69
N ILE J 292 -52.67 16.11 26.07
CA ILE J 292 -52.70 17.33 26.89
C ILE J 292 -52.14 18.46 26.05
N ARG J 293 -53.01 19.37 25.61
CA ARG J 293 -52.63 20.44 24.69
C ARG J 293 -52.42 21.86 25.25
N ASP J 294 -52.53 22.02 26.57
CA ASP J 294 -52.17 23.26 27.26
C ASP J 294 -50.96 22.91 28.11
N TYR J 295 -49.91 23.72 28.10
CA TYR J 295 -48.67 23.34 28.77
C TYR J 295 -48.76 23.56 30.28
N SER J 296 -49.68 24.46 30.66
CA SER J 296 -49.82 24.85 32.05
C SER J 296 -50.38 23.66 32.82
N THR J 297 -51.58 23.24 32.42
CA THR J 297 -52.13 21.92 32.68
C THR J 297 -51.03 20.84 32.81
N PHE J 298 -50.55 20.31 31.68
CA PHE J 298 -49.47 19.32 31.69
C PHE J 298 -48.63 19.47 32.97
N LYS J 299 -48.06 20.64 33.19
CA LYS J 299 -47.06 20.86 34.23
C LYS J 299 -47.66 20.65 35.63
N MET K 1 -28.66 75.85 23.58
CA MET K 1 -30.14 76.02 23.61
C MET K 1 -30.81 74.73 24.08
N ILE K 2 -31.16 74.71 25.36
CA ILE K 2 -31.93 73.64 25.97
C ILE K 2 -33.37 74.10 26.19
N HIS K 3 -34.19 74.01 25.14
CA HIS K 3 -35.62 74.31 25.16
C HIS K 3 -36.27 74.10 26.54
N LYS K 4 -37.27 74.95 26.80
CA LYS K 4 -38.04 74.94 28.04
C LYS K 4 -38.56 73.57 28.46
N LEU K 5 -38.97 72.75 27.49
CA LEU K 5 -39.65 71.49 27.83
C LEU K 5 -38.83 70.22 27.97
N ALA K 6 -37.51 70.36 28.04
CA ALA K 6 -36.61 69.23 28.23
C ALA K 6 -36.29 69.03 29.71
N ASP K 7 -35.68 67.88 30.02
CA ASP K 7 -35.23 67.53 31.35
C ASP K 7 -33.77 67.11 31.34
N VAL K 8 -32.90 68.08 31.08
CA VAL K 8 -31.47 67.86 31.11
C VAL K 8 -30.92 68.06 32.53
N GLN K 9 -30.20 67.06 33.03
CA GLN K 9 -29.39 67.19 34.24
C GLN K 9 -27.89 67.28 33.99
N SER K 10 -27.43 67.27 32.75
CA SER K 10 -25.99 67.37 32.57
C SER K 10 -25.69 68.79 32.15
N GLN K 11 -24.49 69.25 32.51
CA GLN K 11 -24.01 70.53 31.96
C GLN K 11 -22.79 70.33 31.06
N ASN K 12 -22.36 69.07 31.01
CA ASN K 12 -21.28 68.62 30.13
C ASN K 12 -21.81 68.42 28.72
N ILE K 13 -22.28 69.52 28.13
CA ILE K 13 -22.87 69.56 26.81
C ILE K 13 -22.18 70.72 26.09
N GLY K 14 -21.35 70.42 25.09
CA GLY K 14 -20.63 71.40 24.29
C GLY K 14 -21.47 72.49 23.63
N ASP K 15 -20.84 73.57 23.18
CA ASP K 15 -21.59 74.76 22.75
C ASP K 15 -22.30 74.53 21.41
N ASN K 16 -23.31 75.33 21.09
CA ASN K 16 -24.07 75.22 19.83
C ASN K 16 -25.00 74.00 19.68
N THR K 17 -24.95 73.12 20.66
CA THR K 17 -25.81 71.95 20.68
C THR K 17 -27.25 72.31 21.07
N LYS K 18 -28.23 71.87 20.28
CA LYS K 18 -29.65 72.18 20.48
C LYS K 18 -30.48 71.00 20.99
N VAL K 19 -31.04 71.11 22.20
CA VAL K 19 -31.83 70.03 22.82
C VAL K 19 -33.31 70.32 22.88
N TRP K 20 -34.09 69.68 22.02
CA TRP K 20 -35.50 70.05 21.90
C TRP K 20 -36.44 69.41 22.93
N GLN K 21 -37.75 69.54 22.69
CA GLN K 21 -38.70 69.37 23.79
C GLN K 21 -39.08 67.95 24.10
N PHE K 22 -39.11 67.62 25.39
CA PHE K 22 -39.46 66.28 25.87
C PHE K 22 -38.30 65.31 25.74
N CYS K 23 -37.07 65.81 25.70
CA CYS K 23 -35.92 64.95 25.87
C CYS K 23 -35.56 64.84 27.34
N VAL K 24 -35.03 63.67 27.70
CA VAL K 24 -34.42 63.40 28.97
C VAL K 24 -32.93 63.15 28.69
N ILE K 25 -32.09 63.75 29.53
CA ILE K 25 -30.65 63.51 29.54
C ILE K 25 -30.19 63.44 31.00
N LEU K 26 -29.62 62.32 31.40
CA LEU K 26 -29.26 62.15 32.79
C LEU K 26 -27.93 62.87 33.03
N ALA K 27 -27.44 62.87 34.27
CA ALA K 27 -26.44 63.90 34.64
C ALA K 27 -25.05 63.62 34.11
N GLY K 28 -24.59 62.39 34.29
CA GLY K 28 -23.28 61.87 33.81
C GLY K 28 -23.06 61.57 32.33
N ALA K 29 -23.95 62.08 31.48
CA ALA K 29 -23.80 62.08 30.02
C ALA K 29 -22.93 63.23 29.53
N VAL K 30 -22.18 62.97 28.46
CA VAL K 30 -21.30 63.93 27.81
C VAL K 30 -21.61 64.02 26.31
N ILE K 31 -21.76 65.25 25.81
CA ILE K 31 -22.21 65.52 24.45
C ILE K 31 -21.45 66.70 23.87
N GLY K 32 -20.82 66.48 22.71
CA GLY K 32 -20.04 67.51 22.07
C GLY K 32 -20.78 68.67 21.43
N ARG K 33 -20.03 69.41 20.62
CA ARG K 33 -20.46 70.67 20.02
C ARG K 33 -21.30 70.41 18.78
N ASN K 34 -22.14 71.39 18.46
CA ASN K 34 -22.89 71.32 17.22
C ASN K 34 -23.86 70.13 17.04
N CYS K 35 -24.33 69.58 18.14
CA CYS K 35 -25.16 68.39 18.03
C CYS K 35 -26.61 68.82 17.90
N ASN K 36 -27.41 68.05 17.18
CA ASN K 36 -28.85 68.17 17.29
C ASN K 36 -29.44 67.02 18.06
N ILE K 37 -30.22 67.33 19.08
CA ILE K 37 -30.88 66.33 19.85
C ILE K 37 -32.35 66.68 19.82
N CYS K 38 -33.04 66.02 18.89
CA CYS K 38 -34.45 66.22 18.61
C CYS K 38 -35.44 65.68 19.63
N ALA K 39 -36.70 66.04 19.45
CA ALA K 39 -37.73 65.81 20.45
C ALA K 39 -38.00 64.33 20.79
N ASN K 40 -38.41 64.07 22.03
CA ASN K 40 -38.76 62.74 22.49
C ASN K 40 -37.58 61.77 22.55
N SER K 41 -36.37 62.26 22.85
CA SER K 41 -35.24 61.35 23.06
C SER K 41 -34.65 61.21 24.47
N LEU K 42 -34.15 60.02 24.79
CA LEU K 42 -33.55 59.73 26.06
C LEU K 42 -32.05 59.51 25.87
N ILE K 43 -31.28 59.90 26.88
CA ILE K 43 -29.83 59.72 26.94
C ILE K 43 -29.46 59.42 28.39
N GLU K 44 -28.84 58.27 28.64
CA GLU K 44 -28.54 57.84 30.00
C GLU K 44 -27.22 58.35 30.59
N ASN K 45 -26.72 57.73 31.66
CA ASN K 45 -25.53 58.19 32.36
C ASN K 45 -24.20 57.91 31.64
N ASP K 46 -23.70 56.66 31.53
CA ASP K 46 -22.50 56.47 30.70
C ASP K 46 -22.80 56.32 29.22
N VAL K 47 -22.95 57.50 28.64
CA VAL K 47 -23.10 57.69 27.23
C VAL K 47 -22.07 58.77 26.96
N VAL K 48 -21.35 58.64 25.85
CA VAL K 48 -20.52 59.72 25.28
C VAL K 48 -20.90 59.84 23.80
N ILE K 49 -21.16 61.10 23.43
CA ILE K 49 -21.56 61.56 22.12
C ILE K 49 -20.53 62.62 21.70
N GLY K 50 -19.92 62.40 20.53
CA GLY K 50 -18.98 63.28 19.87
C GLY K 50 -19.58 64.62 19.46
N ASP K 51 -19.03 65.20 18.40
CA ASP K 51 -19.40 66.53 17.95
C ASP K 51 -20.11 66.36 16.62
N ASN K 52 -20.97 67.32 16.28
CA ASN K 52 -21.78 67.32 15.06
C ASN K 52 -22.70 66.09 14.88
N VAL K 53 -23.08 65.48 15.99
CA VAL K 53 -23.96 64.34 15.96
C VAL K 53 -25.43 64.78 15.85
N THR K 54 -26.18 64.16 14.95
CA THR K 54 -27.63 64.34 14.86
C THR K 54 -28.41 63.12 15.35
N ILE K 55 -29.23 63.33 16.37
CA ILE K 55 -30.10 62.32 16.91
C ILE K 55 -31.58 62.64 16.81
N LYS K 56 -32.26 61.99 15.88
CA LYS K 56 -33.65 62.28 15.61
C LYS K 56 -34.54 61.69 16.69
N SER K 57 -35.82 62.03 16.69
CA SER K 57 -36.73 61.59 17.74
C SER K 57 -36.91 60.08 17.90
N GLY K 58 -37.36 59.69 19.08
CA GLY K 58 -37.68 58.29 19.36
C GLY K 58 -36.48 57.39 19.62
N VAL K 59 -35.32 58.00 19.91
CA VAL K 59 -34.09 57.27 20.13
C VAL K 59 -33.75 57.30 21.63
N GLN K 60 -33.43 56.13 22.16
CA GLN K 60 -32.91 56.05 23.50
C GLN K 60 -31.44 55.61 23.45
N ILE K 61 -30.60 56.38 24.11
CA ILE K 61 -29.19 56.07 24.20
C ILE K 61 -28.90 55.53 25.61
N TRP K 62 -28.92 54.21 25.74
CA TRP K 62 -28.71 53.63 27.05
C TRP K 62 -27.25 53.73 27.50
N ASP K 63 -27.01 53.39 28.77
CA ASP K 63 -25.68 53.19 29.34
C ASP K 63 -24.80 52.25 28.52
N GLY K 64 -23.60 52.70 28.19
CA GLY K 64 -22.63 51.84 27.54
C GLY K 64 -22.70 52.01 26.03
N ILE K 65 -23.46 53.00 25.56
CA ILE K 65 -23.52 53.32 24.15
C ILE K 65 -22.67 54.56 23.90
N HIS K 66 -21.88 54.56 22.84
CA HIS K 66 -20.82 55.55 22.66
C HIS K 66 -20.95 56.00 21.21
N ILE K 67 -21.26 57.26 20.95
CA ILE K 67 -21.43 57.73 19.57
C ILE K 67 -20.35 58.73 19.15
N GLN K 68 -19.46 58.34 18.23
CA GLN K 68 -18.41 59.23 17.75
C GLN K 68 -18.95 60.35 16.86
N ASP K 69 -18.06 61.25 16.44
CA ASP K 69 -18.35 62.48 15.70
C ASP K 69 -19.06 62.27 14.37
N ASP K 70 -19.77 63.30 13.91
CA ASP K 70 -20.44 63.30 12.60
C ASP K 70 -21.41 62.13 12.35
N VAL K 71 -21.88 61.43 13.39
CA VAL K 71 -22.83 60.37 13.24
C VAL K 71 -24.26 60.89 13.10
N PHE K 72 -25.03 60.30 12.19
CA PHE K 72 -26.47 60.54 12.09
C PHE K 72 -27.27 59.33 12.61
N ILE K 73 -28.17 59.57 13.54
CA ILE K 73 -28.95 58.47 14.11
C ILE K 73 -30.35 58.87 13.79
N GLY K 74 -31.01 58.01 13.01
CA GLY K 74 -32.29 58.36 12.41
C GLY K 74 -33.44 58.14 13.39
N PRO K 75 -34.62 58.58 13.00
CA PRO K 75 -35.85 58.53 13.77
C PRO K 75 -36.16 57.09 14.09
N ASN K 76 -36.38 56.89 15.39
CA ASN K 76 -36.93 55.71 15.98
C ASN K 76 -35.91 54.59 16.05
N VAL K 77 -34.64 54.90 15.78
CA VAL K 77 -33.58 53.94 15.97
C VAL K 77 -33.70 53.48 17.42
N THR K 78 -33.57 52.18 17.64
CA THR K 78 -33.53 51.60 18.96
C THR K 78 -32.14 50.96 19.27
N PHE K 79 -31.60 51.23 20.44
CA PHE K 79 -30.39 50.57 20.90
C PHE K 79 -30.73 49.72 22.11
N THR K 80 -29.81 48.84 22.52
CA THR K 80 -30.10 47.97 23.64
C THR K 80 -28.84 47.55 24.39
N ASN K 81 -29.07 46.97 25.58
CA ASN K 81 -28.08 46.58 26.59
C ASN K 81 -27.75 45.13 26.97
N ASP K 82 -28.71 44.22 26.91
CA ASP K 82 -28.41 42.76 26.93
C ASP K 82 -29.31 41.82 26.12
N LEU K 95 -22.30 44.26 25.87
CA LEU K 95 -22.53 45.38 26.79
C LEU K 95 -22.13 46.77 26.29
N LYS K 96 -21.02 46.93 25.56
CA LYS K 96 -20.65 48.25 25.04
C LYS K 96 -20.87 48.41 23.53
N THR K 97 -21.74 49.34 23.15
CA THR K 97 -21.99 49.65 21.74
C THR K 97 -21.26 50.91 21.27
N ILE K 98 -20.58 50.79 20.14
CA ILE K 98 -19.86 51.91 19.57
C ILE K 98 -20.30 52.19 18.13
N VAL K 99 -20.77 53.40 17.91
CA VAL K 99 -21.12 53.81 16.57
C VAL K 99 -19.98 54.73 16.23
N LYS K 100 -19.29 54.46 15.13
CA LYS K 100 -18.06 55.18 14.84
C LYS K 100 -18.25 56.37 13.89
N LYS K 101 -17.22 57.21 13.77
CA LYS K 101 -17.26 58.47 13.03
C LYS K 101 -17.97 58.33 11.67
N GLY K 102 -18.94 59.21 11.44
CA GLY K 102 -19.57 59.38 10.12
C GLY K 102 -20.60 58.32 9.74
N ALA K 103 -20.75 57.28 10.55
CA ALA K 103 -21.78 56.27 10.31
C ALA K 103 -23.14 56.91 10.35
N SER K 104 -24.05 56.31 9.59
CA SER K 104 -25.45 56.71 9.66
C SER K 104 -26.42 55.56 9.89
N ILE K 105 -27.24 55.65 10.92
CA ILE K 105 -28.14 54.58 11.35
C ILE K 105 -29.55 54.94 10.87
N GLY K 106 -30.06 54.19 9.91
CA GLY K 106 -31.37 54.47 9.30
C GLY K 106 -32.55 54.30 10.24
N ALA K 107 -33.63 55.01 9.92
CA ALA K 107 -34.87 55.01 10.71
C ALA K 107 -35.38 53.64 11.14
N ASN K 108 -35.70 53.57 12.43
CA ASN K 108 -36.43 52.46 13.01
C ASN K 108 -35.63 51.16 12.91
N SER K 109 -34.31 51.26 12.88
CA SER K 109 -33.41 50.13 12.92
C SER K 109 -33.38 49.70 14.35
N THR K 110 -32.86 48.50 14.56
CA THR K 110 -32.72 47.95 15.88
C THR K 110 -31.26 47.45 15.97
N ILE K 111 -30.52 48.00 16.93
CA ILE K 111 -29.15 47.61 17.17
C ILE K 111 -29.04 46.71 18.41
N LEU K 112 -28.61 45.47 18.23
CA LEU K 112 -28.36 44.60 19.39
C LEU K 112 -27.24 45.06 20.35
N PRO K 113 -27.16 44.52 21.58
CA PRO K 113 -26.05 44.89 22.52
C PRO K 113 -24.65 44.55 21.98
N GLY K 114 -23.68 45.44 22.21
CA GLY K 114 -22.24 45.14 22.12
C GLY K 114 -21.77 45.07 20.69
N ILE K 115 -22.45 45.85 19.85
CA ILE K 115 -22.18 45.84 18.45
C ILE K 115 -21.25 47.02 18.14
N LEU K 116 -20.28 46.82 17.24
CA LEU K 116 -19.58 47.96 16.66
C LEU K 116 -20.14 48.32 15.29
N ILE K 117 -20.35 49.61 15.03
CA ILE K 117 -20.72 50.08 13.70
C ILE K 117 -19.56 50.89 13.15
N GLY K 118 -18.96 50.38 12.07
CA GLY K 118 -17.74 50.93 11.53
C GLY K 118 -17.94 52.31 10.91
N GLU K 119 -16.85 53.00 10.56
CA GLU K 119 -16.94 54.36 10.07
C GLU K 119 -17.56 54.39 8.68
N ASN K 120 -18.28 55.49 8.45
CA ASN K 120 -19.12 55.68 7.28
C ASN K 120 -20.02 54.55 6.83
N ALA K 121 -20.35 53.63 7.72
CA ALA K 121 -21.27 52.56 7.40
C ALA K 121 -22.65 53.20 7.17
N MET K 122 -23.50 52.55 6.37
CA MET K 122 -24.92 52.87 6.29
C MET K 122 -25.76 51.71 6.77
N VAL K 123 -26.36 51.85 7.97
CA VAL K 123 -27.36 50.89 8.42
C VAL K 123 -28.66 51.32 7.77
N GLY K 124 -29.26 50.38 7.04
CA GLY K 124 -30.55 50.64 6.39
C GLY K 124 -31.72 50.85 7.35
N ALA K 125 -32.72 51.61 6.88
CA ALA K 125 -33.94 51.84 7.65
C ALA K 125 -34.53 50.47 7.95
N GLY K 126 -34.94 50.24 9.20
CA GLY K 126 -35.59 49.01 9.64
C GLY K 126 -34.73 47.76 9.85
N ALA K 127 -33.42 47.87 9.71
CA ALA K 127 -32.52 46.72 9.70
C ALA K 127 -32.33 46.31 11.15
N VAL K 128 -32.17 45.00 11.35
CA VAL K 128 -32.02 44.46 12.68
C VAL K 128 -30.56 44.00 12.69
N ILE K 129 -29.75 44.76 13.44
CA ILE K 129 -28.32 44.60 13.36
C ILE K 129 -27.85 43.64 14.46
N THR K 130 -27.46 42.42 14.07
CA THR K 130 -27.09 41.34 14.99
C THR K 130 -25.60 41.07 15.11
N LYS K 131 -24.75 41.73 14.29
CA LYS K 131 -23.29 41.54 14.30
C LYS K 131 -22.61 42.80 13.84
N ASN K 132 -21.31 42.89 14.11
CA ASN K 132 -20.54 44.08 13.75
C ASN K 132 -20.70 44.46 12.27
N VAL K 133 -20.79 45.76 12.02
CA VAL K 133 -20.83 46.35 10.70
C VAL K 133 -19.46 46.99 10.34
N PRO K 134 -18.79 46.53 9.26
CA PRO K 134 -17.49 47.01 8.84
C PRO K 134 -17.62 48.40 8.27
N ASP K 135 -16.57 49.22 8.38
CA ASP K 135 -16.54 50.54 7.75
C ASP K 135 -17.07 50.49 6.32
N ASN K 136 -17.78 51.55 5.95
CA ASN K 136 -18.32 51.69 4.62
C ASN K 136 -19.40 50.64 4.23
N ALA K 137 -19.73 49.67 5.08
CA ALA K 137 -20.67 48.61 4.68
C ALA K 137 -22.12 49.12 4.69
N ILE K 138 -22.94 48.60 3.77
CA ILE K 138 -24.39 48.93 3.74
C ILE K 138 -25.12 47.73 4.20
N VAL K 139 -25.84 47.80 5.31
CA VAL K 139 -26.40 46.62 5.89
C VAL K 139 -27.90 46.79 5.95
N ILE K 140 -28.65 45.81 5.42
CA ILE K 140 -30.12 45.91 5.38
C ILE K 140 -30.73 44.56 5.69
N GLY K 141 -31.98 44.64 6.13
CA GLY K 141 -32.84 43.49 6.42
C GLY K 141 -32.98 43.06 7.87
N ASN K 142 -33.76 41.99 8.03
CA ASN K 142 -33.90 41.33 9.31
C ASN K 142 -33.67 39.84 9.11
N PRO K 143 -32.48 39.35 9.50
CA PRO K 143 -31.38 40.08 10.15
C PRO K 143 -30.58 40.87 9.13
N GLY K 144 -29.90 41.94 9.55
CA GLY K 144 -29.18 42.77 8.61
C GLY K 144 -28.06 41.99 7.94
N ARG K 145 -27.92 42.19 6.63
CA ARG K 145 -26.86 41.51 5.89
C ARG K 145 -26.13 42.66 5.23
N ILE K 146 -24.85 42.50 4.95
CA ILE K 146 -24.19 43.48 4.07
C ILE K 146 -24.58 43.20 2.63
N THR K 147 -25.08 44.24 1.96
CA THR K 147 -25.50 44.20 0.57
C THR K 147 -24.72 45.11 -0.34
N GLY K 148 -23.82 45.93 0.19
CA GLY K 148 -22.96 46.66 -0.70
C GLY K 148 -22.12 47.56 0.18
N TYR K 149 -21.42 48.49 -0.43
CA TYR K 149 -20.53 49.37 0.28
C TYR K 149 -20.81 50.74 -0.22
N VAL K 150 -20.70 51.73 0.66
CA VAL K 150 -20.81 53.11 0.24
C VAL K 150 -19.85 53.48 -0.87
N GLU K 151 -20.39 54.19 -1.86
CA GLU K 151 -19.71 54.67 -3.06
C GLU K 151 -19.11 53.56 -3.93
N ALA K 152 -19.38 52.28 -3.67
CA ALA K 152 -18.97 51.28 -4.66
C ALA K 152 -20.04 51.29 -5.73
N ASN K 153 -19.69 51.68 -6.94
CA ASN K 153 -20.71 51.63 -7.97
C ASN K 153 -20.58 50.46 -8.96
N PHE K 163 -16.79 44.17 -18.43
CA PHE K 163 -15.95 42.99 -18.66
C PHE K 163 -15.54 42.72 -20.11
N GLU K 164 -16.35 43.18 -21.05
CA GLU K 164 -16.11 42.99 -22.49
C GLU K 164 -14.66 42.89 -23.02
N LEU K 165 -13.91 44.01 -23.09
CA LEU K 165 -12.51 44.02 -23.58
C LEU K 165 -11.59 42.98 -22.91
N LYS K 166 -10.76 42.27 -23.69
CA LYS K 166 -9.86 41.21 -23.18
C LYS K 166 -8.95 41.59 -21.99
N LEU K 167 -8.39 42.79 -22.00
CA LEU K 167 -7.78 43.44 -20.84
C LEU K 167 -8.43 44.82 -20.62
N GLN K 168 -8.69 45.18 -19.35
CA GLN K 168 -9.54 46.32 -18.96
C GLN K 168 -9.16 46.92 -17.57
N MET K 169 -9.61 48.16 -17.34
CA MET K 169 -9.06 49.11 -16.34
C MET K 169 -9.98 49.77 -15.29
N SER K 170 -9.67 49.53 -14.01
CA SER K 170 -10.49 50.03 -12.91
C SER K 170 -10.17 51.44 -12.43
N LYS K 171 -11.18 52.11 -11.88
CA LYS K 171 -10.95 53.21 -10.95
C LYS K 171 -10.00 52.84 -9.79
N VAL K 172 -9.93 51.57 -9.41
CA VAL K 172 -9.17 51.20 -8.22
C VAL K 172 -7.74 50.94 -8.64
N LYS K 173 -6.81 51.64 -8.02
CA LYS K 173 -5.43 51.69 -8.48
C LYS K 173 -4.94 50.27 -8.81
N GLY K 174 -4.53 50.04 -10.05
CA GLY K 174 -3.85 48.78 -10.38
C GLY K 174 -4.74 47.56 -10.71
N VAL K 175 -6.03 47.64 -10.40
CA VAL K 175 -6.96 46.52 -10.52
C VAL K 175 -7.23 46.35 -12.00
N SER K 176 -7.00 45.15 -12.53
CA SER K 176 -7.34 44.91 -13.93
C SER K 176 -8.37 43.79 -14.04
N LEU K 177 -9.15 43.83 -15.12
CA LEU K 177 -10.16 42.84 -15.35
C LEU K 177 -9.83 42.09 -16.63
N HIS K 178 -10.19 40.81 -16.69
CA HIS K 178 -9.61 39.94 -17.74
C HIS K 178 -10.63 38.97 -18.26
N LYS K 179 -10.56 38.67 -19.55
CA LYS K 179 -11.48 37.73 -20.15
C LYS K 179 -10.51 36.78 -20.85
N PHE K 180 -10.68 35.48 -20.61
CA PHE K 180 -9.73 34.49 -21.09
C PHE K 180 -10.25 33.74 -22.34
N HIS K 181 -9.33 33.18 -23.12
CA HIS K 181 -9.70 32.40 -24.29
C HIS K 181 -10.65 31.30 -23.84
N LEU K 182 -11.81 31.21 -24.49
CA LEU K 182 -12.77 30.12 -24.24
C LEU K 182 -13.22 29.39 -25.49
N VAL K 183 -13.35 28.06 -25.41
CA VAL K 183 -13.61 27.17 -26.55
C VAL K 183 -14.68 26.16 -26.15
N ASN K 184 -15.85 26.20 -26.78
CA ASN K 184 -16.91 25.22 -26.53
C ASN K 184 -16.95 24.27 -27.70
N ASP K 185 -17.23 23.00 -27.47
CA ASP K 185 -17.44 22.10 -28.61
C ASP K 185 -18.05 20.79 -28.16
N LEU K 186 -18.05 19.85 -29.10
CA LEU K 186 -18.73 18.56 -28.90
C LEU K 186 -18.16 17.85 -27.69
N ARG K 187 -16.85 18.01 -27.51
CA ARG K 187 -16.09 17.25 -26.52
C ARG K 187 -16.07 17.86 -25.12
N GLY K 188 -16.63 19.05 -24.95
CA GLY K 188 -16.55 19.73 -23.67
C GLY K 188 -16.12 21.16 -23.87
N ASN K 189 -15.65 21.80 -22.80
CA ASN K 189 -15.26 23.19 -22.82
C ASN K 189 -13.91 23.38 -22.15
N LEU K 190 -13.23 24.46 -22.52
CA LEU K 190 -11.87 24.75 -22.07
C LEU K 190 -11.61 26.25 -21.97
N SER K 191 -11.02 26.73 -20.87
CA SER K 191 -10.42 28.08 -20.90
C SER K 191 -9.01 28.05 -20.38
N VAL K 192 -8.21 29.02 -20.80
CA VAL K 192 -6.80 28.98 -20.59
C VAL K 192 -6.43 30.41 -20.23
N GLY K 193 -5.44 30.57 -19.38
CA GLY K 193 -4.87 31.87 -19.07
C GLY K 193 -3.39 31.64 -18.92
N GLU K 194 -2.58 32.66 -19.16
CA GLU K 194 -1.14 32.45 -19.12
C GLU K 194 -0.57 33.34 -17.98
N PHE K 195 0.31 32.81 -17.15
CA PHE K 195 0.94 33.67 -16.14
C PHE K 195 2.02 34.49 -16.79
N GLU K 196 2.12 35.71 -16.30
CA GLU K 196 3.07 36.71 -16.75
C GLU K 196 2.56 37.37 -18.02
N LYS K 197 1.78 36.68 -18.83
CA LYS K 197 1.13 37.30 -19.98
C LYS K 197 -0.30 37.83 -19.78
N ASP K 198 -1.21 37.03 -19.22
CA ASP K 198 -2.60 37.42 -18.98
C ASP K 198 -2.64 37.91 -17.52
N ILE K 199 -2.19 37.02 -16.63
CA ILE K 199 -2.12 37.28 -15.21
C ILE K 199 -0.72 37.79 -14.96
N PRO K 200 -0.62 38.97 -14.34
CA PRO K 200 0.67 39.67 -14.40
C PRO K 200 1.65 39.28 -13.32
N PHE K 201 1.70 38.00 -12.96
CA PHE K 201 2.77 37.56 -12.04
C PHE K 201 2.89 36.06 -12.08
N THR K 202 3.93 35.57 -11.43
CA THR K 202 4.16 34.14 -11.26
C THR K 202 3.64 33.63 -9.91
N PRO K 203 2.63 32.76 -9.94
CA PRO K 203 1.99 32.29 -8.71
C PRO K 203 2.98 31.40 -7.90
N LYS K 204 3.00 31.56 -6.58
CA LYS K 204 3.60 30.54 -5.74
C LYS K 204 2.53 29.78 -4.96
N ARG K 205 1.27 30.18 -5.10
CA ARG K 205 0.24 29.49 -4.29
C ARG K 205 -1.08 29.53 -5.03
N TYR K 206 -1.94 28.54 -4.84
CA TYR K 206 -3.33 28.68 -5.25
C TYR K 206 -4.12 28.23 -4.04
N PHE K 207 -5.31 28.76 -3.88
CA PHE K 207 -6.25 28.16 -2.95
C PHE K 207 -7.64 28.31 -3.51
N THR K 208 -8.59 27.63 -2.89
CA THR K 208 -9.94 27.58 -3.35
C THR K 208 -10.85 27.72 -2.14
N VAL K 209 -11.96 28.43 -2.37
CA VAL K 209 -12.97 28.72 -1.37
C VAL K 209 -14.33 28.30 -1.88
N PHE K 210 -15.06 27.57 -1.04
CA PHE K 210 -16.29 27.00 -1.51
C PHE K 210 -17.19 26.62 -0.33
N GLY K 211 -18.42 26.26 -0.67
CA GLY K 211 -19.48 25.91 0.27
C GLY K 211 -19.66 27.06 1.22
N VAL K 212 -19.68 28.29 0.73
CA VAL K 212 -19.76 29.42 1.63
C VAL K 212 -21.25 29.76 1.71
N PRO K 213 -21.84 29.89 2.92
CA PRO K 213 -23.23 30.37 3.02
C PRO K 213 -23.39 31.77 2.44
N ASN K 214 -24.56 32.00 1.87
CA ASN K 214 -24.87 33.23 1.18
C ASN K 214 -24.80 34.47 2.08
N LYS K 215 -24.89 34.24 3.38
CA LYS K 215 -24.87 35.32 4.35
CA LYS K 215 -24.86 35.33 4.35
C LYS K 215 -23.45 35.76 4.70
N GLU K 216 -22.46 34.96 4.31
CA GLU K 216 -21.09 35.18 4.74
C GLU K 216 -20.32 36.26 3.98
N VAL K 217 -19.45 36.93 4.73
CA VAL K 217 -18.54 37.95 4.17
C VAL K 217 -17.09 37.50 4.36
N ARG K 218 -16.39 37.16 3.29
CA ARG K 218 -15.06 36.59 3.40
C ARG K 218 -14.01 37.66 3.04
N GLY K 219 -12.75 37.45 3.40
CA GLY K 219 -11.68 38.35 3.01
C GLY K 219 -11.59 39.45 4.00
N GLU K 220 -11.95 40.67 3.58
CA GLU K 220 -11.98 41.79 4.52
C GLU K 220 -10.59 42.11 5.02
N HIS K 221 -9.61 42.22 4.13
CA HIS K 221 -8.22 42.52 4.50
C HIS K 221 -7.52 43.03 3.25
N ALA K 222 -6.32 43.52 3.42
CA ALA K 222 -5.42 43.72 2.29
C ALA K 222 -4.12 42.98 2.61
N HIS K 223 -3.30 42.80 1.60
CA HIS K 223 -1.95 42.22 1.74
C HIS K 223 -0.88 43.27 1.49
N LYS K 224 0.20 43.20 2.29
CA LYS K 224 1.29 44.17 2.07
C LYS K 224 2.03 43.82 0.78
N GLU K 225 2.20 42.53 0.51
CA GLU K 225 3.04 42.14 -0.61
C GLU K 225 2.33 41.15 -1.53
N CYS K 226 1.45 40.31 -1.02
CA CYS K 226 0.81 39.33 -1.94
C CYS K 226 0.01 39.96 -3.06
N LYS K 227 0.31 39.60 -4.30
CA LYS K 227 -0.57 39.83 -5.44
C LYS K 227 -1.55 38.66 -5.50
N GLN K 228 -2.77 38.93 -5.94
CA GLN K 228 -3.79 37.87 -6.09
C GLN K 228 -4.52 37.98 -7.43
N PHE K 229 -4.99 36.85 -7.93
CA PHE K 229 -5.82 36.87 -9.11
C PHE K 229 -7.02 35.96 -8.86
N LEU K 230 -8.22 36.51 -9.01
CA LEU K 230 -9.43 35.77 -8.67
C LEU K 230 -10.26 35.37 -9.89
N ILE K 231 -10.66 34.09 -9.94
CA ILE K 231 -11.59 33.49 -10.90
C ILE K 231 -12.63 32.63 -10.20
N CYS K 232 -13.90 32.88 -10.51
CA CYS K 232 -14.95 32.08 -9.93
C CYS K 232 -15.26 30.97 -10.93
N VAL K 233 -14.72 29.78 -10.67
CA VAL K 233 -14.66 28.74 -11.68
C VAL K 233 -15.98 28.03 -11.76
N SER K 234 -16.82 28.21 -10.73
CA SER K 234 -18.21 27.85 -10.93
C SER K 234 -19.16 28.62 -10.02
N GLY K 235 -20.40 28.77 -10.49
CA GLY K 235 -21.39 29.64 -9.81
C GLY K 235 -20.99 31.09 -9.85
N ASN K 236 -21.33 31.85 -8.82
CA ASN K 236 -20.89 33.26 -8.75
C ASN K 236 -20.60 33.78 -7.33
N CYS K 237 -19.86 34.89 -7.24
CA CYS K 237 -19.70 35.64 -6.01
C CYS K 237 -19.40 37.08 -6.38
N SER K 238 -19.46 37.96 -5.42
CA SER K 238 -19.16 39.35 -5.68
C SER K 238 -17.84 39.73 -5.00
N VAL K 239 -17.14 40.71 -5.54
CA VAL K 239 -15.81 41.04 -5.05
C VAL K 239 -15.71 42.56 -4.88
N LEU K 240 -15.59 43.07 -3.67
CA LEU K 240 -15.17 44.47 -3.49
C LEU K 240 -13.66 44.65 -3.60
N VAL K 241 -13.21 45.64 -4.36
CA VAL K 241 -11.82 46.07 -4.36
C VAL K 241 -11.80 47.54 -3.92
N ASP K 242 -10.81 47.95 -3.16
CA ASP K 242 -10.91 49.25 -2.54
C ASP K 242 -9.45 49.58 -2.29
N ASP K 243 -9.05 50.79 -2.72
CA ASP K 243 -7.66 51.24 -2.60
C ASP K 243 -7.50 52.27 -1.49
N GLY K 244 -8.50 52.35 -0.61
CA GLY K 244 -8.52 53.38 0.42
C GLY K 244 -9.19 54.70 0.08
N GLU K 245 -9.47 54.95 -1.19
CA GLU K 245 -10.23 56.11 -1.68
C GLU K 245 -11.31 55.64 -2.66
N ASN K 246 -10.92 54.89 -3.68
CA ASN K 246 -11.92 54.36 -4.63
C ASN K 246 -12.29 52.91 -4.27
N ARG K 247 -13.54 52.54 -4.52
CA ARG K 247 -14.10 51.29 -4.06
C ARG K 247 -14.99 50.83 -5.21
N GLU K 248 -15.01 49.55 -5.54
CA GLU K 248 -15.79 49.07 -6.67
C GLU K 248 -16.12 47.59 -6.50
N GLU K 249 -17.36 47.20 -6.81
CA GLU K 249 -17.74 45.80 -6.72
C GLU K 249 -17.98 45.17 -8.09
N TYR K 250 -17.46 43.95 -8.32
CA TYR K 250 -17.68 43.21 -9.57
C TYR K 250 -18.28 41.82 -9.26
N VAL K 251 -19.17 41.34 -10.13
CA VAL K 251 -19.72 40.01 -10.02
C VAL K 251 -18.80 39.10 -10.85
N LEU K 252 -18.26 38.03 -10.27
CA LEU K 252 -17.44 37.10 -11.07
C LEU K 252 -18.41 35.95 -11.26
N ASP K 253 -18.69 35.55 -12.49
CA ASP K 253 -19.82 34.64 -12.72
C ASP K 253 -19.57 33.74 -13.91
N SER K 254 -18.39 33.84 -14.51
CA SER K 254 -17.97 32.75 -15.37
C SER K 254 -16.50 32.43 -15.30
N ILE K 255 -16.20 31.19 -15.72
CA ILE K 255 -14.85 30.63 -15.62
C ILE K 255 -13.83 31.39 -16.44
N ASP K 256 -14.32 32.10 -17.46
CA ASP K 256 -13.45 32.88 -18.32
C ASP K 256 -13.27 34.30 -17.82
N LYS K 257 -13.79 34.65 -16.65
CA LYS K 257 -13.60 36.00 -16.13
C LYS K 257 -12.68 36.01 -14.88
N GLY K 258 -11.72 36.93 -14.88
CA GLY K 258 -10.77 37.11 -13.79
C GLY K 258 -10.50 38.54 -13.42
N ILE K 259 -10.06 38.75 -12.17
CA ILE K 259 -9.70 40.07 -11.71
C ILE K 259 -8.39 40.05 -10.91
N TYR K 260 -7.55 41.02 -11.19
CA TYR K 260 -6.28 41.13 -10.54
C TYR K 260 -6.32 42.14 -9.41
N LEU K 261 -5.79 41.75 -8.26
CA LEU K 261 -5.80 42.60 -7.09
C LEU K 261 -4.34 42.75 -6.76
N PRO K 262 -3.79 43.93 -7.00
CA PRO K 262 -2.41 44.20 -6.69
C PRO K 262 -2.18 44.27 -5.18
N PRO K 263 -0.92 44.25 -4.72
CA PRO K 263 -0.64 44.41 -3.29
C PRO K 263 -1.35 45.68 -2.75
N MET K 264 -1.59 45.80 -1.44
CA MET K 264 -2.29 46.95 -0.85
C MET K 264 -3.63 47.26 -1.52
N THR K 265 -4.39 46.24 -1.87
CA THR K 265 -5.76 46.45 -2.33
C THR K 265 -6.64 45.73 -1.29
N TRP K 266 -7.53 46.48 -0.63
CA TRP K 266 -8.49 45.85 0.30
C TRP K 266 -9.51 45.04 -0.52
N GLY K 267 -9.81 43.78 -0.16
CA GLY K 267 -10.71 42.93 -0.94
C GLY K 267 -11.76 42.29 -0.03
N VAL K 268 -12.95 42.05 -0.57
CA VAL K 268 -14.02 41.38 0.18
C VAL K 268 -14.58 40.43 -0.87
N GLN K 269 -14.92 39.21 -0.47
CA GLN K 269 -15.72 38.38 -1.35
C GLN K 269 -16.97 37.94 -0.59
N TYR K 270 -18.15 38.20 -1.16
CA TYR K 270 -19.44 37.90 -0.55
C TYR K 270 -20.58 37.54 -1.53
N LYS K 271 -21.80 37.35 -1.05
CA LYS K 271 -22.88 37.02 -2.00
C LYS K 271 -22.51 35.82 -2.87
N TYR K 272 -21.90 34.85 -2.21
CA TYR K 272 -21.51 33.63 -2.87
C TYR K 272 -22.76 32.79 -3.09
N SER K 273 -22.89 32.19 -4.27
CA SER K 273 -24.02 31.31 -4.54
C SER K 273 -23.70 29.91 -3.97
N LYS K 274 -24.71 29.06 -3.76
CA LYS K 274 -24.56 27.70 -3.19
C LYS K 274 -23.38 26.92 -3.75
N ASP K 275 -23.32 26.94 -5.08
CA ASP K 275 -22.37 26.17 -5.89
C ASP K 275 -21.01 26.84 -6.12
N ALA K 276 -20.82 28.08 -5.68
CA ALA K 276 -19.68 28.84 -6.13
C ALA K 276 -18.40 28.17 -5.64
N VAL K 277 -17.33 28.30 -6.42
CA VAL K 277 -16.00 27.86 -6.00
C VAL K 277 -15.15 29.03 -6.45
N LEU K 278 -14.43 29.67 -5.54
CA LEU K 278 -13.53 30.72 -5.96
C LEU K 278 -12.13 30.18 -6.13
N LEU K 279 -11.50 30.42 -7.28
CA LEU K 279 -10.10 30.09 -7.43
C LEU K 279 -9.24 31.35 -7.25
N VAL K 280 -8.14 31.24 -6.54
CA VAL K 280 -7.26 32.41 -6.33
C VAL K 280 -5.83 31.97 -6.61
N PHE K 281 -5.11 32.63 -7.52
CA PHE K 281 -3.67 32.53 -7.58
C PHE K 281 -3.02 33.64 -6.74
N ALA K 282 -1.91 33.33 -6.06
CA ALA K 282 -1.16 34.31 -5.23
C ALA K 282 0.35 34.33 -5.48
N SER K 283 1.01 35.48 -5.34
CA SER K 283 2.40 35.58 -5.75
C SER K 283 3.26 35.03 -4.62
N HIS K 284 2.73 34.93 -3.41
CA HIS K 284 3.53 34.58 -2.24
C HIS K 284 2.94 33.39 -1.53
N TYR K 285 3.84 32.63 -0.91
CA TYR K 285 3.44 31.59 0.03
C TYR K 285 2.61 32.20 1.16
N TYR K 286 1.68 31.41 1.69
CA TYR K 286 0.90 31.84 2.83
C TYR K 286 1.74 32.45 3.99
N ASP K 287 1.27 33.61 4.46
CA ASP K 287 1.97 34.28 5.55
C ASP K 287 1.00 35.16 6.31
N SER K 288 0.58 34.71 7.49
CA SER K 288 -0.31 35.47 8.37
C SER K 288 0.05 36.94 8.58
N ASP K 289 1.35 37.23 8.60
CA ASP K 289 1.85 38.58 8.79
C ASP K 289 1.60 39.49 7.61
N ASP K 290 1.42 38.95 6.41
CA ASP K 290 1.20 39.80 5.25
C ASP K 290 -0.17 40.50 5.22
N TYR K 291 -1.11 40.07 6.06
CA TYR K 291 -2.44 40.66 6.18
C TYR K 291 -2.52 42.01 6.93
N ILE K 292 -3.24 42.98 6.38
CA ILE K 292 -3.81 44.05 7.18
C ILE K 292 -5.31 43.83 7.32
N ARG K 293 -5.80 43.61 8.55
CA ARG K 293 -7.23 43.48 8.77
C ARG K 293 -7.99 44.64 9.38
N ASP K 294 -7.31 45.76 9.58
CA ASP K 294 -8.00 46.93 10.10
C ASP K 294 -7.98 47.97 9.00
N TYR K 295 -9.17 48.39 8.56
CA TYR K 295 -9.29 49.33 7.45
C TYR K 295 -8.69 50.71 7.72
N SER K 296 -8.87 51.26 8.92
CA SER K 296 -8.16 52.51 9.31
C SER K 296 -6.63 52.42 9.13
N THR K 297 -6.00 51.40 9.68
CA THR K 297 -4.57 51.14 9.42
C THR K 297 -4.19 51.05 7.95
N PHE K 298 -5.02 50.35 7.19
CA PHE K 298 -4.79 50.16 5.78
C PHE K 298 -4.75 51.49 5.04
N LYS K 299 -5.78 52.29 5.24
CA LYS K 299 -5.81 53.64 4.70
C LYS K 299 -4.66 54.58 5.15
N GLN K 300 -4.35 54.57 6.44
CA GLN K 300 -3.21 55.35 6.94
C GLN K 300 -1.95 54.88 6.20
N MET K 301 -1.82 53.56 6.06
CA MET K 301 -0.65 53.03 5.36
C MET K 301 -0.61 53.54 3.93
N ARG K 302 -1.73 53.50 3.23
CA ARG K 302 -1.75 54.03 1.87
C ARG K 302 -1.48 55.54 1.82
N GLN K 303 -1.98 56.32 2.76
CA GLN K 303 -1.74 57.74 2.66
C GLN K 303 -0.26 58.00 2.84
N ASN K 304 0.35 57.35 3.83
CA ASN K 304 1.77 57.51 4.12
C ASN K 304 2.61 57.20 2.90
N LEU K 305 2.22 56.19 2.15
CA LEU K 305 3.03 55.81 1.01
C LEU K 305 2.84 56.68 -0.25
N GLU K 306 1.70 57.34 -0.44
CA GLU K 306 1.53 58.39 -1.48
C GLU K 306 2.08 59.79 -1.15
N MET L 1 -58.51 71.75 19.57
CA MET L 1 -58.26 71.23 20.96
C MET L 1 -56.80 70.81 21.08
N ILE L 2 -56.03 71.64 21.77
CA ILE L 2 -54.60 71.46 21.89
C ILE L 2 -54.42 71.26 23.36
N HIS L 3 -53.84 70.13 23.74
CA HIS L 3 -53.75 69.79 25.15
C HIS L 3 -52.80 70.79 25.83
N LYS L 4 -53.12 71.10 27.07
CA LYS L 4 -52.20 71.74 28.01
C LYS L 4 -50.77 71.43 27.54
N LEU L 5 -50.41 70.14 27.59
CA LEU L 5 -49.02 69.68 27.62
C LEU L 5 -48.38 69.37 26.27
N ALA L 6 -49.02 69.81 25.19
CA ALA L 6 -48.43 69.73 23.88
C ALA L 6 -47.91 71.10 23.45
N ASP L 7 -47.05 71.08 22.43
CA ASP L 7 -46.35 72.28 21.97
C ASP L 7 -46.71 72.58 20.52
N VAL L 8 -47.79 73.32 20.32
CA VAL L 8 -48.25 73.57 18.96
C VAL L 8 -47.99 74.99 18.47
N GLN L 9 -47.29 75.13 17.34
CA GLN L 9 -46.96 76.44 16.79
C GLN L 9 -47.80 76.86 15.57
N SER L 10 -48.67 75.97 15.08
CA SER L 10 -49.40 76.23 13.85
C SER L 10 -50.82 76.75 14.11
N GLN L 11 -51.27 77.64 13.23
CA GLN L 11 -52.60 78.23 13.30
C GLN L 11 -53.51 77.45 12.37
N ASN L 12 -52.91 76.77 11.38
CA ASN L 12 -53.63 76.12 10.29
C ASN L 12 -54.38 74.84 10.67
N ILE L 13 -54.83 74.70 11.91
CA ILE L 13 -55.46 73.46 12.35
C ILE L 13 -57.00 73.44 12.33
N GLY L 14 -57.58 72.74 11.35
CA GLY L 14 -59.01 72.52 11.20
C GLY L 14 -59.80 72.26 12.46
N ASP L 15 -61.11 72.57 12.38
CA ASP L 15 -62.02 72.52 13.52
C ASP L 15 -62.23 71.08 13.95
N ASN L 16 -62.01 70.80 15.23
CA ASN L 16 -62.26 69.51 15.86
C ASN L 16 -61.14 68.46 15.86
N THR L 17 -60.02 68.80 15.24
CA THR L 17 -58.80 68.02 15.33
C THR L 17 -58.35 68.04 16.79
N LYS L 18 -58.19 66.89 17.44
CA LYS L 18 -57.57 66.79 18.78
C LYS L 18 -56.05 66.63 18.69
N VAL L 19 -55.32 67.15 19.69
CA VAL L 19 -53.86 67.11 19.70
C VAL L 19 -53.44 66.93 21.13
N TRP L 20 -52.82 65.79 21.43
CA TRP L 20 -52.60 65.36 22.81
C TRP L 20 -51.21 65.62 23.38
N GLN L 21 -50.98 65.08 24.58
CA GLN L 21 -49.81 65.45 25.32
C GLN L 21 -48.48 65.01 24.73
N PHE L 22 -47.55 65.98 24.71
CA PHE L 22 -46.16 65.79 24.34
C PHE L 22 -45.93 65.76 22.83
N CYS L 23 -46.87 66.34 22.09
CA CYS L 23 -46.70 66.51 20.67
C CYS L 23 -45.99 67.83 20.37
N VAL L 24 -45.53 67.96 19.13
CA VAL L 24 -44.86 69.13 18.64
C VAL L 24 -45.40 69.26 17.24
N ILE L 25 -45.95 70.42 16.92
CA ILE L 25 -46.36 70.72 15.57
C ILE L 25 -45.77 72.10 15.31
N LEU L 26 -45.11 72.24 14.17
CA LEU L 26 -44.43 73.48 13.82
C LEU L 26 -45.27 74.37 12.91
N ALA L 27 -44.80 75.60 12.68
CA ALA L 27 -45.69 76.67 12.26
C ALA L 27 -46.29 76.49 10.87
N GLY L 28 -45.45 76.10 9.91
CA GLY L 28 -45.81 76.00 8.50
C GLY L 28 -46.64 74.77 8.15
N ALA L 29 -47.06 74.07 9.19
CA ALA L 29 -47.78 72.82 9.08
C ALA L 29 -49.22 73.17 8.72
N VAL L 30 -49.92 72.22 8.10
CA VAL L 30 -51.32 72.40 7.71
C VAL L 30 -52.15 71.13 7.95
N ILE L 31 -52.90 71.08 9.04
CA ILE L 31 -53.77 69.94 9.34
C ILE L 31 -55.28 70.23 9.12
N GLY L 32 -55.97 69.35 8.41
CA GLY L 32 -57.40 69.51 8.15
C GLY L 32 -58.33 69.27 9.33
N ARG L 33 -59.63 69.33 9.06
CA ARG L 33 -60.66 69.19 10.10
C ARG L 33 -60.70 67.75 10.57
N ASN L 34 -60.97 67.49 11.85
CA ASN L 34 -61.42 66.17 12.24
C ASN L 34 -60.36 65.10 12.58
N CYS L 35 -59.11 65.55 12.74
CA CYS L 35 -58.04 64.59 12.91
C CYS L 35 -57.85 64.15 14.36
N ASN L 36 -57.10 63.07 14.56
CA ASN L 36 -56.57 62.74 15.87
C ASN L 36 -55.05 62.62 15.90
N ILE L 37 -54.40 63.58 16.54
CA ILE L 37 -52.96 63.56 16.74
C ILE L 37 -52.65 63.10 18.16
N CYS L 38 -52.29 61.83 18.30
CA CYS L 38 -52.05 61.20 19.60
C CYS L 38 -50.73 61.52 20.30
N ALA L 39 -50.64 61.21 21.59
CA ALA L 39 -49.51 61.62 22.43
C ALA L 39 -48.12 61.34 21.86
N ASN L 40 -47.11 61.96 22.46
CA ASN L 40 -45.72 61.78 22.10
C ASN L 40 -45.47 61.77 20.58
N SER L 41 -46.18 62.56 19.76
CA SER L 41 -45.87 62.52 18.32
C SER L 41 -45.58 63.86 17.61
N LEU L 42 -44.91 63.79 16.47
CA LEU L 42 -44.24 64.98 15.94
C LEU L 42 -44.46 65.22 14.46
N ILE L 43 -44.62 66.50 14.12
CA ILE L 43 -45.01 66.97 12.81
C ILE L 43 -44.22 68.22 12.48
N GLU L 44 -43.59 68.25 11.31
CA GLU L 44 -42.78 69.36 10.84
C GLU L 44 -43.53 70.45 10.05
N ASN L 45 -42.79 71.30 9.35
CA ASN L 45 -43.36 72.47 8.67
C ASN L 45 -44.02 72.16 7.36
N ASP L 46 -43.25 71.70 6.37
CA ASP L 46 -43.79 71.52 5.03
C ASP L 46 -44.49 70.15 4.99
N VAL L 47 -45.74 70.16 5.46
CA VAL L 47 -46.50 68.97 5.81
C VAL L 47 -47.98 69.29 5.65
N VAL L 48 -48.69 68.59 4.78
CA VAL L 48 -50.14 68.77 4.74
C VAL L 48 -50.80 67.45 5.14
N ILE L 49 -51.73 67.52 6.09
CA ILE L 49 -52.55 66.40 6.48
C ILE L 49 -54.04 66.74 6.30
N GLY L 50 -54.76 65.85 5.61
CA GLY L 50 -56.17 66.07 5.29
C GLY L 50 -57.07 65.92 6.49
N ASP L 51 -58.28 65.43 6.22
CA ASP L 51 -59.39 65.42 7.15
C ASP L 51 -59.66 63.98 7.55
N ASN L 52 -60.01 63.78 8.82
CA ASN L 52 -60.28 62.46 9.37
C ASN L 52 -59.04 61.53 9.44
N VAL L 53 -57.85 62.11 9.40
CA VAL L 53 -56.58 61.39 9.45
C VAL L 53 -56.31 61.07 10.92
N THR L 54 -56.15 59.78 11.25
CA THR L 54 -55.66 59.36 12.57
C THR L 54 -54.14 59.12 12.57
N ILE L 55 -53.47 59.73 13.54
CA ILE L 55 -52.04 59.61 13.72
C ILE L 55 -51.73 59.12 15.12
N LYS L 56 -51.38 57.84 15.29
CA LYS L 56 -51.15 57.32 16.64
C LYS L 56 -49.80 57.77 17.20
N SER L 57 -49.49 57.51 18.47
CA SER L 57 -48.27 58.04 19.08
C SER L 57 -47.00 57.47 18.46
N GLY L 58 -45.89 58.11 18.78
CA GLY L 58 -44.57 57.64 18.31
C GLY L 58 -44.30 57.94 16.85
N VAL L 59 -45.11 58.78 16.26
CA VAL L 59 -44.96 58.97 14.82
C VAL L 59 -44.30 60.31 14.59
N GLN L 60 -43.53 60.41 13.51
CA GLN L 60 -42.91 61.65 13.11
C GLN L 60 -43.19 61.87 11.63
N ILE L 61 -43.98 62.89 11.32
CA ILE L 61 -44.22 63.27 9.94
C ILE L 61 -43.35 64.46 9.57
N TRP L 62 -42.24 64.23 8.85
CA TRP L 62 -41.25 65.25 8.48
C TRP L 62 -41.63 66.08 7.28
N ASP L 63 -40.88 67.17 7.07
CA ASP L 63 -40.94 67.98 5.86
C ASP L 63 -40.97 67.10 4.62
N GLY L 64 -41.86 67.46 3.68
CA GLY L 64 -42.00 66.74 2.44
C GLY L 64 -43.10 65.69 2.41
N ILE L 65 -43.81 65.48 3.52
CA ILE L 65 -44.79 64.39 3.59
C ILE L 65 -46.24 64.88 3.49
N HIS L 66 -46.96 64.45 2.46
CA HIS L 66 -48.38 64.75 2.29
C HIS L 66 -49.22 63.56 2.73
N ILE L 67 -50.22 63.79 3.54
CA ILE L 67 -51.16 62.75 3.92
C ILE L 67 -52.59 63.10 3.51
N GLN L 68 -53.22 62.26 2.70
CA GLN L 68 -54.61 62.46 2.23
C GLN L 68 -55.68 62.13 3.27
N ASP L 69 -56.96 62.30 2.94
CA ASP L 69 -58.00 62.28 3.98
C ASP L 69 -58.17 60.84 4.38
N ASP L 70 -58.72 60.62 5.57
CA ASP L 70 -59.16 59.30 6.04
C ASP L 70 -58.02 58.27 6.28
N VAL L 71 -56.77 58.74 6.34
CA VAL L 71 -55.61 57.85 6.47
C VAL L 71 -55.50 57.41 7.90
N PHE L 72 -55.20 56.13 8.12
CA PHE L 72 -54.84 55.69 9.47
C PHE L 72 -53.33 55.38 9.58
N ILE L 73 -52.67 56.04 10.52
CA ILE L 73 -51.26 55.85 10.69
C ILE L 73 -51.01 55.25 12.05
N GLY L 74 -50.65 53.96 12.04
CA GLY L 74 -50.57 53.16 13.25
C GLY L 74 -49.46 53.64 14.14
N PRO L 75 -49.40 53.10 15.36
CA PRO L 75 -48.41 53.55 16.30
C PRO L 75 -46.98 53.14 15.92
N ASN L 76 -46.07 54.10 16.12
CA ASN L 76 -44.63 53.96 15.95
C ASN L 76 -44.26 53.79 14.48
N VAL L 77 -45.15 54.26 13.61
CA VAL L 77 -44.82 54.42 12.21
C VAL L 77 -43.72 55.47 12.05
N THR L 78 -42.73 55.12 11.24
CA THR L 78 -41.60 55.97 10.93
C THR L 78 -41.57 56.40 9.48
N PHE L 79 -41.51 57.70 9.20
CA PHE L 79 -41.23 58.16 7.83
C PHE L 79 -39.79 58.66 7.73
N THR L 80 -39.32 58.87 6.51
CA THR L 80 -37.98 59.41 6.26
C THR L 80 -38.04 60.40 5.09
N ASN L 81 -37.00 61.23 4.87
CA ASN L 81 -36.93 62.04 3.65
C ASN L 81 -35.54 62.33 3.00
N LYS L 96 -40.10 63.68 -1.23
CA LYS L 96 -41.57 63.83 -1.08
C LYS L 96 -42.40 62.54 -0.94
N THR L 97 -42.98 62.29 0.23
CA THR L 97 -43.78 61.08 0.38
C THR L 97 -45.27 61.41 0.37
N ILE L 98 -46.06 60.60 -0.32
CA ILE L 98 -47.50 60.87 -0.32
C ILE L 98 -48.27 59.63 0.07
N VAL L 99 -49.02 59.76 1.16
CA VAL L 99 -49.93 58.73 1.60
C VAL L 99 -51.35 59.11 1.14
N LYS L 100 -51.90 58.28 0.25
CA LYS L 100 -53.20 58.51 -0.34
C LYS L 100 -54.43 58.03 0.42
N LYS L 101 -55.56 58.57 -0.02
CA LYS L 101 -56.76 58.58 0.79
C LYS L 101 -57.13 57.16 1.14
N GLY L 102 -57.58 56.90 2.36
CA GLY L 102 -58.04 55.55 2.69
C GLY L 102 -56.95 54.59 3.14
N ALA L 103 -55.69 54.87 2.80
CA ALA L 103 -54.58 54.02 3.23
C ALA L 103 -54.48 53.78 4.74
N SER L 104 -53.93 52.62 5.11
CA SER L 104 -53.57 52.34 6.49
C SER L 104 -52.14 51.87 6.58
N ILE L 105 -51.41 52.37 7.58
CA ILE L 105 -50.00 52.06 7.73
C ILE L 105 -49.89 51.40 9.08
N GLY L 106 -49.56 50.11 9.04
CA GLY L 106 -49.47 49.29 10.22
C GLY L 106 -48.36 49.79 11.10
N ALA L 107 -48.55 49.49 12.38
CA ALA L 107 -47.70 49.78 13.51
C ALA L 107 -46.23 49.40 13.32
N ASN L 108 -45.34 50.31 13.72
CA ASN L 108 -43.91 50.07 13.68
C ASN L 108 -43.36 49.77 12.26
N SER L 109 -44.11 50.20 11.23
CA SER L 109 -43.63 50.29 9.85
C SER L 109 -42.59 51.36 9.61
N THR L 110 -41.80 51.19 8.55
CA THR L 110 -40.76 52.14 8.24
C THR L 110 -40.98 52.44 6.78
N ILE L 111 -41.20 53.69 6.43
CA ILE L 111 -41.49 54.04 5.06
C ILE L 111 -40.31 54.80 4.52
N LEU L 112 -39.81 54.34 3.38
CA LEU L 112 -38.60 54.91 2.84
C LEU L 112 -38.92 56.25 2.20
N PRO L 113 -37.91 57.08 1.88
CA PRO L 113 -38.20 58.41 1.28
C PRO L 113 -38.71 58.38 -0.15
N GLY L 114 -39.66 59.23 -0.47
CA GLY L 114 -40.02 59.40 -1.89
C GLY L 114 -41.07 58.42 -2.38
N ILE L 115 -41.92 57.95 -1.49
CA ILE L 115 -42.75 56.78 -1.77
C ILE L 115 -44.20 57.27 -1.85
N LEU L 116 -44.96 56.64 -2.74
CA LEU L 116 -46.41 56.75 -2.81
C LEU L 116 -47.04 55.59 -2.09
N ILE L 117 -47.90 55.84 -1.13
CA ILE L 117 -48.73 54.78 -0.67
C ILE L 117 -50.17 54.88 -1.20
N GLY L 118 -50.50 53.97 -2.14
CA GLY L 118 -51.74 53.98 -2.88
C GLY L 118 -52.98 54.10 -2.03
N GLU L 119 -54.03 54.70 -2.60
CA GLU L 119 -55.26 54.86 -1.82
C GLU L 119 -55.83 53.51 -1.50
N ASN L 120 -56.36 53.37 -0.30
CA ASN L 120 -56.89 52.14 0.21
C ASN L 120 -55.88 51.02 0.51
N ALA L 121 -54.59 51.33 0.40
CA ALA L 121 -53.52 50.33 0.59
C ALA L 121 -53.41 49.94 2.06
N MET L 122 -52.92 48.72 2.27
CA MET L 122 -52.76 48.19 3.61
C MET L 122 -51.29 47.78 3.89
N VAL L 123 -50.57 48.66 4.56
CA VAL L 123 -49.20 48.36 4.98
C VAL L 123 -49.27 47.64 6.31
N GLY L 124 -48.75 46.41 6.29
CA GLY L 124 -48.72 45.53 7.46
C GLY L 124 -47.83 46.01 8.57
N ALA L 125 -48.14 45.69 9.81
CA ALA L 125 -47.26 46.06 10.93
C ALA L 125 -45.81 45.58 10.66
N GLY L 126 -44.85 46.43 10.98
CA GLY L 126 -43.45 46.04 10.90
C GLY L 126 -42.96 45.97 9.46
N ALA L 127 -43.73 46.38 8.47
CA ALA L 127 -43.21 46.39 7.11
C ALA L 127 -42.15 47.43 6.89
N VAL L 128 -41.26 47.15 5.94
CA VAL L 128 -40.27 48.10 5.51
C VAL L 128 -40.51 48.35 4.04
N ILE L 129 -41.04 49.53 3.74
CA ILE L 129 -41.61 49.89 2.44
C ILE L 129 -40.56 50.60 1.60
N THR L 130 -40.12 49.89 0.58
CA THR L 130 -38.92 50.32 -0.15
C THR L 130 -39.30 50.82 -1.54
N LYS L 131 -40.53 50.56 -1.97
CA LYS L 131 -40.93 50.93 -3.31
C LYS L 131 -42.44 51.25 -3.29
N ASN L 132 -42.97 51.79 -4.38
CA ASN L 132 -44.33 52.31 -4.33
C ASN L 132 -45.33 51.23 -4.06
N VAL L 133 -46.29 51.54 -3.20
CA VAL L 133 -47.37 50.64 -2.95
C VAL L 133 -48.59 50.95 -3.82
N PRO L 134 -49.04 50.02 -4.68
CA PRO L 134 -50.19 50.27 -5.59
C PRO L 134 -51.48 50.43 -4.83
N ASP L 135 -52.50 51.08 -5.42
CA ASP L 135 -53.82 51.27 -4.80
C ASP L 135 -54.31 49.88 -4.43
N ASN L 136 -54.91 49.72 -3.25
CA ASN L 136 -55.49 48.45 -2.80
C ASN L 136 -54.54 47.33 -2.29
N ALA L 137 -53.24 47.47 -2.52
CA ALA L 137 -52.24 46.47 -2.16
C ALA L 137 -52.14 46.21 -0.65
N ILE L 138 -51.97 44.95 -0.25
CA ILE L 138 -51.51 44.52 1.09
C ILE L 138 -50.01 44.19 0.96
N VAL L 139 -49.18 44.93 1.70
CA VAL L 139 -47.73 44.82 1.69
C VAL L 139 -47.17 44.58 3.11
N ILE L 140 -46.23 43.66 3.18
CA ILE L 140 -45.84 43.01 4.43
C ILE L 140 -44.38 42.59 4.31
N GLY L 141 -43.65 42.49 5.42
CA GLY L 141 -42.29 41.93 5.41
C GLY L 141 -41.17 42.96 5.42
N ASN L 142 -39.92 42.51 5.51
CA ASN L 142 -38.72 43.35 5.33
C ASN L 142 -37.87 42.62 4.30
N PRO L 143 -37.86 43.09 3.04
CA PRO L 143 -38.50 44.29 2.50
C PRO L 143 -39.99 44.05 2.18
N GLY L 144 -40.81 45.09 2.28
CA GLY L 144 -42.24 44.93 2.01
C GLY L 144 -42.45 44.33 0.63
N ARG L 145 -43.34 43.36 0.53
CA ARG L 145 -43.70 42.67 -0.71
C ARG L 145 -45.24 42.66 -0.80
N ILE L 146 -45.79 42.73 -2.01
CA ILE L 146 -47.24 42.67 -2.12
C ILE L 146 -47.61 41.21 -1.90
N THR L 147 -48.50 40.94 -0.96
CA THR L 147 -48.92 39.57 -0.65
C THR L 147 -50.40 39.32 -0.92
N GLY L 148 -51.13 40.34 -1.36
CA GLY L 148 -52.56 40.21 -1.61
C GLY L 148 -53.17 41.59 -1.84
N TYR L 149 -54.45 41.58 -2.20
CA TYR L 149 -55.11 42.84 -2.45
C TYR L 149 -56.35 42.88 -1.58
N VAL L 150 -56.59 44.08 -1.04
CA VAL L 150 -57.72 44.33 -0.14
C VAL L 150 -59.03 43.88 -0.83
N GLU L 151 -59.79 43.08 -0.12
CA GLU L 151 -61.04 42.46 -0.59
C GLU L 151 -60.99 41.42 -1.72
N ALA L 152 -59.81 40.97 -2.17
CA ALA L 152 -59.78 39.91 -3.18
C ALA L 152 -60.57 38.65 -2.80
N ASN L 161 -63.85 26.10 -5.40
CA ASN L 161 -63.83 25.15 -6.53
C ASN L 161 -63.32 25.69 -7.87
N ASN L 162 -62.24 26.49 -7.86
CA ASN L 162 -61.79 27.20 -9.06
C ASN L 162 -61.26 26.26 -10.14
N PHE L 163 -61.68 26.46 -11.37
CA PHE L 163 -61.19 25.67 -12.51
C PHE L 163 -61.58 24.18 -12.51
N GLU L 164 -62.70 23.83 -11.87
CA GLU L 164 -63.20 22.46 -11.94
C GLU L 164 -64.05 22.20 -13.18
N LEU L 165 -64.94 23.13 -13.51
CA LEU L 165 -65.85 22.94 -14.64
C LEU L 165 -65.10 23.38 -15.87
N LYS L 166 -65.63 23.07 -17.05
CA LYS L 166 -65.09 23.57 -18.30
C LYS L 166 -65.05 25.09 -18.28
N LEU L 167 -66.01 25.73 -17.61
CA LEU L 167 -66.09 27.17 -17.59
C LEU L 167 -66.85 27.69 -16.38
N GLN L 168 -66.29 28.70 -15.73
CA GLN L 168 -67.03 29.34 -14.66
C GLN L 168 -66.80 30.82 -14.76
N MET L 169 -67.79 31.59 -14.32
CA MET L 169 -67.68 33.03 -14.45
C MET L 169 -67.20 33.58 -13.14
N SER L 170 -66.46 34.66 -13.20
CA SER L 170 -65.91 35.24 -11.99
C SER L 170 -66.90 36.30 -11.53
N LYS L 171 -66.81 36.72 -10.27
CA LYS L 171 -67.50 37.93 -9.82
C LYS L 171 -66.96 39.17 -10.53
N VAL L 172 -65.72 39.09 -11.00
CA VAL L 172 -65.11 40.16 -11.80
C VAL L 172 -65.70 40.12 -13.23
N LYS L 173 -66.20 41.29 -13.67
CA LYS L 173 -67.07 41.43 -14.84
C LYS L 173 -66.47 40.85 -16.10
N GLY L 174 -67.19 39.91 -16.70
CA GLY L 174 -66.74 39.27 -17.92
C GLY L 174 -65.51 38.37 -17.77
N VAL L 175 -64.91 38.26 -16.58
CA VAL L 175 -63.79 37.33 -16.39
C VAL L 175 -64.28 35.88 -16.37
N SER L 176 -63.64 35.03 -17.18
CA SER L 176 -63.94 33.60 -17.08
C SER L 176 -62.69 32.73 -16.89
N LEU L 177 -62.87 31.62 -16.19
CA LEU L 177 -61.88 30.60 -15.83
C LEU L 177 -62.25 29.32 -16.56
N HIS L 178 -61.27 28.69 -17.19
CA HIS L 178 -61.48 27.58 -18.12
C HIS L 178 -60.60 26.40 -17.72
N LYS L 179 -61.14 25.19 -17.84
CA LYS L 179 -60.41 23.94 -17.85
C LYS L 179 -60.36 23.35 -19.25
N PHE L 180 -59.15 23.02 -19.70
CA PHE L 180 -58.94 22.47 -21.04
C PHE L 180 -58.83 20.95 -21.06
N HIS L 181 -59.20 20.35 -22.17
CA HIS L 181 -59.08 18.91 -22.37
C HIS L 181 -57.61 18.49 -22.19
N LEU L 182 -57.40 17.43 -21.42
CA LEU L 182 -56.06 16.97 -21.08
C LEU L 182 -56.03 15.45 -21.23
N VAL L 183 -54.95 14.94 -21.82
CA VAL L 183 -54.78 13.51 -22.08
C VAL L 183 -53.43 13.11 -21.48
N ASN L 184 -53.48 12.12 -20.59
CA ASN L 184 -52.30 11.45 -20.06
C ASN L 184 -52.37 10.03 -20.58
N ASP L 185 -51.29 9.60 -21.24
CA ASP L 185 -51.07 8.19 -21.51
C ASP L 185 -49.59 7.90 -21.28
N LEU L 186 -49.18 6.69 -21.63
CA LEU L 186 -47.81 6.23 -21.49
C LEU L 186 -46.89 7.00 -22.42
N ARG L 187 -47.46 7.64 -23.44
CA ARG L 187 -46.71 8.35 -24.46
C ARG L 187 -46.49 9.86 -24.18
N GLY L 188 -47.09 10.40 -23.13
CA GLY L 188 -46.81 11.75 -22.66
C GLY L 188 -48.17 12.34 -22.35
N ASN L 189 -48.27 13.66 -22.45
CA ASN L 189 -49.45 14.41 -22.06
C ASN L 189 -49.73 15.43 -23.15
N LEU L 190 -50.96 15.88 -23.26
CA LEU L 190 -51.39 16.80 -24.31
C LEU L 190 -52.60 17.58 -23.79
N SER L 191 -52.59 18.90 -23.91
CA SER L 191 -53.80 19.66 -23.71
C SER L 191 -53.97 20.65 -24.87
N VAL L 192 -55.22 21.02 -25.12
CA VAL L 192 -55.58 21.65 -26.39
C VAL L 192 -56.70 22.61 -26.04
N GLY L 193 -56.62 23.77 -26.64
CA GLY L 193 -57.71 24.73 -26.44
C GLY L 193 -58.04 25.23 -27.82
N GLU L 194 -59.28 25.67 -28.03
CA GLU L 194 -59.66 26.14 -29.37
C GLU L 194 -60.19 27.57 -29.42
N PHE L 195 -59.63 28.36 -30.33
CA PHE L 195 -60.01 29.76 -30.44
C PHE L 195 -61.46 29.92 -30.92
N GLU L 196 -62.18 30.82 -30.26
CA GLU L 196 -63.62 31.00 -30.46
C GLU L 196 -64.52 29.83 -29.99
N LYS L 197 -63.95 28.74 -29.48
CA LYS L 197 -64.78 27.80 -28.77
C LYS L 197 -64.42 28.01 -27.30
N ASP L 198 -63.32 27.42 -26.84
CA ASP L 198 -62.93 27.50 -25.43
C ASP L 198 -62.54 28.95 -25.13
N ILE L 199 -61.70 29.54 -25.96
CA ILE L 199 -61.20 30.88 -25.73
C ILE L 199 -62.01 31.85 -26.59
N PRO L 200 -62.55 32.91 -25.99
CA PRO L 200 -63.63 33.62 -26.70
C PRO L 200 -63.21 34.62 -27.77
N PHE L 201 -61.99 34.54 -28.31
CA PHE L 201 -61.52 35.40 -29.41
C PHE L 201 -60.44 34.72 -30.27
N THR L 202 -59.98 35.33 -31.35
CA THR L 202 -58.86 34.81 -32.12
C THR L 202 -57.68 35.75 -32.01
N PRO L 203 -56.50 35.25 -31.60
CA PRO L 203 -55.42 36.18 -31.36
C PRO L 203 -54.73 36.69 -32.62
N LYS L 204 -54.05 37.82 -32.49
CA LYS L 204 -53.20 38.40 -33.50
C LYS L 204 -51.76 38.33 -32.97
N ARG L 205 -51.65 37.91 -31.71
CA ARG L 205 -50.41 38.03 -30.97
C ARG L 205 -50.36 37.02 -29.83
N TYR L 206 -49.17 36.46 -29.60
CA TYR L 206 -48.91 35.64 -28.43
C TYR L 206 -47.62 36.21 -27.80
N PHE L 207 -47.57 36.28 -26.49
CA PHE L 207 -46.27 36.44 -25.83
C PHE L 207 -46.09 35.46 -24.66
N THR L 208 -44.85 35.37 -24.18
CA THR L 208 -44.48 34.50 -23.08
C THR L 208 -43.68 35.28 -22.05
N VAL L 209 -44.04 35.13 -20.79
CA VAL L 209 -43.23 35.70 -19.74
C VAL L 209 -42.61 34.58 -18.90
N PHE L 210 -41.30 34.63 -18.64
CA PHE L 210 -40.57 33.58 -17.90
C PHE L 210 -39.35 34.19 -17.18
N GLY L 211 -38.77 33.39 -16.29
CA GLY L 211 -37.59 33.80 -15.49
C GLY L 211 -37.90 35.07 -14.72
N VAL L 212 -38.99 35.04 -13.96
CA VAL L 212 -39.43 36.24 -13.26
C VAL L 212 -39.09 36.08 -11.78
N PRO L 213 -38.35 37.04 -11.22
CA PRO L 213 -38.03 36.84 -9.80
C PRO L 213 -39.31 36.77 -8.98
N ASN L 214 -39.28 36.04 -7.87
CA ASN L 214 -40.52 35.76 -7.12
C ASN L 214 -41.09 36.94 -6.36
N LYS L 215 -40.32 38.03 -6.32
CA LYS L 215 -40.78 39.28 -5.73
CA LYS L 215 -40.73 39.30 -5.73
C LYS L 215 -41.35 40.29 -6.73
N GLU L 216 -41.17 40.06 -8.03
CA GLU L 216 -41.65 40.95 -9.09
C GLU L 216 -43.16 40.92 -9.20
N VAL L 217 -43.71 42.09 -9.53
CA VAL L 217 -45.15 42.27 -9.76
C VAL L 217 -45.29 42.71 -11.20
N ARG L 218 -45.97 41.94 -12.05
CA ARG L 218 -46.02 42.32 -13.47
C ARG L 218 -47.42 42.85 -13.83
N GLY L 219 -47.54 43.44 -15.02
CA GLY L 219 -48.83 43.97 -15.48
C GLY L 219 -49.16 45.29 -14.80
N GLU L 220 -50.19 45.27 -13.98
CA GLU L 220 -50.64 46.46 -13.25
C GLU L 220 -51.13 47.44 -14.31
N HIS L 221 -52.10 46.97 -15.11
CA HIS L 221 -52.73 47.87 -16.05
C HIS L 221 -54.06 47.33 -16.51
N ALA L 222 -54.80 48.19 -17.20
CA ALA L 222 -55.96 47.75 -17.95
C ALA L 222 -55.73 47.99 -19.44
N HIS L 223 -56.39 47.21 -20.28
CA HIS L 223 -56.35 47.50 -21.71
C HIS L 223 -57.68 48.13 -22.14
N LYS L 224 -57.60 49.17 -22.96
CA LYS L 224 -58.80 49.76 -23.59
C LYS L 224 -59.50 48.85 -24.59
N GLU L 225 -58.76 48.25 -25.52
CA GLU L 225 -59.44 47.34 -26.44
C GLU L 225 -58.87 45.92 -26.43
N CYS L 226 -57.57 45.75 -26.28
CA CYS L 226 -56.95 44.42 -26.19
C CYS L 226 -57.64 43.48 -25.22
N LYS L 227 -58.08 42.35 -25.73
CA LYS L 227 -58.50 41.19 -24.94
C LYS L 227 -57.26 40.33 -24.63
N GLN L 228 -57.26 39.61 -23.51
CA GLN L 228 -56.15 38.65 -23.19
C GLN L 228 -56.62 37.30 -22.66
N PHE L 229 -55.86 36.27 -23.02
CA PHE L 229 -56.07 34.95 -22.44
C PHE L 229 -54.75 34.49 -21.80
N LEU L 230 -54.76 34.18 -20.52
CA LEU L 230 -53.60 33.73 -19.75
C LEU L 230 -53.64 32.24 -19.41
N ILE L 231 -52.54 31.54 -19.75
CA ILE L 231 -52.32 30.17 -19.33
C ILE L 231 -50.89 30.01 -18.80
N CYS L 232 -50.75 29.61 -17.53
CA CYS L 232 -49.45 29.28 -16.98
C CYS L 232 -49.01 27.87 -17.36
N VAL L 233 -48.08 27.85 -18.29
CA VAL L 233 -47.74 26.66 -19.06
C VAL L 233 -46.70 25.76 -18.34
N SER L 234 -45.87 26.33 -17.48
CA SER L 234 -45.31 25.51 -16.42
C SER L 234 -45.04 26.32 -15.18
N GLY L 235 -44.82 25.63 -14.06
CA GLY L 235 -44.77 26.32 -12.79
C GLY L 235 -46.12 26.91 -12.45
N ASN L 236 -46.10 28.09 -11.81
CA ASN L 236 -47.29 28.73 -11.28
C ASN L 236 -47.14 30.24 -11.10
N CYS L 237 -48.27 30.95 -11.18
CA CYS L 237 -48.26 32.37 -10.85
C CYS L 237 -49.63 32.73 -10.32
N SER L 238 -49.71 33.92 -9.76
CA SER L 238 -51.02 34.37 -9.36
C SER L 238 -51.44 35.54 -10.26
N VAL L 239 -52.75 35.59 -10.51
CA VAL L 239 -53.35 36.62 -11.36
C VAL L 239 -54.45 37.25 -10.55
N LEU L 240 -54.31 38.53 -10.27
CA LEU L 240 -55.39 39.39 -9.82
C LEU L 240 -56.16 39.96 -11.04
N VAL L 241 -57.48 39.85 -11.06
CA VAL L 241 -58.32 40.59 -12.04
C VAL L 241 -59.25 41.53 -11.27
N ASP L 242 -59.55 42.70 -11.85
CA ASP L 242 -60.19 43.75 -11.02
C ASP L 242 -60.96 44.65 -12.00
N ASP L 243 -62.27 44.79 -11.79
CA ASP L 243 -63.10 45.51 -12.75
C ASP L 243 -63.46 46.94 -12.32
N GLY L 244 -62.71 47.49 -11.36
CA GLY L 244 -63.01 48.78 -10.76
C GLY L 244 -63.80 48.77 -9.46
N GLU L 245 -64.61 47.74 -9.23
CA GLU L 245 -65.35 47.57 -7.96
C GLU L 245 -64.89 46.26 -7.35
N ASN L 246 -65.09 45.15 -8.07
CA ASN L 246 -64.73 43.84 -7.58
C ASN L 246 -63.32 43.46 -8.03
N ARG L 247 -62.74 42.51 -7.35
CA ARG L 247 -61.33 42.16 -7.44
C ARG L 247 -61.25 40.69 -7.05
N GLU L 248 -60.46 39.89 -7.75
CA GLU L 248 -60.21 38.52 -7.28
C GLU L 248 -58.86 37.97 -7.75
N GLU L 249 -58.26 37.06 -6.98
CA GLU L 249 -56.91 36.52 -7.25
C GLU L 249 -57.01 35.02 -7.51
N TYR L 250 -56.39 34.57 -8.59
CA TYR L 250 -56.42 33.15 -8.89
C TYR L 250 -55.01 32.63 -9.15
N VAL L 251 -54.85 31.33 -8.94
CA VAL L 251 -53.55 30.70 -9.06
C VAL L 251 -53.63 29.91 -10.35
N LEU L 252 -52.74 30.21 -11.27
CA LEU L 252 -52.60 29.40 -12.45
C LEU L 252 -51.41 28.49 -12.17
N ASP L 253 -51.68 27.20 -12.02
CA ASP L 253 -50.66 26.22 -11.67
C ASP L 253 -50.83 24.91 -12.43
N SER L 254 -51.65 24.87 -13.47
CA SER L 254 -51.52 23.84 -14.52
C SER L 254 -51.82 24.26 -15.94
N ILE L 255 -51.25 23.47 -16.84
CA ILE L 255 -51.24 23.71 -18.27
C ILE L 255 -52.66 23.73 -18.84
N ASP L 256 -53.58 23.15 -18.07
CA ASP L 256 -54.94 23.05 -18.50
C ASP L 256 -55.85 24.06 -17.82
N LYS L 257 -55.32 25.07 -17.14
CA LYS L 257 -56.15 26.10 -16.55
C LYS L 257 -55.93 27.37 -17.35
N GLY L 258 -57.00 28.12 -17.59
CA GLY L 258 -56.91 29.37 -18.33
C GLY L 258 -57.85 30.42 -17.77
N ILE L 259 -57.52 31.68 -18.01
CA ILE L 259 -58.37 32.79 -17.56
C ILE L 259 -58.43 33.90 -18.62
N TYR L 260 -59.65 34.36 -18.90
CA TYR L 260 -59.94 35.37 -19.92
C TYR L 260 -60.08 36.75 -19.28
N LEU L 261 -59.39 37.76 -19.79
CA LEU L 261 -59.49 39.14 -19.28
C LEU L 261 -59.99 39.98 -20.46
N PRO L 262 -61.27 40.39 -20.42
CA PRO L 262 -61.77 41.27 -21.47
C PRO L 262 -61.14 42.66 -21.34
N PRO L 263 -61.41 43.57 -22.32
CA PRO L 263 -60.90 44.93 -22.21
C PRO L 263 -61.41 45.55 -20.92
N MET L 264 -60.72 46.58 -20.45
CA MET L 264 -61.13 47.28 -19.23
C MET L 264 -61.17 46.38 -18.00
N THR L 265 -60.32 45.33 -18.01
CA THR L 265 -60.02 44.56 -16.79
C THR L 265 -58.58 44.85 -16.32
N TRP L 266 -58.45 45.36 -15.11
CA TRP L 266 -57.16 45.60 -14.52
C TRP L 266 -56.50 44.26 -14.09
N GLY L 267 -55.27 44.05 -14.54
CA GLY L 267 -54.65 42.72 -14.40
C GLY L 267 -53.31 42.89 -13.70
N VAL L 268 -53.02 41.99 -12.78
CA VAL L 268 -51.69 41.89 -12.15
C VAL L 268 -51.23 40.45 -12.27
N GLN L 269 -49.98 40.28 -12.67
CA GLN L 269 -49.43 38.96 -12.44
C GLN L 269 -48.18 38.94 -11.53
N TYR L 270 -48.24 38.07 -10.53
CA TYR L 270 -47.20 38.06 -9.49
C TYR L 270 -47.08 36.69 -8.81
N LYS L 271 -46.24 36.60 -7.77
CA LYS L 271 -45.94 35.34 -7.10
C LYS L 271 -45.58 34.26 -8.12
N TYR L 272 -44.85 34.62 -9.17
CA TYR L 272 -44.27 33.64 -10.09
C TYR L 272 -43.28 32.64 -9.40
N SER L 273 -43.46 31.34 -9.59
CA SER L 273 -42.48 30.32 -9.26
C SER L 273 -41.30 30.45 -10.21
N LYS L 274 -40.22 29.74 -9.87
CA LYS L 274 -38.95 29.92 -10.52
C LYS L 274 -39.04 29.34 -11.94
N ASP L 275 -39.74 28.21 -12.06
CA ASP L 275 -39.94 27.55 -13.36
C ASP L 275 -41.13 28.12 -14.20
N ALA L 276 -41.80 29.18 -13.75
CA ALA L 276 -43.06 29.63 -14.38
C ALA L 276 -42.80 30.20 -15.78
N VAL L 277 -43.64 29.78 -16.74
CA VAL L 277 -43.75 30.42 -18.06
C VAL L 277 -45.23 30.77 -18.25
N LEU L 278 -45.56 32.06 -18.31
CA LEU L 278 -46.94 32.45 -18.55
C LEU L 278 -47.05 32.68 -20.07
N LEU L 279 -47.96 31.92 -20.68
CA LEU L 279 -48.38 32.18 -22.06
C LEU L 279 -49.59 33.13 -22.13
N VAL L 280 -49.52 34.14 -22.98
CA VAL L 280 -50.62 35.09 -23.12
C VAL L 280 -51.05 35.24 -24.60
N PHE L 281 -52.33 35.04 -24.93
CA PHE L 281 -52.89 35.36 -26.28
C PHE L 281 -53.66 36.67 -26.17
N ALA L 282 -53.56 37.49 -27.20
CA ALA L 282 -54.10 38.84 -27.16
C ALA L 282 -54.68 39.09 -28.54
N SER L 283 -55.76 39.86 -28.56
CA SER L 283 -56.59 39.99 -29.75
C SER L 283 -56.02 41.07 -30.69
N HIS L 284 -55.15 41.95 -30.20
CA HIS L 284 -54.57 43.02 -31.01
C HIS L 284 -53.07 42.96 -31.02
N TYR L 285 -52.48 43.45 -32.10
CA TYR L 285 -51.06 43.75 -32.17
C TYR L 285 -50.67 44.68 -31.02
N TYR L 286 -49.41 44.59 -30.58
CA TYR L 286 -48.88 45.39 -29.50
C TYR L 286 -49.10 46.86 -29.86
N ASP L 287 -49.64 47.63 -28.92
CA ASP L 287 -49.98 49.05 -29.07
C ASP L 287 -49.81 49.71 -27.70
N SER L 288 -48.83 50.61 -27.59
CA SER L 288 -48.54 51.31 -26.34
C SER L 288 -49.63 52.24 -25.84
N ASP L 289 -50.45 52.80 -26.73
CA ASP L 289 -51.53 53.68 -26.27
C ASP L 289 -52.79 52.92 -25.83
N ASP L 290 -52.78 51.59 -25.99
CA ASP L 290 -53.86 50.79 -25.42
C ASP L 290 -53.79 50.53 -23.91
N TYR L 291 -52.72 50.96 -23.25
CA TYR L 291 -52.54 50.78 -21.79
C TYR L 291 -53.12 51.92 -20.95
N ILE L 292 -53.87 51.57 -19.91
CA ILE L 292 -54.19 52.49 -18.83
C ILE L 292 -53.40 52.01 -17.60
N ARG L 293 -52.54 52.88 -17.08
CA ARG L 293 -51.58 52.42 -16.08
C ARG L 293 -51.81 53.14 -14.75
N ASP L 294 -52.94 53.82 -14.67
CA ASP L 294 -53.32 54.53 -13.47
C ASP L 294 -54.59 53.94 -12.86
N TYR L 295 -54.61 53.43 -11.63
CA TYR L 295 -55.82 52.76 -11.20
C TYR L 295 -57.04 53.71 -11.02
N SER L 296 -56.75 54.92 -10.54
CA SER L 296 -57.69 56.01 -10.40
C SER L 296 -58.48 56.30 -11.67
N THR L 297 -57.73 56.68 -12.71
CA THR L 297 -58.21 56.85 -14.08
C THR L 297 -59.06 55.67 -14.54
N PHE L 298 -58.52 54.45 -14.43
CA PHE L 298 -59.20 53.20 -14.78
C PHE L 298 -60.58 53.10 -14.13
N LYS L 299 -60.62 53.48 -12.86
CA LYS L 299 -61.82 53.33 -12.03
C LYS L 299 -62.89 54.31 -12.52
N GLN L 300 -62.53 55.57 -12.65
CA GLN L 300 -63.46 56.55 -13.20
C GLN L 300 -63.98 56.19 -14.60
N MET L 301 -63.10 55.75 -15.50
CA MET L 301 -63.54 55.34 -16.84
C MET L 301 -64.54 54.21 -16.78
N ARG L 302 -64.24 53.25 -15.92
CA ARG L 302 -65.10 52.12 -15.70
C ARG L 302 -66.46 52.55 -15.11
N GLN L 303 -66.45 53.44 -14.12
CA GLN L 303 -67.69 54.04 -13.60
C GLN L 303 -68.51 54.73 -14.70
N ASN L 304 -67.90 55.54 -15.56
CA ASN L 304 -68.56 56.13 -16.74
C ASN L 304 -69.19 55.15 -17.69
N LEU L 305 -68.46 54.09 -18.01
CA LEU L 305 -68.98 53.05 -18.89
C LEU L 305 -70.15 52.28 -18.29
N GLU L 306 -70.40 52.46 -17.00
CA GLU L 306 -71.55 51.82 -16.36
C GLU L 306 -72.74 52.78 -16.23
N HIS L 307 -72.47 54.05 -15.92
CA HIS L 307 -73.44 55.14 -16.04
C HIS L 307 -74.13 55.06 -17.41
N HIS L 308 -73.35 55.21 -18.48
CA HIS L 308 -73.78 55.04 -19.87
C HIS L 308 -74.03 53.58 -20.31
N1A COA M . 15.70 -13.83 34.28
C2A COA M . 16.32 -13.64 33.10
N3A COA M . 17.32 -12.71 32.94
C4A COA M . 17.70 -11.96 33.99
C5A COA M . 17.06 -12.10 35.22
C6A COA M . 16.02 -13.03 35.34
N6A COA M . 15.43 -13.20 36.55
N7A COA M . 17.64 -11.20 36.06
C8A COA M . 18.58 -10.51 35.36
N9A COA M . 18.63 -10.98 34.12
C1B COA M . 19.51 -10.59 32.98
C2B COA M . 19.43 -9.15 32.53
O2B COA M . 18.28 -8.97 31.68
C3B COA M . 20.80 -8.94 31.88
O3B COA M . 21.08 -9.70 30.69
P3B COA M . 21.05 -8.92 29.27
O7A COA M . 22.17 -7.90 29.52
O8A COA M . 21.20 -10.00 28.23
O9A COA M . 19.61 -8.44 29.32
C4B COA M . 21.69 -9.65 32.87
O4B COA M . 20.89 -10.76 33.33
C5B COA M . 22.20 -8.67 33.92
O5B COA M . 21.17 -8.08 34.69
P1A COA M . 21.50 -7.45 36.16
O1A COA M . 20.31 -6.75 36.74
O2A COA M . 22.85 -6.77 36.19
O3A COA M . 21.63 -8.79 37.05
P2A COA M . 21.82 -8.91 38.67
O4A COA M . 23.11 -9.67 38.85
O5A COA M . 21.57 -7.56 39.32
O6A COA M . 20.57 -9.86 39.08
CBP COA M . 19.43 -11.87 39.76
CCP COA M . 20.47 -11.27 38.82
CDP COA M . 20.07 -11.94 41.15
CEP COA M . 19.08 -13.31 39.37
CAP COA M . 18.18 -10.94 39.82
OAP COA M . 18.07 -10.24 38.58
C9P COA M . 16.85 -11.57 40.19
O9P COA M . 16.24 -12.32 39.41
N8P COA M . 16.44 -11.33 41.43
C7P COA M . 15.25 -11.85 42.11
C6P COA M . 14.24 -10.78 42.55
C5P COA M . 13.10 -11.44 43.34
O5P COA M . 12.50 -12.42 42.92
N4P COA M . 12.70 -10.93 44.51
C3P COA M . 11.60 -11.35 45.39
C2P COA M . 11.45 -10.17 46.38
S1P COA M . 9.83 -9.37 46.56
PA TYD N . 23.70 8.16 23.25
O1A TYD N . 23.54 8.16 24.75
O2A TYD N . 23.08 9.30 22.47
O3A TYD N . 23.21 6.70 22.71
PB TYD N . 21.85 6.33 21.92
O1B TYD N . 22.10 5.05 21.15
O2B TYD N . 21.62 7.51 21.01
O3B TYD N . 20.75 6.26 22.97
O5' TYD N . 25.29 8.20 23.00
C5' TYD N . 25.95 8.75 21.86
C4' TYD N . 27.21 9.36 22.45
O4' TYD N . 28.32 9.44 21.54
C3' TYD N . 26.89 10.79 22.81
O3' TYD N . 26.37 10.81 24.14
C2' TYD N . 28.21 11.51 22.64
C1' TYD N . 28.87 10.77 21.47
N1 TYD N . 28.61 11.43 20.17
C2 TYD N . 29.43 12.35 19.64
O2 TYD N . 30.49 12.68 20.21
N3 TYD N . 29.18 12.95 18.45
C4 TYD N . 28.07 12.65 17.72
O4 TYD N . 27.87 13.20 16.62
C5 TYD N . 27.18 11.72 18.26
C5M TYD N . 25.92 11.31 17.57
C6 TYD N . 27.50 11.12 19.48
N1 TDR O . -16.74 -10.93 39.32
C2 TDR O . -17.57 -11.64 40.12
O2 TDR O . -18.82 -11.66 39.89
N3 TDR O . -17.04 -12.29 41.17
C4 TDR O . -15.70 -12.26 41.35
O4 TDR O . -15.24 -12.89 42.31
C5 TDR O . -14.74 -11.49 40.49
CM5 TDR O . -13.22 -11.43 40.69
C6 TDR O . -15.39 -10.81 39.44
N1A COA P . 5.92 -14.65 24.73
C2A COA P . 6.80 -15.18 23.87
N3A COA P . 6.64 -15.16 22.54
C4A COA P . 5.49 -14.63 22.04
C5A COA P . 4.53 -14.13 22.92
C6A COA P . 4.73 -14.15 24.30
N6A COA P . 3.85 -13.60 25.17
N7A COA P . 3.52 -13.66 22.14
C8A COA P . 3.81 -13.92 20.85
N9A COA P . 5.00 -14.55 20.80
C1B COA P . 5.69 -14.91 19.56
C2B COA P . 4.98 -15.95 18.71
O2B COA P . 5.31 -17.22 19.27
C3B COA P . 5.57 -15.68 17.32
O3B COA P . 6.94 -16.09 17.34
P3B COA P . 7.51 -17.40 16.55
O7A COA P . 7.02 -17.16 15.15
O8A COA P . 8.98 -17.43 16.77
O9A COA P . 6.77 -18.43 17.45
C4B COA P . 5.69 -14.14 17.33
O4B COA P . 5.89 -13.76 18.73
C5B COA P . 4.46 -13.40 16.77
O5B COA P . 3.21 -13.88 17.33
P1A COA P . 1.75 -13.18 17.34
O1A COA P . 0.86 -14.19 18.00
O2A COA P . 1.34 -12.69 15.99
O3A COA P . 1.94 -11.86 18.24
P2A COA P . 0.91 -10.64 18.38
O4A COA P . 1.83 -9.57 17.87
O5A COA P . -0.44 -10.99 17.77
O6A COA P . 0.72 -10.48 20.00
CBP COA P . 1.40 -9.98 22.33
CCP COA P . 1.82 -10.26 20.89
CDP COA P . 0.57 -8.72 22.49
CEP COA P . 2.64 -9.84 23.19
CAP COA P . 0.48 -11.10 22.83
OAP COA P . 0.98 -12.31 22.23
C9P COA P . 0.42 -11.21 24.34
O9P COA P . 1.29 -11.79 24.99
N8P COA P . -0.69 -10.72 24.91
C7P COA P . -1.00 -10.65 26.33
C6P COA P . -2.23 -11.51 26.55
C5P COA P . -2.59 -11.42 28.01
O5P COA P . -1.78 -11.71 28.87
N4P COA P . -3.80 -10.99 28.36
C3P COA P . -4.32 -10.81 29.71
C2P COA P . -5.80 -10.47 29.47
S1P COA P . -6.88 -11.93 29.35
PA TYD Q . 1.53 -28.14 3.11
O1A TYD Q . 0.32 -27.25 2.96
O2A TYD Q . 1.47 -29.60 2.72
O3A TYD Q . 2.21 -27.95 4.57
PB TYD Q . 3.09 -28.95 5.52
O1B TYD Q . 4.22 -28.06 5.94
O2B TYD Q . 3.54 -30.09 4.65
O3B TYD Q . 2.11 -29.34 6.63
O5' TYD Q . 2.59 -27.36 2.19
C5' TYD Q . 2.92 -27.80 0.88
C4' TYD Q . 2.14 -26.92 -0.09
O4' TYD Q . 2.79 -26.89 -1.37
C3' TYD Q . 0.80 -27.60 -0.25
O3' TYD Q . -0.18 -26.77 0.40
C2' TYD Q . 0.65 -27.75 -1.76
C1' TYD Q . 2.02 -27.52 -2.40
N1 TYD Q . 2.56 -28.78 -2.97
C2 TYD Q . 2.72 -28.92 -4.29
O2 TYD Q . 2.44 -27.97 -5.06
N3 TYD Q . 3.18 -30.06 -4.86
C4 TYD Q . 3.53 -31.10 -4.08
O4 TYD Q . 3.99 -32.13 -4.59
C5 TYD Q . 3.42 -31.00 -2.70
C5M TYD Q . 3.82 -32.18 -1.85
C6 TYD Q . 2.92 -29.82 -2.17
N1 TDR R . -7.45 -30.67 50.84
C2 TDR R . -7.67 -29.35 51.10
O2 TDR R . -8.04 -28.94 52.23
N3 TDR R . -7.50 -28.43 50.14
C4 TDR R . -7.13 -28.78 48.89
O4 TDR R . -6.98 -27.88 48.01
C5 TDR R . -6.88 -30.23 48.59
CM5 TDR R . -6.44 -30.69 47.21
C6 TDR R . -7.05 -31.14 49.65
MG MG S . -0.88 -18.35 40.18
N1A COA T . 10.88 -25.97 30.36
C2A COA T . 11.99 -25.69 29.69
N3A COA T . 12.90 -26.67 29.47
C4A COA T . 12.70 -27.94 29.88
C5A COA T . 11.54 -28.23 30.60
C6A COA T . 10.62 -27.22 30.81
N6A COA T . 9.47 -27.48 31.48
N7A COA T . 11.54 -29.55 30.89
C8A COA T . 12.68 -30.04 30.40
N9A COA T . 13.40 -29.09 29.78
C1B COA T . 14.68 -29.32 29.10
C2B COA T . 15.82 -29.74 30.03
O2B COA T . 16.36 -28.65 30.76
C3B COA T . 16.75 -30.45 29.04
O3B COA T . 17.37 -29.53 28.12
P3B COA T . 18.87 -29.01 28.29
O7A COA T . 19.57 -30.37 28.15
O8A COA T . 19.13 -27.97 27.25
O9A COA T . 18.84 -28.29 29.64
C4B COA T . 15.77 -31.24 28.16
O4B COA T . 14.52 -30.49 28.25
C5B COA T . 15.69 -32.69 28.64
O5B COA T . 15.06 -32.69 29.92
P1A COA T . 14.33 -33.96 30.64
O1A COA T . 14.34 -33.53 32.09
O2A COA T . 15.00 -35.24 30.18
O3A COA T . 12.84 -33.94 30.02
P2A COA T . 11.69 -35.04 30.35
O4A COA T . 11.25 -35.64 29.05
O5A COA T . 12.18 -35.88 31.51
O6A COA T . 10.57 -34.03 30.94
CBP COA T . 8.63 -32.58 30.69
CCP COA T . 9.97 -33.04 30.11
CDP COA T . 7.64 -33.75 30.64
CEP COA T . 8.20 -31.40 29.84
CAP COA T . 8.85 -32.17 32.15
OAP COA T . 10.15 -31.57 32.06
C9P COA T . 7.82 -31.21 32.69
O9P COA T . 7.91 -30.04 32.42
N8P COA T . 6.81 -31.64 33.45
C7P COA T . 5.69 -30.89 34.01
C6P COA T . 5.49 -31.28 35.48
C5P COA T . 4.47 -30.38 36.14
O5P COA T . 4.45 -29.19 35.86
N4P COA T . 3.63 -30.93 37.04
C3P COA T . 2.55 -30.42 37.88
C2P COA T . 2.19 -31.58 38.85
S1P COA T . 2.55 -31.26 40.61
PA TYD U . 34.21 -36.27 35.46
O1A TYD U . 33.05 -37.10 35.97
O2A TYD U . 35.30 -35.82 36.43
O3A TYD U . 33.46 -34.97 34.82
PB TYD U . 33.28 -33.43 35.33
O1B TYD U . 32.80 -32.67 34.12
O2B TYD U . 34.66 -32.94 35.71
O3B TYD U . 32.31 -33.40 36.51
O5' TYD U . 34.86 -37.20 34.30
C5' TYD U . 34.79 -38.64 34.37
C4' TYD U . 35.49 -39.25 33.16
O4' TYD U . 36.77 -38.68 32.97
C3' TYD U . 35.83 -40.72 33.41
O3' TYD U . 36.18 -41.38 32.18
C2' TYD U . 37.14 -40.64 34.18
C1' TYD U . 37.78 -39.70 33.17
N1 TYD U . 39.16 -39.27 33.44
C2 TYD U . 40.23 -40.06 33.23
O2 TYD U . 40.13 -41.25 32.87
N3 TYD U . 41.50 -39.64 33.39
C4 TYD U . 41.70 -38.35 33.76
O4 TYD U . 42.89 -38.01 33.92
C5 TYD U . 40.61 -37.50 33.96
C5M TYD U . 40.74 -36.05 34.37
C6 TYD U . 39.32 -37.98 33.80
N1 TDR V . 0.06 -8.27 56.67
C2 TDR V . -1.01 -8.93 56.17
O2 TDR V . -2.14 -8.54 56.52
N3 TDR V . -0.91 -9.96 55.31
C4 TDR V . 0.31 -10.40 54.91
O4 TDR V . 0.40 -11.38 54.11
C5 TDR V . 1.53 -9.68 55.44
CM5 TDR V . 2.96 -10.06 55.10
C6 TDR V . 1.31 -8.62 56.32
MG MG W . 2.72 -17.63 37.91
N1A COA X . 54.07 -27.74 -10.37
C2A COA X . 52.85 -27.60 -9.80
N3A COA X . 52.19 -28.62 -9.26
C4A COA X . 52.67 -29.87 -9.41
C5A COA X . 53.92 -30.05 -10.01
C6A COA X . 54.63 -28.96 -10.52
N6A COA X . 55.86 -29.16 -11.08
N7A COA X . 54.19 -31.38 -9.96
C8A COA X . 53.15 -32.01 -9.36
N9A COA X . 52.24 -31.08 -9.02
C1B COA X . 50.98 -31.35 -8.29
C2B COA X . 49.92 -32.17 -9.02
O2B COA X . 49.16 -31.33 -9.89
C3B COA X . 49.13 -32.71 -7.80
O3B COA X . 48.34 -31.68 -7.17
P3B COA X . 46.74 -31.54 -7.41
O7A COA X . 46.27 -32.94 -7.05
O8A COA X . 46.31 -30.40 -6.52
O9A COA X . 46.53 -31.18 -8.88
C4B COA X . 50.22 -33.00 -6.78
O4B COA X . 51.27 -32.05 -7.08
C5B COA X . 50.76 -34.42 -6.77
O5B COA X . 51.20 -34.78 -8.08
P1A COA X . 52.22 -36.02 -8.36
O1A COA X . 52.36 -36.18 -9.85
O2A COA X . 51.70 -37.21 -7.56
O3A COA X . 53.57 -35.48 -7.68
P2A COA X . 55.07 -36.10 -7.60
O4A COA X . 55.52 -35.86 -6.18
O5A COA X . 55.04 -37.47 -8.23
O6A COA X . 55.99 -35.17 -8.55
CBP COA X . 57.65 -33.41 -8.84
CCP COA X . 56.37 -33.86 -8.13
CDP COA X . 58.85 -34.27 -8.47
CEP COA X . 57.91 -31.99 -8.36
CAP COA X . 57.53 -33.54 -10.36
OAP COA X . 56.16 -33.49 -10.71
C9P COA X . 58.30 -32.48 -11.12
O9P COA X . 57.90 -31.32 -11.20
N8P COA X . 59.41 -33.00 -11.67
C7P COA X . 60.46 -32.35 -12.46
C6P COA X . 60.35 -32.71 -13.94
C5P COA X . 61.57 -32.21 -14.73
O5P COA X . 61.93 -31.06 -14.65
N4P COA X . 62.20 -33.06 -15.53
C3P COA X . 63.39 -32.81 -16.36
C2P COA X . 63.48 -33.97 -17.37
S1P COA X . 64.16 -33.53 -18.98
PA TYD Y . 33.37 -43.60 -11.61
O1A TYD Y . 34.78 -43.99 -11.28
O2A TYD Y . 32.76 -43.94 -12.95
O3A TYD Y . 33.39 -41.98 -11.43
PB TYD Y . 33.50 -40.73 -12.47
O1B TYD Y . 34.59 -41.01 -13.50
O2B TYD Y . 33.91 -39.57 -11.60
O3B TYD Y . 32.11 -40.63 -13.04
O5' TYD Y . 32.43 -44.31 -10.48
C5' TYD Y . 32.43 -45.73 -10.23
C4' TYD Y . 32.21 -46.03 -8.73
O4' TYD Y . 30.91 -45.66 -8.26
C3' TYD Y . 32.31 -47.50 -8.30
O3' TYD Y . 32.62 -47.59 -6.91
C2' TYD Y . 30.89 -48.03 -8.37
C1' TYD Y . 30.15 -46.81 -7.82
N1 TYD Y . 28.77 -46.77 -8.29
C2 TYD Y . 27.82 -47.64 -7.92
O2 TYD Y . 28.10 -48.55 -7.12
N3 TYD Y . 26.54 -47.57 -8.38
C4 TYD Y . 26.22 -46.57 -9.23
O4 TYD Y . 25.03 -46.51 -9.64
C5 TYD Y . 27.19 -45.65 -9.64
C5M TYD Y . 26.95 -44.51 -10.60
C6 TYD Y . 28.47 -45.78 -9.14
N1 TDR Z . 62.11 -16.89 -40.79
C2 TDR Z . 63.26 -17.14 -40.11
O2 TDR Z . 64.31 -16.66 -40.60
N3 TDR Z . 63.28 -17.88 -38.98
C4 TDR Z . 62.15 -18.43 -38.46
O4 TDR Z . 62.16 -19.14 -37.40
C5 TDR Z . 60.85 -18.16 -39.19
CM5 TDR Z . 59.48 -18.68 -38.76
C6 TDR Z . 60.95 -17.39 -40.36
MG MG AA . 60.55 -20.44 -20.29
N1A COA BA . 46.88 -18.52 -17.50
C2A COA BA . 46.22 -18.10 -16.40
N3A COA BA . 45.06 -17.43 -16.50
C4A COA BA . 44.55 -17.22 -17.72
C5A COA BA . 45.22 -17.62 -18.87
C6A COA BA . 46.45 -18.30 -18.75
N6A COA BA . 47.13 -18.73 -19.85
N7A COA BA . 44.50 -17.25 -19.96
C8A COA BA . 43.41 -16.63 -19.43
N9A COA BA . 43.45 -16.58 -18.09
C1B COA BA . 42.47 -16.00 -17.11
C2B COA BA . 42.23 -14.51 -17.16
O2B COA BA . 43.15 -13.80 -16.32
C3B COA BA . 40.82 -14.42 -16.58
O3B COA BA . 40.81 -14.75 -15.19
P3B COA BA . 40.85 -13.70 -13.97
O7A COA BA . 39.59 -12.95 -14.36
O8A COA BA . 40.76 -14.42 -12.65
O9A COA BA . 42.28 -13.13 -14.04
C4B COA BA . 40.15 -15.63 -17.21
O4B COA BA . 41.18 -16.61 -17.23
C5B COA BA . 39.46 -15.36 -18.55
O5B COA BA . 40.29 -14.53 -19.38
P1A COA BA . 40.07 -14.57 -20.98
O1A COA BA . 41.20 -13.93 -21.72
O2A COA BA . 38.62 -14.13 -21.14
O3A COA BA . 40.06 -16.15 -21.34
P2A COA BA . 40.04 -16.70 -22.86
O4A COA BA . 39.02 -17.81 -22.90
O5A COA BA . 39.89 -15.54 -23.83
O6A COA BA . 41.52 -17.32 -23.13
CBP COA BA . 43.17 -19.13 -23.34
CCP COA BA . 41.99 -18.55 -22.57
CDP COA BA . 42.56 -19.67 -24.61
CEP COA BA . 43.80 -20.18 -22.44
CAP COA BA . 44.22 -18.07 -23.71
OAP COA BA . 44.14 -16.99 -22.77
C9P COA BA . 45.65 -18.54 -23.86
O9P COA BA . 46.39 -18.68 -22.88
N8P COA BA . 46.09 -18.71 -25.11
C7P COA BA . 47.40 -19.18 -25.56
C6P COA BA . 48.03 -18.09 -26.43
C5P COA BA . 49.36 -18.55 -26.99
O5P COA BA . 50.13 -19.17 -26.29
N4P COA BA . 49.65 -18.26 -28.26
C3P COA BA . 50.88 -18.60 -29.00
C2P COA BA . 50.76 -17.91 -30.36
S1P COA BA . 52.11 -16.78 -30.71
PA TYD CA . 34.19 3.20 -13.19
O1A TYD CA . 34.65 2.88 -14.59
O2A TYD CA . 34.18 4.62 -12.64
O3A TYD CA . 35.01 2.14 -12.29
PB TYD CA . 36.41 2.38 -11.52
O1B TYD CA . 36.40 1.10 -10.73
O2B TYD CA . 36.11 3.64 -10.76
O3B TYD CA . 37.51 2.50 -12.56
O5' TYD CA . 32.74 2.51 -12.98
C5' TYD CA . 31.76 3.12 -12.18
C4' TYD CA . 30.49 2.88 -12.98
O4' TYD CA . 29.33 3.27 -12.24
C3' TYD CA . 30.53 3.79 -14.20
O3' TYD CA . 29.70 3.13 -15.16
C2' TYD CA . 29.82 5.05 -13.76
C1' TYD CA . 28.90 4.58 -12.64
N1 TYD CA . 28.90 5.62 -11.58
C2 TYD CA . 27.78 6.35 -11.41
O2 TYD CA . 26.76 6.08 -12.08
N3 TYD CA . 27.69 7.34 -10.50
C4 TYD CA . 28.74 7.60 -9.70
O4 TYD CA . 28.65 8.53 -8.87
C5 TYD CA . 29.92 6.88 -9.87
C5M TYD CA . 31.14 7.18 -9.04
C6 TYD CA . 29.99 5.89 -10.84
N1 TDR DA . 79.00 -11.10 -24.43
C2 TDR DA . 78.73 -12.19 -25.18
O2 TDR DA . 79.64 -12.86 -25.71
N3 TDR DA . 77.47 -12.60 -25.40
C4 TDR DA . 76.41 -11.96 -24.88
O4 TDR DA . 75.26 -12.40 -25.14
C5 TDR DA . 76.64 -10.74 -24.04
CM5 TDR DA . 75.52 -9.92 -23.41
C6 TDR DA . 77.98 -10.38 -23.89
N1A COA EA . 56.31 -14.33 -8.38
C2A COA EA . 55.54 -14.74 -7.36
N3A COA EA . 55.69 -14.27 -6.12
C4A COA EA . 56.63 -13.34 -5.86
C5A COA EA . 57.46 -12.90 -6.88
C6A COA EA . 57.28 -13.41 -8.17
N6A COA EA . 58.12 -13.03 -9.15
N7A COA EA . 58.30 -11.98 -6.33
C8A COA EA . 57.99 -11.86 -5.01
N9A COA EA . 56.98 -12.70 -4.74
C1B COA EA . 56.25 -12.90 -3.48
C2B COA EA . 57.12 -13.51 -2.38
O2B COA EA . 57.08 -14.95 -2.46
C3B COA EA . 56.44 -12.91 -1.15
O3B COA EA . 55.21 -13.65 -1.01
P3B COA EA . 54.91 -14.76 0.14
O7A COA EA . 55.36 -14.10 1.41
O8A COA EA . 53.44 -15.07 -0.01
O9A COA EA . 55.72 -15.93 -0.38
C4B COA EA . 56.09 -11.48 -1.59
O4B COA EA . 55.84 -11.60 -3.00
C5B COA EA . 57.17 -10.43 -1.36
O5B COA EA . 58.42 -10.91 -1.86
P1A COA EA . 59.70 -9.92 -1.88
O1A COA EA . 60.89 -10.71 -2.37
O2A COA EA . 59.80 -9.22 -0.56
O3A COA EA . 59.29 -8.82 -3.00
P2A COA EA . 60.11 -7.56 -3.66
O4A COA EA . 59.15 -6.41 -3.57
O5A COA EA . 61.47 -7.28 -3.08
O6A COA EA . 60.30 -8.10 -5.18
CBP COA EA . 59.68 -8.06 -7.57
CCP COA EA . 59.22 -7.99 -6.12
CDP COA EA . 60.18 -6.68 -8.00
CEP COA EA . 58.48 -8.45 -8.42
CAP COA EA . 60.77 -9.13 -7.68
OAP COA EA . 60.33 -10.27 -6.90
C9P COA EA . 60.98 -9.62 -9.10
O9P COA EA . 60.33 -10.58 -9.48
N8P COA EA . 61.94 -8.99 -9.81
C7P COA EA . 62.45 -9.13 -11.17
C6P COA EA . 63.66 -10.06 -11.19
C5P COA EA . 63.99 -10.38 -12.65
O5P COA EA . 63.16 -10.96 -13.33
N4P COA EA . 65.14 -10.06 -13.23
C3P COA EA . 65.52 -10.33 -14.60
C2P COA EA . 66.77 -9.49 -14.87
S1P COA EA . 68.35 -9.99 -14.10
PA TYD FA . 62.67 -20.12 16.82
O1A TYD FA . 63.87 -19.21 16.85
O2A TYD FA . 62.55 -21.33 17.74
O3A TYD FA . 62.42 -20.50 15.25
PB TYD FA . 61.91 -21.87 14.54
O1B TYD FA . 60.89 -21.42 13.52
O2B TYD FA . 61.31 -22.73 15.63
O3B TYD FA . 63.13 -22.49 13.89
O5' TYD FA . 61.51 -19.09 17.23
C5' TYD FA . 60.98 -19.06 18.55
C4' TYD FA . 61.49 -17.81 19.22
O4' TYD FA . 60.79 -17.59 20.45
C3' TYD FA . 62.95 -18.04 19.56
O3' TYD FA . 63.77 -17.27 18.66
C2' TYD FA . 63.09 -17.62 21.01
C1' TYD FA . 61.68 -17.66 21.58
N1 TYD FA . 61.44 -18.88 22.37
C2 TYD FA . 61.39 -18.86 23.72
O2 TYD FA . 61.53 -17.78 24.35
N3 TYD FA . 61.15 -19.97 24.46
C4 TYD FA . 60.98 -21.15 23.84
O4 TYD FA . 60.81 -22.13 24.59
C5 TYD FA . 61.06 -21.23 22.45
C5M TYD FA . 60.88 -22.48 21.66
C6 TYD FA . 61.29 -20.06 21.75
N1 TDR GA . 73.75 -34.05 -28.71
C2 TDR GA . 73.67 -32.83 -29.28
O2 TDR GA . 73.92 -32.71 -30.50
N3 TDR GA . 73.39 -31.72 -28.55
C4 TDR GA . 73.11 -31.74 -27.24
O4 TDR GA . 72.80 -30.69 -26.61
C5 TDR GA . 73.18 -33.10 -26.58
CM5 TDR GA . 72.91 -33.32 -25.11
C6 TDR GA . 73.49 -34.18 -27.41
N1A COA HA . -24.89 0.91 -32.36
C2A COA HA . -24.83 1.77 -31.32
N3A COA HA . -24.38 3.02 -31.47
C4A COA HA . -23.93 3.43 -32.69
C5A COA HA . -23.95 2.53 -33.76
C6A COA HA . -24.43 1.22 -33.58
N6A COA HA . -24.54 0.29 -34.58
N7A COA HA . -23.49 3.19 -34.85
C8A COA HA . -23.19 4.45 -34.44
N9A COA HA . -23.44 4.60 -33.13
C1B COA HA . -23.24 5.83 -32.31
C2B COA HA . -21.81 6.33 -32.22
O2B COA HA . -21.09 5.58 -31.23
C3B COA HA . -21.98 7.82 -31.89
O3B COA HA . -22.39 7.99 -30.55
P3B COA HA . -21.53 8.61 -29.32
O7A COA HA . -21.06 9.93 -29.86
O8A COA HA . -22.52 8.71 -28.18
O9A COA HA . -20.49 7.50 -29.18
C4B COA HA . -23.22 8.20 -32.67
O4B COA HA . -23.95 6.98 -32.83
C5B COA HA . -22.92 8.79 -34.05
O5B COA HA . -21.94 7.93 -34.63
P1A COA HA . -21.57 7.89 -36.20
O1A COA HA . -20.56 6.81 -36.49
O2A COA HA . -21.27 9.27 -36.72
O3A COA HA . -23.01 7.46 -36.79
P2A COA HA . -23.33 7.36 -38.37
O4A COA HA . -24.57 8.22 -38.51
O5A COA HA . -22.04 7.65 -39.11
O6A COA HA . -23.63 5.78 -38.61
CBP COA HA . -24.99 3.72 -38.66
CCP COA HA . -24.83 5.15 -38.15
CDP COA HA . -25.37 3.72 -40.14
CEP COA HA . -26.13 3.23 -37.78
CAP COA HA . -23.74 2.84 -38.49
OAP COA HA . -23.05 3.25 -37.30
C9P COA HA . -24.02 1.34 -38.54
O9P COA HA . -24.41 0.73 -37.54
N8P COA HA . -23.79 0.67 -39.69
C7P COA HA . -23.98 -0.75 -39.95
C6P COA HA . -22.81 -1.32 -40.74
C5P COA HA . -23.05 -2.80 -41.04
O5P COA HA . -23.54 -3.54 -40.22
N4P COA HA . -22.72 -3.36 -42.21
C3P COA HA . -22.91 -4.78 -42.56
C2P COA HA . -22.30 -4.99 -43.96
S1P COA HA . -20.49 -5.12 -44.03
PA TYD IA . -6.94 18.75 -27.45
O1A TYD IA . -6.63 18.01 -28.74
O2A TYD IA . -5.86 19.44 -26.63
O3A TYD IA . -7.89 17.78 -26.52
PB TYD IA . -7.72 16.39 -25.66
O1B TYD IA . -9.02 15.66 -25.86
O2B TYD IA . -7.58 16.76 -24.19
O3B TYD IA . -6.55 15.62 -26.27
O5' TYD IA . -7.91 19.98 -27.86
C5' TYD IA . -8.02 21.16 -27.06
C4' TYD IA . -7.74 22.34 -27.98
O4' TYD IA . -7.93 23.66 -27.48
C3' TYD IA . -6.30 22.20 -28.36
O3' TYD IA . -6.25 21.17 -29.36
C2' TYD IA . -5.98 23.64 -28.76
C1' TYD IA . -6.80 24.49 -27.80
N1 TYD IA . -5.95 24.81 -26.62
C2 TYD IA . -5.51 26.07 -26.37
O2 TYD IA . -5.86 26.99 -27.12
N3 TYD IA . -4.73 26.39 -25.31
C4 TYD IA . -4.35 25.39 -24.46
O4 TYD IA . -3.62 25.69 -23.50
C5 TYD IA . -4.77 24.09 -24.67
C5M TYD IA . -4.41 22.93 -23.78
C6 TYD IA . -5.58 23.83 -25.78
N1A COA JA . -20.67 -6.49 -21.32
C2A COA JA . -21.39 -5.62 -20.59
N3A COA JA . -21.20 -5.47 -19.28
C4A COA JA . -20.23 -6.17 -18.66
C5A COA JA . -19.45 -7.06 -19.40
C6A COA JA . -19.70 -7.22 -20.77
N6A COA JA . -18.98 -8.10 -21.51
N7A COA JA . -18.58 -7.63 -18.54
C8A COA JA . -18.80 -7.09 -17.32
N9A COA JA . -19.81 -6.22 -17.39
C1B COA JA . -20.34 -5.41 -16.28
C2B COA JA . -21.01 -6.21 -15.18
O2B COA JA . -22.42 -6.37 -15.38
C3B COA JA . -20.74 -5.33 -13.96
O3B COA JA . -21.58 -4.18 -14.03
P3B COA JA . -22.87 -3.85 -13.12
O7A COA JA . -22.25 -3.77 -11.74
O8A COA JA . -23.46 -2.54 -13.60
O9A COA JA . -23.79 -4.95 -13.56
C4B COA JA . -19.33 -4.81 -14.23
O4B COA JA . -19.21 -4.79 -15.67
C5B COA JA . -18.16 -5.54 -13.56
O5B COA JA . -18.26 -6.95 -13.75
P1A COA JA . -16.93 -7.87 -13.72
O1A COA JA . -17.36 -9.21 -14.23
O2A COA JA . -16.34 -7.56 -12.35
O3A COA JA . -15.89 -7.32 -14.82
P2A COA JA . -14.44 -7.87 -15.30
O4A COA JA . -13.48 -6.69 -15.35
O5A COA JA . -14.12 -9.05 -14.41
O6A COA JA . -14.64 -8.42 -16.81
CBP COA JA . -14.73 -8.20 -19.27
CCP COA JA . -14.98 -7.57 -17.91
CDP COA JA . -13.24 -8.39 -19.52
CEP COA JA . -15.21 -7.20 -20.30
CAP COA JA . -15.42 -9.56 -19.37
OAP COA JA . -16.65 -9.54 -18.60
C9P COA JA . -15.61 -10.05 -20.80
O9P COA JA . -16.49 -9.60 -21.51
N8P COA JA . -14.79 -11.01 -21.26
C7P COA JA . -14.75 -11.67 -22.56
C6P COA JA . -14.95 -13.17 -22.32
C5P COA JA . -15.00 -13.99 -23.61
O5P COA JA . -15.56 -13.51 -24.60
N4P COA JA . -14.43 -15.20 -23.64
C3P COA JA . -14.38 -16.14 -24.77
C2P COA JA . -14.05 -17.56 -24.29
S1P COA JA . -14.80 -18.88 -25.31
MG MG KA . -24.42 -13.07 -33.05
PA TYD LA . -29.78 -10.34 3.01
O1A TYD LA . -29.77 -11.79 2.58
O2A TYD LA . -30.75 -9.95 4.11
O3A TYD LA . -29.84 -9.43 1.66
PB TYD LA . -30.93 -9.41 0.46
O1B TYD LA . -30.15 -8.61 -0.55
O2B TYD LA . -32.09 -8.61 1.00
O3B TYD LA . -31.26 -10.83 0.05
O5' TYD LA . -28.32 -9.78 3.46
C5' TYD LA . -28.17 -8.43 3.87
C4' TYD LA . -27.58 -8.43 5.29
O4' TYD LA . -28.44 -7.81 6.22
C3' TYD LA . -27.46 -9.85 5.81
O3' TYD LA . -26.13 -10.29 5.52
C2' TYD LA . -27.81 -9.78 7.30
C1' TYD LA . -28.26 -8.35 7.52
N1 TYD LA . -29.51 -8.22 8.31
C2 TYD LA . -29.40 -7.90 9.62
O2 TYD LA . -28.26 -7.74 10.13
N3 TYD LA . -30.52 -7.76 10.39
C4 TYD LA . -31.76 -7.91 9.85
O4 TYD LA . -32.79 -7.78 10.58
C5 TYD LA . -31.89 -8.24 8.52
C5M TYD LA . -33.26 -8.42 7.92
C6 TYD LA . -30.73 -8.39 7.75
N1A COA MA . -33.86 -6.45 -25.21
C2A COA MA . -34.04 -5.18 -24.76
N3A COA MA . -35.24 -4.63 -24.52
C4A COA MA . -36.34 -5.38 -24.76
C5A COA MA . -36.20 -6.69 -25.22
C6A COA MA . -34.94 -7.23 -25.45
N6A COA MA . -34.84 -8.51 -25.93
N7A COA MA . -37.44 -7.20 -25.37
C8A COA MA . -38.32 -6.26 -25.01
N9A COA MA . -37.66 -5.16 -24.63
C1B COA MA . -38.28 -3.91 -24.10
C2B COA MA . -39.13 -3.08 -25.06
O2B COA MA . -38.27 -2.21 -25.81
C3B COA MA . -40.08 -2.37 -24.10
O3B COA MA . -39.24 -1.36 -23.50
P3B COA MA . -39.32 0.20 -23.95
O7A COA MA . -40.81 0.35 -23.81
O8A COA MA . -38.48 1.09 -23.04
O9A COA MA . -38.72 0.23 -25.35
C4B COA MA . -40.32 -3.43 -23.03
O4B COA MA . -39.14 -4.24 -23.00
C5B COA MA . -41.61 -4.28 -23.13
O5B COA MA . -41.59 -5.00 -24.36
P1A COA MA . -42.64 -6.14 -24.78
O1A COA MA . -42.59 -6.34 -26.28
O2A COA MA . -43.94 -5.79 -24.12
O3A COA MA . -41.85 -7.38 -24.14
P2A COA MA . -42.45 -8.81 -23.74
O4A COA MA . -42.44 -8.89 -22.22
O5A COA MA . -43.67 -9.09 -24.60
O6A COA MA . -41.28 -9.82 -24.18
CBP COA MA . -39.17 -11.04 -24.01
CCP COA MA . -40.07 -9.93 -23.44
CDP COA MA . -39.77 -12.38 -23.60
CEP COA MA . -37.81 -10.81 -23.36
CAP COA MA . -39.03 -10.99 -25.54
OAP COA MA . -38.96 -9.61 -25.98
C9P COA MA . -37.86 -11.78 -26.12
O9P COA MA . -36.74 -11.32 -25.99
N8P COA MA . -38.12 -12.93 -26.78
C7P COA MA . -37.15 -13.82 -27.40
C6P COA MA . -37.79 -14.70 -28.47
C5P COA MA . -36.79 -15.67 -29.09
O5P COA MA . -35.60 -15.54 -28.82
N4P COA MA . -37.27 -16.61 -29.91
C3P COA MA . -36.67 -17.68 -30.71
C2P COA MA . -37.61 -17.91 -31.90
S1P COA MA . -36.88 -18.61 -33.41
PA TYD NA . -51.94 10.86 -31.78
O1A TYD NA . -52.56 9.49 -31.97
O2A TYD NA . -52.22 11.95 -32.79
O3A TYD NA . -50.33 10.76 -31.52
PB TYD NA . -49.10 11.67 -32.12
O1B TYD NA . -47.91 11.11 -31.39
O2B TYD NA . -49.39 13.12 -31.77
O3B TYD NA . -49.12 11.36 -33.62
O5' TYD NA . -52.39 11.44 -30.33
C5' TYD NA . -53.08 12.67 -30.20
C4' TYD NA . -54.14 12.39 -29.14
O4' TYD NA . -54.57 13.64 -28.59
C3' TYD NA . -55.42 11.79 -29.68
O3' TYD NA . -56.00 11.17 -28.53
C2' TYD NA . -56.38 12.91 -29.98
C1' TYD NA . -55.91 13.99 -28.99
N1 TYD NA . -55.94 15.34 -29.57
C2 TYD NA . -56.99 16.19 -29.37
O2 TYD NA . -57.93 15.80 -28.68
N3 TYD NA . -57.04 17.44 -29.90
C4 TYD NA . -56.01 17.87 -30.67
O4 TYD NA . -56.08 19.03 -31.13
C5 TYD NA . -54.93 17.03 -30.91
C5M TYD NA . -53.73 17.36 -31.76
C6 TYD NA . -54.92 15.76 -30.34
N1A COA OA . -45.63 41.15 8.84
C2A COA OA . -45.05 40.01 8.41
N3A COA OA . -45.80 38.93 8.18
C4A COA OA . -47.13 38.97 8.41
C5A COA OA . -47.77 40.12 8.89
C6A COA OA . -46.96 41.22 9.11
N6A COA OA . -47.52 42.38 9.56
N7A COA OA . -49.11 39.86 9.03
C8A COA OA . -49.29 38.56 8.64
N9A COA OA . -48.09 38.03 8.26
C1B COA OA . -47.84 36.67 7.76
C2B COA OA . -48.36 35.68 8.78
O2B COA OA . -47.36 35.43 9.75
C3B COA OA . -48.73 34.47 7.92
O3B COA OA . -47.58 33.91 7.26
P3B COA OA . -46.83 32.51 7.66
O7A COA OA . -47.82 31.43 7.26
O8A COA OA . -45.55 32.41 6.89
O9A COA OA . -46.65 32.84 9.14
C4B COA OA . -49.49 35.21 6.83
O4B COA OA . -48.82 36.49 6.76
C5B COA OA . -51.01 35.28 6.97
O5B COA OA . -51.44 35.72 8.27
P1A COA OA . -52.87 36.43 8.56
O1A COA OA . -52.96 36.98 9.97
O2A COA OA . -53.88 35.44 8.06
O3A COA OA . -52.91 37.76 7.67
P2A COA OA . -54.20 38.73 7.68
O4A COA OA . -54.66 38.88 6.25
O5A COA OA . -55.15 38.31 8.76
O6A COA OA . -53.58 40.15 8.09
CBP COA OA . -52.52 42.20 7.77
CCP COA OA . -52.62 40.77 7.25
CDP COA OA . -53.82 42.93 7.44
CEP COA OA . -51.36 42.86 7.05
CAP COA OA . -52.26 42.17 9.28
OAP COA OA . -51.56 40.96 9.59
C9P COA OA . -51.47 43.34 9.82
O9P COA OA . -50.25 43.29 9.89
N8P COA OA . -52.21 44.39 10.21
C7P COA OA . -51.86 45.68 10.82
C6P COA OA . -52.03 45.69 12.34
C5P COA OA . -51.75 47.09 12.85
O5P COA OA . -50.70 47.72 12.69
N4P COA OA . -52.71 47.76 13.51
C3P COA OA . -52.59 49.12 14.03
C2P COA OA . -53.89 49.43 14.78
S1P COA OA . -53.57 49.41 16.57
PA TYD PA . -52.95 17.19 15.83
O1A TYD PA . -53.63 17.74 17.07
O2A TYD PA . -52.57 15.73 15.81
O3A TYD PA . -51.69 18.13 15.37
PB TYD PA . -50.19 18.30 16.01
O1B TYD PA . -49.16 18.18 14.92
O2B TYD PA . -50.14 17.21 17.08
O3B TYD PA . -50.08 19.69 16.60
O5' TYD PA . -54.13 17.29 14.72
C5' TYD PA . -55.14 16.29 14.76
C4' TYD PA . -54.92 15.31 13.62
O4' TYD PA . -54.17 14.18 14.06
C3' TYD PA . -56.25 14.75 13.09
O3' TYD PA . -56.38 14.87 11.67
C2' TYD PA . -56.23 13.27 13.41
C1' TYD PA . -54.72 13.03 13.38
N1 TYD PA . -54.30 11.69 13.83
C2 TYD PA . -54.91 10.53 13.46
O2 TYD PA . -55.91 10.51 12.71
N3 TYD PA . -54.43 9.35 13.91
C4 TYD PA . -53.33 9.30 14.71
O4 TYD PA . -52.89 8.20 15.12
C5 TYD PA . -52.69 10.47 15.08
C5M TYD PA . -51.47 10.50 15.97
C6 TYD PA . -53.21 11.66 14.61
N1 TDR QA . -34.45 57.96 35.26
C2 TDR QA . -35.16 58.79 34.49
O2 TDR QA . -35.06 60.04 34.69
N3 TDR QA . -35.98 58.34 33.52
C4 TDR QA . -36.12 57.00 33.30
O4 TDR QA . -36.90 56.58 32.39
C5 TDR QA . -35.35 56.04 34.14
CM5 TDR QA . -35.40 54.53 34.00
C6 TDR QA . -34.52 56.62 35.11
MG MG RA . -40.00 51.35 16.13
N1A COA SA . -33.48 39.08 14.87
C2A COA SA . -33.08 38.32 13.85
N3A COA SA . -32.03 37.49 13.91
C4A COA SA . -31.37 37.37 15.08
C5A COA SA . -31.77 38.16 16.15
C6A COA SA . -32.86 39.01 16.04
N6A COA SA . -33.33 39.76 17.07
N7A COA SA . -30.93 37.84 17.16
C8A COA SA . -30.02 36.94 16.70
N9A COA SA . -30.28 36.68 15.41
C1B COA SA . -29.59 35.73 14.50
C2B COA SA . -28.12 36.02 14.25
O2B COA SA . -27.99 36.97 13.17
C3B COA SA . -27.61 34.63 13.92
O3B COA SA . -28.08 34.21 12.64
P3B COA SA . -27.26 34.34 11.27
O7A COA SA . -26.13 33.38 11.53
O8A COA SA . -28.08 33.87 10.07
O9A COA SA . -26.98 35.83 11.07
C4B COA SA . -28.42 33.71 14.85
O4B COA SA . -29.69 34.38 14.99
C5B COA SA . -27.91 33.55 16.28
O5B COA SA . -27.18 34.72 16.71
P1A COA SA . -26.75 34.86 18.28
O1A COA SA . -26.18 36.26 18.43
O2A COA SA . -25.84 33.66 18.50
O3A COA SA . -28.11 34.66 19.11
P2A COA SA . -28.43 34.67 20.70
O4A COA SA . -29.15 33.36 20.94
O5A COA SA . -27.21 35.18 21.43
O6A COA SA . -29.57 35.78 20.97
CBP COA SA . -31.89 36.63 21.22
CCP COA SA . -30.96 35.52 20.71
CDP COA SA . -32.19 36.37 22.69
CEP COA SA . -33.17 36.54 20.38
CAP COA SA . -31.27 38.04 21.07
OAP COA SA . -30.45 38.20 19.89
C9P COA SA . -32.21 39.22 21.15
O9P COA SA . -32.85 39.64 20.18
N8P COA SA . -32.20 39.81 22.35
C7P COA SA . -32.97 40.96 22.81
C6P COA SA . -32.06 42.14 23.11
C5P COA SA . -33.00 43.18 23.69
O5P COA SA . -34.02 43.49 23.09
N4P COA SA . -32.71 43.74 24.87
C3P COA SA . -33.51 44.73 25.57
C2P COA SA . -32.73 45.10 26.83
S1P COA SA . -32.14 46.82 26.68
PA TYD TA . -9.20 34.07 7.06
O1A TYD TA . -9.43 33.92 8.55
O2A TYD TA . -8.24 35.15 6.57
O3A TYD TA . -10.70 34.13 6.46
PB TYD TA . -11.44 35.28 5.60
O1B TYD TA . -12.75 34.54 5.44
O2B TYD TA . -10.66 35.42 4.30
O3B TYD TA . -11.39 36.56 6.43
O5' TYD TA . -8.68 32.67 6.40
C5' TYD TA . -9.24 31.44 6.84
C4' TYD TA . -8.15 30.60 7.45
O4' TYD TA . -7.61 29.80 6.40
C3' TYD TA . -7.00 31.49 7.90
O3' TYD TA . -7.00 31.70 9.31
C2' TYD TA . -5.74 30.77 7.46
C1' TYD TA . -6.21 29.63 6.56
N1 TYD TA . -5.44 29.75 5.31
C2 TYD TA . -4.40 28.92 5.08
O2 TYD TA . -4.09 28.00 5.86
N3 TYD TA . -3.65 29.01 3.94
C4 TYD TA . -3.93 29.93 3.00
O4 TYD TA . -3.21 29.99 1.98
C5 TYD TA . -5.00 30.79 3.22
C5M TYD TA . -5.38 31.82 2.20
C6 TYD TA . -5.74 30.68 4.38
N1 TDR UA . -37.48 72.24 15.66
C2 TDR UA . -38.05 71.67 16.73
O2 TDR UA . -38.88 72.29 17.43
N3 TDR UA . -37.75 70.41 17.08
C4 TDR UA . -36.87 69.66 16.38
O4 TDR UA . -36.61 68.48 16.74
C5 TDR UA . -36.22 70.27 15.18
CM5 TDR UA . -35.22 69.52 14.33
C6 TDR UA . -36.59 71.59 14.88
N1A COA VA . -34.35 47.46 4.04
C2A COA VA . -34.59 46.36 3.27
N3A COA VA . -34.46 46.39 1.94
C4A COA VA . -34.07 47.54 1.34
C5A COA VA . -33.82 48.68 2.10
C6A COA VA . -34.00 48.65 3.48
N6A COA VA . -33.74 49.75 4.23
N7A COA VA . -33.40 49.65 1.26
C8A COA VA . -33.40 49.12 0.01
N9A COA VA . -33.78 47.84 0.08
C1B COA VA . -33.86 46.91 -1.09
C2B COA VA . -34.94 47.25 -2.10
O2B COA VA . -36.05 46.54 -1.59
C3B COA VA . -34.35 46.72 -3.39
O3B COA VA . -34.45 45.30 -3.26
P3B COA VA . -35.53 44.33 -3.97
O7A COA VA . -35.14 44.53 -5.42
O8A COA VA . -35.34 42.89 -3.49
O9A COA VA . -36.84 44.79 -3.38
C4B COA VA . -32.83 46.92 -3.22
O4B COA VA . -32.63 47.01 -1.82
C5B COA VA . -32.22 48.18 -3.78
O5B COA VA . -33.13 49.24 -3.50
P1A COA VA . -32.60 50.75 -3.68
O1A COA VA . -33.58 51.72 -3.09
O2A COA VA . -32.15 50.82 -5.13
O3A COA VA . -31.27 50.87 -2.78
P2A COA VA . -30.49 52.26 -2.45
O4A COA VA . -29.03 52.07 -2.72
O5A COA VA . -31.17 53.44 -3.11
O6A COA VA . -30.73 52.45 -0.86
CBP COA VA . -30.21 52.50 1.52
CCP COA VA . -30.00 51.79 0.18
CDP COA VA . -29.27 53.69 1.70
CEP COA VA . -29.86 51.49 2.61
CAP COA VA . -31.66 53.03 1.70
OAP COA VA . -32.59 52.09 1.16
C9P COA VA . -32.04 53.20 3.15
O9P COA VA . -32.56 52.29 3.81
N8P COA VA . -31.82 54.41 3.65
C7P COA VA . -32.05 54.87 5.01
C6P COA VA . -32.84 56.17 4.99
C5P COA VA . -33.05 56.69 6.39
O5P COA VA . -33.31 55.98 7.34
N4P COA VA . -32.98 57.99 6.61
C3P COA VA . -33.14 58.66 7.89
C2P COA VA . -32.84 60.13 7.53
S1P COA VA . -34.35 61.12 7.25
PA TYD WA . -44.42 46.59 -19.42
O1A TYD WA . -43.63 47.84 -19.09
O2A TYD WA . -45.93 46.64 -19.51
O3A TYD WA . -44.12 45.50 -18.26
PB TYD WA . -45.13 45.01 -17.10
O1B TYD WA . -44.22 44.07 -16.34
O2B TYD WA . -46.24 44.37 -17.92
O3B TYD WA . -45.61 46.19 -16.26
O5' TYD WA . -43.86 45.93 -20.78
C5' TYD WA . -42.51 45.48 -20.90
C4' TYD WA . -42.01 46.05 -22.21
O4' TYD WA . -42.01 45.04 -23.19
C3' TYD WA . -43.02 47.09 -22.69
O3' TYD WA . -42.59 48.41 -22.35
C2' TYD WA . -43.05 46.94 -24.20
C1' TYD WA . -42.45 45.55 -24.46
N1 TYD WA . -43.48 44.73 -25.16
C2 TYD WA . -43.41 44.50 -26.49
O2 TYD WA . -42.48 44.95 -27.20
N3 TYD WA . -44.34 43.75 -27.14
C4 TYD WA . -45.37 43.20 -26.46
O4 TYD WA . -46.22 42.53 -27.07
C5 TYD WA . -45.47 43.43 -25.09
C5M TYD WA . -46.59 42.85 -24.25
C6 TYD WA . -44.49 44.21 -24.46
N1 TDR XA . -56.56 60.27 25.30
C2 TDR XA . -55.40 60.83 25.67
O2 TDR XA . -55.32 61.45 26.76
N3 TDR XA . -54.31 60.76 24.88
C4 TDR XA . -54.36 60.12 23.71
O4 TDR XA . -53.29 60.10 23.03
C5 TDR XA . -55.65 59.47 23.27
CM5 TDR XA . -55.88 58.70 22.00
C6 TDR XA . -56.71 59.59 24.15
#